data_8SYI
#
_entry.id   8SYI
#
_cell.length_a   1.00
_cell.length_b   1.00
_cell.length_c   1.00
_cell.angle_alpha   90.00
_cell.angle_beta   90.00
_cell.angle_gamma   90.00
#
_symmetry.space_group_name_H-M   'P 1'
#
loop_
_entity.id
_entity.type
_entity.pdbx_description
1 polymer 'DNA-directed RNA polymerase subunit alpha'
2 polymer 'DNA-directed RNA polymerase subunit beta'
3 polymer 'DNA-directed RNA polymerase subunit gamma'
4 polymer "DNA-directed RNA polymerase subunit beta'"
5 polymer 'DNA-directed RNA polymerase subunit omega'
6 polymer 'Transcription termination/antitermination protein NusG'
7 polymer 'DNA (37-MER)'
8 polymer "RNA (5'-R(P*UP*UP*CP*AP*AP*AP*GP*CP*GP*GP*AP*GP*AP*GP*GP*UP*A)-3')"
9 polymer 'DNA (37-MER)'
10 non-polymer 'MAGNESIUM ION'
11 non-polymer 'ZINC ION'
#
loop_
_entity_poly.entity_id
_entity_poly.type
_entity_poly.pdbx_seq_one_letter_code
_entity_poly.pdbx_strand_id
1 'polypeptide(L)'
;MTFQVECVESRTEADQGQYGRFSIEPLARGQGTTVGNALRRVLLSNLEGTAVTAVRIGGVNHEFATIPGVREDVLDILLN
VRELVVHAHSPQPQIGRLRVVGPATVTAADVDFGPEVEVINPNHYIASLSEGATLEMELKVEWGTGYRAIDRSHDETTAL
DFLQLDAVFMPVRRVNYSVEDARVGESTAIDRLVLEVWTNGSLSPQEALSQAASCLVALFEPLKNVSVGSTHTADPEPTP
ESQTPIEDLQLSVRAYNCLKRAQVNSVADLLSYTYEDLLEIKNFGQKSAEEVVEALERIGIKLQESKVS
;
A,B
2 'polypeptide(L)'
;MAEQTQLAPAAFHLPDLVAIQRNSFRWFLEEGLIEELESFSPITDYTGKLELHFLGKQYKLKRPKYDVDEAKRRDGTYSV
QMYVPTRLINKETGEIKEQEVFIGDLPLMTDRGTFIINGAERVIVNQIVRSPGVYYKSERDKNGRLTHNASLIPNRGAWL
KFETDKNGLVWVRIDKTRKLSAQVLLKALGLSDNEIYDKLRHPEYYQKTIDKEGQFSEDEALMELYRKLRPGEPPTVSGG
QQLLESRFFDPKRYDLGRVGRYKLNKKLGLNVADTVRTLTSEDILAAIDYLINLELDLGGCEVDDIDHLGNRRVRSVGEL
LQNQVRVGLNRLERIIRERMTVSDSDSLSPASLVNPKPLVAAIKEFFGSSQLSQFMDQTNPLAELTHKRRLSALGPGGLT
RERAGFAVRDIHPSHYGRICPIETPEGPNAGLIGSLATHARVNDYGFIETPFWRVEEGRVRKDLAPVYMTADQEDDLRVA
PGDVATDDAGYILGTTIPVRYRQDFTTTTPERVDYVALSPVQIISVATSLIPFLEHDDANRALMGSNMQRQAVPLLRPER
PLVGTGLEPQAARDSGMVITSPVDGTISYVDATHIEVTADTGEKYGYALQKYQRSNQDTCLNQRPIVFEGDRVQRGQVIA
DGSATEKGELALGQNILVAYMPWEGYNYEDAILISERLVYDDVYTSIHIEKFEIEARQTKLGPEEITREIPNVGEDALRQ
LDENGIIRVGAWVESGDILVGKVTPKGESDQPPEEKLLRAIFGEKARDVRDNSLRVPNGEKGRVVDVRLFTREQGDELPP
GANMVVRVYVAQKRKIQVGDKMAGRHGNKGIISRILPCEDMPYLPDGTPLDIVLNPLGVPSRMNVGQVFECMLGWAGQLL
DARFKVTPFDEMYGAEASRLTVNAKLSEAREQTGQPWVFSDDEPGKIQVYDGRTGEPFDRPVTVGRAYMLKLVHLVDDKI
HARSTGPYSLVTQQPLGGKAQQGGQRFGEMEVWALEAYGAAYILQELLTVKSDDMQGRNEALNAIVKGKAIPRPGTPESF
KVLMRELQSLCLDIAVYKASTEDYEEDKEVDLMADVNQRRTPSRPTYESMSVGDIDDDDD
;
C
3 'polypeptide(L)'
;MAKQEQRFDYVKIALASPERIRQWGERTLPNGQVVGEVTKPETINYRTLKPEMDGLFCEKIFGPAKDWECHCGKYKRVRH
RGIVCERCGVEVTESRVRRHRMGFIKLAAPVAHVWYLKGIPSYIAILLDMPLRDVEQIVYFNSYVVLNPGNHSELQYKQL
LNEDQWMEIEDQIYAEESDLEGIEVGIGAEALQQLLQDLNLNEESEKLRQEIAESKGQKRAKLIKRLRVIDNFIGTESRP
EWMVLNVIPVIPPDLRPMVQLDGGRFATSDLNDLYRRVINRNNRLARLQEILAPEIIVRNEKRMLQEAVDALIDNGRRGR
TVVGANNRPLKSLSDIIEGKQGRFRQNLLGKRVDYSGRSVIVVGPNLKIHQCGLPREMAIELFQPFVIHRLIKNHSINNI
KQAKKLIQKNDPLIWDVLEEVIEGHPVMLNRAPTLHRLGIQAFEPILVEGRAIQLHPLVCPAFNADFDGDQMAVHVPLSI
EAQAEARMLMLASGNILSPATGQPIVTPSQDMVLGCYYLTAENPGAQKGAGRYFANLEDAIRAFEQGSVDLHAWVWVRFD
GEVESEGESDEPESVVAADDGTVTKTYRFRRIRETEDGQRLSQYVKTTPGRILFNNTVQTALIH
;
D
4 'polypeptide(L)'
;MAEAKSAPIFRNRVIDKKQLKKLIGWTFAHYGTAKTAVVADDLKALGFRYATRAGVSISIDDLKVPGSKAELLESAEKRI
QETEDRYTRGEITEVERFQKVIDTWANTNDELTDRVVKNFRESDPLNSVYMMAFSGARGNISQVRQLVGMRGLMANPQGE
IIDLPIKTNFREGLTVTEYIISSYGARKGLVDTALRTADSGYLTRRLVDVSQDVIIHEVDCGTSRGLFVEAMTDGDRILI
PISQRLLGRVTAEAVLDPSTDEVLAEAGQDINEDLANRIEKAGIKKVKVRSPLTCEAARSVCQKCYGWSLAHAQMVDMGE
AVGIIAAQSIGEPGTQLTMRTFHTGGVFTGETARLLRAPVAGTIKLGKKARTRPYRTRHGEEALLAEANFDLVLEGKGRK
ETFAILQGSTIFVQDGDKVAAEAILAEVPVSGRTKRTVEKATKDVATDLAGEIRFQDIVPEEKTDRQGNTTRIAQRGGLL
WVLAGDVYNLLPGAEPTVKNGDRVEVGDVLAETKLTTERGGTVRMGEDNGSSTHREVEIITASVVLDTATVKAEASQGRE
HYVIETKGGQRFNLLAAPGTKVTTGHVVAELIDSRYRTQTGGLLKYSGVEISKKGRAKAKQGYEVTKGGTLLWIPEETHE
VNKDISLLNVEDGQLVEAGTEVVKDIFCQTTGIVSVTQNNDILREIVIKPGDVHVLDDPDTAAKYDEGRLVNAGEEVFPG
LTAEQLVWAEAVDGTDGPLLLLRPVQELVIPDEPPVPSQDSSQESSSRSIRLRAVQRLQFQDGERIKSVEGVDLLRTQLV
LESEEGSSQLSADIELLPDSKDPETLRLQLVIIEPVVIRRDVASDTTHGSTHTELRVKDGQKVKPGAVIACTQIQCKEAG
VVRGIQEGSEAVRRLLVERERDCVTLDLDVTAATQLQPGSLIVAGTQLVDGIIAPESGEVRAIAPGQLQLRIARPYRVSQ
GAVLHVEDKGLVQRGDNLVLLVFERAKTGDIIQGLPRIEELLEARKPKEACILARRPGVAHINYSDDDAIDIQVIEADGT
QADYPVGPGQPLIISDGETVDAGQALTDGPANPHDLLEIYYDYFREQLGEDYEAALESLRRVQALLVNEVQSVYQSQGID
ISDKHIEVIVRQMTSKVRIDDGGDTIMLPGELHELREVYNSNNTMALTGMAPAQFTPVLLGITKASLNTNSFISAASFQE
TTRVLTEAAIEGKSDWLRGLKENVIIGRLIPAGTGFKAYEESLLTDVDGGYEDRVYDDDLADVVIDDRAARSYTLNEGRD
FSRSMTFAEGESMILDDGEELIDDSSASLRNLVDVDED
;
Z
5 'polypeptide(L)' MLQRFDLDSQDLLFKAESLIVNSTNRYHVTLQIARRAKQARYEEMENLSEETGIKPVLRAILEMSDELNQPEIIGG E
6 'polypeptide(L)'
;MTDQYEEQLLSADDSVASEKARWYAVQVASGCEKRVKATLEQRVQTLDAANRILQVEIPETPIVKLKKDGSRQSAEEKVF
PGYVLVRMILDDDAWQIVRNTPHVINFVGAEQKRPYGRGRGHVKPMPLSPGEVGRIFKRAQEQKPTVKIDLAEGDQILVL
SGPFKDFEGTVIEVSPERSKLKALLSIFGRDTPVELEFNQVQKQN
;
G
7 'polydeoxyribonucleotide'
;(DG)(DG)(DG)(DC)(DG)(DC)(DA)(DT)(DG)(DC)(DT)(DG)(DC)(DT)(DC)(DT)(DA)(DC)(DC)(DT)
(DC)(DT)(DC)(DC)(DA)(DT)(DG)(DA)(DC)(DG)(DG)(DC)(DG)(DA)(DC)(DT)(DG)(DC)(DC)(DC)
;
N
8 'polyribonucleotide' GCAUUCAAAGCGGAGAGGUA R
9 'polydeoxyribonucleotide'
;(DG)(DG)(DG)(DC)(DA)(DG)(DT)(DC)(DG)(DC)(DC)(DG)(DT)(DG)(DT)(DA)(DC)(DC)(DT)(DC)
(DT)(DC)(DC)(DT)(DA)(DG)(DA)(DG)(DC)(DA)(DG)(DC)(DA)(DT)(DG)(DC)(DG)(DC)(DC)(DC)
;
T
#
# COMPACT_ATOMS: atom_id res chain seq x y z
N THR A 2 -49.75 34.87 46.99
CA THR A 2 -48.69 33.87 47.04
C THR A 2 -47.61 34.16 46.00
N PHE A 3 -46.43 34.53 46.49
CA PHE A 3 -45.20 34.68 45.70
C PHE A 3 -45.26 35.92 44.81
N GLN A 4 -44.14 36.64 44.75
CA GLN A 4 -44.01 37.89 44.02
C GLN A 4 -42.78 37.83 43.12
N VAL A 5 -42.83 38.60 42.04
CA VAL A 5 -41.76 38.70 41.05
C VAL A 5 -41.41 40.17 40.88
N GLU A 6 -40.11 40.49 40.95
CA GLU A 6 -39.65 41.86 40.83
C GLU A 6 -38.36 41.88 40.02
N CYS A 7 -38.06 43.04 39.44
CA CYS A 7 -36.87 43.23 38.63
C CYS A 7 -35.82 44.00 39.41
N VAL A 8 -34.59 43.50 39.42
CA VAL A 8 -33.52 44.08 40.20
C VAL A 8 -32.59 44.93 39.35
N GLU A 9 -32.21 44.47 38.17
CA GLU A 9 -31.23 45.16 37.33
C GLU A 9 -31.74 45.27 35.91
N SER A 10 -31.31 46.34 35.23
CA SER A 10 -31.55 46.53 33.81
C SER A 10 -30.39 47.33 33.22
N ARG A 11 -30.04 47.03 31.98
CA ARG A 11 -28.87 47.61 31.35
C ARG A 11 -29.13 47.77 29.86
N THR A 12 -28.08 48.16 29.12
CA THR A 12 -28.11 48.27 27.67
C THR A 12 -26.67 48.37 27.19
N GLU A 13 -26.33 47.56 26.20
CA GLU A 13 -24.95 47.43 25.74
C GLU A 13 -24.69 48.37 24.56
N ALA A 14 -23.52 48.25 23.94
CA ALA A 14 -23.12 49.07 22.81
C ALA A 14 -23.72 48.61 21.48
N ASP A 15 -24.20 47.37 21.41
CA ASP A 15 -24.96 46.89 20.26
C ASP A 15 -26.45 47.12 20.43
N GLN A 16 -26.85 47.88 21.45
CA GLN A 16 -28.24 48.15 21.80
C GLN A 16 -28.98 46.91 22.28
N GLY A 17 -28.26 45.90 22.74
CA GLY A 17 -28.87 44.77 23.40
C GLY A 17 -29.35 45.15 24.79
N GLN A 18 -30.03 44.21 25.43
CA GLN A 18 -30.65 44.49 26.72
C GLN A 18 -30.47 43.30 27.65
N TYR A 19 -30.39 43.60 28.94
CA TYR A 19 -30.17 42.60 29.98
C TYR A 19 -31.14 42.83 31.13
N GLY A 20 -31.60 41.74 31.73
CA GLY A 20 -32.51 41.86 32.87
C GLY A 20 -32.38 40.75 33.89
N ARG A 21 -32.56 41.09 35.17
CA ARG A 21 -32.52 40.14 36.27
C ARG A 21 -33.79 40.23 37.08
N PHE A 22 -34.43 39.08 37.33
CA PHE A 22 -35.68 39.00 38.05
C PHE A 22 -35.53 38.05 39.23
N SER A 23 -36.28 38.34 40.30
CA SER A 23 -36.27 37.55 41.52
C SER A 23 -37.70 37.12 41.84
N ILE A 24 -37.93 35.81 41.89
CA ILE A 24 -39.26 35.24 42.09
C ILE A 24 -39.24 34.45 43.40
N GLU A 25 -40.12 34.79 44.34
CA GLU A 25 -40.10 34.11 45.62
C GLU A 25 -41.39 34.46 46.37
N PRO A 26 -41.85 33.57 47.27
CA PRO A 26 -41.30 32.25 47.65
C PRO A 26 -41.90 31.07 46.87
N LEU A 27 -41.08 30.13 46.45
CA LEU A 27 -41.52 28.87 45.86
C LEU A 27 -41.52 27.81 46.95
N ALA A 28 -41.76 26.53 46.58
CA ALA A 28 -41.95 25.48 47.58
C ALA A 28 -41.06 24.26 47.31
N ARG A 29 -39.82 24.33 47.78
CA ARG A 29 -38.93 23.19 47.91
C ARG A 29 -38.85 22.28 46.68
N GLY A 30 -38.22 22.77 45.62
CA GLY A 30 -38.06 21.99 44.42
C GLY A 30 -38.87 22.48 43.25
N GLN A 31 -39.78 23.42 43.47
CA GLN A 31 -40.53 24.06 42.41
C GLN A 31 -39.73 25.14 41.70
N GLY A 32 -38.55 25.49 42.22
CA GLY A 32 -37.69 26.43 41.54
C GLY A 32 -37.15 25.88 40.24
N THR A 33 -36.72 24.61 40.27
CA THR A 33 -36.09 24.01 39.09
C THR A 33 -37.09 23.79 37.97
N THR A 34 -38.29 23.31 38.30
CA THR A 34 -39.29 23.08 37.25
C THR A 34 -39.68 24.38 36.56
N VAL A 35 -39.97 25.42 37.35
CA VAL A 35 -40.34 26.71 36.79
C VAL A 35 -39.20 27.28 35.96
N GLY A 36 -37.98 27.23 36.50
CA GLY A 36 -36.84 27.81 35.80
C GLY A 36 -36.56 27.12 34.48
N ASN A 37 -36.60 25.79 34.47
CA ASN A 37 -36.27 25.07 33.24
C ASN A 37 -37.39 25.19 32.21
N ALA A 38 -38.65 25.21 32.66
CA ALA A 38 -39.73 25.45 31.71
C ALA A 38 -39.58 26.83 31.06
N LEU A 39 -39.27 27.85 31.86
CA LEU A 39 -39.07 29.18 31.30
C LEU A 39 -37.89 29.23 30.36
N ARG A 40 -36.76 28.61 30.74
CA ARG A 40 -35.58 28.63 29.90
C ARG A 40 -35.82 27.91 28.59
N ARG A 41 -36.58 26.82 28.61
CA ARG A 41 -36.83 26.06 27.40
C ARG A 41 -37.79 26.78 26.47
N VAL A 42 -38.83 27.43 27.02
CA VAL A 42 -39.76 28.15 26.17
C VAL A 42 -39.13 29.41 25.60
N LEU A 43 -38.35 30.14 26.41
CA LEU A 43 -37.78 31.40 25.96
C LEU A 43 -36.79 31.21 24.82
N LEU A 44 -35.96 30.17 24.89
CA LEU A 44 -34.91 29.96 23.91
C LEU A 44 -35.39 29.28 22.64
N SER A 45 -36.65 28.85 22.58
CA SER A 45 -37.09 28.02 21.47
C SER A 45 -38.39 28.49 20.83
N ASN A 46 -39.33 29.02 21.61
CA ASN A 46 -40.70 29.21 21.13
C ASN A 46 -41.15 30.66 21.12
N LEU A 47 -40.31 31.57 20.63
CA LEU A 47 -40.66 32.98 20.52
C LEU A 47 -40.60 33.43 19.07
N GLU A 48 -41.47 34.36 18.71
CA GLU A 48 -41.57 34.88 17.35
C GLU A 48 -40.78 36.17 17.19
N GLY A 49 -40.06 36.26 16.07
CA GLY A 49 -39.28 37.45 15.77
C GLY A 49 -39.40 37.88 14.32
N THR A 50 -38.50 38.76 13.88
CA THR A 50 -38.50 39.31 12.53
C THR A 50 -37.10 39.23 11.95
N ALA A 51 -37.00 38.98 10.65
CA ALA A 51 -35.70 38.84 10.02
C ALA A 51 -35.81 39.23 8.55
N VAL A 52 -34.65 39.52 7.96
CA VAL A 52 -34.56 39.79 6.52
C VAL A 52 -34.44 38.47 5.78
N THR A 53 -35.36 38.22 4.85
CA THR A 53 -35.44 36.94 4.18
C THR A 53 -35.02 36.97 2.72
N ALA A 54 -35.02 38.14 2.08
CA ALA A 54 -34.59 38.24 0.69
C ALA A 54 -34.08 39.64 0.42
N VAL A 55 -33.17 39.74 -0.55
CA VAL A 55 -32.54 41.02 -0.89
C VAL A 55 -32.17 41.04 -2.37
N ARG A 56 -32.50 42.13 -3.04
CA ARG A 56 -32.16 42.34 -4.44
C ARG A 56 -31.10 43.45 -4.53
N ILE A 57 -29.98 43.14 -5.17
CA ILE A 57 -28.93 44.12 -5.42
C ILE A 57 -28.95 44.49 -6.89
N GLY A 58 -28.85 45.78 -7.17
CA GLY A 58 -28.89 46.25 -8.54
C GLY A 58 -27.64 45.93 -9.33
N GLY A 59 -27.76 45.04 -10.31
CA GLY A 59 -26.67 44.69 -11.21
C GLY A 59 -26.17 43.27 -11.11
N VAL A 60 -26.54 42.54 -10.06
CA VAL A 60 -26.05 41.18 -9.86
C VAL A 60 -27.24 40.21 -9.96
N ASN A 61 -26.92 38.94 -10.22
CA ASN A 61 -27.92 37.90 -10.29
C ASN A 61 -27.57 36.63 -9.52
N HIS A 62 -26.33 36.46 -9.07
CA HIS A 62 -25.97 35.33 -8.22
C HIS A 62 -25.06 35.82 -7.10
N GLU A 63 -24.79 34.93 -6.15
CA GLU A 63 -24.08 35.27 -4.93
C GLU A 63 -22.56 35.23 -5.09
N PHE A 64 -22.05 34.81 -6.25
CA PHE A 64 -20.61 34.71 -6.48
C PHE A 64 -20.14 35.80 -7.44
N ALA A 65 -20.69 36.99 -7.32
CA ALA A 65 -20.39 38.11 -8.20
C ALA A 65 -19.71 39.23 -7.42
N THR A 66 -19.31 40.27 -8.15
CA THR A 66 -18.70 41.45 -7.56
C THR A 66 -19.23 42.70 -8.25
N ILE A 67 -19.27 43.80 -7.51
CA ILE A 67 -19.70 45.10 -8.02
C ILE A 67 -18.46 46.00 -8.08
N PRO A 68 -18.19 46.66 -9.21
CA PRO A 68 -16.98 47.49 -9.30
C PRO A 68 -17.03 48.67 -8.34
N GLY A 69 -15.92 48.89 -7.64
CA GLY A 69 -15.79 49.99 -6.71
C GLY A 69 -16.20 49.67 -5.29
N VAL A 70 -16.72 48.47 -5.02
CA VAL A 70 -17.16 48.08 -3.69
C VAL A 70 -16.13 47.12 -3.10
N ARG A 71 -15.78 47.33 -1.83
CA ARG A 71 -14.71 46.54 -1.22
C ARG A 71 -15.14 45.12 -0.88
N GLU A 72 -16.44 44.84 -0.87
CA GLU A 72 -16.95 43.52 -0.50
C GLU A 72 -17.65 42.89 -1.69
N ASP A 73 -17.59 41.55 -1.75
CA ASP A 73 -18.34 40.83 -2.75
C ASP A 73 -19.77 40.61 -2.26
N VAL A 74 -20.60 40.04 -3.13
CA VAL A 74 -22.01 39.87 -2.80
C VAL A 74 -22.17 38.90 -1.64
N LEU A 75 -21.38 37.83 -1.61
CA LEU A 75 -21.49 36.86 -0.53
C LEU A 75 -21.15 37.47 0.83
N ASP A 76 -20.25 38.44 0.86
CA ASP A 76 -19.91 39.10 2.11
C ASP A 76 -20.88 40.20 2.50
N ILE A 77 -21.73 40.65 1.57
CA ILE A 77 -22.79 41.57 1.93
C ILE A 77 -24.03 40.83 2.42
N LEU A 78 -24.35 39.69 1.82
CA LEU A 78 -25.49 38.91 2.27
C LEU A 78 -25.30 38.37 3.68
N LEU A 79 -24.06 38.20 4.12
CA LEU A 79 -23.78 37.74 5.48
C LEU A 79 -23.74 38.87 6.49
N ASN A 80 -23.78 40.13 6.04
CA ASN A 80 -23.94 41.28 6.91
C ASN A 80 -25.38 41.76 6.99
N VAL A 81 -26.11 41.68 5.88
CA VAL A 81 -27.53 42.01 5.89
C VAL A 81 -28.30 41.00 6.73
N ARG A 82 -27.88 39.74 6.70
CA ARG A 82 -28.56 38.68 7.43
C ARG A 82 -28.55 38.90 8.94
N GLU A 83 -27.58 39.65 9.47
CA GLU A 83 -27.47 39.92 10.89
C GLU A 83 -28.05 41.27 11.29
N LEU A 84 -28.94 41.83 10.48
CA LEU A 84 -29.55 43.12 10.76
C LEU A 84 -30.79 42.89 11.61
N VAL A 85 -30.73 43.28 12.88
CA VAL A 85 -31.85 43.09 13.79
C VAL A 85 -32.85 44.21 13.58
N VAL A 86 -34.13 43.85 13.47
CA VAL A 86 -35.17 44.76 13.05
C VAL A 86 -36.48 44.32 13.69
N HIS A 87 -37.36 45.29 13.95
CA HIS A 87 -38.59 45.04 14.70
C HIS A 87 -39.77 45.64 13.95
N ALA A 88 -40.73 44.81 13.56
CA ALA A 88 -41.90 45.26 12.81
C ALA A 88 -43.13 45.26 13.69
N HIS A 89 -43.96 46.30 13.55
CA HIS A 89 -45.23 46.39 14.25
C HIS A 89 -46.38 45.74 13.50
N SER A 90 -46.39 45.80 12.18
CA SER A 90 -47.46 45.24 11.38
C SER A 90 -47.18 43.77 11.07
N PRO A 91 -48.23 42.96 10.91
CA PRO A 91 -48.01 41.54 10.61
C PRO A 91 -47.97 41.23 9.12
N GLN A 92 -47.15 41.96 8.38
CA GLN A 92 -47.06 41.85 6.93
C GLN A 92 -45.62 41.91 6.49
N PRO A 93 -45.32 41.42 5.28
CA PRO A 93 -43.97 41.64 4.73
C PRO A 93 -43.79 43.09 4.29
N GLN A 94 -42.62 43.63 4.64
CA GLN A 94 -42.28 45.01 4.29
C GLN A 94 -41.02 45.03 3.44
N ILE A 95 -40.91 46.07 2.62
CA ILE A 95 -39.80 46.25 1.69
C ILE A 95 -39.10 47.56 2.02
N GLY A 96 -37.80 47.48 2.25
CA GLY A 96 -36.98 48.65 2.49
C GLY A 96 -36.01 48.90 1.35
N ARG A 97 -35.64 50.17 1.17
CA ARG A 97 -34.87 50.61 0.02
C ARG A 97 -33.60 51.32 0.45
N LEU A 98 -32.51 51.04 -0.26
CA LEU A 98 -31.21 51.64 0.01
C LEU A 98 -30.60 52.14 -1.30
N ARG A 99 -30.05 53.35 -1.28
CA ARG A 99 -29.38 53.91 -2.45
C ARG A 99 -28.29 54.86 -1.96
N VAL A 100 -27.03 54.44 -2.10
CA VAL A 100 -25.89 55.22 -1.66
C VAL A 100 -24.96 55.43 -2.85
N VAL A 101 -24.19 56.52 -2.80
CA VAL A 101 -23.32 56.88 -3.90
C VAL A 101 -22.09 57.58 -3.35
N GLY A 102 -20.94 57.33 -3.99
CA GLY A 102 -19.73 58.06 -3.69
C GLY A 102 -18.95 57.48 -2.54
N PRO A 103 -17.87 58.16 -2.13
CA PRO A 103 -17.04 57.65 -1.04
C PRO A 103 -17.75 57.70 0.31
N ALA A 104 -18.11 56.54 0.83
CA ALA A 104 -18.82 56.46 2.10
C ALA A 104 -18.76 55.03 2.62
N THR A 105 -19.16 54.88 3.88
CA THR A 105 -19.35 53.57 4.49
C THR A 105 -20.86 53.40 4.67
N VAL A 106 -21.45 52.51 3.88
CA VAL A 106 -22.88 52.25 3.98
C VAL A 106 -23.15 51.58 5.32
N THR A 107 -24.15 52.10 6.04
CA THR A 107 -24.47 51.67 7.39
C THR A 107 -25.98 51.51 7.49
N ALA A 108 -26.43 50.69 8.44
CA ALA A 108 -27.84 50.37 8.57
C ALA A 108 -28.73 51.61 8.69
N ALA A 109 -28.15 52.76 9.02
CA ALA A 109 -28.91 54.00 9.04
C ALA A 109 -29.31 54.48 7.65
N ASP A 110 -28.76 53.88 6.60
CA ASP A 110 -29.10 54.25 5.23
C ASP A 110 -30.29 53.47 4.68
N VAL A 111 -30.78 52.46 5.41
CA VAL A 111 -31.96 51.71 5.00
C VAL A 111 -33.19 52.40 5.56
N ASP A 112 -34.16 52.67 4.69
CA ASP A 112 -35.36 53.41 5.07
C ASP A 112 -36.59 52.55 4.80
N PHE A 113 -37.12 51.94 5.85
CA PHE A 113 -38.38 51.20 5.75
C PHE A 113 -39.54 52.19 5.81
N GLY A 114 -40.76 51.67 5.97
CA GLY A 114 -41.92 52.51 6.07
C GLY A 114 -42.06 53.09 7.47
N PRO A 115 -43.24 53.59 7.80
CA PRO A 115 -43.48 54.10 9.16
C PRO A 115 -43.79 53.01 10.18
N GLU A 116 -43.76 51.74 9.78
CA GLU A 116 -44.06 50.63 10.66
C GLU A 116 -42.80 49.96 11.20
N VAL A 117 -41.84 49.65 10.33
CA VAL A 117 -40.66 48.90 10.72
C VAL A 117 -39.55 49.86 11.15
N GLU A 118 -38.78 49.47 12.16
CA GLU A 118 -37.72 50.31 12.68
C GLU A 118 -36.45 49.49 12.88
N VAL A 119 -35.31 50.16 12.75
CA VAL A 119 -34.00 49.54 12.96
C VAL A 119 -33.58 49.75 14.40
N ILE A 120 -32.82 48.80 14.94
CA ILE A 120 -32.41 48.82 16.33
C ILE A 120 -31.00 49.36 16.51
N ASN A 121 -30.06 48.94 15.67
CA ASN A 121 -28.67 49.38 15.74
C ASN A 121 -28.31 50.15 14.48
N PRO A 122 -28.39 51.48 14.48
CA PRO A 122 -28.05 52.24 13.29
C PRO A 122 -26.55 52.48 13.16
N ASN A 123 -25.77 51.43 13.37
CA ASN A 123 -24.33 51.47 13.15
C ASN A 123 -23.83 50.16 12.57
N HIS A 124 -24.72 49.30 12.12
CA HIS A 124 -24.32 48.05 11.47
C HIS A 124 -23.55 48.35 10.20
N TYR A 125 -22.46 47.63 9.98
CA TYR A 125 -21.60 47.86 8.84
C TYR A 125 -22.07 47.04 7.65
N ILE A 126 -22.30 47.71 6.51
CA ILE A 126 -22.67 47.05 5.25
C ILE A 126 -21.81 47.66 4.16
N ALA A 127 -20.72 47.00 3.80
CA ALA A 127 -19.91 47.36 2.63
C ALA A 127 -19.26 48.74 2.70
N SER A 128 -18.19 48.92 1.92
CA SER A 128 -17.45 50.18 1.82
C SER A 128 -17.37 50.58 0.36
N LEU A 129 -17.50 51.87 0.09
CA LEU A 129 -17.61 52.38 -1.28
C LEU A 129 -16.41 53.26 -1.61
N SER A 130 -16.05 53.27 -2.89
CA SER A 130 -15.00 54.11 -3.44
C SER A 130 -15.61 55.27 -4.21
N GLU A 131 -14.76 56.11 -4.76
CA GLU A 131 -15.22 57.30 -5.48
C GLU A 131 -15.73 56.90 -6.86
N GLY A 132 -17.01 57.11 -7.11
CA GLY A 132 -17.62 56.76 -8.38
C GLY A 132 -18.38 55.46 -8.41
N ALA A 133 -18.60 54.82 -7.27
CA ALA A 133 -19.37 53.58 -7.19
C ALA A 133 -20.61 53.80 -6.35
N THR A 134 -21.74 53.24 -6.79
CA THR A 134 -23.01 53.37 -6.10
C THR A 134 -23.57 51.99 -5.76
N LEU A 135 -24.40 51.97 -4.73
CA LEU A 135 -25.03 50.74 -4.24
C LEU A 135 -26.54 50.94 -4.17
N GLU A 136 -27.29 50.05 -4.79
CA GLU A 136 -28.75 50.04 -4.77
C GLU A 136 -29.22 48.69 -4.25
N MET A 137 -30.09 48.71 -3.25
CA MET A 137 -30.54 47.47 -2.63
C MET A 137 -32.00 47.56 -2.23
N GLU A 138 -32.66 46.40 -2.20
CA GLU A 138 -34.02 46.26 -1.69
C GLU A 138 -34.05 45.06 -0.75
N LEU A 139 -34.67 45.25 0.42
CA LEU A 139 -34.74 44.22 1.45
C LEU A 139 -36.19 43.86 1.74
N LYS A 140 -36.44 42.59 2.03
CA LYS A 140 -37.77 42.12 2.38
C LYS A 140 -37.74 41.46 3.75
N VAL A 141 -38.59 41.93 4.67
CA VAL A 141 -38.62 41.39 6.02
C VAL A 141 -39.90 40.57 6.22
N GLU A 142 -39.87 39.69 7.21
CA GLU A 142 -40.94 38.72 7.40
C GLU A 142 -41.00 38.29 8.86
N TRP A 143 -42.11 37.66 9.23
CA TRP A 143 -42.30 37.09 10.56
C TRP A 143 -42.03 35.59 10.53
N GLY A 144 -41.67 35.03 11.68
CA GLY A 144 -41.42 33.62 11.76
C GLY A 144 -40.87 33.23 13.13
N THR A 145 -40.43 31.98 13.22
CA THR A 145 -39.85 31.45 14.44
C THR A 145 -38.81 30.39 14.10
N GLY A 146 -37.69 30.42 14.81
CA GLY A 146 -36.66 29.42 14.62
C GLY A 146 -35.71 29.71 13.47
N TYR A 147 -35.14 28.65 12.91
CA TYR A 147 -34.21 28.74 11.80
C TYR A 147 -34.88 28.13 10.57
N ARG A 148 -35.01 28.92 9.51
CA ARG A 148 -35.65 28.50 8.27
C ARG A 148 -34.63 28.41 7.17
N ALA A 149 -34.55 27.25 6.54
CA ALA A 149 -33.62 27.01 5.45
C ALA A 149 -34.24 27.41 4.11
N ILE A 150 -33.38 27.62 3.11
CA ILE A 150 -33.86 27.92 1.77
C ILE A 150 -34.33 26.64 1.11
N ASP A 151 -35.58 26.65 0.64
CA ASP A 151 -36.07 25.62 -0.26
C ASP A 151 -36.15 26.20 -1.68
N ARG A 152 -35.56 25.49 -2.63
CA ARG A 152 -35.48 26.02 -4.00
C ARG A 152 -36.73 25.66 -4.79
N SER A 153 -37.88 25.96 -4.20
CA SER A 153 -39.17 25.82 -4.85
C SER A 153 -39.90 27.15 -5.02
N HIS A 154 -39.38 28.23 -4.42
CA HIS A 154 -39.93 29.57 -4.60
C HIS A 154 -39.47 30.15 -5.94
N ASP A 155 -39.87 29.47 -7.02
CA ASP A 155 -39.56 29.88 -8.37
C ASP A 155 -40.66 30.73 -9.00
N GLU A 156 -41.40 31.47 -8.17
CA GLU A 156 -42.43 32.35 -8.69
C GLU A 156 -41.80 33.44 -9.55
N THR A 157 -42.39 33.68 -10.73
CA THR A 157 -41.88 34.72 -11.61
C THR A 157 -42.20 36.12 -11.10
N THR A 158 -43.21 36.25 -10.24
CA THR A 158 -43.54 37.56 -9.68
C THR A 158 -42.39 38.12 -8.87
N ALA A 159 -41.76 37.28 -8.05
CA ALA A 159 -40.54 37.65 -7.32
C ALA A 159 -39.36 37.30 -8.21
N LEU A 160 -39.00 38.24 -9.07
CA LEU A 160 -37.96 38.02 -10.08
C LEU A 160 -36.64 38.62 -9.62
N ASP A 161 -35.57 37.84 -9.71
CA ASP A 161 -34.22 38.29 -9.39
C ASP A 161 -34.11 38.75 -7.93
N PHE A 162 -34.64 37.94 -7.02
CA PHE A 162 -34.51 38.16 -5.60
C PHE A 162 -33.62 37.06 -5.03
N LEU A 163 -32.55 37.45 -4.35
CA LEU A 163 -31.66 36.49 -3.71
C LEU A 163 -32.20 36.11 -2.34
N GLN A 164 -32.29 34.81 -2.09
CA GLN A 164 -32.87 34.30 -0.85
C GLN A 164 -31.77 33.96 0.16
N LEU A 165 -32.12 34.08 1.44
CA LEU A 165 -31.21 33.79 2.53
C LEU A 165 -31.87 32.85 3.52
N ASP A 166 -31.04 32.12 4.26
CA ASP A 166 -31.53 31.32 5.39
C ASP A 166 -31.87 32.28 6.51
N ALA A 167 -33.10 32.22 7.01
CA ALA A 167 -33.57 33.20 7.97
C ALA A 167 -33.45 32.65 9.38
N VAL A 168 -33.12 33.54 10.32
CA VAL A 168 -32.99 33.20 11.73
C VAL A 168 -33.83 34.18 12.52
N PHE A 169 -34.86 33.69 13.22
CA PHE A 169 -35.74 34.52 14.03
C PHE A 169 -35.60 34.08 15.49
N MET A 170 -34.60 34.65 16.18
CA MET A 170 -34.38 34.36 17.60
C MET A 170 -34.14 35.65 18.37
N PRO A 171 -35.17 36.20 19.02
CA PRO A 171 -35.00 37.46 19.75
C PRO A 171 -34.33 37.33 21.11
N VAL A 172 -34.08 36.13 21.61
CA VAL A 172 -33.45 35.91 22.90
C VAL A 172 -32.20 35.08 22.69
N ARG A 173 -31.06 35.55 23.22
CA ARG A 173 -29.79 34.91 22.95
C ARG A 173 -29.16 34.21 24.14
N ARG A 174 -29.58 34.49 25.37
CA ARG A 174 -29.04 33.76 26.52
C ARG A 174 -30.00 33.86 27.70
N VAL A 175 -30.15 32.74 28.40
CA VAL A 175 -30.97 32.64 29.60
C VAL A 175 -30.17 31.90 30.66
N ASN A 176 -30.26 32.35 31.91
CA ASN A 176 -29.65 31.65 33.03
C ASN A 176 -30.58 31.72 34.23
N TYR A 177 -30.46 30.76 35.14
CA TYR A 177 -31.28 30.78 36.34
C TYR A 177 -30.57 30.02 37.45
N SER A 178 -30.92 30.36 38.68
CA SER A 178 -30.34 29.71 39.85
C SER A 178 -31.30 29.81 41.02
N VAL A 179 -31.41 28.73 41.78
CA VAL A 179 -32.34 28.65 42.90
C VAL A 179 -31.53 28.67 44.20
N GLU A 180 -31.90 29.58 45.10
CA GLU A 180 -31.27 29.73 46.40
C GLU A 180 -32.25 29.37 47.50
N ASP A 181 -31.69 29.04 48.66
CA ASP A 181 -32.49 28.75 49.85
C ASP A 181 -32.79 30.02 50.61
N ALA A 182 -34.08 30.27 50.86
CA ALA A 182 -34.53 31.47 51.55
C ALA A 182 -35.25 31.13 52.85
N ARG A 183 -34.71 30.16 53.59
CA ARG A 183 -35.31 29.69 54.84
C ARG A 183 -35.64 30.85 55.76
N VAL A 184 -36.93 30.99 56.08
CA VAL A 184 -37.37 32.09 56.94
C VAL A 184 -36.76 31.94 58.33
N GLY A 185 -36.68 30.70 58.81
CA GLY A 185 -36.00 30.44 60.06
C GLY A 185 -36.59 29.33 60.92
N GLU A 186 -37.84 28.93 60.68
CA GLU A 186 -38.40 27.90 61.55
C GLU A 186 -38.00 26.49 61.11
N SER A 187 -38.61 25.97 60.05
CA SER A 187 -38.11 24.78 59.38
C SER A 187 -38.52 24.74 57.92
N THR A 188 -39.23 25.77 57.46
CA THR A 188 -40.14 25.61 56.32
C THR A 188 -39.43 25.29 55.01
N ALA A 189 -38.14 25.57 54.90
CA ALA A 189 -37.36 25.19 53.72
C ALA A 189 -37.96 25.77 52.44
N ILE A 190 -37.92 27.09 52.29
CA ILE A 190 -38.54 27.79 51.17
C ILE A 190 -37.46 28.10 50.14
N ASP A 191 -37.91 28.39 48.91
CA ASP A 191 -37.02 28.58 47.78
C ASP A 191 -37.13 29.99 47.23
N ARG A 192 -36.11 30.40 46.45
CA ARG A 192 -36.11 31.67 45.75
C ARG A 192 -35.40 31.50 44.42
N LEU A 193 -36.02 31.92 43.33
CA LEU A 193 -35.45 31.76 41.99
C LEU A 193 -34.93 33.09 41.48
N VAL A 194 -33.77 33.07 40.84
CA VAL A 194 -33.18 34.26 40.22
C VAL A 194 -32.94 33.95 38.75
N LEU A 195 -33.47 34.79 37.87
CA LEU A 195 -33.48 34.53 36.44
C LEU A 195 -32.88 35.71 35.68
N GLU A 196 -31.96 35.42 34.76
CA GLU A 196 -31.28 36.43 33.96
C GLU A 196 -31.55 36.19 32.49
N VAL A 197 -31.91 37.27 31.77
CA VAL A 197 -32.27 37.18 30.36
C VAL A 197 -31.47 38.22 29.58
N TRP A 198 -30.90 37.80 28.45
CA TRP A 198 -30.24 38.69 27.50
C TRP A 198 -31.03 38.66 26.19
N THR A 199 -31.42 39.84 25.70
CA THR A 199 -32.08 39.93 24.40
C THR A 199 -31.19 40.68 23.41
N ASN A 200 -31.65 40.78 22.18
CA ASN A 200 -30.91 41.47 21.13
C ASN A 200 -31.44 42.88 20.86
N GLY A 201 -32.39 43.36 21.64
CA GLY A 201 -32.93 44.69 21.48
C GLY A 201 -34.28 44.77 20.81
N SER A 202 -34.71 43.69 20.14
CA SER A 202 -36.02 43.70 19.49
C SER A 202 -37.14 43.86 20.50
N LEU A 203 -37.01 43.22 21.66
CA LEU A 203 -38.01 43.31 22.71
C LEU A 203 -37.32 43.33 24.07
N SER A 204 -37.96 43.99 25.04
CA SER A 204 -37.44 44.06 26.38
C SER A 204 -37.48 42.69 27.03
N PRO A 205 -36.59 42.44 28.01
CA PRO A 205 -36.67 41.18 28.75
C PRO A 205 -38.00 40.98 29.49
N GLN A 206 -38.64 42.06 29.95
CA GLN A 206 -39.95 41.93 30.57
C GLN A 206 -41.00 41.42 29.59
N GLU A 207 -41.02 41.96 28.37
CA GLU A 207 -41.98 41.49 27.37
C GLU A 207 -41.71 40.05 26.98
N ALA A 208 -40.44 39.66 26.87
CA ALA A 208 -40.12 38.28 26.57
C ALA A 208 -40.58 37.34 27.67
N LEU A 209 -40.36 37.72 28.93
CA LEU A 209 -40.81 36.91 30.05
C LEU A 209 -42.33 36.76 30.05
N SER A 210 -43.05 37.86 29.80
CA SER A 210 -44.50 37.82 29.75
C SER A 210 -45.01 36.92 28.63
N GLN A 211 -44.38 37.01 27.45
CA GLN A 211 -44.79 36.17 26.33
C GLN A 211 -44.56 34.69 26.64
N ALA A 212 -43.43 34.35 27.24
CA ALA A 212 -43.17 32.95 27.61
C ALA A 212 -44.18 32.45 28.63
N ALA A 213 -44.46 33.26 29.66
CA ALA A 213 -45.42 32.84 30.67
C ALA A 213 -46.82 32.70 30.10
N SER A 214 -47.18 33.52 29.10
CA SER A 214 -48.48 33.38 28.46
C SER A 214 -48.55 32.14 27.57
N CYS A 215 -47.45 31.79 26.90
CA CYS A 215 -47.44 30.56 26.11
C CYS A 215 -47.58 29.32 26.99
N LEU A 216 -46.90 29.31 28.15
CA LEU A 216 -46.97 28.14 29.02
C LEU A 216 -48.38 27.89 29.55
N VAL A 217 -49.10 28.96 29.94
CA VAL A 217 -50.45 28.79 30.45
C VAL A 217 -51.37 28.22 29.38
N ALA A 218 -51.28 28.74 28.17
CA ALA A 218 -52.05 28.18 27.06
C ALA A 218 -51.64 26.75 26.73
N LEU A 219 -50.41 26.36 27.07
CA LEU A 219 -49.99 24.97 26.92
C LEU A 219 -50.59 24.05 27.97
N PHE A 220 -50.71 24.50 29.22
CA PHE A 220 -51.15 23.65 30.32
C PHE A 220 -52.63 23.78 30.66
N GLU A 221 -53.36 24.65 29.99
CA GLU A 221 -54.77 24.87 30.31
C GLU A 221 -55.72 23.81 29.73
N PRO A 222 -55.48 23.31 28.50
CA PRO A 222 -56.38 22.26 27.99
C PRO A 222 -56.44 21.01 28.85
N LEU A 223 -55.41 20.74 29.66
CA LEU A 223 -55.39 19.56 30.52
C LEU A 223 -56.03 19.81 31.87
N LYS A 224 -56.54 21.02 32.13
CA LYS A 224 -56.97 21.37 33.48
C LYS A 224 -58.23 20.61 33.87
N ASN A 225 -59.23 20.58 33.01
CA ASN A 225 -60.46 19.89 33.33
C ASN A 225 -61.03 19.05 32.19
N VAL A 226 -60.40 19.06 31.02
CA VAL A 226 -60.90 18.25 29.91
C VAL A 226 -60.74 16.77 30.21
N SER A 227 -59.62 16.39 30.84
CA SER A 227 -59.35 15.00 31.16
C SER A 227 -60.29 14.48 32.24
N THR B 2 -53.16 24.56 19.73
CA THR B 2 -54.31 23.70 19.53
C THR B 2 -53.90 22.24 19.46
N PHE B 3 -54.19 21.48 20.52
CA PHE B 3 -53.89 20.06 20.56
C PHE B 3 -55.04 19.33 21.23
N GLN B 4 -55.05 18.00 21.04
CA GLN B 4 -56.04 17.13 21.64
C GLN B 4 -55.35 16.08 22.50
N VAL B 5 -56.01 15.72 23.59
CA VAL B 5 -55.54 14.72 24.55
C VAL B 5 -56.59 13.63 24.67
N GLU B 6 -56.16 12.38 24.50
CA GLU B 6 -57.07 11.24 24.53
C GLU B 6 -56.55 10.19 25.50
N CYS B 7 -57.49 9.45 26.10
CA CYS B 7 -57.17 8.38 27.03
C CYS B 7 -57.21 7.06 26.28
N VAL B 8 -56.04 6.45 26.09
CA VAL B 8 -55.95 5.24 25.28
C VAL B 8 -56.40 4.02 26.07
N GLU B 9 -55.70 3.70 27.15
CA GLU B 9 -55.98 2.51 27.95
C GLU B 9 -56.31 2.91 29.38
N SER B 10 -57.06 2.04 30.05
CA SER B 10 -57.46 2.30 31.44
C SER B 10 -57.80 0.96 32.09
N ARG B 11 -56.87 0.43 32.87
CA ARG B 11 -57.03 -0.84 33.56
C ARG B 11 -57.26 -0.63 35.04
N THR B 12 -57.32 -1.74 35.77
CA THR B 12 -57.35 -1.74 37.23
C THR B 12 -56.54 -2.93 37.70
N GLU B 13 -55.65 -2.70 38.65
CA GLU B 13 -54.74 -3.74 39.11
C GLU B 13 -55.48 -4.69 40.04
N ALA B 14 -54.75 -5.51 40.79
CA ALA B 14 -55.37 -6.59 41.54
C ALA B 14 -56.18 -6.05 42.72
N ASP B 15 -57.25 -5.32 42.40
CA ASP B 15 -58.28 -4.76 43.28
C ASP B 15 -57.85 -3.45 43.95
N GLN B 16 -56.62 -2.96 43.79
CA GLN B 16 -56.30 -1.67 44.39
C GLN B 16 -55.92 -0.62 43.36
N GLY B 17 -54.86 -0.85 42.60
CA GLY B 17 -54.25 0.22 41.84
C GLY B 17 -54.96 0.54 40.55
N GLN B 18 -54.55 1.64 39.92
CA GLN B 18 -55.12 2.08 38.67
C GLN B 18 -53.99 2.44 37.71
N TYR B 19 -54.24 2.22 36.42
CA TYR B 19 -53.28 2.49 35.37
C TYR B 19 -53.94 3.34 34.31
N GLY B 20 -53.20 4.30 33.77
CA GLY B 20 -53.74 5.14 32.71
C GLY B 20 -52.71 5.58 31.70
N ARG B 21 -53.08 5.57 30.43
CA ARG B 21 -52.19 6.05 29.37
C ARG B 21 -52.91 7.09 28.53
N PHE B 22 -52.21 8.20 28.25
CA PHE B 22 -52.77 9.31 27.50
C PHE B 22 -51.85 9.65 26.34
N SER B 23 -52.47 10.14 25.26
CA SER B 23 -51.76 10.63 24.09
C SER B 23 -52.15 12.07 23.84
N ILE B 24 -51.15 12.94 23.69
CA ILE B 24 -51.34 14.37 23.49
C ILE B 24 -50.64 14.75 22.20
N GLU B 25 -51.38 15.37 21.28
CA GLU B 25 -50.83 15.73 19.98
C GLU B 25 -51.78 16.70 19.29
N PRO B 26 -51.29 17.53 18.36
CA PRO B 26 -49.89 17.69 17.92
C PRO B 26 -49.17 18.85 18.59
N LEU B 27 -47.92 18.64 19.01
CA LEU B 27 -47.12 19.66 19.68
C LEU B 27 -46.01 20.12 18.76
N ALA B 28 -45.41 21.26 19.09
CA ALA B 28 -44.26 21.75 18.36
C ALA B 28 -43.05 20.86 18.64
N ARG B 29 -41.91 21.21 18.08
CA ARG B 29 -40.69 20.45 18.32
C ARG B 29 -40.04 20.93 19.60
N GLY B 30 -39.82 20.00 20.53
CA GLY B 30 -39.24 20.32 21.82
C GLY B 30 -40.24 20.58 22.93
N GLN B 31 -41.52 20.75 22.60
CA GLN B 31 -42.54 20.97 23.62
C GLN B 31 -42.93 19.70 24.34
N GLY B 32 -42.70 18.54 23.72
CA GLY B 32 -43.03 17.29 24.39
C GLY B 32 -42.21 17.07 25.64
N THR B 33 -40.91 17.34 25.58
CA THR B 33 -40.06 17.19 26.75
C THR B 33 -40.45 18.18 27.85
N THR B 34 -40.74 19.43 27.47
CA THR B 34 -41.15 20.44 28.44
C THR B 34 -42.40 20.00 29.18
N VAL B 35 -43.45 19.64 28.43
CA VAL B 35 -44.71 19.25 29.05
C VAL B 35 -44.53 17.98 29.88
N GLY B 36 -43.83 16.98 29.35
CA GLY B 36 -43.67 15.73 30.05
C GLY B 36 -42.92 15.88 31.37
N ASN B 37 -41.80 16.59 31.36
CA ASN B 37 -41.02 16.73 32.58
C ASN B 37 -41.73 17.61 33.60
N ALA B 38 -42.37 18.69 33.15
CA ALA B 38 -43.11 19.54 34.08
C ALA B 38 -44.26 18.77 34.71
N LEU B 39 -44.94 17.90 33.96
CA LEU B 39 -46.01 17.09 34.53
C LEU B 39 -45.46 16.04 35.49
N ARG B 40 -44.35 15.39 35.11
CA ARG B 40 -43.77 14.34 35.94
C ARG B 40 -43.38 14.86 37.31
N ARG B 41 -42.65 15.97 37.34
CA ARG B 41 -42.16 16.50 38.62
C ARG B 41 -43.31 16.83 39.57
N VAL B 42 -44.33 17.51 39.06
CA VAL B 42 -45.46 17.92 39.88
C VAL B 42 -46.28 16.72 40.32
N LEU B 43 -46.51 15.77 39.41
CA LEU B 43 -47.29 14.58 39.76
C LEU B 43 -46.61 13.78 40.86
N LEU B 44 -45.29 13.63 40.77
CA LEU B 44 -44.58 12.78 41.72
C LEU B 44 -44.27 13.50 43.04
N SER B 45 -44.20 14.83 43.07
CA SER B 45 -43.65 15.49 44.24
C SER B 45 -44.57 16.51 44.91
N ASN B 46 -45.69 16.90 44.32
CA ASN B 46 -46.43 18.06 44.83
C ASN B 46 -47.92 17.81 45.01
N LEU B 47 -48.35 16.56 45.11
CA LEU B 47 -49.75 16.24 45.37
C LEU B 47 -49.93 15.77 46.80
N GLU B 48 -51.05 16.14 47.41
CA GLU B 48 -51.33 15.83 48.80
C GLU B 48 -51.95 14.43 48.93
N GLY B 49 -51.86 13.88 50.13
CA GLY B 49 -52.41 12.56 50.38
C GLY B 49 -52.46 12.28 51.87
N THR B 50 -52.94 11.08 52.19
CA THR B 50 -53.11 10.64 53.57
C THR B 50 -52.29 9.38 53.81
N ALA B 51 -51.76 9.26 55.03
CA ALA B 51 -50.95 8.11 55.39
C ALA B 51 -51.01 7.90 56.89
N VAL B 52 -50.60 6.70 57.32
CA VAL B 52 -50.51 6.36 58.73
C VAL B 52 -49.17 6.86 59.26
N THR B 53 -49.21 7.63 60.34
CA THR B 53 -48.00 8.25 60.90
C THR B 53 -47.54 7.64 62.20
N ALA B 54 -48.45 7.34 63.13
CA ALA B 54 -48.07 6.79 64.43
C ALA B 54 -48.95 5.61 64.77
N VAL B 55 -48.38 4.67 65.52
CA VAL B 55 -49.08 3.43 65.89
C VAL B 55 -48.61 3.01 67.28
N ARG B 56 -49.54 2.48 68.06
CA ARG B 56 -49.27 1.95 69.39
C ARG B 56 -49.74 0.51 69.47
N ILE B 57 -48.87 -0.38 69.96
CA ILE B 57 -49.17 -1.79 70.08
C ILE B 57 -49.03 -2.20 71.54
N GLY B 58 -50.03 -2.92 72.05
CA GLY B 58 -50.01 -3.37 73.42
C GLY B 58 -49.42 -4.77 73.54
N GLY B 59 -48.71 -5.01 74.64
CA GLY B 59 -48.08 -6.28 74.89
C GLY B 59 -46.90 -6.55 73.98
N VAL B 60 -45.86 -5.72 74.09
CA VAL B 60 -44.74 -5.76 73.15
C VAL B 60 -43.71 -6.79 73.61
N ASN B 61 -43.73 -7.12 74.91
CA ASN B 61 -42.80 -8.10 75.46
C ASN B 61 -41.35 -7.70 75.22
N HIS B 62 -40.90 -6.64 75.89
CA HIS B 62 -39.62 -6.01 75.58
C HIS B 62 -38.45 -6.94 75.91
N GLU B 63 -37.24 -6.45 75.60
CA GLU B 63 -35.94 -7.12 75.62
C GLU B 63 -35.84 -8.08 74.44
N PHE B 64 -36.97 -8.40 73.83
CA PHE B 64 -37.06 -8.82 72.44
C PHE B 64 -38.01 -7.85 71.76
N ALA B 65 -38.51 -8.20 70.58
CA ALA B 65 -39.54 -7.39 69.94
C ALA B 65 -40.79 -8.20 69.63
N THR B 66 -40.81 -9.48 69.91
CA THR B 66 -41.94 -10.32 69.52
C THR B 66 -43.13 -10.09 70.45
N ILE B 67 -44.32 -10.16 69.86
CA ILE B 67 -45.58 -10.05 70.60
C ILE B 67 -46.06 -11.47 70.89
N PRO B 68 -46.49 -11.77 72.12
CA PRO B 68 -46.92 -13.14 72.43
C PRO B 68 -48.09 -13.59 71.57
N GLY B 69 -48.01 -14.84 71.10
CA GLY B 69 -49.08 -15.45 70.35
C GLY B 69 -49.24 -15.00 68.92
N VAL B 70 -48.30 -14.21 68.40
CA VAL B 70 -48.38 -13.69 67.04
C VAL B 70 -47.18 -14.22 66.26
N ARG B 71 -47.42 -14.62 65.01
CA ARG B 71 -46.35 -15.16 64.18
C ARG B 71 -45.31 -14.09 63.87
N GLU B 72 -45.73 -12.86 63.64
CA GLU B 72 -44.83 -11.77 63.28
C GLU B 72 -44.31 -11.06 64.52
N ASP B 73 -43.27 -10.25 64.33
CA ASP B 73 -42.71 -9.41 65.36
C ASP B 73 -43.00 -7.94 65.04
N VAL B 74 -42.45 -7.05 65.87
CA VAL B 74 -42.79 -5.63 65.75
C VAL B 74 -42.37 -5.06 64.41
N LEU B 75 -41.17 -5.41 63.93
CA LEU B 75 -40.69 -4.86 62.67
C LEU B 75 -41.58 -5.28 61.50
N ASP B 76 -41.96 -6.56 61.46
CA ASP B 76 -42.80 -7.02 60.35
C ASP B 76 -44.16 -6.34 60.36
N ILE B 77 -44.78 -6.21 61.53
CA ILE B 77 -46.10 -5.58 61.60
C ILE B 77 -45.99 -4.10 61.27
N LEU B 78 -44.91 -3.45 61.68
CA LEU B 78 -44.70 -2.05 61.36
C LEU B 78 -44.50 -1.81 59.88
N LEU B 79 -43.81 -2.71 59.19
CA LEU B 79 -43.72 -2.59 57.73
C LEU B 79 -45.01 -2.98 57.02
N ASN B 80 -45.81 -3.89 57.61
CA ASN B 80 -47.09 -4.24 57.01
C ASN B 80 -48.08 -3.09 57.10
N VAL B 81 -48.17 -2.45 58.26
CA VAL B 81 -49.15 -1.38 58.48
C VAL B 81 -48.74 -0.07 57.83
N ARG B 82 -47.48 0.04 57.40
CA ARG B 82 -46.97 1.23 56.75
C ARG B 82 -47.36 1.32 55.29
N GLU B 83 -47.87 0.23 54.70
CA GLU B 83 -48.31 0.21 53.32
C GLU B 83 -49.82 0.34 53.18
N LEU B 84 -50.53 0.54 54.29
CA LEU B 84 -51.98 0.71 54.23
C LEU B 84 -52.34 1.93 53.39
N VAL B 85 -53.29 1.76 52.49
CA VAL B 85 -53.77 2.84 51.63
C VAL B 85 -55.11 3.30 52.18
N VAL B 86 -55.17 4.57 52.61
CA VAL B 86 -56.37 5.14 53.20
C VAL B 86 -56.67 6.45 52.50
N HIS B 87 -57.91 6.90 52.61
CA HIS B 87 -58.36 8.15 51.98
C HIS B 87 -59.28 8.87 52.95
N ALA B 88 -58.97 10.12 53.26
CA ALA B 88 -59.71 10.91 54.22
C ALA B 88 -60.43 12.05 53.53
N HIS B 89 -61.63 12.35 54.01
CA HIS B 89 -62.45 13.43 53.47
C HIS B 89 -62.43 14.67 54.35
N SER B 90 -61.53 14.72 55.33
CA SER B 90 -61.45 15.83 56.25
C SER B 90 -60.01 16.31 56.37
N PRO B 91 -59.80 17.60 56.66
CA PRO B 91 -58.44 18.11 56.87
C PRO B 91 -57.90 17.93 58.29
N GLN B 92 -58.59 17.19 59.15
CA GLN B 92 -58.20 17.04 60.54
C GLN B 92 -57.84 15.58 60.84
N PRO B 93 -56.76 15.34 61.59
CA PRO B 93 -56.32 13.96 61.82
C PRO B 93 -57.35 13.14 62.59
N GLN B 94 -57.37 11.85 62.29
CA GLN B 94 -58.31 10.90 62.89
C GLN B 94 -57.56 9.86 63.70
N ILE B 95 -58.32 8.95 64.31
CA ILE B 95 -57.77 7.92 65.19
C ILE B 95 -58.52 6.63 64.93
N GLY B 96 -57.79 5.52 64.75
CA GLY B 96 -58.41 4.24 64.48
C GLY B 96 -58.00 3.15 65.43
N ARG B 97 -58.87 2.17 65.67
CA ARG B 97 -58.66 1.15 66.67
C ARG B 97 -58.76 -0.24 66.06
N LEU B 98 -58.06 -1.20 66.67
CA LEU B 98 -58.09 -2.59 66.24
C LEU B 98 -58.02 -3.47 67.49
N ARG B 99 -59.02 -4.31 67.68
CA ARG B 99 -59.09 -5.19 68.85
C ARG B 99 -59.52 -6.59 68.41
N VAL B 100 -58.82 -7.13 67.40
CA VAL B 100 -59.13 -8.48 66.94
C VAL B 100 -58.71 -9.50 67.99
N VAL B 101 -59.26 -10.71 67.86
CA VAL B 101 -58.93 -11.81 68.77
C VAL B 101 -59.33 -13.11 68.09
N GLY B 102 -58.75 -14.21 68.56
CA GLY B 102 -59.07 -15.52 68.04
C GLY B 102 -58.11 -15.98 66.95
N PRO B 103 -58.20 -17.26 66.58
CA PRO B 103 -57.32 -17.83 65.54
C PRO B 103 -57.74 -17.42 64.13
N ALA B 104 -57.30 -16.24 63.71
CA ALA B 104 -57.73 -15.66 62.45
C ALA B 104 -56.57 -14.97 61.77
N THR B 105 -56.83 -14.45 60.58
CA THR B 105 -55.90 -13.62 59.83
C THR B 105 -56.39 -12.18 59.86
N VAL B 106 -55.56 -11.28 60.35
CA VAL B 106 -55.95 -9.88 60.52
C VAL B 106 -55.70 -9.14 59.21
N THR B 107 -56.72 -8.44 58.74
CA THR B 107 -56.65 -7.67 57.51
C THR B 107 -57.01 -6.22 57.79
N ALA B 108 -56.97 -5.39 56.75
CA ALA B 108 -57.29 -3.98 56.91
C ALA B 108 -58.76 -3.73 57.21
N ALA B 109 -59.62 -4.73 57.00
CA ALA B 109 -61.05 -4.58 57.27
C ALA B 109 -61.37 -4.54 58.76
N ASP B 110 -60.42 -4.89 59.62
CA ASP B 110 -60.65 -4.92 61.06
C ASP B 110 -60.42 -3.58 61.74
N VAL B 111 -59.87 -2.60 61.04
CA VAL B 111 -59.60 -1.30 61.64
C VAL B 111 -60.88 -0.48 61.68
N ASP B 112 -61.23 0.01 62.85
CA ASP B 112 -62.47 0.76 63.05
C ASP B 112 -62.19 2.26 62.98
N PHE B 113 -61.91 2.71 61.76
CA PHE B 113 -61.79 4.14 61.51
C PHE B 113 -63.16 4.82 61.58
N GLY B 114 -63.14 6.13 61.76
CA GLY B 114 -64.36 6.89 61.78
C GLY B 114 -65.00 6.97 60.41
N PRO B 115 -66.17 7.60 60.33
CA PRO B 115 -66.85 7.74 59.03
C PRO B 115 -66.08 8.58 58.01
N GLU B 116 -65.10 9.36 58.46
CA GLU B 116 -64.40 10.28 57.58
C GLU B 116 -63.19 9.67 56.89
N VAL B 117 -62.84 8.42 57.21
CA VAL B 117 -61.71 7.74 56.59
C VAL B 117 -62.21 6.46 55.95
N GLU B 118 -61.75 6.19 54.73
CA GLU B 118 -62.14 5.01 53.97
C GLU B 118 -60.88 4.25 53.56
N VAL B 119 -60.91 2.93 53.76
CA VAL B 119 -59.79 2.07 53.40
C VAL B 119 -59.98 1.60 51.96
N ILE B 120 -58.94 1.76 51.14
CA ILE B 120 -59.04 1.42 49.73
C ILE B 120 -59.06 -0.09 49.56
N ASN B 121 -58.01 -0.77 49.99
CA ASN B 121 -57.96 -2.23 49.95
C ASN B 121 -58.56 -2.79 51.22
N PRO B 122 -59.69 -3.50 51.15
CA PRO B 122 -60.30 -4.04 52.37
C PRO B 122 -59.67 -5.31 52.88
N ASN B 123 -58.77 -5.95 52.11
CA ASN B 123 -58.08 -7.17 52.54
C ASN B 123 -56.58 -6.96 52.33
N HIS B 124 -55.94 -6.40 53.35
CA HIS B 124 -54.50 -6.15 53.37
C HIS B 124 -53.93 -6.88 54.58
N TYR B 125 -53.06 -7.86 54.33
CA TYR B 125 -52.52 -8.68 55.42
C TYR B 125 -51.73 -7.84 56.41
N ILE B 126 -52.03 -8.00 57.70
CA ILE B 126 -51.28 -7.31 58.73
C ILE B 126 -50.64 -8.27 59.72
N ALA B 127 -51.29 -9.40 59.97
CA ALA B 127 -50.81 -10.35 60.98
C ALA B 127 -51.68 -11.61 60.93
N SER B 128 -51.30 -12.61 61.74
CA SER B 128 -52.02 -13.88 61.83
C SER B 128 -52.07 -14.28 63.31
N LEU B 129 -53.22 -14.05 63.95
CA LEU B 129 -53.36 -14.39 65.35
C LEU B 129 -53.74 -15.85 65.50
N SER B 130 -53.12 -16.55 66.46
CA SER B 130 -53.21 -18.00 66.56
C SER B 130 -53.52 -18.45 68.00
N GLU B 131 -54.77 -18.81 68.24
CA GLU B 131 -55.16 -19.64 69.38
C GLU B 131 -54.82 -19.07 70.75
N GLY B 132 -55.44 -17.96 71.13
CA GLY B 132 -55.32 -17.51 72.51
C GLY B 132 -54.55 -16.22 72.71
N ALA B 133 -54.34 -15.45 71.64
CA ALA B 133 -53.63 -14.18 71.74
C ALA B 133 -54.59 -13.05 71.39
N THR B 134 -54.32 -11.88 71.97
CA THR B 134 -55.11 -10.68 71.72
C THR B 134 -54.21 -9.61 71.13
N LEU B 135 -54.66 -8.97 70.05
CA LEU B 135 -53.93 -7.91 69.39
C LEU B 135 -54.67 -6.59 69.60
N GLU B 136 -53.97 -5.61 70.15
CA GLU B 136 -54.50 -4.28 70.38
C GLU B 136 -53.66 -3.31 69.56
N MET B 137 -54.33 -2.46 68.78
CA MET B 137 -53.64 -1.52 67.91
C MET B 137 -54.33 -0.17 67.98
N GLU B 138 -53.57 0.88 67.64
CA GLU B 138 -54.10 2.23 67.57
C GLU B 138 -53.32 2.97 66.50
N LEU B 139 -54.03 3.56 65.53
CA LEU B 139 -53.40 4.18 64.37
C LEU B 139 -53.79 5.64 64.27
N LYS B 140 -52.85 6.47 63.80
CA LYS B 140 -53.08 7.89 63.57
C LYS B 140 -52.86 8.20 62.11
N VAL B 141 -53.75 9.03 61.54
CA VAL B 141 -53.72 9.38 60.12
C VAL B 141 -53.52 10.89 60.00
N GLU B 142 -52.73 11.32 59.02
CA GLU B 142 -52.41 12.73 58.84
C GLU B 142 -52.32 13.06 57.35
N TRP B 143 -52.14 14.35 57.07
CA TRP B 143 -52.04 14.88 55.71
C TRP B 143 -50.63 15.38 55.44
N GLY B 144 -50.20 15.25 54.20
CA GLY B 144 -48.87 15.72 53.83
C GLY B 144 -48.60 15.50 52.36
N THR B 145 -47.35 15.77 51.97
CA THR B 145 -46.90 15.58 50.60
C THR B 145 -45.56 14.84 50.60
N GLY B 146 -45.37 14.01 49.57
CA GLY B 146 -44.09 13.37 49.33
C GLY B 146 -43.73 12.30 50.35
N TYR B 147 -42.48 11.85 50.25
CA TYR B 147 -41.92 10.84 51.13
C TYR B 147 -41.27 11.52 52.34
N ARG B 148 -41.74 11.20 53.53
CA ARG B 148 -41.19 11.78 54.74
C ARG B 148 -40.08 10.90 55.30
N ALA B 149 -39.43 11.39 56.36
CA ALA B 149 -38.35 10.66 57.02
C ALA B 149 -38.09 11.29 58.37
N ILE B 150 -38.11 10.46 59.42
CA ILE B 150 -37.81 10.92 60.77
C ILE B 150 -36.30 10.95 60.95
N ASP B 151 -35.84 11.57 62.03
CA ASP B 151 -34.41 11.73 62.30
C ASP B 151 -34.04 10.94 63.56
N ARG B 152 -32.97 10.17 63.47
CA ARG B 152 -32.41 9.44 64.60
C ARG B 152 -33.45 8.51 65.24
N SER B 153 -34.12 7.73 64.39
CA SER B 153 -35.12 6.78 64.87
C SER B 153 -35.32 5.71 63.80
N HIS B 154 -34.97 4.47 64.13
CA HIS B 154 -35.16 3.35 63.22
C HIS B 154 -36.59 2.81 63.37
N ASP B 155 -36.84 1.64 62.78
CA ASP B 155 -38.19 1.09 62.81
C ASP B 155 -38.42 0.12 63.97
N GLU B 156 -37.53 -0.85 64.17
CA GLU B 156 -37.67 -1.81 65.27
C GLU B 156 -37.07 -1.18 66.52
N THR B 157 -37.92 -0.54 67.31
CA THR B 157 -37.47 0.13 68.53
C THR B 157 -38.68 0.26 69.46
N THR B 158 -38.53 1.10 70.48
CA THR B 158 -39.62 1.41 71.40
C THR B 158 -39.51 2.87 71.81
N ALA B 159 -40.53 3.65 71.50
CA ALA B 159 -40.61 5.06 71.88
C ALA B 159 -41.74 5.25 72.89
N LEU B 160 -41.87 6.48 73.37
CA LEU B 160 -42.89 6.79 74.38
C LEU B 160 -44.27 6.68 73.74
N ASP B 161 -45.11 5.80 74.28
CA ASP B 161 -46.47 5.60 73.81
C ASP B 161 -46.50 5.37 72.29
N PHE B 162 -46.79 6.44 71.54
CA PHE B 162 -46.90 6.34 70.09
C PHE B 162 -45.52 6.19 69.47
N LEU B 163 -45.40 5.26 68.53
CA LEU B 163 -44.19 5.05 67.75
C LEU B 163 -44.32 5.75 66.42
N GLN B 164 -43.30 6.52 66.04
CA GLN B 164 -43.33 7.27 64.80
C GLN B 164 -42.84 6.42 63.64
N LEU B 165 -43.32 6.75 62.44
CA LEU B 165 -42.99 6.04 61.22
C LEU B 165 -42.62 7.04 60.14
N ASP B 166 -42.07 6.52 59.05
CA ASP B 166 -41.81 7.30 57.84
C ASP B 166 -42.94 7.04 56.87
N ALA B 167 -43.79 8.04 56.65
CA ALA B 167 -45.00 7.86 55.87
C ALA B 167 -44.73 8.10 54.39
N VAL B 168 -45.52 7.44 53.55
CA VAL B 168 -45.50 7.64 52.11
C VAL B 168 -46.80 8.34 51.75
N PHE B 169 -46.74 9.65 51.55
CA PHE B 169 -47.91 10.44 51.23
C PHE B 169 -48.20 10.47 49.73
N MET B 170 -47.35 9.87 48.91
CA MET B 170 -47.55 9.87 47.46
C MET B 170 -48.84 9.18 47.07
N PRO B 171 -49.73 9.84 46.34
CA PRO B 171 -50.87 9.13 45.74
C PRO B 171 -50.51 8.47 44.43
N VAL B 172 -49.47 8.98 43.76
CA VAL B 172 -49.02 8.48 42.47
C VAL B 172 -47.73 7.71 42.68
N ARG B 173 -47.67 6.49 42.16
CA ARG B 173 -46.51 5.61 42.37
C ARG B 173 -45.46 5.76 41.29
N ARG B 174 -45.87 5.76 40.02
CA ARG B 174 -44.93 5.81 38.91
C ARG B 174 -45.50 6.65 37.78
N VAL B 175 -44.62 7.35 37.07
CA VAL B 175 -44.97 8.14 35.90
C VAL B 175 -43.91 7.91 34.83
N ASN B 176 -44.36 7.67 33.60
CA ASN B 176 -43.47 7.51 32.46
C ASN B 176 -43.96 8.39 31.31
N TYR B 177 -43.04 8.83 30.46
CA TYR B 177 -43.45 9.59 29.28
C TYR B 177 -42.49 9.31 28.14
N SER B 178 -42.99 9.48 26.92
CA SER B 178 -42.22 9.25 25.72
C SER B 178 -42.69 10.18 24.62
N VAL B 179 -41.76 10.55 23.73
CA VAL B 179 -42.03 11.50 22.65
C VAL B 179 -41.77 10.80 21.32
N GLU B 180 -42.75 10.87 20.42
CA GLU B 180 -42.70 10.23 19.12
C GLU B 180 -42.96 11.25 18.01
N ASP B 181 -42.67 10.86 16.78
CA ASP B 181 -42.78 11.73 15.63
C ASP B 181 -44.11 11.55 14.93
N ALA B 182 -44.75 12.67 14.57
CA ALA B 182 -46.02 12.69 13.87
C ALA B 182 -45.95 13.66 12.70
N ARG B 183 -44.86 13.57 11.93
CA ARG B 183 -44.57 14.57 10.91
C ARG B 183 -45.66 14.62 9.84
N VAL B 184 -45.97 13.46 9.25
CA VAL B 184 -46.97 13.32 8.19
C VAL B 184 -46.68 14.28 7.05
N GLY B 185 -45.63 13.99 6.28
CA GLY B 185 -45.32 14.80 5.12
C GLY B 185 -43.86 15.17 4.97
N GLU B 186 -43.61 16.38 4.48
CA GLU B 186 -42.26 16.89 4.25
C GLU B 186 -42.14 18.30 4.80
N SER B 187 -42.63 18.50 6.01
CA SER B 187 -42.84 19.84 6.56
C SER B 187 -42.26 19.87 7.98
N THR B 188 -42.61 20.92 8.72
CA THR B 188 -42.08 21.13 10.06
C THR B 188 -42.37 19.94 10.96
N ALA B 189 -41.40 19.59 11.80
CA ALA B 189 -41.53 18.43 12.66
C ALA B 189 -42.64 18.62 13.68
N ILE B 190 -43.31 17.53 14.00
CA ILE B 190 -44.45 17.52 14.91
C ILE B 190 -44.22 16.45 15.97
N ASP B 191 -44.54 16.78 17.22
CA ASP B 191 -44.32 15.88 18.35
C ASP B 191 -45.62 15.24 18.78
N ARG B 192 -45.51 14.06 19.40
CA ARG B 192 -46.62 13.40 20.07
C ARG B 192 -46.12 12.87 21.40
N LEU B 193 -46.89 13.08 22.46
CA LEU B 193 -46.46 12.70 23.80
C LEU B 193 -47.37 11.60 24.34
N VAL B 194 -46.76 10.53 24.83
CA VAL B 194 -47.48 9.43 25.47
C VAL B 194 -47.08 9.39 26.93
N LEU B 195 -48.07 9.45 27.82
CA LEU B 195 -47.83 9.57 29.26
C LEU B 195 -48.58 8.48 30.01
N GLU B 196 -47.86 7.73 30.85
CA GLU B 196 -48.42 6.64 31.64
C GLU B 196 -48.34 6.99 33.12
N VAL B 197 -49.45 6.80 33.83
CA VAL B 197 -49.58 7.13 35.24
C VAL B 197 -50.08 5.91 35.99
N TRP B 198 -49.40 5.57 37.09
CA TRP B 198 -49.80 4.49 37.99
C TRP B 198 -50.22 5.10 39.31
N THR B 199 -51.40 4.73 39.80
CA THR B 199 -51.96 5.31 41.01
C THR B 199 -52.34 4.20 41.98
N ASN B 200 -52.33 4.54 43.27
CA ASN B 200 -52.59 3.57 44.33
C ASN B 200 -54.08 3.37 44.62
N GLY B 201 -54.97 4.02 43.88
CA GLY B 201 -56.39 3.81 44.02
C GLY B 201 -57.12 4.92 44.73
N SER B 202 -56.41 5.81 45.43
CA SER B 202 -57.06 6.94 46.07
C SER B 202 -57.66 7.90 45.05
N LEU B 203 -56.97 8.09 43.92
CA LEU B 203 -57.45 8.93 42.84
C LEU B 203 -57.42 8.14 41.54
N SER B 204 -58.31 8.47 40.63
CA SER B 204 -58.21 7.95 39.28
C SER B 204 -57.05 8.64 38.57
N PRO B 205 -56.46 7.99 37.56
CA PRO B 205 -55.32 8.61 36.88
C PRO B 205 -55.71 9.80 36.00
N GLN B 206 -56.97 10.22 36.06
CA GLN B 206 -57.44 11.42 35.37
C GLN B 206 -57.63 12.60 36.31
N GLU B 207 -57.92 12.35 37.59
CA GLU B 207 -57.95 13.45 38.56
C GLU B 207 -56.54 13.89 38.92
N ALA B 208 -55.58 12.98 38.89
CA ALA B 208 -54.19 13.35 39.16
C ALA B 208 -53.67 14.30 38.09
N LEU B 209 -53.94 13.99 36.82
CA LEU B 209 -53.50 14.87 35.73
C LEU B 209 -54.16 16.24 35.83
N SER B 210 -55.47 16.25 36.13
CA SER B 210 -56.17 17.52 36.26
C SER B 210 -55.62 18.35 37.41
N GLN B 211 -55.31 17.71 38.54
CA GLN B 211 -54.76 18.43 39.67
C GLN B 211 -53.37 18.97 39.37
N ALA B 212 -52.54 18.18 38.67
CA ALA B 212 -51.22 18.67 38.30
C ALA B 212 -51.33 19.87 37.37
N ALA B 213 -52.23 19.81 36.39
CA ALA B 213 -52.41 20.96 35.50
C ALA B 213 -52.94 22.18 36.24
N SER B 214 -53.86 21.97 37.18
CA SER B 214 -54.37 23.09 37.97
C SER B 214 -53.27 23.73 38.80
N CYS B 215 -52.35 22.93 39.34
CA CYS B 215 -51.25 23.49 40.12
C CYS B 215 -50.20 24.14 39.24
N LEU B 216 -50.03 23.66 38.00
CA LEU B 216 -49.05 24.27 37.10
C LEU B 216 -49.54 25.58 36.51
N VAL B 217 -50.84 25.70 36.24
CA VAL B 217 -51.36 26.94 35.66
C VAL B 217 -51.17 28.11 36.63
N ALA B 218 -51.42 27.88 37.91
CA ALA B 218 -51.32 28.94 38.91
C ALA B 218 -49.88 29.33 39.24
N LEU B 219 -48.90 28.53 38.84
CA LEU B 219 -47.50 28.92 38.99
C LEU B 219 -47.07 29.92 37.92
N PHE B 220 -47.53 29.73 36.69
CA PHE B 220 -47.10 30.55 35.57
C PHE B 220 -48.04 31.73 35.30
N GLU B 221 -49.26 31.69 35.81
CA GLU B 221 -50.16 32.82 35.61
C GLU B 221 -49.66 34.13 36.21
N PRO B 222 -49.13 34.19 37.44
CA PRO B 222 -48.69 35.47 37.99
C PRO B 222 -47.44 36.06 37.34
N LEU B 223 -46.80 35.35 36.41
CA LEU B 223 -45.63 35.87 35.71
C LEU B 223 -45.99 36.47 34.37
N LYS B 224 -47.28 36.66 34.08
CA LYS B 224 -47.75 37.09 32.78
C LYS B 224 -48.36 38.48 32.78
N ASN B 225 -49.12 38.83 33.82
CA ASN B 225 -49.86 40.09 33.84
C ASN B 225 -49.12 41.21 34.56
N VAL B 226 -47.90 40.96 35.05
CA VAL B 226 -47.14 42.02 35.72
C VAL B 226 -45.79 42.21 35.05
N SER B 227 -44.97 41.16 35.06
CA SER B 227 -43.61 41.26 34.52
C SER B 227 -43.32 40.14 33.53
N PHE C 12 14.16 30.55 13.94
CA PHE C 12 13.83 29.78 12.75
C PHE C 12 14.69 30.20 11.56
N HIS C 13 15.74 29.43 11.31
CA HIS C 13 16.68 29.70 10.22
C HIS C 13 16.21 29.12 8.90
N LEU C 14 14.92 28.88 8.74
CA LEU C 14 14.42 28.08 7.63
C LEU C 14 14.55 28.81 6.30
N PRO C 15 15.30 28.27 5.34
CA PRO C 15 15.33 28.86 4.00
C PRO C 15 14.15 28.39 3.16
N ASP C 16 14.17 28.71 1.86
CA ASP C 16 13.08 28.34 0.96
C ASP C 16 12.79 26.84 1.05
N LEU C 17 11.53 26.50 1.31
CA LEU C 17 11.17 25.12 1.58
C LEU C 17 11.11 24.27 0.32
N VAL C 18 10.65 24.84 -0.79
CA VAL C 18 10.60 24.14 -2.07
C VAL C 18 11.80 24.64 -2.87
N ALA C 19 12.92 23.95 -2.73
CA ALA C 19 14.15 24.31 -3.42
C ALA C 19 14.82 23.15 -4.12
N ILE C 20 14.31 21.93 -3.97
CA ILE C 20 14.80 20.81 -4.77
C ILE C 20 14.41 20.98 -6.22
N GLN C 21 13.13 21.29 -6.46
CA GLN C 21 12.63 21.42 -7.82
C GLN C 21 13.29 22.60 -8.55
N ARG C 22 13.39 23.75 -7.87
CA ARG C 22 13.96 24.93 -8.50
C ARG C 22 15.43 24.71 -8.86
N ASN C 23 16.20 24.12 -7.94
CA ASN C 23 17.61 23.87 -8.22
C ASN C 23 17.79 22.87 -9.35
N SER C 24 16.97 21.82 -9.38
CA SER C 24 17.08 20.84 -10.45
C SER C 24 16.75 21.44 -11.82
N PHE C 25 15.69 22.25 -11.90
CA PHE C 25 15.35 22.82 -13.20
C PHE C 25 16.37 23.87 -13.63
N ARG C 26 16.89 24.65 -12.69
CA ARG C 26 17.94 25.60 -13.04
C ARG C 26 19.18 24.89 -13.54
N TRP C 27 19.55 23.77 -12.91
CA TRP C 27 20.69 23.00 -13.40
C TRP C 27 20.44 22.47 -14.82
N PHE C 28 19.24 21.96 -15.07
CA PHE C 28 18.93 21.48 -16.42
C PHE C 28 19.08 22.60 -17.44
N LEU C 29 18.54 23.77 -17.15
CA LEU C 29 18.63 24.87 -18.10
C LEU C 29 20.07 25.33 -18.29
N GLU C 30 20.85 25.37 -17.22
CA GLU C 30 22.20 25.93 -17.30
C GLU C 30 23.18 24.97 -17.98
N GLU C 31 23.29 23.73 -17.46
CA GLU C 31 24.32 22.84 -17.98
C GLU C 31 23.85 21.40 -18.15
N GLY C 32 22.55 21.16 -18.22
CA GLY C 32 22.06 19.82 -18.43
C GLY C 32 21.73 19.53 -19.88
N LEU C 33 21.16 20.53 -20.56
CA LEU C 33 20.87 20.38 -21.99
C LEU C 33 22.13 20.54 -22.85
N ILE C 34 23.05 21.41 -22.43
CA ILE C 34 24.29 21.60 -23.19
C ILE C 34 25.09 20.32 -23.25
N GLU C 35 25.21 19.63 -22.10
CA GLU C 35 26.04 18.43 -22.03
C GLU C 35 25.50 17.32 -22.92
N GLU C 36 24.17 17.19 -23.01
CA GLU C 36 23.59 16.18 -23.88
C GLU C 36 23.62 16.58 -25.35
N LEU C 37 23.44 17.87 -25.66
CA LEU C 37 23.48 18.29 -27.05
C LEU C 37 24.89 18.21 -27.63
N GLU C 38 25.91 18.48 -26.83
CA GLU C 38 27.28 18.50 -27.32
C GLU C 38 27.95 17.14 -27.29
N SER C 39 27.32 16.13 -26.71
CA SER C 39 27.83 14.77 -26.71
C SER C 39 27.36 13.96 -27.91
N PHE C 40 26.66 14.58 -28.85
CA PHE C 40 26.08 13.90 -29.99
C PHE C 40 26.26 14.65 -31.29
N SER C 41 26.89 15.83 -31.26
CA SER C 41 26.85 16.76 -32.39
C SER C 41 27.44 16.21 -33.68
N PRO C 42 28.70 15.74 -33.72
CA PRO C 42 29.30 15.43 -35.03
C PRO C 42 28.75 14.15 -35.65
N ILE C 43 27.64 14.27 -36.38
CA ILE C 43 27.04 13.15 -37.08
C ILE C 43 27.66 13.07 -38.47
N THR C 44 28.29 11.94 -38.78
CA THR C 44 28.98 11.73 -40.05
C THR C 44 28.44 10.47 -40.72
N ASP C 45 28.33 10.51 -42.04
CA ASP C 45 27.92 9.34 -42.80
C ASP C 45 29.14 8.43 -43.04
N TYR C 46 28.91 7.29 -43.68
CA TYR C 46 29.98 6.29 -43.79
C TYR C 46 31.04 6.70 -44.80
N THR C 47 30.68 7.41 -45.86
CA THR C 47 31.69 7.87 -46.81
C THR C 47 32.55 9.00 -46.26
N GLY C 48 32.11 9.64 -45.17
CA GLY C 48 32.87 10.73 -44.60
C GLY C 48 32.92 11.97 -45.46
N LYS C 49 31.82 12.30 -46.14
CA LYS C 49 31.76 13.47 -47.01
C LYS C 49 30.99 14.63 -46.40
N LEU C 50 29.92 14.34 -45.67
CA LEU C 50 29.08 15.38 -45.08
C LEU C 50 29.12 15.27 -43.56
N GLU C 51 29.06 16.43 -42.91
CA GLU C 51 29.07 16.50 -41.45
C GLU C 51 28.04 17.50 -40.98
N LEU C 52 27.37 17.16 -39.87
CA LEU C 52 26.42 18.06 -39.23
C LEU C 52 26.93 18.40 -37.83
N HIS C 53 27.02 19.69 -37.52
CA HIS C 53 27.45 20.15 -36.22
C HIS C 53 26.31 20.91 -35.56
N PHE C 54 26.03 20.57 -34.30
CA PHE C 54 24.99 21.23 -33.50
C PHE C 54 25.69 22.11 -32.47
N LEU C 55 25.78 23.41 -32.75
CA LEU C 55 26.44 24.34 -31.82
C LEU C 55 25.50 24.59 -30.63
N GLY C 56 25.43 23.59 -29.77
CA GLY C 56 24.50 23.62 -28.65
C GLY C 56 24.92 24.52 -27.52
N LYS C 57 24.94 25.82 -27.77
CA LYS C 57 25.29 26.79 -26.74
C LYS C 57 24.40 28.02 -26.70
N GLN C 58 23.44 28.18 -27.62
CA GLN C 58 22.64 29.39 -27.70
C GLN C 58 21.18 29.17 -27.32
N TYR C 59 20.49 28.28 -28.02
CA TYR C 59 19.18 27.77 -27.67
C TYR C 59 18.04 28.76 -27.83
N LYS C 60 18.38 30.05 -28.00
CA LYS C 60 17.46 31.07 -28.49
C LYS C 60 16.01 30.84 -28.08
N LEU C 61 15.77 30.56 -26.79
CA LEU C 61 14.45 30.20 -26.33
C LEU C 61 13.44 31.29 -26.67
N LYS C 62 12.31 30.90 -27.26
CA LYS C 62 11.26 31.83 -27.63
C LYS C 62 10.27 31.99 -26.49
N ARG C 63 9.79 33.21 -26.29
CA ARG C 63 8.92 33.49 -25.17
C ARG C 63 7.59 32.75 -25.32
N PRO C 64 6.97 32.32 -24.22
CA PRO C 64 5.70 31.60 -24.31
C PRO C 64 4.62 32.47 -24.95
N LYS C 65 3.79 31.83 -25.77
CA LYS C 65 2.70 32.52 -26.42
C LYS C 65 1.52 32.76 -25.48
N TYR C 66 1.44 32.01 -24.39
CA TYR C 66 0.33 32.10 -23.45
C TYR C 66 0.87 32.32 -22.05
N ASP C 67 0.16 33.12 -21.26
CA ASP C 67 0.48 33.30 -19.87
C ASP C 67 0.11 32.05 -19.07
N VAL C 68 0.41 32.07 -17.78
CA VAL C 68 0.00 30.98 -16.91
C VAL C 68 -1.52 30.93 -16.81
N ASP C 69 -2.14 32.09 -16.59
CA ASP C 69 -3.60 32.14 -16.42
C ASP C 69 -4.32 31.81 -17.71
N GLU C 70 -3.82 32.30 -18.84
CA GLU C 70 -4.43 31.98 -20.13
C GLU C 70 -4.36 30.49 -20.41
N ALA C 71 -3.21 29.87 -20.12
CA ALA C 71 -3.09 28.43 -20.28
C ALA C 71 -4.04 27.68 -19.36
N LYS C 72 -4.19 28.14 -18.12
CA LYS C 72 -5.08 27.48 -17.16
C LYS C 72 -6.53 27.55 -17.62
N ARG C 73 -6.98 28.74 -18.06
CA ARG C 73 -8.38 28.93 -18.39
C ARG C 73 -8.73 28.40 -19.77
N ARG C 74 -7.77 28.28 -20.68
CA ARG C 74 -8.00 27.72 -21.99
C ARG C 74 -7.85 26.20 -22.01
N ASP C 75 -7.31 25.62 -20.94
CA ASP C 75 -6.95 24.19 -20.88
C ASP C 75 -5.89 23.85 -21.92
N GLY C 76 -4.80 24.62 -21.89
CA GLY C 76 -3.68 24.39 -22.78
C GLY C 76 -2.40 24.07 -22.04
N THR C 77 -1.26 24.29 -22.67
CA THR C 77 0.04 23.96 -22.10
C THR C 77 0.90 25.22 -22.04
N TYR C 78 1.66 25.35 -20.96
CA TYR C 78 2.58 26.45 -20.74
C TYR C 78 3.98 25.97 -21.10
N SER C 79 4.54 26.48 -22.19
CA SER C 79 5.79 25.94 -22.71
C SER C 79 6.49 26.99 -23.57
N VAL C 80 7.71 26.64 -23.99
CA VAL C 80 8.53 27.47 -24.87
C VAL C 80 9.07 26.61 -26.00
N GLN C 81 9.74 27.24 -26.95
CA GLN C 81 10.29 26.57 -28.12
C GLN C 81 11.81 26.65 -28.09
N MET C 82 12.48 25.57 -28.47
CA MET C 82 13.93 25.50 -28.46
C MET C 82 14.48 25.51 -29.89
N TYR C 83 15.47 26.36 -30.14
CA TYR C 83 16.12 26.49 -31.44
C TYR C 83 17.61 26.37 -31.25
N VAL C 84 18.25 25.42 -31.94
CA VAL C 84 19.68 25.20 -31.86
C VAL C 84 20.29 25.53 -33.22
N PRO C 85 21.42 26.25 -33.27
CA PRO C 85 22.08 26.49 -34.55
C PRO C 85 22.89 25.28 -34.98
N THR C 86 22.85 24.99 -36.29
CA THR C 86 23.58 23.87 -36.87
C THR C 86 24.33 24.33 -38.10
N ARG C 87 25.36 23.57 -38.47
CA ARG C 87 26.09 23.81 -39.71
C ARG C 87 26.34 22.50 -40.43
N LEU C 88 26.21 22.53 -41.76
CA LEU C 88 26.47 21.39 -42.61
C LEU C 88 27.73 21.63 -43.40
N ILE C 89 28.68 20.71 -43.30
CA ILE C 89 30.01 20.86 -43.88
C ILE C 89 30.20 19.77 -44.93
N ASN C 90 30.54 20.17 -46.14
CA ASN C 90 30.86 19.25 -47.23
C ASN C 90 32.37 19.20 -47.39
N LYS C 91 32.93 17.99 -47.31
CA LYS C 91 34.37 17.82 -47.47
C LYS C 91 34.76 18.01 -48.93
N GLU C 92 36.07 17.98 -49.19
CA GLU C 92 36.60 18.23 -50.52
C GLU C 92 36.16 19.60 -51.01
N THR C 93 35.07 19.65 -51.77
CA THR C 93 34.53 20.94 -52.20
C THR C 93 34.04 21.73 -50.99
N GLY C 94 34.64 22.90 -50.79
CA GLY C 94 34.28 23.73 -49.65
C GLY C 94 32.88 24.30 -49.75
N GLU C 95 32.00 23.87 -48.85
CA GLU C 95 30.61 24.34 -48.87
C GLU C 95 30.06 24.23 -47.45
N ILE C 96 29.85 25.37 -46.81
CA ILE C 96 29.33 25.43 -45.45
C ILE C 96 28.02 26.20 -45.47
N LYS C 97 26.97 25.58 -44.95
CA LYS C 97 25.65 26.19 -44.83
C LYS C 97 25.29 26.30 -43.35
N GLU C 98 24.80 27.48 -42.96
CA GLU C 98 24.44 27.77 -41.58
C GLU C 98 22.95 28.05 -41.49
N GLN C 99 22.33 27.60 -40.40
CA GLN C 99 20.90 27.78 -40.22
C GLN C 99 20.54 27.44 -38.78
N GLU C 100 19.28 27.68 -38.42
CA GLU C 100 18.75 27.40 -37.10
C GLU C 100 17.55 26.46 -37.23
N VAL C 101 17.60 25.34 -36.52
CA VAL C 101 16.58 24.30 -36.65
C VAL C 101 15.71 24.27 -35.42
N PHE C 102 14.44 23.92 -35.61
CA PHE C 102 13.50 23.73 -34.52
C PHE C 102 13.68 22.35 -33.93
N ILE C 103 13.87 22.28 -32.62
CA ILE C 103 14.19 21.04 -31.92
C ILE C 103 12.98 20.49 -31.18
N GLY C 104 12.27 21.33 -30.45
CA GLY C 104 11.10 20.86 -29.74
C GLY C 104 10.47 21.94 -28.90
N ASP C 105 9.41 21.53 -28.20
CA ASP C 105 8.71 22.37 -27.24
C ASP C 105 9.01 21.88 -25.84
N LEU C 106 9.51 22.77 -25.00
CA LEU C 106 9.86 22.43 -23.63
C LEU C 106 8.84 23.05 -22.69
N PRO C 107 8.05 22.27 -21.95
CA PRO C 107 7.19 22.86 -20.93
C PRO C 107 8.01 23.55 -19.85
N LEU C 108 7.51 24.69 -19.39
CA LEU C 108 8.22 25.54 -18.45
C LEU C 108 7.66 25.40 -17.05
N MET C 109 8.51 25.60 -16.06
CA MET C 109 8.15 25.48 -14.66
C MET C 109 7.65 26.82 -14.14
N THR C 110 6.52 26.79 -13.44
CA THR C 110 5.92 28.01 -12.95
C THR C 110 6.67 28.50 -11.70
N ASP C 111 6.22 29.61 -11.14
CA ASP C 111 6.90 30.22 -10.01
C ASP C 111 6.77 29.42 -8.72
N ARG C 112 5.90 28.40 -8.69
CA ARG C 112 5.67 27.62 -7.48
C ARG C 112 6.29 26.23 -7.54
N GLY C 113 6.98 25.88 -8.62
CA GLY C 113 7.62 24.59 -8.72
C GLY C 113 6.82 23.51 -9.41
N THR C 114 5.78 23.85 -10.15
CA THR C 114 4.88 22.88 -10.76
C THR C 114 4.81 23.12 -12.26
N PHE C 115 4.17 22.19 -12.96
CA PHE C 115 3.99 22.29 -14.40
C PHE C 115 2.49 22.29 -14.74
N ILE C 116 2.16 22.87 -15.89
CA ILE C 116 0.78 22.95 -16.35
C ILE C 116 0.69 22.20 -17.67
N ILE C 117 0.16 20.98 -17.63
CA ILE C 117 0.07 20.11 -18.79
C ILE C 117 -1.41 19.90 -19.07
N ASN C 118 -1.84 20.29 -20.27
CA ASN C 118 -3.23 20.14 -20.70
C ASN C 118 -4.21 20.73 -19.70
N GLY C 119 -3.84 21.88 -19.13
CA GLY C 119 -4.73 22.54 -18.19
C GLY C 119 -4.81 21.91 -16.83
N ALA C 120 -3.88 21.02 -16.49
CA ALA C 120 -3.84 20.40 -15.18
C ALA C 120 -2.48 20.63 -14.55
N GLU C 121 -2.47 20.81 -13.24
CA GLU C 121 -1.23 21.01 -12.50
C GLU C 121 -0.60 19.66 -12.18
N ARG C 122 0.69 19.54 -12.47
CA ARG C 122 1.43 18.31 -12.31
C ARG C 122 2.74 18.57 -11.59
N VAL C 123 3.25 17.54 -10.91
CA VAL C 123 4.49 17.64 -10.16
C VAL C 123 5.34 16.42 -10.46
N ILE C 124 6.64 16.62 -10.58
CA ILE C 124 7.60 15.54 -10.78
C ILE C 124 8.17 15.13 -9.45
N VAL C 125 8.07 13.86 -9.12
CA VAL C 125 8.45 13.37 -7.80
C VAL C 125 9.95 13.06 -7.78
N ASN C 126 10.55 13.19 -6.60
CA ASN C 126 11.95 12.86 -6.39
C ASN C 126 12.08 11.37 -6.06
N GLN C 127 13.19 10.78 -6.50
CA GLN C 127 13.36 9.33 -6.43
C GLN C 127 14.63 9.01 -5.66
N ILE C 128 14.53 8.11 -4.68
CA ILE C 128 15.67 7.65 -3.90
C ILE C 128 16.16 6.34 -4.47
N VAL C 129 17.41 6.32 -4.94
CA VAL C 129 17.97 5.17 -5.63
C VAL C 129 19.31 4.82 -4.98
N ARG C 130 19.94 3.77 -5.49
CA ARG C 130 21.25 3.35 -5.01
C ARG C 130 22.35 4.05 -5.79
N SER C 131 23.37 4.49 -5.08
CA SER C 131 24.44 5.25 -5.71
C SER C 131 25.39 4.34 -6.48
N PRO C 132 25.96 4.84 -7.58
CA PRO C 132 26.97 4.05 -8.31
C PRO C 132 28.24 3.85 -7.48
N GLY C 133 28.96 2.78 -7.79
CA GLY C 133 30.20 2.50 -7.10
C GLY C 133 30.39 1.00 -6.93
N VAL C 134 31.30 0.66 -6.01
CA VAL C 134 31.69 -0.72 -5.76
C VAL C 134 31.29 -1.10 -4.34
N TYR C 135 30.61 -2.23 -4.20
CA TYR C 135 30.03 -2.66 -2.93
C TYR C 135 30.46 -4.08 -2.63
N TYR C 136 30.97 -4.30 -1.42
CA TYR C 136 31.49 -5.59 -0.98
C TYR C 136 30.52 -6.25 -0.01
N LYS C 137 30.43 -7.58 -0.08
CA LYS C 137 29.50 -8.31 0.74
C LYS C 137 30.10 -9.68 1.06
N SER C 138 29.76 -10.20 2.23
CA SER C 138 30.22 -11.51 2.69
C SER C 138 29.02 -12.44 2.84
N GLU C 139 29.08 -13.60 2.19
CA GLU C 139 28.02 -14.59 2.24
C GLU C 139 28.53 -15.87 2.88
N ARG C 140 27.66 -16.51 3.65
CA ARG C 140 28.00 -17.70 4.42
C ARG C 140 27.24 -18.90 3.87
N ASP C 141 27.97 -19.95 3.52
CA ASP C 141 27.38 -21.18 3.01
C ASP C 141 26.72 -21.96 4.14
N LYS C 142 25.93 -22.97 3.76
CA LYS C 142 25.31 -23.84 4.76
C LYS C 142 26.37 -24.56 5.58
N ASN C 143 27.41 -25.07 4.93
CA ASN C 143 28.49 -25.78 5.60
C ASN C 143 29.86 -25.20 5.31
N GLY C 144 29.98 -24.30 4.33
CA GLY C 144 31.27 -23.76 3.94
C GLY C 144 31.68 -22.55 4.75
N ARG C 145 32.81 -21.99 4.34
CA ARG C 145 33.40 -20.84 5.04
C ARG C 145 32.69 -19.56 4.59
N LEU C 146 33.26 -18.42 4.96
CA LEU C 146 32.77 -17.13 4.47
C LEU C 146 33.40 -16.84 3.12
N THR C 147 32.57 -16.47 2.14
CA THR C 147 33.07 -16.11 0.82
C THR C 147 32.62 -14.69 0.49
N HIS C 148 33.52 -13.90 -0.09
CA HIS C 148 33.24 -12.49 -0.33
C HIS C 148 33.08 -12.21 -1.82
N ASN C 149 32.15 -11.31 -2.12
CA ASN C 149 31.93 -10.87 -3.49
C ASN C 149 31.86 -9.36 -3.53
N ALA C 150 32.15 -8.81 -4.71
CA ALA C 150 32.12 -7.38 -4.94
C ALA C 150 31.34 -7.10 -6.22
N SER C 151 30.53 -6.04 -6.19
CA SER C 151 29.73 -5.64 -7.33
C SER C 151 30.08 -4.21 -7.70
N LEU C 152 30.41 -3.99 -8.97
CA LEU C 152 30.72 -2.67 -9.50
C LEU C 152 29.56 -2.25 -10.40
N ILE C 153 28.94 -1.12 -10.06
CA ILE C 153 27.68 -0.68 -10.65
C ILE C 153 27.88 0.74 -11.19
N PRO C 154 27.63 0.98 -12.48
CA PRO C 154 27.77 2.31 -13.04
C PRO C 154 26.44 3.07 -13.07
N ASN C 155 26.52 4.33 -13.50
CA ASN C 155 25.31 5.10 -13.74
C ASN C 155 24.51 4.53 -14.91
N ARG C 156 25.19 4.12 -15.97
CA ARG C 156 24.53 3.53 -17.13
C ARG C 156 25.55 2.68 -17.87
N GLY C 157 25.24 1.41 -18.07
CA GLY C 157 26.13 0.50 -18.75
C GLY C 157 26.04 -0.89 -18.16
N ALA C 158 27.09 -1.68 -18.40
CA ALA C 158 27.16 -3.05 -17.93
C ALA C 158 27.74 -3.13 -16.53
N TRP C 159 27.28 -4.11 -15.77
CA TRP C 159 27.70 -4.32 -14.39
C TRP C 159 28.84 -5.32 -14.34
N LEU C 160 29.67 -5.23 -13.31
CA LEU C 160 30.80 -6.15 -13.14
C LEU C 160 30.71 -6.82 -11.78
N LYS C 161 31.13 -8.09 -11.70
CA LYS C 161 31.05 -8.79 -10.42
C LYS C 161 32.29 -9.64 -10.21
N PHE C 162 32.93 -9.51 -9.06
CA PHE C 162 34.02 -10.38 -8.64
C PHE C 162 33.55 -11.26 -7.49
N GLU C 163 34.11 -12.48 -7.42
CA GLU C 163 33.69 -13.42 -6.41
C GLU C 163 34.88 -14.27 -5.98
N THR C 164 34.93 -14.60 -4.69
CA THR C 164 35.96 -15.47 -4.14
C THR C 164 35.34 -16.83 -3.79
N ASP C 165 36.00 -17.90 -4.23
CA ASP C 165 35.48 -19.24 -4.05
C ASP C 165 35.92 -19.82 -2.71
N LYS C 166 35.52 -21.06 -2.44
CA LYS C 166 35.88 -21.73 -1.20
C LYS C 166 37.32 -22.23 -1.19
N ASN C 167 37.94 -22.40 -2.36
CA ASN C 167 39.31 -22.87 -2.45
C ASN C 167 40.33 -21.75 -2.57
N GLY C 168 39.90 -20.49 -2.58
CA GLY C 168 40.80 -19.38 -2.76
C GLY C 168 40.94 -18.90 -4.20
N LEU C 169 39.95 -19.12 -5.04
CA LEU C 169 39.99 -18.73 -6.44
C LEU C 169 39.14 -17.47 -6.66
N VAL C 170 39.58 -16.65 -7.61
CA VAL C 170 38.90 -15.40 -7.94
C VAL C 170 38.23 -15.55 -9.30
N TRP C 171 36.93 -15.28 -9.35
CA TRP C 171 36.15 -15.42 -10.57
C TRP C 171 35.47 -14.10 -10.90
N VAL C 172 35.20 -13.89 -12.19
CA VAL C 172 34.62 -12.66 -12.71
C VAL C 172 33.37 -12.99 -13.51
N ARG C 173 32.34 -12.16 -13.36
CA ARG C 173 31.12 -12.27 -14.14
C ARG C 173 30.80 -10.91 -14.76
N ILE C 174 30.55 -10.90 -16.06
CA ILE C 174 30.18 -9.70 -16.79
C ILE C 174 28.71 -9.80 -17.18
N ASP C 175 27.92 -8.81 -16.79
CA ASP C 175 26.48 -8.81 -17.01
C ASP C 175 25.85 -10.09 -16.46
N LYS C 176 25.42 -10.98 -17.34
CA LYS C 176 24.85 -12.25 -16.92
C LYS C 176 25.37 -13.40 -17.78
N THR C 177 26.67 -13.38 -18.07
CA THR C 177 27.31 -14.46 -18.80
C THR C 177 27.85 -15.48 -17.79
N ARG C 178 28.59 -16.47 -18.28
CA ARG C 178 29.14 -17.49 -17.42
C ARG C 178 30.39 -16.96 -16.71
N LYS C 179 30.72 -17.60 -15.58
CA LYS C 179 31.85 -17.19 -14.75
C LYS C 179 33.16 -17.61 -15.40
N LEU C 180 34.23 -16.89 -15.08
CA LEU C 180 35.52 -17.11 -15.70
C LEU C 180 36.61 -16.49 -14.84
N SER C 181 37.79 -17.10 -14.84
CA SER C 181 38.86 -16.71 -13.94
C SER C 181 39.38 -15.32 -14.27
N ALA C 182 39.87 -14.61 -13.25
CA ALA C 182 40.30 -13.23 -13.40
C ALA C 182 41.52 -13.09 -14.29
N GLN C 183 42.31 -14.16 -14.44
CA GLN C 183 43.53 -14.08 -15.24
C GLN C 183 43.23 -13.75 -16.69
N VAL C 184 42.16 -14.33 -17.24
CA VAL C 184 41.78 -14.04 -18.62
C VAL C 184 41.48 -12.56 -18.78
N LEU C 185 40.68 -12.00 -17.86
CA LEU C 185 40.30 -10.60 -17.95
C LEU C 185 41.50 -9.67 -17.79
N LEU C 186 42.40 -9.98 -16.84
CA LEU C 186 43.53 -9.08 -16.62
C LEU C 186 44.53 -9.15 -17.76
N LYS C 187 44.71 -10.32 -18.39
CA LYS C 187 45.63 -10.39 -19.52
C LYS C 187 45.03 -9.80 -20.79
N ALA C 188 43.72 -9.98 -20.99
CA ALA C 188 43.07 -9.40 -22.15
C ALA C 188 43.09 -7.88 -22.12
N LEU C 189 43.17 -7.28 -20.93
CA LEU C 189 43.20 -5.83 -20.82
C LEU C 189 44.54 -5.24 -21.26
N GLY C 190 45.58 -6.06 -21.36
CA GLY C 190 46.86 -5.58 -21.80
C GLY C 190 47.82 -5.28 -20.67
N LEU C 191 47.92 -6.21 -19.70
CA LEU C 191 48.78 -6.05 -18.55
C LEU C 191 49.75 -7.22 -18.49
N SER C 192 51.03 -6.93 -18.33
CA SER C 192 52.02 -7.99 -18.14
C SER C 192 52.03 -8.45 -16.68
N ASP C 193 52.76 -9.55 -16.43
CA ASP C 193 52.72 -10.17 -15.12
C ASP C 193 53.36 -9.29 -14.05
N ASN C 194 54.41 -8.54 -14.41
CA ASN C 194 55.17 -7.81 -13.41
C ASN C 194 54.35 -6.69 -12.78
N GLU C 195 53.56 -5.97 -13.57
CA GLU C 195 52.81 -4.86 -13.01
C GLU C 195 51.66 -5.34 -12.13
N ILE C 196 50.95 -6.40 -12.56
CA ILE C 196 49.88 -6.91 -11.71
C ILE C 196 50.44 -7.63 -10.49
N TYR C 197 51.70 -8.04 -10.53
CA TYR C 197 52.35 -8.56 -9.34
C TYR C 197 52.74 -7.45 -8.38
N ASP C 198 53.19 -6.31 -8.91
CA ASP C 198 53.61 -5.20 -8.06
C ASP C 198 52.42 -4.48 -7.44
N LYS C 199 51.37 -4.23 -8.22
CA LYS C 199 50.23 -3.47 -7.71
C LYS C 199 49.53 -4.20 -6.57
N LEU C 200 49.38 -5.51 -6.70
CA LEU C 200 48.76 -6.32 -5.66
C LEU C 200 49.64 -6.33 -4.41
N ARG C 201 49.00 -6.39 -3.25
CA ARG C 201 49.72 -6.36 -1.98
C ARG C 201 50.13 -7.75 -1.51
N HIS C 202 49.28 -8.75 -1.72
CA HIS C 202 49.57 -10.14 -1.35
C HIS C 202 49.57 -10.97 -2.63
N PRO C 203 50.72 -11.11 -3.30
CA PRO C 203 50.73 -11.75 -4.62
C PRO C 203 50.61 -13.26 -4.61
N GLU C 204 50.87 -13.94 -3.48
CA GLU C 204 50.77 -15.40 -3.49
C GLU C 204 49.32 -15.87 -3.52
N TYR C 205 48.40 -15.07 -2.97
CA TYR C 205 46.99 -15.43 -3.03
C TYR C 205 46.50 -15.48 -4.47
N TYR C 206 46.93 -14.53 -5.30
CA TYR C 206 46.62 -14.58 -6.72
C TYR C 206 47.49 -15.59 -7.46
N GLN C 207 48.70 -15.86 -6.95
CA GLN C 207 49.56 -16.86 -7.55
C GLN C 207 48.91 -18.23 -7.49
N LYS C 208 48.14 -18.50 -6.44
CA LYS C 208 47.39 -19.75 -6.38
C LYS C 208 46.44 -19.88 -7.57
N THR C 209 45.70 -18.81 -7.88
CA THR C 209 44.81 -18.82 -9.04
C THR C 209 45.59 -18.98 -10.33
N ILE C 210 46.73 -18.29 -10.44
CA ILE C 210 47.57 -18.40 -11.63
C ILE C 210 47.97 -19.85 -11.86
N ASP C 211 48.44 -20.52 -10.82
CA ASP C 211 48.86 -21.91 -10.94
C ASP C 211 47.69 -22.83 -11.26
N LYS C 212 46.53 -22.60 -10.63
CA LYS C 212 45.41 -23.52 -10.80
C LYS C 212 44.78 -23.39 -12.17
N GLU C 213 44.75 -22.18 -12.74
CA GLU C 213 44.04 -21.93 -13.98
C GLU C 213 44.95 -21.79 -15.20
N GLY C 214 46.26 -21.77 -15.01
CA GLY C 214 47.17 -21.69 -16.14
C GLY C 214 47.38 -20.29 -16.67
N GLN C 215 48.63 -19.94 -16.96
CA GLN C 215 48.95 -18.61 -17.45
C GLN C 215 48.36 -18.38 -18.83
N PHE C 216 47.87 -17.17 -19.08
CA PHE C 216 47.30 -16.77 -20.35
C PHE C 216 48.16 -15.70 -21.00
N SER C 217 48.33 -15.80 -22.31
CA SER C 217 48.89 -14.71 -23.10
C SER C 217 47.76 -13.88 -23.68
N GLU C 218 48.12 -12.73 -24.25
CA GLU C 218 47.11 -11.80 -24.75
C GLU C 218 46.21 -12.44 -25.79
N ASP C 219 46.82 -13.14 -26.75
CA ASP C 219 46.06 -13.74 -27.83
C ASP C 219 45.02 -14.73 -27.31
N GLU C 220 45.44 -15.70 -26.51
CA GLU C 220 44.50 -16.67 -25.98
C GLU C 220 43.56 -16.05 -24.95
N ALA C 221 43.98 -15.00 -24.25
CA ALA C 221 43.07 -14.30 -23.35
C ALA C 221 41.88 -13.74 -24.11
N LEU C 222 42.15 -13.01 -25.21
CA LEU C 222 41.04 -12.51 -26.02
C LEU C 222 40.26 -13.63 -26.67
N MET C 223 40.94 -14.72 -27.08
CA MET C 223 40.23 -15.86 -27.66
C MET C 223 39.19 -16.41 -26.67
N GLU C 224 39.62 -16.67 -25.44
CA GLU C 224 38.72 -17.22 -24.42
C GLU C 224 37.63 -16.23 -24.03
N LEU C 225 37.98 -14.94 -23.96
CA LEU C 225 36.98 -13.92 -23.63
C LEU C 225 35.88 -13.88 -24.67
N TYR C 226 36.27 -13.90 -25.96
CA TYR C 226 35.27 -13.95 -27.02
C TYR C 226 34.45 -15.24 -26.96
N ARG C 227 35.12 -16.36 -26.68
CA ARG C 227 34.40 -17.64 -26.63
C ARG C 227 33.33 -17.63 -25.53
N LYS C 228 33.67 -17.10 -24.37
CA LYS C 228 32.72 -17.12 -23.26
C LYS C 228 31.63 -16.07 -23.41
N LEU C 229 31.96 -14.89 -23.95
CA LEU C 229 30.95 -13.84 -24.07
C LEU C 229 29.90 -14.18 -25.13
N ARG C 230 30.35 -14.63 -26.30
CA ARG C 230 29.46 -14.84 -27.45
C ARG C 230 29.70 -16.24 -28.02
N PRO C 231 29.12 -17.27 -27.41
CA PRO C 231 29.32 -18.63 -27.90
C PRO C 231 28.60 -18.87 -29.22
N GLY C 232 29.08 -19.86 -29.96
CA GLY C 232 28.50 -20.25 -31.22
C GLY C 232 29.10 -19.56 -32.44
N GLU C 233 29.99 -18.60 -32.24
CA GLU C 233 30.65 -17.91 -33.32
C GLU C 233 32.15 -18.24 -33.34
N PRO C 234 32.80 -18.17 -34.49
CA PRO C 234 34.24 -18.43 -34.54
C PRO C 234 35.03 -17.35 -33.81
N PRO C 235 35.94 -17.74 -32.92
CA PRO C 235 36.70 -16.74 -32.17
C PRO C 235 37.58 -15.89 -33.08
N THR C 236 37.77 -14.64 -32.66
CA THR C 236 38.61 -13.69 -33.39
C THR C 236 39.28 -12.75 -32.38
N VAL C 237 40.53 -12.39 -32.64
CA VAL C 237 41.21 -11.43 -31.78
C VAL C 237 40.57 -10.06 -31.89
N SER C 238 40.35 -9.60 -33.12
CA SER C 238 39.69 -8.31 -33.31
C SER C 238 38.27 -8.33 -32.75
N GLY C 239 37.61 -9.49 -32.82
CA GLY C 239 36.28 -9.60 -32.23
C GLY C 239 36.29 -9.35 -30.74
N GLY C 240 37.24 -9.98 -30.03
CA GLY C 240 37.35 -9.74 -28.60
C GLY C 240 37.75 -8.32 -28.27
N GLN C 241 38.65 -7.74 -29.06
CA GLN C 241 39.04 -6.35 -28.84
C GLN C 241 37.84 -5.41 -28.97
N GLN C 242 37.09 -5.56 -30.07
CA GLN C 242 35.92 -4.72 -30.28
C GLN C 242 34.88 -4.95 -29.19
N LEU C 243 34.70 -6.20 -28.77
CA LEU C 243 33.72 -6.50 -27.74
C LEU C 243 34.06 -5.79 -26.44
N LEU C 244 35.33 -5.87 -26.02
CA LEU C 244 35.74 -5.18 -24.79
C LEU C 244 35.59 -3.67 -24.93
N GLU C 245 36.03 -3.12 -26.06
CA GLU C 245 35.94 -1.66 -26.25
C GLU C 245 34.51 -1.18 -26.22
N SER C 246 33.59 -1.95 -26.80
CA SER C 246 32.18 -1.55 -26.77
C SER C 246 31.56 -1.78 -25.40
N ARG C 247 32.07 -2.76 -24.65
CA ARG C 247 31.46 -3.09 -23.36
C ARG C 247 31.82 -2.07 -22.28
N PHE C 248 33.09 -1.77 -22.11
CA PHE C 248 33.50 -0.96 -20.96
C PHE C 248 34.13 0.38 -21.29
N PHE C 249 34.75 0.55 -22.46
CA PHE C 249 35.58 1.72 -22.74
C PHE C 249 34.92 2.68 -23.73
N ASP C 250 33.61 2.57 -23.95
CA ASP C 250 32.92 3.43 -24.91
C ASP C 250 32.11 4.49 -24.19
N PRO C 251 32.43 5.77 -24.37
CA PRO C 251 31.63 6.83 -23.73
C PRO C 251 30.15 6.78 -24.11
N LYS C 252 29.83 6.36 -25.33
CA LYS C 252 28.43 6.30 -25.73
C LYS C 252 27.68 5.15 -25.08
N ARG C 253 28.38 4.11 -24.63
CA ARG C 253 27.72 2.94 -24.07
C ARG C 253 27.98 2.72 -22.58
N TYR C 254 28.98 3.39 -22.00
CA TYR C 254 29.32 3.24 -20.60
C TYR C 254 29.49 4.61 -19.97
N ASP C 255 28.95 4.78 -18.76
CA ASP C 255 29.05 6.06 -18.05
C ASP C 255 29.04 5.78 -16.56
N LEU C 256 30.13 6.16 -15.89
CA LEU C 256 30.16 6.09 -14.43
C LEU C 256 29.39 7.24 -13.80
N GLY C 257 29.50 8.43 -14.39
CA GLY C 257 28.99 9.64 -13.78
C GLY C 257 30.03 10.33 -12.92
N ARG C 258 29.72 11.57 -12.55
CA ARG C 258 30.59 12.28 -11.61
C ARG C 258 30.53 11.63 -10.23
N VAL C 259 29.35 11.22 -9.80
CA VAL C 259 29.20 10.59 -8.49
C VAL C 259 29.87 9.22 -8.47
N GLY C 260 29.82 8.49 -9.58
CA GLY C 260 30.47 7.19 -9.63
C GLY C 260 31.98 7.29 -9.51
N ARG C 261 32.59 8.24 -10.23
CA ARG C 261 34.02 8.48 -10.09
C ARG C 261 34.36 8.93 -8.68
N TYR C 262 33.55 9.80 -8.11
CA TYR C 262 33.80 10.28 -6.75
C TYR C 262 33.79 9.13 -5.75
N LYS C 263 32.79 8.25 -5.85
CA LYS C 263 32.68 7.12 -4.92
C LYS C 263 33.82 6.14 -5.11
N LEU C 264 34.19 5.85 -6.36
CA LEU C 264 35.30 4.94 -6.61
C LEU C 264 36.59 5.47 -6.01
N ASN C 265 36.90 6.75 -6.25
CA ASN C 265 38.11 7.34 -5.70
C ASN C 265 38.07 7.34 -4.18
N LYS C 266 36.91 7.64 -3.59
CA LYS C 266 36.81 7.73 -2.15
C LYS C 266 37.03 6.37 -1.49
N LYS C 267 36.47 5.30 -2.07
CA LYS C 267 36.59 4.00 -1.41
C LYS C 267 37.94 3.35 -1.69
N LEU C 268 38.33 3.23 -2.96
CA LEU C 268 39.53 2.48 -3.27
C LEU C 268 40.82 3.25 -3.01
N GLY C 269 40.73 4.56 -2.78
CA GLY C 269 41.92 5.34 -2.52
C GLY C 269 42.75 5.66 -3.74
N LEU C 270 42.13 5.79 -4.90
CA LEU C 270 42.85 6.08 -6.14
C LEU C 270 43.05 7.58 -6.30
N ASN C 271 43.60 7.97 -7.45
CA ASN C 271 43.87 9.38 -7.72
C ASN C 271 43.46 9.78 -9.14
N VAL C 272 42.63 8.99 -9.79
CA VAL C 272 42.28 9.25 -11.19
C VAL C 272 41.52 10.56 -11.29
N ALA C 273 41.62 11.20 -12.46
CA ALA C 273 41.02 12.51 -12.66
C ALA C 273 39.50 12.43 -12.61
N ASP C 274 38.87 13.56 -12.29
CA ASP C 274 37.42 13.62 -12.22
C ASP C 274 36.77 13.67 -13.60
N THR C 275 37.53 14.01 -14.64
CA THR C 275 36.93 14.18 -15.96
C THR C 275 36.71 12.83 -16.64
N VAL C 276 37.53 11.83 -16.36
CA VAL C 276 37.42 10.53 -16.99
C VAL C 276 36.31 9.74 -16.30
N ARG C 277 35.37 9.23 -17.10
CA ARG C 277 34.16 8.62 -16.57
C ARG C 277 33.95 7.19 -17.06
N THR C 278 35.01 6.52 -17.49
CA THR C 278 34.95 5.13 -17.89
C THR C 278 35.95 4.31 -17.07
N LEU C 279 35.74 3.00 -17.04
CA LEU C 279 36.58 2.11 -16.25
C LEU C 279 38.00 2.10 -16.81
N THR C 280 38.96 1.91 -15.90
CA THR C 280 40.37 1.78 -16.25
C THR C 280 40.95 0.57 -15.54
N SER C 281 42.24 0.32 -15.78
CA SER C 281 42.87 -0.88 -15.22
C SER C 281 43.11 -0.74 -13.71
N GLU C 282 43.45 0.47 -13.25
CA GLU C 282 43.76 0.65 -11.84
C GLU C 282 42.55 0.35 -10.97
N ASP C 283 41.34 0.69 -11.44
CA ASP C 283 40.15 0.39 -10.66
C ASP C 283 39.96 -1.11 -10.49
N ILE C 284 40.16 -1.89 -11.55
CA ILE C 284 40.00 -3.33 -11.46
C ILE C 284 41.07 -3.95 -10.56
N LEU C 285 42.32 -3.50 -10.72
CA LEU C 285 43.39 -4.00 -9.86
C LEU C 285 43.12 -3.67 -8.40
N ALA C 286 42.65 -2.46 -8.12
CA ALA C 286 42.37 -2.04 -6.75
C ALA C 286 41.20 -2.81 -6.16
N ALA C 287 40.17 -3.09 -6.98
CA ALA C 287 39.04 -3.88 -6.49
C ALA C 287 39.48 -5.30 -6.14
N ILE C 288 40.32 -5.91 -6.98
CA ILE C 288 40.83 -7.26 -6.68
C ILE C 288 41.67 -7.23 -5.41
N ASP C 289 42.53 -6.22 -5.27
CA ASP C 289 43.37 -6.12 -4.08
C ASP C 289 42.53 -5.94 -2.82
N TYR C 290 41.50 -5.10 -2.88
CA TYR C 290 40.63 -4.89 -1.73
C TYR C 290 39.89 -6.18 -1.37
N LEU C 291 39.46 -6.94 -2.38
CA LEU C 291 38.81 -8.22 -2.09
C LEU C 291 39.77 -9.18 -1.40
N ILE C 292 41.01 -9.24 -1.87
CA ILE C 292 41.99 -10.13 -1.24
C ILE C 292 42.24 -9.73 0.21
N ASN C 293 42.42 -8.42 0.45
CA ASN C 293 42.67 -7.95 1.81
C ASN C 293 41.47 -8.22 2.72
N LEU C 294 40.26 -8.01 2.21
CA LEU C 294 39.07 -8.31 3.00
C LEU C 294 38.98 -9.80 3.32
N GLU C 295 39.39 -10.66 2.38
CA GLU C 295 39.43 -12.08 2.66
C GLU C 295 40.45 -12.41 3.76
N LEU C 296 41.62 -11.78 3.71
CA LEU C 296 42.72 -12.12 4.60
C LEU C 296 42.71 -11.35 5.90
N ASP C 297 41.72 -10.47 6.12
CA ASP C 297 41.60 -9.66 7.33
C ASP C 297 42.88 -8.83 7.51
N LEU C 298 43.04 -7.86 6.61
CA LEU C 298 44.20 -6.98 6.67
C LEU C 298 44.09 -5.96 7.79
N GLY C 299 42.91 -5.35 7.95
CA GLY C 299 42.72 -4.39 9.01
C GLY C 299 41.99 -3.12 8.60
N GLY C 300 42.18 -2.70 7.35
CA GLY C 300 41.55 -1.49 6.87
C GLY C 300 40.41 -1.71 5.90
N CYS C 301 39.79 -2.88 5.94
CA CYS C 301 38.76 -3.26 5.00
C CYS C 301 37.47 -3.60 5.75
N GLU C 302 36.33 -3.34 5.11
CA GLU C 302 35.05 -3.49 5.77
C GLU C 302 33.96 -3.64 4.71
N VAL C 303 32.96 -4.49 5.01
CA VAL C 303 31.83 -4.70 4.11
C VAL C 303 30.91 -3.49 4.18
N ASP C 304 29.99 -3.38 3.22
CA ASP C 304 29.15 -2.21 3.09
C ASP C 304 27.71 -2.49 3.51
N ASP C 305 27.04 -1.44 4.00
CA ASP C 305 25.62 -1.46 4.27
C ASP C 305 24.91 -0.70 3.17
N ILE C 306 23.88 -1.32 2.57
CA ILE C 306 23.23 -0.73 1.41
C ILE C 306 22.07 0.18 1.77
N ASP C 307 21.56 0.11 3.01
CA ASP C 307 20.50 0.99 3.45
C ASP C 307 21.02 2.30 4.03
N HIS C 308 22.33 2.42 4.23
CA HIS C 308 22.92 3.66 4.71
C HIS C 308 22.61 4.80 3.77
N LEU C 309 22.29 5.97 4.33
CA LEU C 309 22.00 7.12 3.50
C LEU C 309 23.25 7.70 2.84
N GLY C 310 24.43 7.19 3.17
CA GLY C 310 25.63 7.54 2.43
C GLY C 310 25.84 6.73 1.17
N ASN C 311 25.05 5.68 0.97
CA ASN C 311 25.09 4.86 -0.24
C ASN C 311 23.84 5.04 -1.09
N ARG C 312 23.05 6.07 -0.82
CA ARG C 312 21.79 6.29 -1.53
C ARG C 312 21.73 7.72 -2.03
N ARG C 313 21.05 7.91 -3.16
CA ARG C 313 21.06 9.15 -3.92
C ARG C 313 19.63 9.59 -4.22
N VAL C 314 19.50 10.86 -4.59
CA VAL C 314 18.22 11.46 -4.96
C VAL C 314 18.31 11.95 -6.39
N ARG C 315 17.34 11.57 -7.21
CA ARG C 315 17.19 12.07 -8.58
C ARG C 315 15.92 12.90 -8.68
N SER C 316 16.03 14.04 -9.37
CA SER C 316 14.91 14.96 -9.55
C SER C 316 14.68 15.25 -11.02
N VAL C 317 13.86 16.26 -11.32
CA VAL C 317 13.37 16.48 -12.69
C VAL C 317 14.51 16.66 -13.68
N GLY C 318 15.61 17.28 -13.27
CA GLY C 318 16.70 17.53 -14.20
C GLY C 318 17.30 16.27 -14.78
N GLU C 319 17.62 15.30 -13.93
CA GLU C 319 18.24 14.07 -14.41
C GLU C 319 17.30 13.25 -15.29
N LEU C 320 16.03 13.12 -14.88
CA LEU C 320 15.08 12.35 -15.65
C LEU C 320 14.81 12.98 -17.01
N LEU C 321 14.68 14.31 -17.05
CA LEU C 321 14.53 14.99 -18.33
C LEU C 321 15.77 14.81 -19.19
N GLN C 322 16.96 14.81 -18.58
CA GLN C 322 18.19 14.59 -19.33
C GLN C 322 18.20 13.21 -19.98
N ASN C 323 17.76 12.19 -19.25
CA ASN C 323 17.70 10.84 -19.83
C ASN C 323 16.72 10.77 -20.99
N GLN C 324 15.55 11.39 -20.84
CA GLN C 324 14.58 11.36 -21.94
C GLN C 324 15.12 12.08 -23.17
N VAL C 325 15.78 13.22 -22.97
CA VAL C 325 16.37 13.96 -24.08
C VAL C 325 17.44 13.13 -24.77
N ARG C 326 18.23 12.40 -23.99
CA ARG C 326 19.27 11.54 -24.58
C ARG C 326 18.66 10.47 -25.47
N VAL C 327 17.59 9.81 -25.01
CA VAL C 327 16.96 8.77 -25.82
C VAL C 327 16.41 9.35 -27.11
N GLY C 328 15.69 10.47 -27.02
CA GLY C 328 15.16 11.10 -28.21
C GLY C 328 16.25 11.49 -29.20
N LEU C 329 17.38 11.98 -28.68
CA LEU C 329 18.48 12.38 -29.56
C LEU C 329 19.10 11.19 -30.26
N ASN C 330 19.19 10.05 -29.57
CA ASN C 330 19.70 8.85 -30.24
C ASN C 330 18.80 8.46 -31.40
N ARG C 331 17.49 8.46 -31.18
CA ARG C 331 16.57 8.14 -32.28
C ARG C 331 16.71 9.13 -33.43
N LEU C 332 16.85 10.41 -33.11
CA LEU C 332 17.01 11.44 -34.15
C LEU C 332 18.27 11.21 -34.95
N GLU C 333 19.38 10.84 -34.29
CA GLU C 333 20.61 10.59 -35.02
C GLU C 333 20.47 9.39 -35.95
N ARG C 334 19.73 8.38 -35.52
CA ARG C 334 19.48 7.23 -36.40
C ARG C 334 18.73 7.67 -37.66
N ILE C 335 17.69 8.49 -37.48
CA ILE C 335 16.94 8.97 -38.64
C ILE C 335 17.81 9.81 -39.56
N ILE C 336 18.63 10.69 -38.98
CA ILE C 336 19.49 11.57 -39.79
C ILE C 336 20.48 10.74 -40.60
N ARG C 337 21.11 9.74 -39.97
CA ARG C 337 22.07 8.91 -40.69
C ARG C 337 21.39 8.13 -41.80
N GLU C 338 20.19 7.63 -41.55
CA GLU C 338 19.46 6.90 -42.59
C GLU C 338 19.11 7.81 -43.76
N ARG C 339 18.71 9.04 -43.48
CA ARG C 339 18.20 9.93 -44.53
C ARG C 339 19.31 10.61 -45.31
N MET C 340 20.47 10.85 -44.69
CA MET C 340 21.50 11.66 -45.33
C MET C 340 22.10 10.98 -46.56
N THR C 341 22.16 9.64 -46.56
CA THR C 341 22.83 8.90 -47.63
C THR C 341 21.91 8.56 -48.80
N VAL C 342 20.60 8.81 -48.68
CA VAL C 342 19.67 8.40 -49.74
C VAL C 342 19.83 9.27 -50.98
N SER C 343 20.46 10.43 -50.88
CA SER C 343 20.61 11.35 -51.99
C SER C 343 22.06 11.37 -52.46
N ASP C 344 22.28 11.22 -53.77
CA ASP C 344 23.62 11.27 -54.33
C ASP C 344 24.08 12.72 -54.47
N SER C 345 23.38 13.50 -55.29
CA SER C 345 23.62 14.92 -55.35
C SER C 345 23.26 15.55 -54.01
N ASP C 346 23.99 16.60 -53.63
CA ASP C 346 23.78 17.18 -52.32
C ASP C 346 22.36 17.72 -52.18
N SER C 347 22.07 18.83 -52.87
CA SER C 347 20.75 19.47 -52.87
C SER C 347 20.11 19.42 -51.47
N LEU C 348 20.90 19.76 -50.46
CA LEU C 348 20.53 19.52 -49.08
C LEU C 348 20.82 20.75 -48.22
N SER C 349 20.08 20.85 -47.13
CA SER C 349 20.25 21.88 -46.13
C SER C 349 20.07 21.27 -44.76
N PRO C 350 20.68 21.86 -43.72
CA PRO C 350 20.48 21.30 -42.36
C PRO C 350 19.04 21.35 -41.90
N ALA C 351 18.22 22.26 -42.43
CA ALA C 351 16.82 22.31 -42.06
C ALA C 351 16.07 21.08 -42.55
N SER C 352 16.39 20.60 -43.75
CA SER C 352 15.68 19.49 -44.35
C SER C 352 16.23 18.13 -43.90
N LEU C 353 17.24 18.12 -43.05
CA LEU C 353 17.87 16.89 -42.60
C LEU C 353 17.36 16.38 -41.26
N VAL C 354 17.05 17.29 -40.33
CA VAL C 354 16.62 16.89 -38.99
C VAL C 354 15.10 16.83 -38.95
N ASN C 355 14.59 15.85 -38.21
CA ASN C 355 13.15 15.68 -37.99
C ASN C 355 12.90 15.66 -36.50
N PRO C 356 12.21 16.66 -35.95
CA PRO C 356 12.04 16.74 -34.49
C PRO C 356 10.92 15.89 -33.93
N LYS C 357 10.36 14.94 -34.69
CA LYS C 357 9.24 14.16 -34.18
C LYS C 357 9.62 13.25 -33.01
N PRO C 358 10.69 12.44 -33.08
CA PRO C 358 11.00 11.57 -31.94
C PRO C 358 11.28 12.31 -30.64
N LEU C 359 11.95 13.46 -30.70
CA LEU C 359 12.23 14.21 -29.47
C LEU C 359 10.96 14.79 -28.87
N VAL C 360 10.09 15.34 -29.72
CA VAL C 360 8.80 15.86 -29.26
C VAL C 360 7.98 14.75 -28.62
N ALA C 361 7.97 13.56 -29.25
CA ALA C 361 7.23 12.44 -28.70
C ALA C 361 7.79 12.02 -27.34
N ALA C 362 9.11 11.96 -27.21
CA ALA C 362 9.72 11.55 -25.95
C ALA C 362 9.39 12.52 -24.83
N ILE C 363 9.48 13.83 -25.10
CA ILE C 363 9.15 14.82 -24.08
C ILE C 363 7.69 14.75 -23.69
N LYS C 364 6.80 14.60 -24.68
CA LYS C 364 5.38 14.49 -24.38
C LYS C 364 5.09 13.26 -23.52
N GLU C 365 5.72 12.13 -23.84
CA GLU C 365 5.48 10.92 -23.07
C GLU C 365 6.00 11.08 -21.65
N PHE C 366 7.16 11.72 -21.46
CA PHE C 366 7.66 11.91 -20.11
C PHE C 366 6.73 12.79 -19.28
N PHE C 367 6.24 13.88 -19.86
CA PHE C 367 5.46 14.82 -19.05
C PHE C 367 3.98 14.45 -18.93
N GLY C 368 3.47 13.56 -19.77
CA GLY C 368 2.06 13.24 -19.68
C GLY C 368 1.69 11.83 -19.24
N SER C 369 2.50 10.84 -19.59
CA SER C 369 2.14 9.44 -19.40
C SER C 369 3.14 8.67 -18.56
N SER C 370 4.12 9.33 -17.97
CA SER C 370 5.08 8.63 -17.14
C SER C 370 4.50 8.37 -15.76
N GLN C 371 5.14 7.47 -15.02
CA GLN C 371 4.74 7.19 -13.65
C GLN C 371 5.54 7.99 -12.62
N LEU C 372 6.41 8.89 -13.08
CA LEU C 372 7.09 9.82 -12.19
C LEU C 372 6.48 11.21 -12.21
N SER C 373 5.66 11.53 -13.20
CA SER C 373 4.90 12.77 -13.25
C SER C 373 3.51 12.50 -12.72
N GLN C 374 3.11 13.22 -11.68
CA GLN C 374 1.91 12.88 -10.93
C GLN C 374 0.95 14.06 -10.85
N PHE C 375 -0.34 13.71 -10.82
CA PHE C 375 -1.41 14.68 -10.65
C PHE C 375 -1.29 15.35 -9.29
N MET C 376 -1.32 16.67 -9.29
CA MET C 376 -1.04 17.43 -8.08
C MET C 376 -2.11 17.23 -7.02
N ASP C 377 -1.69 17.18 -5.76
CA ASP C 377 -2.60 17.23 -4.62
C ASP C 377 -2.81 18.69 -4.23
N GLN C 378 -4.06 19.14 -4.26
CA GLN C 378 -4.36 20.56 -4.14
C GLN C 378 -5.57 20.83 -3.27
N THR C 379 -5.82 20.00 -2.26
CA THR C 379 -6.95 20.24 -1.37
C THR C 379 -6.79 21.54 -0.58
N ASN C 380 -5.59 21.79 -0.08
CA ASN C 380 -5.27 23.02 0.63
C ASN C 380 -3.78 23.28 0.48
N PRO C 381 -3.31 24.45 0.91
CA PRO C 381 -1.87 24.75 0.75
C PRO C 381 -0.92 23.77 1.44
N LEU C 382 -1.32 23.14 2.55
CA LEU C 382 -0.41 22.21 3.21
C LEU C 382 -0.18 20.96 2.38
N ALA C 383 -1.24 20.39 1.81
CA ALA C 383 -1.10 19.23 0.95
C ALA C 383 -0.25 19.56 -0.29
N GLU C 384 -0.48 20.72 -0.87
CA GLU C 384 0.31 21.17 -2.00
C GLU C 384 1.79 21.32 -1.64
N LEU C 385 2.07 21.88 -0.46
CA LEU C 385 3.45 22.05 -0.05
C LEU C 385 4.15 20.71 0.20
N THR C 386 3.46 19.76 0.84
CA THR C 386 4.11 18.50 1.14
C THR C 386 4.13 17.54 -0.04
N HIS C 387 3.40 17.81 -1.12
CA HIS C 387 3.52 16.94 -2.28
C HIS C 387 4.80 17.16 -3.07
N LYS C 388 5.43 18.33 -2.94
CA LYS C 388 6.67 18.62 -3.65
C LYS C 388 7.92 18.21 -2.88
N ARG C 389 7.79 17.80 -1.62
CA ARG C 389 8.91 17.40 -0.78
C ARG C 389 8.88 15.91 -0.47
N ARG C 390 8.31 15.11 -1.36
CA ARG C 390 8.10 13.69 -1.15
C ARG C 390 9.21 12.90 -1.84
N LEU C 391 9.63 11.81 -1.21
CA LEU C 391 10.68 10.95 -1.73
C LEU C 391 10.13 9.54 -1.94
N SER C 392 10.30 9.01 -3.13
CA SER C 392 9.74 7.71 -3.51
C SER C 392 10.86 6.72 -3.81
N ALA C 393 10.64 5.46 -3.46
CA ALA C 393 11.59 4.39 -3.71
C ALA C 393 11.17 3.50 -4.88
N LEU C 394 10.13 3.88 -5.61
CA LEU C 394 9.60 3.07 -6.70
C LEU C 394 9.67 3.86 -7.99
N GLY C 395 9.75 3.15 -9.11
CA GLY C 395 9.73 3.79 -10.41
C GLY C 395 10.65 3.13 -11.42
N PRO C 396 10.80 3.78 -12.57
CA PRO C 396 11.68 3.22 -13.62
C PRO C 396 13.15 3.36 -13.27
N GLY C 397 13.68 2.40 -12.50
CA GLY C 397 15.07 2.45 -12.11
C GLY C 397 15.26 2.27 -10.62
N GLY C 398 14.17 1.92 -9.94
CA GLY C 398 14.20 1.70 -8.51
C GLY C 398 13.74 0.30 -8.13
N LEU C 399 12.72 0.22 -7.28
CA LEU C 399 12.22 -1.04 -6.77
C LEU C 399 10.90 -1.40 -7.42
N THR C 400 10.41 -2.59 -7.09
CA THR C 400 9.08 -3.05 -7.47
C THR C 400 8.35 -3.49 -6.22
N ARG C 401 7.01 -3.44 -6.26
CA ARG C 401 6.22 -3.66 -5.05
C ARG C 401 6.40 -5.07 -4.50
N GLU C 402 6.50 -6.07 -5.39
CA GLU C 402 6.63 -7.45 -4.96
C GLU C 402 8.02 -7.79 -4.46
N ARG C 403 9.02 -6.96 -4.76
CA ARG C 403 10.40 -7.21 -4.40
C ARG C 403 10.84 -6.46 -3.15
N ALA C 404 10.22 -5.33 -2.84
CA ALA C 404 10.51 -4.61 -1.61
C ALA C 404 10.04 -5.40 -0.40
N GLY C 405 10.91 -5.52 0.61
CA GLY C 405 10.61 -6.31 1.78
C GLY C 405 10.72 -5.57 3.09
N PHE C 406 11.04 -6.31 4.16
CA PHE C 406 11.05 -5.73 5.49
C PHE C 406 12.20 -4.75 5.68
N ALA C 407 13.33 -4.97 4.99
CA ALA C 407 14.52 -4.17 5.23
C ALA C 407 14.42 -2.78 4.62
N VAL C 408 13.68 -2.63 3.52
CA VAL C 408 13.59 -1.34 2.86
C VAL C 408 12.56 -0.42 3.51
N ARG C 409 11.62 -0.98 4.27
CA ARG C 409 10.54 -0.21 4.88
C ARG C 409 10.81 0.17 6.32
N ASP C 410 12.03 -0.04 6.81
CA ASP C 410 12.35 0.21 8.20
C ASP C 410 12.92 1.62 8.38
N ILE C 411 13.28 1.94 9.62
CA ILE C 411 13.94 3.18 9.95
C ILE C 411 15.40 2.87 10.21
N HIS C 412 16.26 3.54 9.52
CA HIS C 412 17.70 3.39 9.73
C HIS C 412 18.19 4.48 10.67
N PRO C 413 19.23 4.22 11.47
CA PRO C 413 19.79 5.28 12.32
C PRO C 413 20.42 6.42 11.55
N SER C 414 20.57 6.31 10.23
CA SER C 414 21.14 7.37 9.43
C SER C 414 20.10 8.31 8.85
N HIS C 415 18.81 8.07 9.12
CA HIS C 415 17.74 8.97 8.71
C HIS C 415 17.61 10.19 9.61
N TYR C 416 18.38 10.24 10.69
CA TYR C 416 18.22 11.25 11.74
C TYR C 416 18.44 12.67 11.21
N GLY C 417 17.38 13.45 11.13
CA GLY C 417 17.48 14.80 10.65
C GLY C 417 17.40 14.95 9.15
N ARG C 418 17.14 13.88 8.42
CA ARG C 418 17.08 13.90 6.96
C ARG C 418 15.77 13.38 6.40
N ILE C 419 15.17 12.38 7.03
CA ILE C 419 13.86 11.85 6.63
C ILE C 419 12.99 11.75 7.88
N CYS C 420 11.74 12.20 7.77
CA CYS C 420 10.83 12.19 8.91
C CYS C 420 10.47 10.76 9.31
N PRO C 421 10.49 10.42 10.60
CA PRO C 421 10.16 9.06 11.02
C PRO C 421 8.67 8.81 11.27
N ILE C 422 7.80 9.78 10.99
CA ILE C 422 6.40 9.70 11.34
C ILE C 422 5.51 9.63 10.10
N GLU C 423 5.65 10.58 9.19
CA GLU C 423 4.70 10.74 8.09
C GLU C 423 4.95 9.68 7.02
N THR C 424 4.02 8.73 6.92
CA THR C 424 4.00 7.71 5.88
C THR C 424 2.54 7.33 5.63
N PRO C 425 2.25 6.59 4.57
CA PRO C 425 0.92 6.00 4.42
C PRO C 425 0.74 4.79 5.33
N GLU C 426 -0.50 4.28 5.34
CA GLU C 426 -0.82 3.03 6.00
C GLU C 426 -1.36 2.07 4.95
N GLY C 427 -0.89 0.83 4.97
CA GLY C 427 -1.29 -0.15 4.00
C GLY C 427 -0.13 -0.62 3.14
N PRO C 428 -0.39 -0.87 1.86
CA PRO C 428 0.67 -1.40 0.99
C PRO C 428 1.80 -0.42 0.72
N ASN C 429 1.61 0.87 0.97
CA ASN C 429 2.62 1.88 0.68
C ASN C 429 3.35 2.37 1.92
N ALA C 430 3.22 1.66 3.04
CA ALA C 430 3.82 2.10 4.29
C ALA C 430 5.33 1.85 4.26
N GLY C 431 6.10 2.93 4.42
CA GLY C 431 7.54 2.85 4.37
C GLY C 431 8.15 3.00 2.99
N LEU C 432 7.34 3.05 1.94
CA LEU C 432 7.83 3.19 0.58
C LEU C 432 7.79 4.62 0.07
N ILE C 433 7.04 5.50 0.71
CA ILE C 433 7.05 6.93 0.41
C ILE C 433 7.37 7.68 1.69
N GLY C 434 8.32 8.62 1.62
CA GLY C 434 8.74 9.38 2.77
C GLY C 434 8.73 10.88 2.50
N SER C 435 9.06 11.63 3.53
CA SER C 435 9.02 13.09 3.46
C SER C 435 10.31 13.68 3.99
N LEU C 436 10.80 14.71 3.31
CA LEU C 436 12.01 15.40 3.73
C LEU C 436 11.78 16.14 5.05
N ALA C 437 12.80 16.17 5.89
CA ALA C 437 12.70 16.84 7.18
C ALA C 437 12.76 18.36 6.99
N THR C 438 12.72 19.09 8.10
CA THR C 438 12.49 20.53 8.04
C THR C 438 13.72 21.29 7.55
N HIS C 439 14.90 20.91 8.02
CA HIS C 439 16.12 21.66 7.75
C HIS C 439 17.02 21.00 6.70
N ALA C 440 16.63 19.85 6.18
CA ALA C 440 17.50 19.10 5.28
C ALA C 440 17.56 19.74 3.90
N ARG C 441 18.67 19.51 3.20
CA ARG C 441 18.85 19.98 1.84
C ARG C 441 19.79 19.04 1.10
N VAL C 442 19.68 19.01 -0.22
CA VAL C 442 20.38 18.06 -1.09
C VAL C 442 21.50 18.81 -1.81
N ASN C 443 22.71 18.25 -1.76
CA ASN C 443 23.86 18.87 -2.39
C ASN C 443 23.93 18.46 -3.87
N ASP C 444 25.03 18.85 -4.54
CA ASP C 444 25.11 18.66 -5.98
C ASP C 444 25.48 17.24 -6.39
N TYR C 445 25.85 16.39 -5.43
CA TYR C 445 26.07 14.98 -5.75
C TYR C 445 24.79 14.18 -5.60
N GLY C 446 23.85 14.64 -4.76
CA GLY C 446 22.58 13.97 -4.61
C GLY C 446 22.36 13.40 -3.22
N PHE C 447 23.14 13.86 -2.25
CA PHE C 447 23.08 13.35 -0.88
C PHE C 447 22.45 14.39 0.03
N ILE C 448 21.65 13.92 0.99
CA ILE C 448 20.93 14.80 1.89
C ILE C 448 21.85 15.24 3.03
N GLU C 449 21.82 16.53 3.34
CA GLU C 449 22.62 17.14 4.39
C GLU C 449 21.73 17.75 5.46
N THR C 450 22.36 18.19 6.55
CA THR C 450 21.66 18.77 7.68
C THR C 450 22.64 19.61 8.48
N PRO C 451 22.19 20.69 9.13
CA PRO C 451 23.11 21.65 9.75
C PRO C 451 23.37 21.41 11.23
N PHE C 452 24.54 21.89 11.66
CA PHE C 452 25.00 21.77 13.04
C PHE C 452 25.78 23.03 13.42
N TRP C 453 25.80 23.30 14.72
CA TRP C 453 26.63 24.35 15.31
C TRP C 453 27.84 23.72 15.99
N ARG C 454 28.94 24.48 16.00
CA ARG C 454 30.20 24.03 16.57
C ARG C 454 30.23 24.27 18.07
N VAL C 455 30.94 23.40 18.79
CA VAL C 455 31.09 23.49 20.23
C VAL C 455 32.56 23.48 20.57
N GLU C 456 33.04 24.56 21.17
CA GLU C 456 34.44 24.72 21.54
C GLU C 456 34.55 24.84 23.04
N GLU C 457 35.24 23.88 23.67
CA GLU C 457 35.44 23.85 25.12
C GLU C 457 34.11 23.90 25.88
N GLY C 458 33.11 23.19 25.37
CA GLY C 458 31.81 23.19 25.99
C GLY C 458 30.98 24.42 25.75
N ARG C 459 31.39 25.29 24.83
CA ARG C 459 30.67 26.52 24.52
C ARG C 459 30.11 26.43 23.11
N VAL C 460 28.81 26.68 22.96
CA VAL C 460 28.16 26.59 21.67
C VAL C 460 28.38 27.90 20.92
N ARG C 461 28.99 27.82 19.74
CA ARG C 461 29.29 29.02 18.95
C ARG C 461 28.12 29.29 18.00
N LYS C 462 27.12 30.00 18.49
CA LYS C 462 25.93 30.35 17.73
C LYS C 462 26.14 31.54 16.81
N ASP C 463 27.40 31.90 16.52
CA ASP C 463 27.68 33.04 15.66
C ASP C 463 28.71 32.69 14.59
N LEU C 464 28.76 31.43 14.17
CA LEU C 464 29.81 30.95 13.29
C LEU C 464 29.26 30.04 12.20
N ALA C 465 28.20 30.47 11.51
CA ALA C 465 27.85 29.88 10.21
C ALA C 465 27.67 28.36 10.24
N PRO C 466 26.53 27.84 10.68
CA PRO C 466 26.38 26.39 10.88
C PRO C 466 26.81 25.58 9.66
N VAL C 467 27.38 24.41 9.92
CA VAL C 467 27.97 23.57 8.88
C VAL C 467 26.99 22.46 8.52
N TYR C 468 26.95 22.12 7.24
CA TYR C 468 26.08 21.08 6.72
C TYR C 468 26.89 19.79 6.54
N MET C 469 26.33 18.68 7.00
CA MET C 469 27.08 17.43 7.04
C MET C 469 26.23 16.26 6.58
N THR C 470 26.82 15.34 5.82
CA THR C 470 26.12 14.17 5.33
C THR C 470 26.23 13.03 6.32
N ALA C 471 25.56 11.91 6.01
CA ALA C 471 25.41 10.82 6.97
C ALA C 471 26.75 10.18 7.31
N ASP C 472 27.63 10.03 6.31
CA ASP C 472 28.91 9.37 6.55
C ASP C 472 29.88 10.26 7.31
N GLN C 473 29.81 11.59 7.11
CA GLN C 473 30.73 12.49 7.78
C GLN C 473 30.55 12.45 9.30
N GLU C 474 29.31 12.45 9.77
CA GLU C 474 29.02 12.58 11.19
C GLU C 474 28.94 11.24 11.90
N ASP C 475 29.92 10.38 11.65
CA ASP C 475 29.98 9.09 12.32
C ASP C 475 31.12 8.99 13.32
N ASP C 476 32.19 9.76 13.13
CA ASP C 476 33.29 9.81 14.07
C ASP C 476 33.14 10.93 15.09
N LEU C 477 32.17 11.81 14.92
CA LEU C 477 31.94 12.92 15.83
C LEU C 477 30.90 12.55 16.87
N ARG C 478 30.90 13.30 17.97
CA ARG C 478 29.93 13.14 19.05
C ARG C 478 28.94 14.30 18.94
N VAL C 479 27.74 14.01 18.47
CA VAL C 479 26.73 15.01 18.14
C VAL C 479 25.64 14.96 19.20
N ALA C 480 25.31 16.14 19.77
CA ALA C 480 24.31 16.33 20.81
C ALA C 480 22.97 16.74 20.20
N PRO C 481 21.86 16.46 20.86
CA PRO C 481 20.55 16.82 20.32
C PRO C 481 20.26 18.31 20.43
N GLY C 482 19.18 18.73 19.79
CA GLY C 482 18.79 20.12 19.76
C GLY C 482 18.02 20.61 20.95
N ASP C 483 17.77 19.75 21.94
CA ASP C 483 17.02 20.12 23.14
C ASP C 483 17.92 20.38 24.35
N VAL C 484 19.25 20.38 24.17
CA VAL C 484 20.13 20.71 25.27
C VAL C 484 20.01 22.19 25.60
N ALA C 485 20.13 22.52 26.88
CA ALA C 485 19.88 23.87 27.37
C ALA C 485 21.20 24.56 27.69
N THR C 486 21.33 25.79 27.22
CA THR C 486 22.48 26.65 27.52
C THR C 486 22.04 27.83 28.36
N ASP C 487 23.00 28.47 29.03
CA ASP C 487 22.70 29.49 30.02
C ASP C 487 22.63 30.89 29.44
N ASP C 488 23.52 31.25 28.52
CA ASP C 488 23.50 32.57 27.90
C ASP C 488 23.74 32.45 26.40
N ALA C 489 23.10 31.46 25.77
CA ALA C 489 23.45 31.02 24.42
C ALA C 489 24.94 30.68 24.35
N GLY C 490 25.44 30.10 25.45
CA GLY C 490 26.84 29.82 25.63
C GLY C 490 27.08 28.42 26.16
N TYR C 491 27.71 28.33 27.33
CA TYR C 491 28.14 27.05 27.87
C TYR C 491 26.96 26.12 28.10
N ILE C 492 27.19 24.83 27.84
CA ILE C 492 26.17 23.81 28.02
C ILE C 492 26.04 23.48 29.49
N LEU C 493 24.81 23.54 30.01
CA LEU C 493 24.57 23.23 31.41
C LEU C 493 24.38 21.72 31.60
N GLY C 494 24.60 21.28 32.83
CA GLY C 494 24.48 19.87 33.17
C GLY C 494 25.83 19.22 33.36
N THR C 495 25.78 17.95 33.74
CA THR C 495 26.97 17.15 33.94
C THR C 495 27.05 15.94 33.02
N THR C 496 25.93 15.41 32.57
CA THR C 496 25.91 14.34 31.59
C THR C 496 25.05 14.77 30.40
N ILE C 497 25.52 14.48 29.20
CA ILE C 497 24.88 14.93 27.97
C ILE C 497 24.70 13.75 27.04
N PRO C 498 23.51 13.53 26.49
CA PRO C 498 23.35 12.46 25.49
C PRO C 498 24.01 12.82 24.18
N VAL C 499 24.73 11.85 23.60
CA VAL C 499 25.40 12.03 22.32
C VAL C 499 25.17 10.78 21.48
N ARG C 500 25.44 10.91 20.18
CA ARG C 500 25.41 9.82 19.23
C ARG C 500 26.81 9.62 18.69
N TYR C 501 27.34 8.40 18.82
CA TYR C 501 28.66 8.07 18.29
C TYR C 501 28.55 6.75 17.54
N ARG C 502 28.78 6.80 16.22
CA ARG C 502 28.74 5.62 15.36
C ARG C 502 27.40 4.89 15.47
N GLN C 503 26.32 5.65 15.26
CA GLN C 503 24.96 5.11 15.21
C GLN C 503 24.53 4.46 16.51
N ASP C 504 25.04 4.96 17.64
CA ASP C 504 24.67 4.46 18.95
C ASP C 504 24.41 5.64 19.88
N PHE C 505 23.59 5.42 20.91
CA PHE C 505 23.24 6.44 21.88
C PHE C 505 24.07 6.23 23.13
N THR C 506 24.85 7.25 23.53
CA THR C 506 25.64 7.19 24.75
C THR C 506 25.49 8.51 25.50
N THR C 507 26.22 8.65 26.60
CA THR C 507 26.25 9.89 27.38
C THR C 507 27.70 10.24 27.70
N THR C 508 28.03 11.52 27.58
CA THR C 508 29.38 11.99 27.85
C THR C 508 29.35 13.28 28.65
N THR C 509 30.53 13.63 29.18
CA THR C 509 30.74 14.91 29.81
C THR C 509 30.68 16.02 28.76
N PRO C 510 30.13 17.20 29.09
CA PRO C 510 29.95 18.24 28.08
C PRO C 510 31.19 19.02 27.72
N GLU C 511 32.39 18.57 28.08
CA GLU C 511 33.62 19.08 27.48
C GLU C 511 34.09 18.25 26.30
N ARG C 512 33.34 17.21 25.90
CA ARG C 512 33.78 16.30 24.85
C ARG C 512 32.81 16.18 23.68
N VAL C 513 31.78 17.02 23.61
CA VAL C 513 30.90 17.01 22.44
C VAL C 513 31.52 17.87 21.35
N ASP C 514 31.08 17.64 20.12
CA ASP C 514 31.63 18.29 18.94
C ASP C 514 30.65 19.21 18.23
N TYR C 515 29.41 18.78 18.03
CA TYR C 515 28.42 19.56 17.30
C TYR C 515 27.09 19.45 18.00
N VAL C 516 26.22 20.45 17.76
CA VAL C 516 24.89 20.49 18.34
C VAL C 516 23.88 20.80 17.24
N ALA C 517 22.75 20.12 17.26
CA ALA C 517 21.70 20.37 16.27
C ALA C 517 21.11 21.77 16.46
N LEU C 518 20.57 22.31 15.37
CA LEU C 518 20.09 23.69 15.36
C LEU C 518 18.84 23.88 16.20
N SER C 519 17.84 23.03 16.02
CA SER C 519 16.52 23.24 16.60
C SER C 519 15.93 21.92 17.07
N PRO C 520 15.02 21.95 18.04
CA PRO C 520 14.38 20.69 18.49
C PRO C 520 13.45 20.06 17.47
N VAL C 521 13.00 20.81 16.46
CA VAL C 521 12.10 20.27 15.44
C VAL C 521 12.86 19.89 14.17
N GLN C 522 14.17 19.72 14.26
CA GLN C 522 14.98 19.38 13.09
C GLN C 522 14.73 17.97 12.59
N ILE C 523 14.07 17.12 13.39
CA ILE C 523 13.92 15.71 13.05
C ILE C 523 12.60 15.39 12.35
N ILE C 524 11.61 16.28 12.39
CA ILE C 524 10.29 16.00 11.84
C ILE C 524 10.05 16.89 10.64
N SER C 525 8.95 16.61 9.93
CA SER C 525 8.59 17.31 8.71
C SER C 525 7.76 18.55 9.03
N VAL C 526 7.17 19.15 8.00
CA VAL C 526 6.40 20.38 8.19
C VAL C 526 4.99 20.10 8.68
N ALA C 527 4.39 19.00 8.21
CA ALA C 527 3.05 18.65 8.64
C ALA C 527 3.02 18.22 10.10
N THR C 528 4.05 17.52 10.56
CA THR C 528 4.15 17.08 11.94
C THR C 528 4.62 18.19 12.88
N SER C 529 5.20 19.25 12.34
CA SER C 529 5.66 20.36 13.16
C SER C 529 4.53 21.28 13.59
N LEU C 530 3.31 21.05 13.10
CA LEU C 530 2.16 21.90 13.40
C LEU C 530 1.27 21.34 14.49
N ILE C 531 1.73 20.32 15.21
CA ILE C 531 0.94 19.67 16.26
C ILE C 531 1.49 20.14 17.61
N PRO C 532 0.77 20.95 18.37
CA PRO C 532 1.26 21.34 19.69
C PRO C 532 1.15 20.20 20.70
N PHE C 533 2.02 20.24 21.71
CA PHE C 533 2.07 19.22 22.75
C PHE C 533 2.27 17.83 22.13
N LEU C 534 3.19 17.74 21.17
CA LEU C 534 3.41 16.49 20.45
C LEU C 534 4.10 15.44 21.31
N GLU C 535 4.97 15.85 22.23
CA GLU C 535 5.72 14.91 23.04
C GLU C 535 4.85 14.18 24.06
N HIS C 536 3.56 14.51 24.16
CA HIS C 536 2.62 13.81 25.01
C HIS C 536 1.71 12.88 24.22
N ASP C 537 2.04 12.60 22.97
CA ASP C 537 1.23 11.77 22.08
C ASP C 537 1.98 10.52 21.69
N ASP C 538 1.23 9.48 21.35
CA ASP C 538 1.81 8.29 20.76
C ASP C 538 2.24 8.58 19.31
N ALA C 539 3.07 7.70 18.76
CA ALA C 539 3.57 7.92 17.41
C ALA C 539 2.55 7.55 16.35
N ASN C 540 1.74 6.52 16.60
CA ASN C 540 0.73 6.13 15.62
C ASN C 540 -0.34 7.20 15.46
N ARG C 541 -0.80 7.77 16.56
CA ARG C 541 -1.79 8.84 16.47
C ARG C 541 -1.19 10.12 15.92
N ALA C 542 0.10 10.35 16.15
CA ALA C 542 0.78 11.47 15.49
C ALA C 542 0.81 11.28 13.99
N LEU C 543 1.07 10.05 13.52
CA LEU C 543 1.00 9.76 12.10
C LEU C 543 -0.39 10.05 11.56
N MET C 544 -1.42 9.59 12.29
CA MET C 544 -2.80 9.82 11.84
C MET C 544 -3.13 11.31 11.73
N GLY C 545 -2.75 12.08 12.74
CA GLY C 545 -3.07 13.50 12.73
C GLY C 545 -2.33 14.26 11.65
N SER C 546 -1.06 13.94 11.44
CA SER C 546 -0.31 14.58 10.37
C SER C 546 -0.88 14.24 9.01
N ASN C 547 -1.30 12.99 8.81
CA ASN C 547 -1.91 12.60 7.53
C ASN C 547 -3.26 13.28 7.31
N MET C 548 -4.06 13.40 8.36
CA MET C 548 -5.40 13.97 8.26
C MET C 548 -5.41 15.49 8.17
N GLN C 549 -4.33 16.14 8.58
CA GLN C 549 -4.27 17.60 8.42
C GLN C 549 -4.24 18.04 6.96
N ARG C 550 -3.93 17.13 6.04
CA ARG C 550 -3.82 17.44 4.62
C ARG C 550 -5.06 17.06 3.84
N GLN C 551 -6.15 16.71 4.52
CA GLN C 551 -7.43 16.41 3.88
C GLN C 551 -8.51 17.38 4.30
N ALA C 552 -8.16 18.45 5.01
CA ALA C 552 -9.14 19.43 5.44
C ALA C 552 -9.62 20.26 4.27
N VAL C 553 -10.76 20.91 4.46
CA VAL C 553 -11.46 21.66 3.41
C VAL C 553 -11.43 23.14 3.80
N PRO C 554 -11.08 24.05 2.90
CA PRO C 554 -11.15 25.48 3.23
C PRO C 554 -12.59 25.92 3.46
N LEU C 555 -12.80 26.69 4.53
CA LEU C 555 -14.14 27.05 4.98
C LEU C 555 -14.51 28.46 4.51
N LEU C 556 -15.76 28.83 4.76
CA LEU C 556 -16.30 30.09 4.26
C LEU C 556 -15.60 31.29 4.90
N ARG C 557 -15.39 31.25 6.22
CA ARG C 557 -14.65 32.30 6.93
C ARG C 557 -13.60 31.63 7.81
N PRO C 558 -12.33 31.65 7.42
CA PRO C 558 -11.30 30.95 8.18
C PRO C 558 -10.95 31.67 9.47
N GLU C 559 -10.24 30.97 10.34
CA GLU C 559 -9.93 31.47 11.68
C GLU C 559 -8.66 30.81 12.19
N ARG C 560 -7.81 31.61 12.83
CA ARG C 560 -6.54 31.12 13.36
C ARG C 560 -6.76 30.26 14.61
N PRO C 561 -5.86 29.32 14.88
CA PRO C 561 -5.90 28.62 16.16
C PRO C 561 -5.50 29.53 17.31
N LEU C 562 -5.94 29.17 18.51
CA LEU C 562 -5.52 29.86 19.72
C LEU C 562 -4.28 29.25 20.35
N VAL C 563 -3.95 28.00 20.02
CA VAL C 563 -2.83 27.29 20.63
C VAL C 563 -1.89 26.83 19.52
N GLY C 564 -1.65 27.69 18.54
CA GLY C 564 -0.71 27.38 17.47
C GLY C 564 0.68 27.06 17.98
N THR C 565 1.53 26.61 17.05
CA THR C 565 2.85 26.11 17.38
C THR C 565 4.00 27.01 16.91
N GLY C 566 3.74 27.99 16.06
CA GLY C 566 4.76 28.93 15.63
C GLY C 566 5.22 28.78 14.19
N LEU C 567 4.87 27.69 13.52
CA LEU C 567 5.28 27.47 12.13
C LEU C 567 4.17 27.77 11.13
N GLU C 568 3.01 28.23 11.57
CA GLU C 568 1.91 28.51 10.66
C GLU C 568 2.23 29.60 9.64
N PRO C 569 2.81 30.74 10.01
CA PRO C 569 3.09 31.77 8.99
C PRO C 569 4.10 31.35 7.93
N GLN C 570 4.92 30.33 8.18
CA GLN C 570 5.89 29.89 7.18
C GLN C 570 5.34 28.81 6.26
N ALA C 571 4.37 28.03 6.72
CA ALA C 571 3.74 27.01 5.88
C ALA C 571 2.76 27.60 4.87
N ALA C 572 2.44 28.90 4.99
CA ALA C 572 1.50 29.53 4.08
C ALA C 572 2.16 30.46 3.07
N ARG C 573 3.42 30.83 3.27
CA ARG C 573 4.07 31.77 2.37
C ARG C 573 4.61 31.12 1.11
N ASP C 574 4.61 29.80 1.03
CA ASP C 574 5.17 29.11 -0.14
C ASP C 574 4.12 28.80 -1.20
N SER C 575 2.85 28.71 -0.83
CA SER C 575 1.79 28.47 -1.82
C SER C 575 1.57 29.66 -2.75
N GLY C 576 2.14 30.82 -2.43
CA GLY C 576 2.03 31.99 -3.30
C GLY C 576 0.63 32.56 -3.43
N MET C 577 -0.11 32.64 -2.33
CA MET C 577 -1.45 33.23 -2.33
C MET C 577 -1.60 34.42 -1.40
N VAL C 578 -0.59 34.74 -0.60
CA VAL C 578 -0.60 35.88 0.30
C VAL C 578 0.19 37.01 -0.34
N ILE C 579 -0.35 38.22 -0.29
CA ILE C 579 0.27 39.40 -0.90
C ILE C 579 0.80 40.27 0.22
N THR C 580 2.08 40.63 0.13
CA THR C 580 2.74 41.53 1.06
C THR C 580 3.23 42.77 0.32
N SER C 581 3.17 43.90 0.99
CA SER C 581 3.54 45.17 0.36
C SER C 581 5.05 45.35 0.37
N PRO C 582 5.68 45.60 -0.78
CA PRO C 582 7.12 45.90 -0.82
C PRO C 582 7.45 47.37 -0.67
N VAL C 583 6.51 48.19 -0.23
CA VAL C 583 6.55 49.62 -0.47
C VAL C 583 6.98 50.43 0.75
N ASP C 584 6.28 50.22 1.86
CA ASP C 584 6.34 51.13 3.02
C ASP C 584 5.84 52.50 2.59
N GLY C 585 4.54 52.53 2.31
CA GLY C 585 3.88 53.73 1.81
C GLY C 585 2.43 53.89 2.24
N THR C 586 1.55 54.23 1.29
CA THR C 586 0.15 54.47 1.56
C THR C 586 -0.71 53.73 0.54
N ILE C 587 -1.95 53.45 0.90
CA ILE C 587 -2.89 52.72 0.06
C ILE C 587 -3.92 53.70 -0.48
N SER C 588 -4.09 53.70 -1.80
CA SER C 588 -4.92 54.70 -2.45
C SER C 588 -6.19 54.14 -3.09
N TYR C 589 -6.25 52.84 -3.38
CA TYR C 589 -7.41 52.26 -4.04
C TYR C 589 -7.57 50.82 -3.59
N VAL C 590 -8.71 50.50 -2.98
CA VAL C 590 -9.03 49.14 -2.54
C VAL C 590 -10.35 48.73 -3.18
N ASP C 591 -10.40 47.48 -3.64
CA ASP C 591 -11.55 46.94 -4.33
C ASP C 591 -11.53 45.43 -4.15
N ALA C 592 -12.65 44.79 -4.47
CA ALA C 592 -12.72 43.34 -4.36
C ALA C 592 -11.81 42.62 -5.35
N THR C 593 -11.35 43.32 -6.40
CA THR C 593 -10.51 42.70 -7.40
C THR C 593 -9.20 43.43 -7.67
N HIS C 594 -8.89 44.52 -6.96
CA HIS C 594 -7.71 45.30 -7.26
C HIS C 594 -7.26 46.06 -6.02
N ILE C 595 -5.95 46.13 -5.82
CA ILE C 595 -5.34 46.92 -4.74
C ILE C 595 -4.24 47.76 -5.34
N GLU C 596 -4.10 48.98 -4.82
CA GLU C 596 -3.01 49.86 -5.28
C GLU C 596 -2.37 50.53 -4.08
N VAL C 597 -1.03 50.56 -4.08
CA VAL C 597 -0.26 51.16 -2.99
C VAL C 597 0.74 52.13 -3.59
N THR C 598 0.80 53.35 -3.05
CA THR C 598 1.70 54.40 -3.52
C THR C 598 2.80 54.64 -2.50
N ALA C 599 4.04 54.72 -2.98
CA ALA C 599 5.19 54.93 -2.12
C ALA C 599 5.33 56.41 -1.78
N ASP C 600 6.46 56.77 -1.18
CA ASP C 600 6.82 58.17 -0.96
C ASP C 600 7.55 58.65 -2.20
N THR C 601 6.76 59.13 -3.18
CA THR C 601 7.27 59.53 -4.49
C THR C 601 8.02 58.39 -5.17
N GLY C 602 7.42 57.20 -5.11
CA GLY C 602 8.03 56.01 -5.68
C GLY C 602 7.11 55.22 -6.59
N GLU C 603 6.29 55.94 -7.37
CA GLU C 603 5.36 55.33 -8.31
C GLU C 603 4.30 54.50 -7.60
N LYS C 604 3.57 53.69 -8.36
CA LYS C 604 2.44 52.92 -7.85
C LYS C 604 2.71 51.43 -8.01
N TYR C 605 2.12 50.64 -7.14
CA TYR C 605 2.16 49.19 -7.25
C TYR C 605 0.73 48.66 -7.23
N GLY C 606 0.36 47.90 -8.24
CA GLY C 606 -1.00 47.40 -8.39
C GLY C 606 -1.05 45.89 -8.43
N TYR C 607 -2.04 45.34 -7.73
CA TYR C 607 -2.23 43.89 -7.64
C TYR C 607 -3.65 43.53 -7.99
N ALA C 608 -3.81 42.44 -8.74
CA ALA C 608 -5.10 41.90 -9.12
C ALA C 608 -5.32 40.56 -8.42
N LEU C 609 -6.53 40.33 -7.93
CA LEU C 609 -6.84 39.20 -7.08
C LEU C 609 -7.70 38.18 -7.81
N GLN C 610 -7.38 36.90 -7.66
CA GLN C 610 -8.19 35.84 -8.22
C GLN C 610 -9.47 35.66 -7.42
N LYS C 611 -10.56 35.33 -8.12
CA LYS C 611 -11.89 35.31 -7.52
C LYS C 611 -12.61 34.03 -7.91
N TYR C 612 -12.85 33.16 -6.92
CA TYR C 612 -13.69 31.97 -7.06
C TYR C 612 -13.23 31.07 -8.20
N GLN C 613 -11.95 30.72 -8.18
CA GLN C 613 -11.41 29.77 -9.15
C GLN C 613 -11.57 28.35 -8.60
N ARG C 614 -10.96 27.38 -9.26
CA ARG C 614 -11.19 25.97 -8.98
C ARG C 614 -9.87 25.23 -8.93
N SER C 615 -9.73 24.32 -7.98
CA SER C 615 -8.53 23.53 -7.83
C SER C 615 -8.71 22.17 -8.48
N ASN C 616 -7.67 21.34 -8.41
CA ASN C 616 -7.72 20.02 -9.03
C ASN C 616 -8.80 19.15 -8.40
N GLN C 617 -9.13 19.40 -7.14
CA GLN C 617 -10.06 18.57 -6.39
C GLN C 617 -11.40 19.26 -6.14
N ASP C 618 -11.74 20.26 -6.96
CA ASP C 618 -13.02 20.97 -6.88
C ASP C 618 -13.19 21.70 -5.55
N THR C 619 -12.28 22.62 -5.27
CA THR C 619 -12.37 23.49 -4.12
C THR C 619 -12.08 24.91 -4.57
N CYS C 620 -12.57 25.88 -3.82
CA CYS C 620 -12.45 27.27 -4.25
C CYS C 620 -11.05 27.81 -3.97
N LEU C 621 -10.68 28.82 -4.75
CA LEU C 621 -9.36 29.47 -4.70
C LEU C 621 -9.53 30.98 -4.67
N ASN C 622 -10.30 31.48 -3.71
CA ASN C 622 -10.58 32.90 -3.59
C ASN C 622 -9.37 33.66 -3.02
N GLN C 623 -9.45 34.98 -3.08
CA GLN C 623 -8.43 35.87 -2.54
C GLN C 623 -9.11 37.17 -2.12
N ARG C 624 -8.85 37.62 -0.90
CA ARG C 624 -9.56 38.79 -0.38
C ARG C 624 -8.61 39.80 0.22
N PRO C 625 -8.95 41.09 0.14
CA PRO C 625 -8.12 42.13 0.77
C PRO C 625 -8.42 42.33 2.25
N ILE C 626 -7.43 42.87 2.93
CA ILE C 626 -7.51 43.12 4.37
C ILE C 626 -7.63 44.60 4.69
N VAL C 627 -6.94 45.43 3.92
CA VAL C 627 -6.70 46.83 4.25
C VAL C 627 -7.87 47.71 3.84
N PHE C 628 -7.86 48.95 4.32
CA PHE C 628 -8.84 49.98 3.96
C PHE C 628 -8.13 51.11 3.25
N GLU C 629 -8.91 51.98 2.62
CA GLU C 629 -8.34 53.09 1.86
C GLU C 629 -7.66 54.09 2.79
N GLY C 630 -6.52 54.62 2.34
CA GLY C 630 -5.77 55.59 3.11
C GLY C 630 -5.19 55.04 4.40
N ASP C 631 -4.48 53.91 4.29
CA ASP C 631 -3.90 53.22 5.43
C ASP C 631 -2.38 53.30 5.36
N ARG C 632 -1.76 53.56 6.51
CA ARG C 632 -0.30 53.53 6.59
C ARG C 632 0.18 52.08 6.57
N VAL C 633 1.10 51.77 5.67
CA VAL C 633 1.54 50.40 5.42
C VAL C 633 3.05 50.36 5.49
N GLN C 634 3.59 49.35 6.17
CA GLN C 634 5.02 49.13 6.28
C GLN C 634 5.44 47.97 5.38
N ARG C 635 6.74 47.89 5.12
CA ARG C 635 7.27 46.85 4.24
C ARG C 635 7.11 45.48 4.87
N GLY C 636 6.77 44.49 4.06
CA GLY C 636 6.58 43.14 4.54
C GLY C 636 5.27 42.90 5.27
N GLN C 637 4.32 43.81 5.17
CA GLN C 637 3.03 43.68 5.84
C GLN C 637 2.02 43.04 4.89
N VAL C 638 1.18 42.16 5.44
CA VAL C 638 0.22 41.43 4.63
C VAL C 638 -0.87 42.37 4.12
N ILE C 639 -1.16 42.27 2.83
CA ILE C 639 -2.09 43.17 2.15
C ILE C 639 -3.37 42.43 1.73
N ALA C 640 -3.23 41.22 1.21
CA ALA C 640 -4.36 40.37 0.86
C ALA C 640 -4.00 38.94 1.20
N ASP C 641 -5.01 38.10 1.40
CA ASP C 641 -4.75 36.72 1.77
C ASP C 641 -5.71 35.78 1.05
N GLY C 642 -5.34 34.49 1.06
CA GLY C 642 -6.02 33.48 0.28
C GLY C 642 -7.21 32.88 1.00
N SER C 643 -7.68 31.76 0.45
CA SER C 643 -8.91 31.13 0.91
C SER C 643 -8.72 30.24 2.13
N ALA C 644 -7.49 29.87 2.45
CA ALA C 644 -7.21 29.00 3.59
C ALA C 644 -6.22 29.62 4.56
N THR C 645 -6.09 30.94 4.56
CA THR C 645 -5.23 31.64 5.50
C THR C 645 -5.97 32.82 6.11
N GLU C 646 -5.85 32.96 7.43
CA GLU C 646 -6.18 34.21 8.11
C GLU C 646 -5.00 35.14 7.88
N LYS C 647 -4.88 36.23 8.65
CA LYS C 647 -3.89 37.23 8.30
C LYS C 647 -2.48 36.66 8.42
N GLY C 648 -1.91 36.27 7.29
CA GLY C 648 -0.57 35.73 7.21
C GLY C 648 -0.40 34.23 7.32
N GLU C 649 -1.16 33.58 8.20
CA GLU C 649 -0.89 32.21 8.58
C GLU C 649 -2.04 31.27 8.22
N LEU C 650 -1.71 29.98 8.19
CA LEU C 650 -2.66 28.94 7.81
C LEU C 650 -3.82 28.85 8.79
N ALA C 651 -5.00 28.55 8.26
CA ALA C 651 -6.21 28.46 9.07
C ALA C 651 -7.13 27.40 8.44
N LEU C 652 -7.07 26.18 8.98
CA LEU C 652 -7.79 25.05 8.40
C LEU C 652 -9.05 24.64 9.17
N GLY C 653 -9.20 25.05 10.43
CA GLY C 653 -10.32 24.60 11.23
C GLY C 653 -10.99 25.71 12.02
N GLN C 654 -11.70 25.35 13.09
CA GLN C 654 -12.39 26.33 13.92
C GLN C 654 -12.29 25.95 15.39
N ASN C 655 -12.42 26.96 16.25
CA ASN C 655 -12.38 26.81 17.70
C ASN C 655 -13.80 26.70 18.24
N ILE C 656 -14.12 25.60 18.91
CA ILE C 656 -15.45 25.35 19.41
C ILE C 656 -15.39 24.84 20.85
N LEU C 657 -16.49 25.03 21.58
CA LEU C 657 -16.59 24.55 22.94
C LEU C 657 -16.80 23.04 22.98
N VAL C 658 -15.97 22.35 23.77
CA VAL C 658 -15.99 20.90 23.84
C VAL C 658 -16.12 20.48 25.29
N ALA C 659 -16.85 19.39 25.51
CA ALA C 659 -16.90 18.73 26.80
C ALA C 659 -16.63 17.24 26.62
N TYR C 660 -15.96 16.65 27.60
CA TYR C 660 -15.63 15.21 27.58
C TYR C 660 -16.55 14.47 28.53
N MET C 661 -17.52 13.76 27.97
CA MET C 661 -18.49 12.97 28.74
C MET C 661 -19.31 12.15 27.76
N PRO C 662 -19.93 11.06 28.21
CA PRO C 662 -20.82 10.30 27.33
C PRO C 662 -22.24 10.84 27.34
N TRP C 663 -22.86 10.85 26.16
CA TRP C 663 -24.27 11.18 26.05
C TRP C 663 -25.08 9.88 26.12
N GLU C 664 -26.35 9.91 25.74
CA GLU C 664 -27.19 8.73 25.84
C GLU C 664 -26.96 7.75 24.71
N GLY C 665 -25.71 7.35 24.49
CA GLY C 665 -25.37 6.40 23.46
C GLY C 665 -24.95 6.98 22.12
N TYR C 666 -24.98 8.30 21.97
CA TYR C 666 -24.65 8.95 20.70
C TYR C 666 -23.16 9.20 20.53
N ASN C 667 -22.36 8.92 21.56
CA ASN C 667 -20.91 9.05 21.51
C ASN C 667 -20.24 7.69 21.29
N TYR C 668 -21.01 6.66 20.99
CA TYR C 668 -20.53 5.29 21.12
C TYR C 668 -19.57 4.96 19.99
N GLU C 669 -18.34 4.60 20.35
CA GLU C 669 -17.33 4.08 19.44
C GLU C 669 -17.05 5.06 18.29
N ASP C 670 -16.53 6.23 18.67
CA ASP C 670 -16.00 7.28 17.78
C ASP C 670 -17.07 8.13 17.12
N ALA C 671 -18.34 7.98 17.45
CA ALA C 671 -19.37 8.85 16.91
C ALA C 671 -19.33 10.21 17.59
N ILE C 672 -19.84 11.22 16.90
CA ILE C 672 -19.75 12.61 17.34
C ILE C 672 -21.16 13.21 17.43
N LEU C 673 -21.42 13.91 18.52
CA LEU C 673 -22.66 14.62 18.75
C LEU C 673 -22.37 16.12 18.76
N ILE C 674 -23.03 16.87 17.88
CA ILE C 674 -22.79 18.30 17.74
C ILE C 674 -24.10 19.05 17.99
N SER C 675 -23.99 20.37 17.98
CA SER C 675 -25.11 21.27 18.22
C SER C 675 -25.61 21.85 16.91
N GLU C 676 -26.77 22.51 16.99
CA GLU C 676 -27.39 23.12 15.83
C GLU C 676 -26.87 24.51 15.53
N ARG C 677 -26.07 25.10 16.43
CA ARG C 677 -25.46 26.39 16.16
C ARG C 677 -24.44 26.32 15.04
N LEU C 678 -23.78 25.17 14.89
CA LEU C 678 -22.78 25.01 13.84
C LEU C 678 -23.39 24.97 12.44
N VAL C 679 -24.71 24.90 12.34
CA VAL C 679 -25.40 24.83 11.05
C VAL C 679 -25.94 26.19 10.63
N TYR C 680 -26.64 26.88 11.52
CA TYR C 680 -27.21 28.17 11.15
C TYR C 680 -26.26 29.34 11.36
N ASP C 681 -25.11 29.13 11.99
CA ASP C 681 -24.08 30.16 12.06
C ASP C 681 -23.07 30.06 10.94
N ASP C 682 -23.28 29.12 10.01
CA ASP C 682 -22.41 28.93 8.85
C ASP C 682 -20.98 28.62 9.25
N VAL C 683 -20.81 27.92 10.36
CA VAL C 683 -19.54 27.28 10.68
C VAL C 683 -19.47 25.97 9.91
N TYR C 684 -18.30 25.67 9.35
CA TYR C 684 -18.07 24.42 8.62
C TYR C 684 -18.95 24.32 7.38
N THR C 685 -18.99 25.40 6.59
CA THR C 685 -19.58 25.37 5.26
C THR C 685 -18.53 25.76 4.24
N SER C 686 -18.61 25.15 3.06
CA SER C 686 -17.58 25.31 2.04
C SER C 686 -18.21 25.41 0.66
N ILE C 687 -17.42 25.87 -0.30
CA ILE C 687 -17.84 26.06 -1.68
C ILE C 687 -17.07 25.07 -2.56
N HIS C 688 -17.79 24.36 -3.41
CA HIS C 688 -17.22 23.39 -4.33
C HIS C 688 -17.67 23.72 -5.75
N ILE C 689 -16.73 23.77 -6.69
CA ILE C 689 -16.99 24.15 -8.07
C ILE C 689 -16.67 22.96 -8.98
N GLU C 690 -17.59 22.65 -9.89
CA GLU C 690 -17.44 21.55 -10.83
C GLU C 690 -17.42 22.07 -12.26
N LYS C 691 -16.86 21.26 -13.17
CA LYS C 691 -16.72 21.63 -14.57
C LYS C 691 -17.32 20.55 -15.46
N PHE C 692 -18.14 20.97 -16.43
CA PHE C 692 -18.75 20.08 -17.41
C PHE C 692 -18.32 20.50 -18.81
N GLU C 693 -18.23 19.53 -19.72
CA GLU C 693 -17.70 19.77 -21.04
C GLU C 693 -18.50 19.02 -22.10
N ILE C 694 -18.68 19.66 -23.26
CA ILE C 694 -19.34 19.03 -24.40
C ILE C 694 -18.54 19.37 -25.64
N GLU C 695 -18.53 18.44 -26.61
CA GLU C 695 -17.75 18.58 -27.83
C GLU C 695 -18.66 18.41 -29.03
N ALA C 696 -18.55 19.33 -29.99
CA ALA C 696 -19.24 19.23 -31.27
C ALA C 696 -18.23 18.73 -32.29
N ARG C 697 -18.44 17.52 -32.79
CA ARG C 697 -17.53 16.91 -33.74
C ARG C 697 -18.20 16.80 -35.11
N GLN C 698 -17.49 16.22 -36.07
CA GLN C 698 -18.03 15.96 -37.40
C GLN C 698 -17.96 14.47 -37.69
N THR C 699 -18.95 13.99 -38.44
CA THR C 699 -19.06 12.57 -38.77
C THR C 699 -19.17 12.40 -40.27
N LYS C 700 -18.95 11.16 -40.72
CA LYS C 700 -19.07 10.86 -42.14
C LYS C 700 -20.49 11.09 -42.63
N LEU C 701 -21.48 10.82 -41.79
CA LEU C 701 -22.86 11.15 -42.12
C LEU C 701 -23.04 12.65 -42.29
N GLY C 702 -22.38 13.44 -41.45
CA GLY C 702 -22.45 14.88 -41.51
C GLY C 702 -21.87 15.54 -40.28
N PRO C 703 -21.95 16.86 -40.21
CA PRO C 703 -21.46 17.58 -39.03
C PRO C 703 -22.52 17.63 -37.94
N GLU C 704 -22.09 18.11 -36.78
CA GLU C 704 -22.96 18.29 -35.63
C GLU C 704 -23.17 19.78 -35.37
N GLU C 705 -24.39 20.16 -35.02
CA GLU C 705 -24.76 21.55 -34.81
C GLU C 705 -25.25 21.76 -33.39
N ILE C 706 -24.79 22.84 -32.77
CA ILE C 706 -25.26 23.23 -31.44
C ILE C 706 -26.38 24.25 -31.62
N THR C 707 -27.59 23.88 -31.21
CA THR C 707 -28.76 24.72 -31.40
C THR C 707 -29.82 24.31 -30.39
N ARG C 708 -30.81 25.17 -30.23
CA ARG C 708 -31.89 24.95 -29.30
C ARG C 708 -33.09 24.24 -29.92
N GLU C 709 -33.02 23.91 -31.21
CA GLU C 709 -34.12 23.21 -31.89
C GLU C 709 -34.00 21.70 -31.66
N ILE C 710 -34.22 21.30 -30.42
CA ILE C 710 -34.08 19.89 -30.04
C ILE C 710 -35.42 19.19 -30.26
N PRO C 711 -35.43 17.99 -30.84
CA PRO C 711 -36.69 17.28 -31.05
C PRO C 711 -37.21 16.65 -29.76
N ASN C 712 -38.52 16.41 -29.76
CA ASN C 712 -39.21 15.69 -28.69
C ASN C 712 -39.06 16.38 -27.33
N VAL C 713 -38.98 17.70 -27.34
CA VAL C 713 -38.86 18.48 -26.11
C VAL C 713 -39.83 19.64 -26.18
N GLY C 714 -40.43 19.97 -25.03
CA GLY C 714 -41.36 21.07 -24.96
C GLY C 714 -40.74 22.35 -24.45
N GLU C 715 -41.45 23.45 -24.65
CA GLU C 715 -40.95 24.75 -24.22
C GLU C 715 -40.85 24.86 -22.70
N ASP C 716 -41.45 23.94 -21.97
CA ASP C 716 -41.29 23.91 -20.51
C ASP C 716 -39.91 23.44 -20.09
N ALA C 717 -39.08 22.95 -21.01
CA ALA C 717 -37.72 22.53 -20.72
C ALA C 717 -36.69 23.32 -21.51
N LEU C 718 -37.03 24.53 -21.96
CA LEU C 718 -36.08 25.39 -22.66
C LEU C 718 -36.13 26.82 -22.13
N ARG C 719 -36.43 26.99 -20.84
CA ARG C 719 -36.61 28.33 -20.31
C ARG C 719 -35.29 29.09 -20.24
N GLN C 720 -34.22 28.42 -19.84
CA GLN C 720 -32.98 29.08 -19.45
C GLN C 720 -31.87 28.98 -20.50
N LEU C 721 -32.21 28.62 -21.73
CA LEU C 721 -31.25 28.62 -22.83
C LEU C 721 -31.27 29.96 -23.53
N ASP C 722 -30.13 30.35 -24.09
CA ASP C 722 -29.91 31.70 -24.59
C ASP C 722 -30.12 31.82 -26.09
N GLU C 723 -31.14 31.13 -26.63
CA GLU C 723 -31.51 31.12 -28.04
C GLU C 723 -30.33 30.75 -28.93
N ASN C 724 -29.26 30.23 -28.32
CA ASN C 724 -28.14 29.64 -29.04
C ASN C 724 -27.87 28.22 -28.56
N GLY C 725 -28.65 27.71 -27.61
CA GLY C 725 -28.50 26.36 -27.13
C GLY C 725 -27.63 26.19 -25.92
N ILE C 726 -27.17 27.28 -25.29
CA ILE C 726 -26.29 27.22 -24.14
C ILE C 726 -26.93 27.97 -22.99
N ILE C 727 -26.82 27.41 -21.78
CA ILE C 727 -27.50 27.97 -20.61
C ILE C 727 -26.90 29.34 -20.27
N ARG C 728 -27.63 30.09 -19.44
CA ARG C 728 -27.28 31.44 -19.08
C ARG C 728 -26.61 31.49 -17.70
N VAL C 729 -25.73 32.48 -17.51
CA VAL C 729 -25.01 32.63 -16.26
C VAL C 729 -25.96 33.12 -15.18
N GLY C 730 -25.92 32.48 -14.01
CA GLY C 730 -26.77 32.83 -12.91
C GLY C 730 -28.02 32.00 -12.75
N ALA C 731 -28.14 30.90 -13.49
CA ALA C 731 -29.33 30.05 -13.44
C ALA C 731 -29.13 28.94 -12.44
N TRP C 732 -30.21 28.59 -11.73
CA TRP C 732 -30.20 27.46 -10.81
C TRP C 732 -30.59 26.21 -11.58
N VAL C 733 -29.68 25.23 -11.62
CA VAL C 733 -29.90 23.98 -12.35
C VAL C 733 -30.07 22.86 -11.34
N GLU C 734 -31.17 22.12 -11.48
CA GLU C 734 -31.40 20.91 -10.71
C GLU C 734 -31.03 19.71 -11.56
N SER C 735 -31.24 18.51 -11.02
CA SER C 735 -30.85 17.29 -11.70
C SER C 735 -31.64 17.08 -12.99
N GLY C 736 -30.97 16.52 -14.00
CA GLY C 736 -31.60 16.26 -15.28
C GLY C 736 -31.99 17.49 -16.06
N ASP C 737 -31.17 18.54 -16.02
CA ASP C 737 -31.44 19.78 -16.72
C ASP C 737 -30.47 19.95 -17.88
N ILE C 738 -30.99 20.46 -19.00
CA ILE C 738 -30.17 20.65 -20.19
C ILE C 738 -29.21 21.81 -19.97
N LEU C 739 -27.94 21.58 -20.30
CA LEU C 739 -26.92 22.62 -20.26
C LEU C 739 -26.59 23.16 -21.66
N VAL C 740 -26.22 22.27 -22.57
CA VAL C 740 -25.96 22.62 -23.97
C VAL C 740 -26.75 21.67 -24.84
N GLY C 741 -27.46 22.20 -25.84
CA GLY C 741 -28.28 21.41 -26.73
C GLY C 741 -27.56 21.06 -28.02
N LYS C 742 -27.47 19.77 -28.30
CA LYS C 742 -26.78 19.26 -29.47
C LYS C 742 -27.63 18.23 -30.19
N VAL C 743 -27.49 18.18 -31.53
CA VAL C 743 -28.15 17.20 -32.36
C VAL C 743 -27.13 16.57 -33.30
N THR C 744 -27.22 15.26 -33.47
CA THR C 744 -26.34 14.51 -34.36
C THR C 744 -27.10 14.07 -35.61
N PRO C 745 -26.45 14.06 -36.77
CA PRO C 745 -27.12 13.64 -38.03
C PRO C 745 -27.19 12.12 -38.19
N LYS C 746 -28.23 11.54 -37.63
CA LYS C 746 -28.43 10.11 -37.75
C LYS C 746 -28.91 9.75 -39.16
N GLY C 747 -28.72 8.49 -39.52
CA GLY C 747 -29.13 8.00 -40.82
C GLY C 747 -30.35 7.10 -40.76
N GLU C 748 -31.46 7.56 -41.34
CA GLU C 748 -32.69 6.78 -41.34
C GLU C 748 -33.53 7.10 -42.57
N ALA C 766 -38.43 14.08 -44.07
CA ALA C 766 -38.35 13.54 -42.71
C ALA C 766 -37.25 14.25 -41.92
N ARG C 767 -37.18 13.95 -40.63
CA ARG C 767 -36.16 14.49 -39.74
C ARG C 767 -35.13 13.40 -39.43
N ASP C 768 -33.86 13.70 -39.71
CA ASP C 768 -32.78 12.74 -39.58
C ASP C 768 -31.79 13.10 -38.47
N VAL C 769 -32.24 13.85 -37.47
CA VAL C 769 -31.37 14.27 -36.38
C VAL C 769 -31.81 13.60 -35.09
N ARG C 770 -30.84 13.34 -34.22
CA ARG C 770 -31.07 12.69 -32.94
C ARG C 770 -30.51 13.57 -31.82
N ASP C 771 -31.14 13.48 -30.65
CA ASP C 771 -30.83 14.36 -29.52
C ASP C 771 -29.97 13.61 -28.50
N ASN C 772 -28.77 14.14 -28.23
CA ASN C 772 -27.92 13.65 -27.16
C ASN C 772 -27.25 14.81 -26.44
N SER C 773 -28.03 15.85 -26.14
CA SER C 773 -27.53 17.01 -25.41
C SER C 773 -27.08 16.63 -24.01
N LEU C 774 -26.10 17.35 -23.49
CA LEU C 774 -25.54 17.02 -22.19
C LEU C 774 -26.35 17.65 -21.07
N ARG C 775 -26.56 16.87 -20.01
CA ARG C 775 -27.35 17.28 -18.87
C ARG C 775 -26.55 17.03 -17.59
N VAL C 776 -26.95 17.68 -16.52
CA VAL C 776 -26.21 17.52 -15.25
C VAL C 776 -26.41 16.10 -14.74
N PRO C 777 -25.38 15.47 -14.18
CA PRO C 777 -25.55 14.12 -13.63
C PRO C 777 -26.47 14.13 -12.42
N ASN C 778 -27.04 12.96 -12.15
CA ASN C 778 -27.97 12.83 -11.02
C ASN C 778 -27.25 13.10 -9.71
N GLY C 779 -27.85 13.97 -8.89
CA GLY C 779 -27.26 14.35 -7.62
C GLY C 779 -26.43 15.61 -7.63
N GLU C 780 -26.55 16.45 -8.66
CA GLU C 780 -25.78 17.68 -8.75
C GLU C 780 -26.71 18.86 -8.94
N LYS C 781 -26.41 19.96 -8.26
CA LYS C 781 -27.17 21.20 -8.39
C LYS C 781 -26.28 22.37 -7.99
N GLY C 782 -26.69 23.57 -8.37
CA GLY C 782 -25.97 24.77 -8.00
C GLY C 782 -26.21 25.87 -9.02
N ARG C 783 -25.42 26.92 -8.89
CA ARG C 783 -25.48 28.05 -9.81
C ARG C 783 -24.46 27.90 -10.93
N VAL C 784 -24.81 28.46 -12.09
CA VAL C 784 -23.91 28.52 -13.23
C VAL C 784 -23.12 29.81 -13.12
N VAL C 785 -21.79 29.70 -13.08
CA VAL C 785 -20.95 30.86 -12.84
C VAL C 785 -20.08 31.22 -14.05
N ASP C 786 -19.83 30.29 -14.97
CA ASP C 786 -19.01 30.59 -16.14
C ASP C 786 -19.41 29.66 -17.28
N VAL C 787 -19.47 30.21 -18.50
CA VAL C 787 -19.86 29.46 -19.69
C VAL C 787 -18.85 29.69 -20.82
N ARG C 788 -17.56 29.81 -20.49
CA ARG C 788 -16.55 30.09 -21.51
C ARG C 788 -16.58 29.04 -22.62
N LEU C 789 -16.50 29.51 -23.86
CA LEU C 789 -16.63 28.65 -25.04
C LEU C 789 -15.62 29.06 -26.10
N PHE C 790 -15.17 28.06 -26.88
CA PHE C 790 -14.11 28.24 -27.86
C PHE C 790 -14.54 27.65 -29.20
N THR C 791 -14.08 28.26 -30.29
CA THR C 791 -14.47 27.83 -31.62
C THR C 791 -13.35 28.17 -32.59
N ARG C 792 -13.45 27.61 -33.80
CA ARG C 792 -12.50 27.89 -34.86
C ARG C 792 -12.80 29.26 -35.44
N GLU C 793 -12.13 29.62 -36.54
CA GLU C 793 -12.25 30.91 -37.20
C GLU C 793 -12.22 32.06 -36.19
N GLN C 794 -11.56 31.84 -35.06
CA GLN C 794 -11.44 32.84 -34.02
C GLN C 794 -10.06 32.83 -33.37
N GLY C 795 -9.13 32.01 -33.84
CA GLY C 795 -7.81 31.93 -33.25
C GLY C 795 -7.63 30.90 -32.17
N ASP C 796 -8.54 29.93 -32.07
CA ASP C 796 -8.50 28.92 -31.02
C ASP C 796 -8.12 27.58 -31.62
N GLU C 797 -7.18 26.88 -30.98
CA GLU C 797 -6.80 25.55 -31.40
C GLU C 797 -7.76 24.51 -30.83
N LEU C 798 -8.16 23.57 -31.66
CA LEU C 798 -9.11 22.53 -31.27
C LEU C 798 -8.59 21.16 -31.67
N PRO C 799 -9.00 20.11 -30.97
CA PRO C 799 -8.64 18.76 -31.40
C PRO C 799 -9.21 18.49 -32.77
N PRO C 800 -8.53 17.64 -33.56
CA PRO C 800 -8.92 17.47 -34.97
C PRO C 800 -10.34 16.93 -35.11
N GLY C 801 -11.02 17.41 -36.14
CA GLY C 801 -12.37 16.96 -36.43
C GLY C 801 -13.46 17.58 -35.58
N ALA C 802 -13.13 18.61 -34.79
CA ALA C 802 -14.09 19.25 -33.91
C ALA C 802 -14.29 20.70 -34.33
N ASN C 803 -15.50 21.20 -34.07
CA ASN C 803 -15.89 22.54 -34.47
C ASN C 803 -15.89 23.54 -33.31
N MET C 804 -16.41 23.15 -32.15
CA MET C 804 -16.47 24.06 -31.01
C MET C 804 -16.40 23.24 -29.72
N VAL C 805 -16.01 23.93 -28.65
CA VAL C 805 -15.93 23.36 -27.30
C VAL C 805 -16.65 24.30 -26.36
N VAL C 806 -17.45 23.74 -25.44
CA VAL C 806 -18.19 24.52 -24.46
C VAL C 806 -17.91 23.98 -23.07
N ARG C 807 -17.53 24.86 -22.15
CA ARG C 807 -17.23 24.51 -20.77
C ARG C 807 -18.15 25.29 -19.84
N VAL C 808 -18.76 24.59 -18.88
CA VAL C 808 -19.72 25.18 -17.96
C VAL C 808 -19.26 24.90 -16.53
N TYR C 809 -19.33 25.90 -15.66
CA TYR C 809 -18.90 25.80 -14.28
C TYR C 809 -20.08 26.02 -13.34
N VAL C 810 -20.24 25.11 -12.38
CA VAL C 810 -21.39 25.09 -11.48
C VAL C 810 -20.89 25.04 -10.04
N ALA C 811 -21.39 25.94 -9.20
CA ALA C 811 -20.93 26.09 -7.83
C ALA C 811 -22.06 25.82 -6.85
N GLN C 812 -21.69 25.38 -5.64
CA GLN C 812 -22.67 25.12 -4.59
C GLN C 812 -22.01 25.28 -3.22
N LYS C 813 -22.85 25.50 -2.22
CA LYS C 813 -22.44 25.67 -0.83
C LYS C 813 -22.95 24.49 -0.03
N ARG C 814 -22.05 23.81 0.68
CA ARG C 814 -22.40 22.61 1.45
C ARG C 814 -22.25 22.88 2.94
N LYS C 815 -23.22 22.39 3.71
CA LYS C 815 -23.23 22.52 5.16
C LYS C 815 -22.91 21.19 5.81
N ILE C 816 -22.55 21.26 7.10
CA ILE C 816 -22.28 20.05 7.86
C ILE C 816 -23.59 19.31 8.11
N GLN C 817 -23.53 17.97 8.07
CA GLN C 817 -24.74 17.17 8.22
C GLN C 817 -24.36 15.79 8.72
N VAL C 818 -25.38 15.00 9.06
CA VAL C 818 -25.18 13.69 9.67
C VAL C 818 -24.53 12.76 8.65
N GLY C 819 -23.35 12.25 9.00
CA GLY C 819 -22.58 11.39 8.12
C GLY C 819 -21.26 11.97 7.68
N ASP C 820 -20.94 13.20 8.02
CA ASP C 820 -19.68 13.82 7.64
C ASP C 820 -18.58 13.50 8.66
N LYS C 821 -17.34 13.57 8.20
CA LYS C 821 -16.18 13.23 8.99
C LYS C 821 -15.54 14.47 9.57
N MET C 822 -15.22 14.43 10.86
CA MET C 822 -14.52 15.53 11.53
C MET C 822 -13.25 14.99 12.18
N ALA C 823 -12.29 15.89 12.39
CA ALA C 823 -10.98 15.47 12.85
C ALA C 823 -10.35 16.56 13.71
N GLY C 824 -9.33 16.15 14.47
CA GLY C 824 -8.50 17.07 15.20
C GLY C 824 -7.02 16.86 14.86
N ARG C 825 -6.19 17.72 15.42
CA ARG C 825 -4.75 17.68 15.12
C ARG C 825 -4.01 16.57 15.83
N HIS C 826 -4.64 15.87 16.77
CA HIS C 826 -3.97 14.86 17.57
C HIS C 826 -4.41 13.44 17.23
N GLY C 827 -5.07 13.25 16.10
CA GLY C 827 -5.42 11.93 15.61
C GLY C 827 -6.81 11.44 15.91
N ASN C 828 -7.69 12.28 16.44
CA ASN C 828 -9.03 11.85 16.83
C ASN C 828 -10.01 12.10 15.68
N LYS C 829 -10.46 11.02 15.04
CA LYS C 829 -11.41 11.07 13.94
C LYS C 829 -12.81 10.79 14.45
N GLY C 830 -13.81 11.15 13.65
CA GLY C 830 -15.16 10.78 14.00
C GLY C 830 -16.20 11.07 12.94
N ILE C 831 -17.37 10.44 13.07
CA ILE C 831 -18.48 10.61 12.14
C ILE C 831 -19.65 11.18 12.93
N ILE C 832 -20.30 12.21 12.37
CA ILE C 832 -21.38 12.90 13.07
C ILE C 832 -22.64 12.06 13.01
N SER C 833 -23.26 11.85 14.17
CA SER C 833 -24.42 10.98 14.28
C SER C 833 -25.70 11.69 14.73
N ARG C 834 -25.60 12.89 15.29
CA ARG C 834 -26.77 13.59 15.79
C ARG C 834 -26.49 15.08 15.81
N ILE C 835 -27.53 15.88 15.56
CA ILE C 835 -27.47 17.34 15.60
C ILE C 835 -28.61 17.79 16.51
N LEU C 836 -28.28 18.20 17.73
CA LEU C 836 -29.28 18.51 18.76
C LEU C 836 -29.67 19.99 18.71
N PRO C 837 -30.94 20.31 18.93
CA PRO C 837 -31.31 21.71 19.16
C PRO C 837 -30.67 22.23 20.44
N CYS C 838 -30.42 23.54 20.46
CA CYS C 838 -29.54 24.12 21.46
C CYS C 838 -30.09 24.07 22.88
N GLU C 839 -31.38 23.80 23.06
CA GLU C 839 -31.92 23.67 24.41
C GLU C 839 -31.73 22.28 24.99
N ASP C 840 -31.28 21.31 24.19
CA ASP C 840 -31.01 19.97 24.69
C ASP C 840 -29.57 19.78 25.11
N MET C 841 -28.65 20.60 24.63
CA MET C 841 -27.24 20.45 24.93
C MET C 841 -26.97 20.81 26.40
N PRO C 842 -25.96 20.19 27.01
CA PRO C 842 -25.54 20.62 28.35
C PRO C 842 -25.00 22.04 28.31
N TYR C 843 -25.15 22.75 29.44
CA TYR C 843 -24.76 24.14 29.50
C TYR C 843 -23.93 24.43 30.75
N LEU C 844 -23.26 25.57 30.73
CA LEU C 844 -22.27 25.97 31.72
C LEU C 844 -22.93 26.73 32.86
N PRO C 845 -22.17 27.06 33.92
CA PRO C 845 -22.76 27.83 35.03
C PRO C 845 -23.06 29.28 34.70
N ASP C 846 -22.95 29.67 33.43
CA ASP C 846 -23.38 30.98 32.97
C ASP C 846 -24.47 30.93 31.92
N GLY C 847 -24.91 29.74 31.53
CA GLY C 847 -25.99 29.59 30.58
C GLY C 847 -25.58 29.26 29.17
N THR C 848 -24.28 29.12 28.90
CA THR C 848 -23.79 28.90 27.54
C THR C 848 -23.86 27.43 27.20
N PRO C 849 -24.63 27.02 26.18
CA PRO C 849 -24.62 25.62 25.77
C PRO C 849 -23.32 25.25 25.07
N LEU C 850 -22.99 23.97 25.12
CA LEU C 850 -21.77 23.49 24.51
C LEU C 850 -21.93 23.33 23.01
N ASP C 851 -20.81 23.13 22.32
CA ASP C 851 -20.82 22.91 20.88
C ASP C 851 -20.58 21.48 20.47
N ILE C 852 -19.78 20.72 21.22
CA ILE C 852 -19.49 19.33 20.88
C ILE C 852 -19.23 18.54 22.15
N VAL C 853 -19.69 17.29 22.15
CA VAL C 853 -19.48 16.35 23.26
C VAL C 853 -18.69 15.17 22.73
N LEU C 854 -17.57 14.86 23.40
CA LEU C 854 -16.67 13.80 22.98
C LEU C 854 -16.57 12.73 24.06
N ASN C 855 -16.34 11.50 23.64
CA ASN C 855 -16.28 10.36 24.56
C ASN C 855 -14.91 10.29 25.22
N PRO C 856 -14.83 10.15 26.55
CA PRO C 856 -13.53 10.00 27.21
C PRO C 856 -12.96 8.59 27.13
N LEU C 857 -13.72 7.61 26.65
CA LEU C 857 -13.22 6.26 26.50
C LEU C 857 -12.11 6.17 25.46
N GLY C 858 -12.06 7.10 24.51
CA GLY C 858 -11.10 7.04 23.43
C GLY C 858 -9.73 7.60 23.72
N VAL C 859 -9.55 8.29 24.85
CA VAL C 859 -8.27 8.92 25.19
C VAL C 859 -7.27 7.96 25.81
N PRO C 860 -7.62 7.16 26.86
CA PRO C 860 -6.56 6.43 27.59
C PRO C 860 -6.03 5.20 26.88
N SER C 861 -6.83 4.59 26.00
CA SER C 861 -6.38 3.40 25.29
C SER C 861 -5.57 3.72 24.04
N ARG C 862 -5.54 5.00 23.62
CA ARG C 862 -4.76 5.41 22.46
C ARG C 862 -3.69 6.43 22.79
N MET C 863 -3.72 7.03 23.99
CA MET C 863 -2.64 7.86 24.51
C MET C 863 -2.46 9.15 23.70
N ASN C 864 -3.57 9.86 23.50
CA ASN C 864 -3.53 11.26 23.06
C ASN C 864 -3.80 12.12 24.28
N VAL C 865 -2.75 12.37 25.07
CA VAL C 865 -2.88 13.24 26.23
C VAL C 865 -2.74 14.72 25.85
N GLY C 866 -2.23 15.03 24.66
CA GLY C 866 -2.03 16.41 24.28
C GLY C 866 -3.29 17.17 23.96
N GLN C 867 -4.38 16.47 23.61
CA GLN C 867 -5.62 17.16 23.30
C GLN C 867 -6.22 17.81 24.54
N VAL C 868 -6.03 17.21 25.72
CA VAL C 868 -6.51 17.82 26.95
C VAL C 868 -5.74 19.08 27.29
N PHE C 869 -4.41 19.04 27.14
CA PHE C 869 -3.59 20.24 27.30
C PHE C 869 -4.07 21.34 26.35
N GLU C 870 -4.30 20.98 25.08
CA GLU C 870 -4.74 21.96 24.10
C GLU C 870 -6.09 22.56 24.47
N CYS C 871 -7.02 21.72 24.93
CA CYS C 871 -8.35 22.21 25.32
C CYS C 871 -8.25 23.20 26.48
N MET C 872 -7.47 22.86 27.50
CA MET C 872 -7.38 23.72 28.67
C MET C 872 -6.70 25.05 28.33
N LEU C 873 -5.63 25.01 27.53
CA LEU C 873 -5.00 26.25 27.13
C LEU C 873 -5.90 27.09 26.23
N GLY C 874 -6.71 26.45 25.38
CA GLY C 874 -7.66 27.22 24.58
C GLY C 874 -8.74 27.87 25.42
N TRP C 875 -9.19 27.19 26.48
CA TRP C 875 -10.13 27.81 27.41
C TRP C 875 -9.53 29.06 28.05
N ALA C 876 -8.29 28.94 28.55
CA ALA C 876 -7.63 30.10 29.14
C ALA C 876 -7.42 31.22 28.13
N GLY C 877 -7.03 30.87 26.90
CA GLY C 877 -6.82 31.88 25.88
C GLY C 877 -8.10 32.60 25.47
N GLN C 878 -9.21 31.87 25.37
CA GLN C 878 -10.48 32.53 25.10
C GLN C 878 -10.84 33.49 26.23
N LEU C 879 -10.64 33.08 27.47
CA LEU C 879 -11.00 33.96 28.58
C LEU C 879 -10.06 35.14 28.74
N LEU C 880 -8.84 35.06 28.19
CA LEU C 880 -7.89 36.16 28.26
C LEU C 880 -7.77 36.95 26.96
N ASP C 881 -8.19 36.39 25.83
CA ASP C 881 -7.94 36.95 24.50
C ASP C 881 -6.44 37.10 24.25
N ALA C 882 -5.76 35.96 24.20
CA ALA C 882 -4.30 35.95 24.22
C ALA C 882 -3.64 35.27 23.03
N ARG C 883 -4.12 34.12 22.59
CA ARG C 883 -3.56 33.41 21.43
C ARG C 883 -2.09 33.02 21.67
N PHE C 884 -1.91 32.06 22.56
CA PHE C 884 -0.58 31.56 22.90
C PHE C 884 0.04 30.77 21.76
N LYS C 885 1.37 30.58 21.86
CA LYS C 885 2.14 29.79 20.91
C LYS C 885 3.14 28.95 21.69
N VAL C 886 3.13 27.63 21.46
CA VAL C 886 3.95 26.69 22.19
C VAL C 886 4.73 25.83 21.21
N THR C 887 6.02 25.67 21.46
CA THR C 887 6.81 24.89 20.53
C THR C 887 7.02 23.47 21.05
N PRO C 888 7.09 22.48 20.16
CA PRO C 888 7.20 21.09 20.62
C PRO C 888 8.48 20.84 21.41
N PHE C 889 8.43 19.82 22.27
CA PHE C 889 9.52 19.45 23.15
C PHE C 889 9.93 20.61 24.06
N ASP C 890 8.99 21.03 24.89
CA ASP C 890 9.13 22.23 25.71
C ASP C 890 9.56 21.94 27.14
N GLU C 891 9.99 20.71 27.43
CA GLU C 891 10.33 20.33 28.79
C GLU C 891 11.83 20.37 29.06
N MET C 892 12.62 20.97 28.17
CA MET C 892 14.04 21.11 28.48
C MET C 892 14.30 22.25 29.47
N TYR C 893 13.30 23.07 29.76
CA TYR C 893 13.44 24.21 30.65
C TYR C 893 13.03 23.88 32.08
N GLY C 894 12.12 22.93 32.25
CA GLY C 894 11.68 22.53 33.57
C GLY C 894 11.38 21.05 33.67
N ALA C 895 10.84 20.62 34.82
CA ALA C 895 10.52 19.21 34.98
C ALA C 895 9.14 18.88 34.40
N GLU C 896 8.16 19.73 34.65
CA GLU C 896 6.82 19.61 34.05
C GLU C 896 6.42 21.01 33.61
N ALA C 897 6.82 21.39 32.39
CA ALA C 897 6.60 22.76 31.95
C ALA C 897 5.17 22.98 31.45
N SER C 898 4.62 22.00 30.72
CA SER C 898 3.30 22.18 30.13
C SER C 898 2.23 22.32 31.19
N ARG C 899 2.25 21.43 32.19
CA ARG C 899 1.25 21.49 33.26
C ARG C 899 1.35 22.79 34.03
N LEU C 900 2.57 23.22 34.36
CA LEU C 900 2.73 24.45 35.11
C LEU C 900 2.25 25.66 34.33
N THR C 901 2.58 25.72 33.03
CA THR C 901 2.11 26.84 32.22
C THR C 901 0.58 26.86 32.12
N VAL C 902 -0.04 25.70 31.90
CA VAL C 902 -1.49 25.66 31.77
C VAL C 902 -2.16 26.06 33.08
N ASN C 903 -1.65 25.57 34.21
CA ASN C 903 -2.24 25.92 35.49
C ASN C 903 -2.08 27.41 35.80
N ALA C 904 -0.91 27.97 35.50
CA ALA C 904 -0.69 29.40 35.74
C ALA C 904 -1.60 30.24 34.86
N LYS C 905 -1.76 29.86 33.60
CA LYS C 905 -2.65 30.61 32.70
C LYS C 905 -4.09 30.55 33.17
N LEU C 906 -4.56 29.37 33.61
CA LEU C 906 -5.93 29.25 34.08
C LEU C 906 -6.15 30.07 35.34
N SER C 907 -5.19 30.06 36.27
CA SER C 907 -5.33 30.87 37.48
C SER C 907 -5.34 32.36 37.15
N GLU C 908 -4.49 32.79 36.22
CA GLU C 908 -4.48 34.20 35.82
C GLU C 908 -5.79 34.60 35.17
N ALA C 909 -6.35 33.73 34.33
CA ALA C 909 -7.66 34.01 33.73
C ALA C 909 -8.74 34.12 34.79
N ARG C 910 -8.70 33.25 35.80
CA ARG C 910 -9.67 33.33 36.89
C ARG C 910 -9.56 34.63 37.66
N GLU C 911 -8.32 35.08 37.90
CA GLU C 911 -8.14 36.33 38.65
C GLU C 911 -8.55 37.54 37.82
N GLN C 912 -8.27 37.52 36.52
CA GLN C 912 -8.59 38.66 35.67
C GLN C 912 -10.09 38.77 35.41
N THR C 913 -10.75 37.64 35.15
CA THR C 913 -12.17 37.67 34.79
C THR C 913 -13.03 38.08 35.97
N GLY C 914 -12.78 37.53 37.15
CA GLY C 914 -13.57 37.78 38.33
C GLY C 914 -14.59 36.71 38.66
N GLN C 915 -14.73 35.70 37.81
CA GLN C 915 -15.70 34.63 38.02
C GLN C 915 -15.02 33.45 38.71
N PRO C 916 -15.44 33.05 39.91
CA PRO C 916 -14.75 31.95 40.61
C PRO C 916 -15.01 30.58 40.03
N TRP C 917 -16.07 30.38 39.26
CA TRP C 917 -16.37 29.06 38.72
C TRP C 917 -15.48 28.67 37.56
N VAL C 918 -14.66 29.61 37.05
CA VAL C 918 -13.81 29.32 35.91
C VAL C 918 -12.77 28.25 36.24
N PHE C 919 -12.12 28.37 37.40
CA PHE C 919 -11.03 27.49 37.78
C PHE C 919 -11.24 27.05 39.21
N SER C 920 -11.06 25.75 39.47
CA SER C 920 -11.17 25.19 40.80
C SER C 920 -9.87 24.50 41.17
N ASP C 921 -9.51 24.56 42.45
CA ASP C 921 -8.27 23.96 42.90
C ASP C 921 -8.41 22.47 43.22
N ASP C 922 -9.62 22.04 43.61
CA ASP C 922 -9.83 20.62 43.90
C ASP C 922 -9.77 19.78 42.63
N GLU C 923 -10.49 20.20 41.59
CA GLU C 923 -10.43 19.58 40.26
C GLU C 923 -10.02 20.66 39.27
N PRO C 924 -8.72 20.79 38.98
CA PRO C 924 -8.26 21.88 38.11
C PRO C 924 -8.99 22.01 36.79
N GLY C 925 -9.03 20.96 35.98
CA GLY C 925 -9.57 21.08 34.64
C GLY C 925 -11.06 20.89 34.49
N LYS C 926 -11.80 20.74 35.58
CA LYS C 926 -13.20 20.34 35.55
C LYS C 926 -14.09 21.41 36.16
N ILE C 927 -15.26 21.64 35.55
CA ILE C 927 -16.27 22.55 36.08
C ILE C 927 -17.64 21.89 35.97
N GLN C 928 -18.62 22.48 36.66
CA GLN C 928 -19.96 21.94 36.75
C GLN C 928 -20.76 22.20 35.49
N VAL C 929 -21.57 21.23 35.09
CA VAL C 929 -22.36 21.27 33.87
C VAL C 929 -23.75 20.74 34.19
N TYR C 930 -24.77 21.35 33.61
CA TYR C 930 -26.17 21.01 33.87
C TYR C 930 -26.80 20.34 32.66
N ASP C 931 -27.98 19.76 32.88
CA ASP C 931 -28.71 19.05 31.85
C ASP C 931 -29.77 19.96 31.24
N GLY C 932 -29.73 20.13 29.92
CA GLY C 932 -30.67 21.02 29.26
C GLY C 932 -32.08 20.50 29.17
N ARG C 933 -32.27 19.19 29.32
CA ARG C 933 -33.59 18.58 29.21
C ARG C 933 -34.37 18.62 30.53
N THR C 934 -33.68 18.45 31.66
CA THR C 934 -34.32 18.42 32.96
C THR C 934 -33.86 19.50 33.92
N GLY C 935 -32.66 20.07 33.73
CA GLY C 935 -32.18 21.13 34.59
C GLY C 935 -31.39 20.67 35.79
N GLU C 936 -31.15 19.37 35.95
CA GLU C 936 -30.43 18.79 37.08
C GLU C 936 -28.95 18.64 36.75
N PRO C 937 -28.06 18.96 37.68
CA PRO C 937 -26.63 18.85 37.41
C PRO C 937 -26.16 17.41 37.45
N PHE C 938 -25.14 17.12 36.64
CA PHE C 938 -24.54 15.80 36.64
C PHE C 938 -23.78 15.57 37.95
N ASP C 939 -23.56 14.30 38.27
CA ASP C 939 -23.06 13.95 39.60
C ASP C 939 -21.66 14.51 39.85
N ARG C 940 -20.81 14.48 38.84
CA ARG C 940 -19.43 14.92 38.99
C ARG C 940 -19.07 15.92 37.91
N PRO C 941 -18.15 16.85 38.19
CA PRO C 941 -17.74 17.81 37.17
C PRO C 941 -16.98 17.15 36.02
N VAL C 942 -17.05 17.80 34.86
CA VAL C 942 -16.48 17.27 33.63
C VAL C 942 -15.49 18.29 33.06
N THR C 943 -14.69 17.84 32.09
CA THR C 943 -13.66 18.67 31.46
C THR C 943 -14.23 19.38 30.25
N VAL C 944 -14.10 20.71 30.23
CA VAL C 944 -14.54 21.53 29.11
C VAL C 944 -13.38 22.39 28.63
N GLY C 945 -13.45 22.78 27.37
CA GLY C 945 -12.39 23.61 26.80
C GLY C 945 -12.73 24.09 25.41
N ARG C 946 -11.72 24.62 24.73
CA ARG C 946 -11.82 25.11 23.36
C ARG C 946 -10.95 24.23 22.47
N ALA C 947 -11.56 23.58 21.49
CA ALA C 947 -10.84 22.67 20.61
C ALA C 947 -10.87 23.19 19.18
N TYR C 948 -9.80 22.89 18.45
CA TYR C 948 -9.62 23.31 17.06
C TYR C 948 -9.87 22.11 16.16
N MET C 949 -11.03 22.05 15.54
CA MET C 949 -11.44 20.90 14.75
C MET C 949 -11.55 21.25 13.28
N LEU C 950 -11.33 20.24 12.44
CA LEU C 950 -11.27 20.35 10.99
C LEU C 950 -12.32 19.45 10.35
N LYS C 951 -12.75 19.87 9.16
CA LYS C 951 -13.74 19.15 8.36
C LYS C 951 -13.04 18.56 7.14
N LEU C 952 -13.17 17.25 6.96
CA LEU C 952 -12.40 16.52 5.96
C LEU C 952 -13.18 16.41 4.65
N VAL C 953 -12.48 15.95 3.61
CA VAL C 953 -13.07 15.85 2.26
C VAL C 953 -13.97 14.65 2.07
N HIS C 954 -14.14 13.82 3.10
CA HIS C 954 -14.98 12.62 2.99
C HIS C 954 -16.39 12.98 3.46
N LEU C 955 -17.24 13.35 2.51
CA LEU C 955 -18.59 13.79 2.79
C LEU C 955 -19.58 12.74 2.30
N VAL C 956 -20.70 12.60 3.03
CA VAL C 956 -21.64 11.52 2.77
C VAL C 956 -22.48 11.72 1.52
N ASP C 957 -22.47 12.93 0.94
CA ASP C 957 -23.16 13.15 -0.32
C ASP C 957 -22.49 12.44 -1.48
N ASP C 958 -21.23 12.04 -1.31
CA ASP C 958 -20.46 11.39 -2.37
C ASP C 958 -20.23 9.91 -2.10
N LYS C 959 -20.92 9.33 -1.12
CA LYS C 959 -20.72 7.93 -0.77
C LYS C 959 -21.98 7.08 -0.82
N ILE C 960 -23.14 7.66 -1.11
CA ILE C 960 -24.39 6.91 -1.13
C ILE C 960 -24.73 6.56 -2.57
N HIS C 961 -25.11 5.30 -2.80
CA HIS C 961 -25.42 4.80 -4.14
C HIS C 961 -26.44 3.68 -4.01
N ALA C 962 -27.28 3.55 -5.04
CA ALA C 962 -28.27 2.48 -5.09
C ALA C 962 -28.58 2.16 -6.55
N ARG C 963 -29.07 0.94 -6.77
CA ARG C 963 -29.39 0.47 -8.11
C ARG C 963 -30.50 -0.57 -8.04
N SER C 964 -31.38 -0.54 -9.03
CA SER C 964 -32.34 -1.61 -9.27
C SER C 964 -32.06 -2.36 -10.56
N THR C 965 -31.95 -1.65 -11.68
CA THR C 965 -31.63 -2.25 -12.96
C THR C 965 -31.04 -1.17 -13.86
N GLY C 966 -29.97 -1.52 -14.57
CA GLY C 966 -29.32 -0.57 -15.44
C GLY C 966 -28.56 -1.24 -16.58
N PRO C 967 -27.41 -0.66 -16.94
CA PRO C 967 -26.62 -1.23 -18.03
C PRO C 967 -25.92 -2.52 -17.63
N TYR C 968 -25.62 -3.34 -18.63
CA TYR C 968 -24.97 -4.63 -18.45
C TYR C 968 -23.72 -4.69 -19.30
N SER C 969 -22.78 -5.53 -18.87
CA SER C 969 -21.54 -5.71 -19.61
C SER C 969 -21.80 -6.42 -20.94
N LEU C 970 -20.88 -6.26 -21.87
CA LEU C 970 -21.11 -6.74 -23.23
C LEU C 970 -20.79 -8.22 -23.37
N VAL C 971 -19.66 -8.66 -22.82
CA VAL C 971 -19.22 -10.04 -23.02
C VAL C 971 -19.92 -10.98 -22.04
N THR C 972 -19.88 -10.64 -20.75
CA THR C 972 -20.41 -11.53 -19.71
C THR C 972 -21.87 -11.28 -19.38
N GLN C 973 -22.43 -10.15 -19.81
CA GLN C 973 -23.83 -9.80 -19.56
C GLN C 973 -24.13 -9.67 -18.07
N GLN C 974 -23.15 -9.26 -17.29
CA GLN C 974 -23.31 -8.97 -15.88
C GLN C 974 -23.40 -7.47 -15.67
N PRO C 975 -24.03 -7.03 -14.59
CA PRO C 975 -24.17 -5.58 -14.37
C PRO C 975 -22.83 -4.87 -14.32
N LEU C 976 -22.83 -3.64 -14.80
CA LEU C 976 -21.62 -2.83 -14.77
C LEU C 976 -21.29 -2.43 -13.34
N GLY C 977 -20.06 -1.98 -13.15
CA GLY C 977 -19.60 -1.54 -11.84
C GLY C 977 -19.16 -0.11 -11.91
N GLY C 978 -19.48 0.65 -10.86
CA GLY C 978 -19.12 2.05 -10.81
C GLY C 978 -20.26 2.95 -10.41
N LYS C 979 -19.97 3.91 -9.53
CA LYS C 979 -20.99 4.85 -9.09
C LYS C 979 -21.46 5.74 -10.23
N ALA C 980 -20.57 6.11 -11.13
CA ALA C 980 -20.86 7.08 -12.19
C ALA C 980 -21.64 6.47 -13.36
N GLN C 981 -21.86 5.16 -13.37
CA GLN C 981 -22.55 4.52 -14.48
C GLN C 981 -23.60 3.53 -14.00
N GLN C 982 -24.24 3.81 -12.87
CA GLN C 982 -25.29 2.98 -12.30
C GLN C 982 -24.81 1.53 -12.15
N GLY C 983 -23.80 1.35 -11.33
CA GLY C 983 -23.18 0.06 -11.18
C GLY C 983 -23.71 -0.74 -10.02
N GLY C 984 -23.46 -2.05 -10.06
CA GLY C 984 -23.90 -2.95 -9.02
C GLY C 984 -22.81 -3.22 -8.00
N GLN C 985 -23.21 -3.87 -6.92
CA GLN C 985 -22.29 -4.26 -5.85
C GLN C 985 -21.79 -5.67 -6.09
N ARG C 986 -20.51 -5.89 -5.87
CA ARG C 986 -19.90 -7.20 -6.09
C ARG C 986 -20.16 -8.11 -4.91
N PHE C 987 -20.55 -9.35 -5.20
CA PHE C 987 -20.74 -10.40 -4.22
C PHE C 987 -19.58 -11.39 -4.40
N GLY C 988 -18.49 -11.14 -3.68
CA GLY C 988 -17.29 -11.94 -3.82
C GLY C 988 -17.50 -13.36 -3.32
N GLU C 989 -16.38 -14.09 -3.27
CA GLU C 989 -16.46 -15.50 -2.86
C GLU C 989 -16.44 -15.69 -1.35
N MET C 990 -15.91 -14.73 -0.60
CA MET C 990 -16.00 -14.81 0.85
C MET C 990 -17.45 -14.72 1.31
N GLU C 991 -18.24 -13.87 0.67
CA GLU C 991 -19.67 -13.82 0.95
C GLU C 991 -20.39 -15.09 0.53
N VAL C 992 -19.94 -15.72 -0.56
CA VAL C 992 -20.51 -17.01 -0.94
C VAL C 992 -20.22 -18.06 0.13
N TRP C 993 -19.00 -18.07 0.68
CA TRP C 993 -18.68 -18.98 1.77
C TRP C 993 -19.55 -18.71 2.98
N ALA C 994 -19.77 -17.44 3.31
CA ALA C 994 -20.61 -17.10 4.45
C ALA C 994 -22.05 -17.58 4.25
N LEU C 995 -22.58 -17.44 3.03
CA LEU C 995 -23.94 -17.92 2.76
C LEU C 995 -24.00 -19.45 2.76
N GLU C 996 -22.92 -20.12 2.36
CA GLU C 996 -22.88 -21.58 2.44
C GLU C 996 -22.84 -22.07 3.87
N ALA C 997 -22.17 -21.35 4.77
CA ALA C 997 -22.11 -21.77 6.16
C ALA C 997 -23.45 -21.63 6.87
N TYR C 998 -24.31 -20.72 6.42
CA TYR C 998 -25.64 -20.55 7.00
C TYR C 998 -26.60 -21.67 6.63
N GLY C 999 -26.30 -22.46 5.61
CA GLY C 999 -27.25 -23.39 5.06
C GLY C 999 -28.14 -22.80 4.00
N ALA C 1000 -27.86 -21.58 3.56
CA ALA C 1000 -28.70 -20.91 2.57
C ALA C 1000 -28.49 -21.53 1.19
N ALA C 1001 -29.59 -21.81 0.50
CA ALA C 1001 -29.49 -22.40 -0.82
C ALA C 1001 -30.27 -21.58 -1.84
N TYR C 1002 -31.37 -20.98 -1.42
CA TYR C 1002 -32.26 -20.25 -2.32
C TYR C 1002 -31.85 -18.80 -2.50
N ILE C 1003 -31.37 -18.15 -1.43
CA ILE C 1003 -30.82 -16.81 -1.55
C ILE C 1003 -29.63 -16.82 -2.49
N LEU C 1004 -28.74 -17.80 -2.33
CA LEU C 1004 -27.55 -17.90 -3.17
C LEU C 1004 -27.91 -18.11 -4.64
N GLN C 1005 -28.85 -19.01 -4.90
CA GLN C 1005 -29.21 -19.29 -6.28
C GLN C 1005 -29.94 -18.12 -6.92
N GLU C 1006 -30.74 -17.39 -6.15
CA GLU C 1006 -31.35 -16.18 -6.68
C GLU C 1006 -30.32 -15.11 -6.98
N LEU C 1007 -29.30 -14.97 -6.12
CA LEU C 1007 -28.23 -14.01 -6.38
C LEU C 1007 -27.43 -14.36 -7.62
N LEU C 1008 -27.14 -15.65 -7.81
CA LEU C 1008 -26.20 -16.04 -8.87
C LEU C 1008 -26.81 -15.96 -10.27
N THR C 1009 -28.12 -16.19 -10.41
CA THR C 1009 -28.73 -16.31 -11.72
C THR C 1009 -29.70 -15.18 -12.04
N VAL C 1010 -30.77 -15.04 -11.26
CA VAL C 1010 -31.85 -14.14 -11.65
C VAL C 1010 -31.40 -12.69 -11.57
N LYS C 1011 -30.52 -12.37 -10.62
CA LYS C 1011 -30.08 -11.01 -10.40
C LYS C 1011 -28.74 -10.69 -11.05
N SER C 1012 -28.10 -11.65 -11.72
CA SER C 1012 -26.83 -11.29 -12.35
C SER C 1012 -26.80 -11.45 -13.87
N ASP C 1013 -26.89 -12.67 -14.40
CA ASP C 1013 -26.69 -12.88 -15.83
C ASP C 1013 -27.57 -13.94 -16.47
N ASP C 1014 -28.65 -14.35 -15.83
CA ASP C 1014 -29.62 -15.23 -16.49
C ASP C 1014 -30.44 -14.37 -17.43
N MET C 1015 -30.03 -14.32 -18.70
CA MET C 1015 -30.51 -13.31 -19.64
C MET C 1015 -32.02 -13.37 -19.84
N GLN C 1016 -32.64 -14.53 -19.68
CA GLN C 1016 -34.09 -14.65 -19.85
C GLN C 1016 -34.84 -14.62 -18.53
N GLY C 1017 -34.21 -15.04 -17.43
CA GLY C 1017 -34.87 -15.04 -16.14
C GLY C 1017 -35.00 -13.68 -15.50
N ARG C 1018 -34.21 -12.71 -15.94
CA ARG C 1018 -34.31 -11.36 -15.37
C ARG C 1018 -35.66 -10.73 -15.70
N ASN C 1019 -36.04 -10.74 -16.98
CA ASN C 1019 -37.31 -10.15 -17.39
C ASN C 1019 -38.48 -10.91 -16.80
N GLU C 1020 -38.39 -12.24 -16.76
CA GLU C 1020 -39.46 -13.03 -16.17
C GLU C 1020 -39.63 -12.71 -14.68
N ALA C 1021 -38.53 -12.59 -13.96
CA ALA C 1021 -38.61 -12.24 -12.55
C ALA C 1021 -39.23 -10.87 -12.35
N LEU C 1022 -38.81 -9.88 -13.15
CA LEU C 1022 -39.34 -8.53 -13.00
C LEU C 1022 -40.84 -8.49 -13.31
N ASN C 1023 -41.26 -9.15 -14.39
CA ASN C 1023 -42.67 -9.16 -14.75
C ASN C 1023 -43.50 -9.91 -13.72
N ALA C 1024 -42.96 -11.00 -13.17
CA ALA C 1024 -43.68 -11.72 -12.13
C ALA C 1024 -43.85 -10.88 -10.87
N ILE C 1025 -42.81 -10.12 -10.50
CA ILE C 1025 -42.92 -9.26 -9.33
C ILE C 1025 -43.96 -8.17 -9.56
N VAL C 1026 -43.94 -7.53 -10.73
CA VAL C 1026 -44.88 -6.45 -10.99
C VAL C 1026 -46.31 -6.99 -11.06
N LYS C 1027 -46.51 -8.14 -11.71
CA LYS C 1027 -47.86 -8.69 -11.85
C LYS C 1027 -48.37 -9.31 -10.57
N GLY C 1028 -47.47 -9.72 -9.68
CA GLY C 1028 -47.87 -10.34 -8.42
C GLY C 1028 -47.92 -11.85 -8.42
N LYS C 1029 -47.35 -12.52 -9.43
CA LYS C 1029 -47.33 -13.97 -9.49
C LYS C 1029 -46.05 -14.51 -8.85
N ALA C 1030 -45.76 -15.78 -9.07
CA ALA C 1030 -44.58 -16.42 -8.52
C ALA C 1030 -43.42 -16.36 -9.52
N ILE C 1031 -42.22 -16.24 -8.99
CA ILE C 1031 -41.02 -16.15 -9.82
C ILE C 1031 -40.68 -17.54 -10.35
N PRO C 1032 -40.51 -17.71 -11.66
CA PRO C 1032 -40.24 -19.04 -12.22
C PRO C 1032 -38.80 -19.47 -11.99
N ARG C 1033 -38.55 -20.75 -12.28
CA ARG C 1033 -37.24 -21.35 -12.05
C ARG C 1033 -36.22 -20.81 -13.06
N PRO C 1034 -34.96 -20.70 -12.65
CA PRO C 1034 -33.93 -20.11 -13.52
C PRO C 1034 -33.34 -21.15 -14.47
N GLY C 1035 -32.39 -20.70 -15.28
CA GLY C 1035 -31.67 -21.57 -16.19
C GLY C 1035 -30.17 -21.54 -15.98
N THR C 1036 -29.41 -21.64 -17.07
CA THR C 1036 -27.95 -21.63 -17.01
C THR C 1036 -27.41 -20.24 -17.29
N PRO C 1037 -26.59 -19.67 -16.40
CA PRO C 1037 -26.07 -18.33 -16.62
C PRO C 1037 -25.10 -18.27 -17.80
N GLU C 1038 -24.92 -17.05 -18.31
CA GLU C 1038 -24.22 -16.86 -19.58
C GLU C 1038 -22.71 -17.03 -19.43
N SER C 1039 -22.16 -16.78 -18.24
CA SER C 1039 -20.71 -16.88 -18.07
C SER C 1039 -20.22 -18.31 -18.25
N PHE C 1040 -21.02 -19.30 -17.85
CA PHE C 1040 -20.63 -20.69 -18.08
C PHE C 1040 -20.53 -21.00 -19.57
N LYS C 1041 -21.49 -20.51 -20.36
CA LYS C 1041 -21.44 -20.71 -21.80
C LYS C 1041 -20.24 -19.99 -22.42
N VAL C 1042 -19.95 -18.78 -21.94
CA VAL C 1042 -18.76 -18.06 -22.41
C VAL C 1042 -17.50 -18.87 -22.12
N LEU C 1043 -17.41 -19.46 -20.93
CA LEU C 1043 -16.24 -20.26 -20.58
C LEU C 1043 -16.15 -21.52 -21.45
N MET C 1044 -17.27 -22.16 -21.73
CA MET C 1044 -17.24 -23.34 -22.60
C MET C 1044 -16.77 -22.98 -23.99
N ARG C 1045 -17.23 -21.85 -24.53
CA ARG C 1045 -16.75 -21.42 -25.86
C ARG C 1045 -15.25 -21.12 -25.82
N GLU C 1046 -14.78 -20.47 -24.76
CA GLU C 1046 -13.37 -20.15 -24.65
C GLU C 1046 -12.51 -21.39 -24.54
N LEU C 1047 -13.00 -22.42 -23.85
CA LEU C 1047 -12.25 -23.66 -23.73
C LEU C 1047 -12.26 -24.44 -25.04
N GLN C 1048 -13.38 -24.41 -25.76
CA GLN C 1048 -13.44 -25.06 -27.06
C GLN C 1048 -12.48 -24.40 -28.05
N SER C 1049 -12.34 -23.08 -27.97
CA SER C 1049 -11.42 -22.37 -28.85
C SER C 1049 -9.96 -22.69 -28.59
N LEU C 1050 -9.64 -23.37 -27.49
CA LEU C 1050 -8.28 -23.82 -27.20
C LEU C 1050 -8.02 -25.25 -27.66
N CYS C 1051 -8.88 -25.79 -28.52
CA CYS C 1051 -8.78 -27.16 -29.03
C CYS C 1051 -9.01 -28.19 -27.92
N LEU C 1052 -10.02 -27.96 -27.09
CA LEU C 1052 -10.43 -28.90 -26.06
C LEU C 1052 -11.88 -29.30 -26.33
N ASP C 1053 -12.15 -30.60 -26.32
CA ASP C 1053 -13.46 -31.13 -26.67
C ASP C 1053 -14.25 -31.36 -25.39
N ILE C 1054 -14.90 -30.30 -24.89
CA ILE C 1054 -15.64 -30.34 -23.65
C ILE C 1054 -17.12 -30.18 -23.95
N ALA C 1055 -17.96 -30.94 -23.26
CA ALA C 1055 -19.39 -30.97 -23.52
C ALA C 1055 -20.11 -31.46 -22.27
N VAL C 1056 -21.44 -31.27 -22.26
CA VAL C 1056 -22.31 -31.72 -21.19
C VAL C 1056 -23.21 -32.83 -21.70
N TYR C 1057 -23.41 -33.85 -20.88
CA TYR C 1057 -24.07 -35.07 -21.32
C TYR C 1057 -25.23 -35.42 -20.40
N LYS C 1058 -26.25 -36.05 -20.99
CA LYS C 1058 -27.40 -36.60 -20.28
C LYS C 1058 -27.31 -38.11 -20.34
N ALA C 1059 -27.37 -38.76 -19.18
CA ALA C 1059 -27.15 -40.19 -19.09
C ALA C 1059 -28.29 -40.97 -19.73
N SER C 1060 -27.95 -42.16 -20.23
CA SER C 1060 -28.94 -43.03 -20.86
C SER C 1060 -29.75 -43.76 -19.80
N THR C 1061 -31.05 -43.93 -20.08
CA THR C 1061 -31.94 -44.57 -19.12
C THR C 1061 -31.78 -46.08 -19.14
N GLU C 1062 -31.87 -46.70 -20.32
CA GLU C 1062 -31.78 -48.14 -20.44
C GLU C 1062 -30.31 -48.55 -20.46
N ASP C 1063 -30.04 -49.83 -20.76
CA ASP C 1063 -28.71 -50.38 -20.56
C ASP C 1063 -27.75 -49.98 -21.69
N TYR C 1064 -28.03 -50.42 -22.92
CA TYR C 1064 -27.08 -50.27 -24.01
C TYR C 1064 -27.27 -49.00 -24.83
N GLU C 1065 -28.20 -48.13 -24.44
CA GLU C 1065 -28.33 -46.84 -25.10
C GLU C 1065 -27.12 -45.97 -24.78
N GLU C 1066 -26.78 -45.06 -25.70
CA GLU C 1066 -25.65 -44.17 -25.50
C GLU C 1066 -26.09 -42.87 -24.83
N ASP C 1067 -25.18 -42.29 -24.05
CA ASP C 1067 -25.45 -41.00 -23.42
C ASP C 1067 -25.52 -39.91 -24.48
N LYS C 1068 -26.42 -38.96 -24.29
CA LYS C 1068 -26.73 -37.98 -25.33
C LYS C 1068 -26.18 -36.61 -24.94
N GLU C 1069 -25.46 -36.00 -25.88
CA GLU C 1069 -24.83 -34.70 -25.65
C GLU C 1069 -25.88 -33.60 -25.73
N VAL C 1070 -25.94 -32.77 -24.70
CA VAL C 1070 -26.97 -31.73 -24.58
C VAL C 1070 -26.44 -30.43 -25.19
N ASP C 1071 -27.29 -29.78 -25.99
CA ASP C 1071 -26.94 -28.54 -26.66
C ASP C 1071 -27.40 -27.36 -25.80
N LEU C 1072 -26.44 -26.69 -25.14
CA LEU C 1072 -26.79 -25.56 -24.29
C LEU C 1072 -27.13 -24.32 -25.10
N MET C 1073 -26.41 -24.09 -26.20
CA MET C 1073 -26.55 -22.85 -26.95
C MET C 1073 -27.73 -22.92 -27.91
N ALA C 1074 -28.90 -23.28 -27.39
CA ALA C 1074 -30.10 -23.37 -28.24
C ALA C 1074 -31.32 -23.21 -27.34
N ASP C 1075 -31.94 -22.04 -27.40
CA ASP C 1075 -33.17 -21.82 -26.66
C ASP C 1075 -34.32 -22.58 -27.32
N VAL C 1076 -35.10 -23.28 -26.49
CA VAL C 1076 -36.25 -24.02 -26.99
C VAL C 1076 -37.54 -23.22 -26.94
N ASN C 1077 -37.62 -22.20 -26.06
CA ASN C 1077 -38.81 -21.36 -25.94
C ASN C 1077 -38.65 -20.16 -26.85
N GLN C 1078 -39.50 -20.06 -27.87
CA GLN C 1078 -39.45 -18.95 -28.82
C GLN C 1078 -40.21 -17.75 -28.27
N ARG C 1079 -39.76 -17.28 -27.11
CA ARG C 1079 -40.33 -16.13 -26.44
C ARG C 1079 -39.31 -14.99 -26.42
N ARG C 1080 -39.81 -13.79 -26.15
CA ARG C 1080 -38.98 -12.58 -26.18
C ARG C 1080 -37.85 -12.68 -25.16
N THR C 1081 -36.64 -12.35 -25.60
CA THR C 1081 -35.47 -12.27 -24.72
C THR C 1081 -34.71 -11.00 -25.04
N PRO C 1082 -35.06 -9.89 -24.42
CA PRO C 1082 -34.34 -8.64 -24.66
C PRO C 1082 -33.05 -8.59 -23.86
N SER C 1083 -32.18 -7.65 -24.24
CA SER C 1083 -30.88 -7.52 -23.60
C SER C 1083 -31.00 -6.97 -22.18
N ARG C 1084 -32.03 -6.18 -21.90
CA ARG C 1084 -32.26 -5.65 -20.57
C ARG C 1084 -33.72 -5.83 -20.19
N PRO C 1085 -34.00 -6.09 -18.90
CA PRO C 1085 -35.40 -6.27 -18.48
C PRO C 1085 -36.24 -5.04 -18.76
N THR C 1086 -37.46 -5.27 -19.25
CA THR C 1086 -38.36 -4.22 -19.66
C THR C 1086 -39.73 -4.43 -19.04
N TYR C 1087 -40.43 -3.33 -18.79
CA TYR C 1087 -41.77 -3.39 -18.22
C TYR C 1087 -42.78 -3.66 -19.32
N GLU C 1088 -43.63 -4.66 -19.11
CA GLU C 1088 -44.71 -4.94 -20.03
C GLU C 1088 -45.82 -3.90 -19.87
N SER C 1089 -46.59 -3.72 -20.94
CA SER C 1089 -47.71 -2.77 -20.90
C SER C 1089 -48.71 -3.08 -22.00
N GLU D 5 -34.53 -34.97 -13.61
CA GLU D 5 -35.32 -34.07 -14.44
C GLU D 5 -34.50 -32.87 -14.89
N GLN D 6 -33.22 -32.85 -14.52
CA GLN D 6 -32.32 -31.80 -14.94
C GLN D 6 -31.92 -31.99 -16.40
N ARG D 7 -31.34 -30.93 -16.98
CA ARG D 7 -30.97 -30.98 -18.39
C ARG D 7 -29.79 -31.92 -18.63
N PHE D 8 -28.73 -31.79 -17.83
CA PHE D 8 -27.54 -32.62 -18.01
C PHE D 8 -27.09 -33.16 -16.67
N ASP D 9 -26.21 -34.15 -16.73
CA ASP D 9 -25.78 -34.88 -15.54
C ASP D 9 -24.29 -34.72 -15.23
N TYR D 10 -23.42 -34.66 -16.25
CA TYR D 10 -21.99 -34.56 -16.01
C TYR D 10 -21.32 -33.79 -17.14
N VAL D 11 -20.05 -33.48 -16.93
CA VAL D 11 -19.21 -32.77 -17.88
C VAL D 11 -18.02 -33.65 -18.22
N LYS D 12 -17.72 -33.77 -19.51
CA LYS D 12 -16.65 -34.65 -19.99
C LYS D 12 -15.69 -33.87 -20.88
N ILE D 13 -14.41 -34.20 -20.81
CA ILE D 13 -13.36 -33.52 -21.56
C ILE D 13 -12.52 -34.56 -22.30
N ALA D 14 -11.94 -34.16 -23.43
CA ALA D 14 -11.17 -35.07 -24.26
C ALA D 14 -10.38 -34.26 -25.28
N LEU D 15 -9.65 -34.97 -26.14
CA LEU D 15 -8.90 -34.37 -27.23
C LEU D 15 -9.80 -34.10 -28.43
N ALA D 16 -9.49 -33.04 -29.17
CA ALA D 16 -10.28 -32.64 -30.33
C ALA D 16 -9.61 -33.12 -31.61
N SER D 17 -10.33 -33.91 -32.38
CA SER D 17 -9.88 -34.34 -33.69
C SER D 17 -10.16 -33.28 -34.74
N PRO D 18 -9.45 -33.29 -35.87
CA PRO D 18 -9.73 -32.29 -36.92
C PRO D 18 -11.15 -32.36 -37.46
N GLU D 19 -11.75 -33.55 -37.49
CA GLU D 19 -13.14 -33.65 -37.91
C GLU D 19 -14.07 -32.90 -36.97
N ARG D 20 -13.86 -33.03 -35.66
CA ARG D 20 -14.68 -32.30 -34.70
C ARG D 20 -14.48 -30.79 -34.83
N ILE D 21 -13.24 -30.35 -35.00
CA ILE D 21 -12.97 -28.91 -35.11
C ILE D 21 -13.63 -28.35 -36.35
N ARG D 22 -13.58 -29.09 -37.46
CA ARG D 22 -14.25 -28.63 -38.67
C ARG D 22 -15.77 -28.70 -38.52
N GLN D 23 -16.27 -29.62 -37.71
CA GLN D 23 -17.71 -29.74 -37.51
C GLN D 23 -18.26 -28.65 -36.60
N TRP D 24 -17.46 -28.11 -35.68
CA TRP D 24 -17.91 -26.98 -34.87
C TRP D 24 -18.26 -25.79 -35.76
N GLY D 25 -17.41 -25.48 -36.72
CA GLY D 25 -17.73 -24.54 -37.78
C GLY D 25 -18.39 -25.25 -38.92
N GLU D 26 -18.33 -24.62 -40.10
CA GLU D 26 -18.80 -25.24 -41.35
C GLU D 26 -20.28 -25.64 -41.24
N ARG D 27 -21.13 -24.62 -41.16
CA ARG D 27 -22.56 -24.83 -41.28
C ARG D 27 -22.96 -24.87 -42.76
N THR D 28 -24.21 -25.25 -43.01
CA THR D 28 -24.71 -25.40 -44.36
C THR D 28 -25.76 -24.34 -44.68
N LEU D 29 -25.99 -24.15 -45.97
CA LEU D 29 -26.92 -23.15 -46.49
C LEU D 29 -27.75 -23.80 -47.59
N PRO D 30 -28.93 -23.26 -47.90
CA PRO D 30 -29.76 -23.85 -48.95
C PRO D 30 -29.16 -23.67 -50.34
N ASN D 31 -27.94 -24.15 -50.53
CA ASN D 31 -27.24 -24.07 -51.80
C ASN D 31 -26.26 -25.24 -51.87
N GLY D 32 -25.29 -25.15 -52.78
CA GLY D 32 -24.34 -26.23 -52.96
C GLY D 32 -22.97 -26.02 -52.34
N GLN D 33 -22.87 -25.13 -51.35
CA GLN D 33 -21.58 -24.87 -50.73
C GLN D 33 -21.76 -24.53 -49.26
N VAL D 34 -20.67 -24.69 -48.52
CA VAL D 34 -20.61 -24.38 -47.09
C VAL D 34 -19.85 -23.06 -46.93
N VAL D 35 -20.06 -22.42 -45.78
CA VAL D 35 -19.60 -21.05 -45.60
C VAL D 35 -18.58 -20.86 -44.48
N GLY D 36 -18.48 -21.77 -43.52
CA GLY D 36 -17.82 -21.44 -42.28
C GLY D 36 -16.30 -21.42 -42.22
N GLU D 37 -15.63 -20.72 -43.16
CA GLU D 37 -14.18 -20.63 -43.12
C GLU D 37 -13.72 -19.19 -43.27
N VAL D 38 -12.77 -18.79 -42.43
CA VAL D 38 -12.21 -17.44 -42.44
C VAL D 38 -10.98 -17.42 -43.34
N THR D 39 -10.96 -16.52 -44.31
CA THR D 39 -9.91 -16.52 -45.33
C THR D 39 -9.16 -15.20 -45.48
N LYS D 40 -9.66 -14.09 -44.97
CA LYS D 40 -8.95 -12.83 -45.11
C LYS D 40 -8.83 -12.12 -43.77
N PRO D 41 -7.78 -11.35 -43.54
CA PRO D 41 -7.54 -10.75 -42.22
C PRO D 41 -8.24 -9.41 -41.98
N GLU D 42 -9.09 -8.95 -42.90
CA GLU D 42 -9.81 -7.71 -42.67
C GLU D 42 -10.87 -7.90 -41.59
N THR D 43 -10.97 -6.93 -40.69
CA THR D 43 -11.96 -6.96 -39.61
C THR D 43 -13.20 -6.14 -39.94
N ILE D 44 -13.02 -4.85 -40.20
CA ILE D 44 -14.13 -3.93 -40.43
C ILE D 44 -13.76 -2.96 -41.55
N ASN D 45 -14.78 -2.35 -42.14
CA ASN D 45 -14.58 -1.38 -43.21
C ASN D 45 -14.31 0.00 -42.62
N TYR D 46 -13.32 0.70 -43.18
CA TYR D 46 -12.92 1.99 -42.62
C TYR D 46 -13.95 3.08 -42.94
N ARG D 47 -14.41 3.14 -44.19
CA ARG D 47 -15.30 4.21 -44.60
C ARG D 47 -16.66 4.11 -43.89
N THR D 48 -17.28 2.93 -43.94
CA THR D 48 -18.55 2.68 -43.28
C THR D 48 -18.35 1.62 -42.22
N LEU D 49 -19.02 1.80 -41.07
CA LEU D 49 -18.84 0.86 -39.96
C LEU D 49 -19.54 -0.47 -40.25
N LYS D 50 -19.00 -1.23 -41.19
CA LYS D 50 -19.56 -2.51 -41.59
C LYS D 50 -18.45 -3.54 -41.70
N PRO D 51 -18.75 -4.81 -41.48
CA PRO D 51 -17.75 -5.87 -41.63
C PRO D 51 -17.65 -6.37 -43.07
N GLU D 52 -16.48 -6.92 -43.38
CA GLU D 52 -16.20 -7.42 -44.72
C GLU D 52 -16.85 -8.79 -44.94
N MET D 53 -16.68 -9.32 -46.15
CA MET D 53 -17.40 -10.53 -46.54
C MET D 53 -16.70 -11.82 -46.14
N ASP D 54 -15.38 -11.81 -46.00
CA ASP D 54 -14.63 -13.00 -45.58
C ASP D 54 -13.56 -12.53 -44.59
N GLY D 55 -13.90 -12.52 -43.30
CA GLY D 55 -12.98 -11.98 -42.34
C GLY D 55 -13.36 -12.34 -40.93
N LEU D 56 -12.69 -11.69 -39.98
CA LEU D 56 -12.89 -11.99 -38.57
C LEU D 56 -14.25 -11.53 -38.06
N PHE D 57 -14.99 -10.74 -38.84
CA PHE D 57 -16.29 -10.23 -38.43
C PHE D 57 -17.37 -10.50 -39.48
N CYS D 58 -17.13 -11.42 -40.40
CA CYS D 58 -18.03 -11.66 -41.52
C CYS D 58 -19.45 -11.97 -41.05
N GLU D 59 -20.42 -11.74 -41.94
CA GLU D 59 -21.82 -11.94 -41.65
C GLU D 59 -22.40 -13.20 -42.26
N LYS D 60 -21.79 -13.72 -43.33
CA LYS D 60 -22.22 -15.01 -43.86
C LYS D 60 -21.88 -16.14 -42.89
N ILE D 61 -20.76 -16.00 -42.18
CA ILE D 61 -20.33 -17.05 -41.26
C ILE D 61 -20.98 -16.89 -39.89
N PHE D 62 -20.84 -15.71 -39.30
CA PHE D 62 -21.18 -15.51 -37.89
C PHE D 62 -22.60 -15.01 -37.67
N GLY D 63 -23.34 -14.65 -38.71
CA GLY D 63 -24.69 -14.18 -38.56
C GLY D 63 -24.83 -12.68 -38.73
N PRO D 64 -26.06 -12.21 -38.93
CA PRO D 64 -26.26 -10.78 -39.20
C PRO D 64 -25.96 -9.92 -37.98
N ALA D 65 -25.54 -8.69 -38.25
CA ALA D 65 -25.24 -7.74 -37.18
C ALA D 65 -26.50 -7.15 -36.57
N LYS D 66 -27.53 -6.90 -37.39
CA LYS D 66 -28.79 -6.35 -36.93
C LYS D 66 -29.88 -7.38 -37.16
N ASP D 67 -30.74 -7.58 -36.15
CA ASP D 67 -31.69 -8.67 -36.18
C ASP D 67 -32.76 -8.44 -37.24
N TRP D 68 -33.07 -9.49 -37.99
CA TRP D 68 -34.05 -9.45 -39.08
C TRP D 68 -33.71 -8.36 -40.08
N GLU D 69 -32.44 -8.26 -40.43
CA GLU D 69 -31.96 -7.33 -41.44
C GLU D 69 -30.80 -7.97 -42.16
N CYS D 70 -30.79 -7.86 -43.49
CA CYS D 70 -29.73 -8.46 -44.28
C CYS D 70 -28.62 -7.45 -44.56
N HIS D 71 -27.50 -7.95 -45.08
CA HIS D 71 -26.35 -7.10 -45.33
C HIS D 71 -26.65 -6.04 -46.40
N CYS D 72 -27.34 -6.45 -47.48
CA CYS D 72 -27.67 -5.52 -48.55
C CYS D 72 -28.91 -4.69 -48.26
N GLY D 73 -29.69 -5.05 -47.24
CA GLY D 73 -30.88 -4.32 -46.87
C GLY D 73 -32.13 -4.69 -47.64
N LYS D 74 -32.06 -5.66 -48.55
CA LYS D 74 -33.24 -6.03 -49.34
C LYS D 74 -34.32 -6.64 -48.45
N TYR D 75 -33.94 -7.49 -47.50
CA TYR D 75 -34.89 -8.16 -46.63
C TYR D 75 -35.03 -7.42 -45.30
N LYS D 76 -36.16 -7.68 -44.64
CA LYS D 76 -36.51 -7.05 -43.38
C LYS D 76 -37.71 -7.80 -42.81
N ARG D 77 -38.23 -7.29 -41.68
CA ARG D 77 -39.47 -7.75 -41.06
C ARG D 77 -39.32 -9.15 -40.46
N VAL D 78 -40.02 -9.41 -39.35
CA VAL D 78 -39.97 -10.70 -38.67
C VAL D 78 -40.82 -11.70 -39.43
N ARG D 79 -41.47 -11.25 -40.50
CA ARG D 79 -42.14 -12.20 -41.40
C ARG D 79 -41.14 -13.16 -42.03
N HIS D 80 -39.99 -12.65 -42.41
CA HIS D 80 -38.95 -13.44 -43.08
C HIS D 80 -38.23 -14.25 -42.01
N ARG D 81 -38.53 -15.54 -41.93
CA ARG D 81 -37.90 -16.47 -41.00
C ARG D 81 -37.32 -17.64 -41.75
N GLY D 82 -36.06 -17.95 -41.49
CA GLY D 82 -35.42 -19.10 -42.10
C GLY D 82 -35.28 -19.03 -43.61
N ILE D 83 -35.05 -17.84 -44.14
CA ILE D 83 -34.83 -17.66 -45.58
C ILE D 83 -33.63 -16.75 -45.76
N VAL D 84 -32.72 -17.15 -46.64
CA VAL D 84 -31.46 -16.46 -46.85
C VAL D 84 -31.56 -15.56 -48.07
N CYS D 85 -30.90 -14.40 -47.99
CA CYS D 85 -30.86 -13.49 -49.12
C CYS D 85 -30.14 -14.12 -50.31
N GLU D 86 -30.16 -13.43 -51.43
CA GLU D 86 -29.56 -13.93 -52.67
C GLU D 86 -28.37 -13.11 -53.13
N ARG D 87 -28.42 -11.79 -53.01
CA ARG D 87 -27.30 -10.97 -53.47
C ARG D 87 -26.05 -11.19 -52.64
N CYS D 88 -26.20 -11.51 -51.35
CA CYS D 88 -25.06 -11.70 -50.47
C CYS D 88 -25.12 -12.96 -49.62
N GLY D 89 -26.23 -13.69 -49.62
CA GLY D 89 -26.31 -14.96 -48.91
C GLY D 89 -26.14 -14.86 -47.41
N VAL D 90 -26.82 -13.91 -46.79
CA VAL D 90 -26.79 -13.72 -45.34
C VAL D 90 -28.14 -14.13 -44.77
N GLU D 91 -28.13 -15.09 -43.85
CA GLU D 91 -29.36 -15.55 -43.23
C GLU D 91 -29.97 -14.43 -42.40
N VAL D 92 -31.30 -14.39 -42.38
CA VAL D 92 -32.04 -13.33 -41.70
C VAL D 92 -32.62 -13.89 -40.41
N THR D 93 -32.09 -13.45 -39.28
CA THR D 93 -32.53 -13.91 -37.96
C THR D 93 -31.99 -12.95 -36.91
N GLU D 94 -32.13 -13.32 -35.65
CA GLU D 94 -31.66 -12.48 -34.55
C GLU D 94 -30.15 -12.36 -34.55
N SER D 95 -29.66 -11.24 -34.05
CA SER D 95 -28.22 -10.99 -33.99
C SER D 95 -27.54 -11.68 -32.82
N ARG D 96 -28.29 -12.16 -31.84
CA ARG D 96 -27.70 -12.86 -30.70
C ARG D 96 -26.97 -14.12 -31.13
N VAL D 97 -27.40 -14.77 -32.22
CA VAL D 97 -26.73 -15.96 -32.72
C VAL D 97 -25.28 -15.64 -33.06
N ARG D 98 -24.93 -14.35 -33.07
CA ARG D 98 -23.55 -13.97 -33.34
C ARG D 98 -22.58 -14.43 -32.26
N ARG D 99 -23.05 -14.65 -31.02
CA ARG D 99 -22.16 -15.13 -29.97
C ARG D 99 -22.20 -16.65 -29.81
N HIS D 100 -22.58 -17.37 -30.86
CA HIS D 100 -22.54 -18.83 -30.88
C HIS D 100 -21.65 -19.38 -31.98
N ARG D 101 -21.82 -18.90 -33.21
CA ARG D 101 -21.13 -19.48 -34.36
C ARG D 101 -19.62 -19.27 -34.27
N MET D 102 -18.86 -20.25 -34.75
CA MET D 102 -17.42 -20.31 -34.49
C MET D 102 -16.55 -20.10 -35.73
N GLY D 103 -16.67 -20.94 -36.75
CA GLY D 103 -15.76 -20.86 -37.88
C GLY D 103 -14.40 -21.47 -37.57
N PHE D 104 -13.56 -21.55 -38.60
CA PHE D 104 -12.27 -22.20 -38.46
C PHE D 104 -11.29 -21.67 -39.51
N ILE D 105 -10.01 -21.96 -39.29
CA ILE D 105 -8.92 -21.59 -40.19
C ILE D 105 -8.16 -22.86 -40.55
N LYS D 106 -7.92 -23.04 -41.85
CA LYS D 106 -7.24 -24.22 -42.37
C LYS D 106 -5.77 -23.88 -42.60
N LEU D 107 -4.88 -24.65 -41.98
CA LEU D 107 -3.45 -24.38 -42.04
C LEU D 107 -2.83 -25.05 -43.25
N ALA D 108 -1.94 -24.31 -43.93
CA ALA D 108 -1.24 -24.87 -45.09
C ALA D 108 -0.14 -25.83 -44.67
N ALA D 109 0.26 -25.83 -43.40
CA ALA D 109 1.27 -26.74 -42.89
C ALA D 109 0.92 -27.07 -41.45
N PRO D 110 1.08 -28.33 -41.04
CA PRO D 110 0.77 -28.69 -39.65
C PRO D 110 1.70 -28.01 -38.66
N VAL D 111 1.14 -27.69 -37.48
CA VAL D 111 1.89 -27.13 -36.38
C VAL D 111 1.56 -27.95 -35.13
N ALA D 112 2.40 -27.80 -34.11
CA ALA D 112 2.25 -28.56 -32.87
C ALA D 112 1.59 -27.72 -31.79
N HIS D 113 0.73 -28.36 -31.00
CA HIS D 113 0.09 -27.68 -29.88
C HIS D 113 1.11 -27.49 -28.77
N VAL D 114 1.23 -26.24 -28.28
CA VAL D 114 2.28 -25.92 -27.33
C VAL D 114 1.98 -26.43 -25.92
N TRP D 115 0.72 -26.77 -25.63
CA TRP D 115 0.40 -27.31 -24.32
C TRP D 115 0.94 -28.73 -24.15
N TYR D 116 0.96 -29.50 -25.23
CA TYR D 116 1.41 -30.89 -25.18
C TYR D 116 2.88 -31.07 -25.48
N LEU D 117 3.60 -30.00 -25.81
CA LEU D 117 5.03 -30.06 -26.06
C LEU D 117 5.82 -29.40 -24.93
N LYS D 118 5.44 -28.19 -24.55
CA LYS D 118 6.11 -27.45 -23.48
C LYS D 118 5.24 -27.48 -22.22
N GLY D 119 5.38 -28.56 -21.45
CA GLY D 119 4.72 -28.69 -20.18
C GLY D 119 5.67 -29.26 -19.14
N ILE D 120 5.25 -29.16 -17.88
CA ILE D 120 6.05 -29.69 -16.79
C ILE D 120 6.17 -31.20 -17.01
N PRO D 121 5.07 -31.94 -17.22
CA PRO D 121 5.20 -33.20 -17.97
C PRO D 121 4.95 -32.93 -19.45
N SER D 122 5.86 -33.38 -20.30
CA SER D 122 5.66 -33.31 -21.73
C SER D 122 5.20 -34.66 -22.24
N TYR D 123 4.05 -34.68 -22.92
CA TYR D 123 3.43 -35.92 -23.35
C TYR D 123 3.96 -36.43 -24.68
N ILE D 124 4.34 -35.54 -25.59
CA ILE D 124 4.97 -35.97 -26.83
C ILE D 124 6.32 -36.64 -26.57
N ALA D 125 7.12 -36.03 -25.70
CA ALA D 125 8.42 -36.61 -25.36
C ALA D 125 8.26 -37.95 -24.66
N ILE D 126 7.29 -38.06 -23.75
CA ILE D 126 7.06 -39.32 -23.06
C ILE D 126 6.61 -40.39 -24.04
N LEU D 127 5.68 -40.06 -24.94
CA LEU D 127 5.16 -41.04 -25.88
C LEU D 127 6.24 -41.50 -26.86
N LEU D 128 7.09 -40.58 -27.31
CA LEU D 128 8.07 -40.90 -28.35
C LEU D 128 9.39 -41.44 -27.80
N ASP D 129 9.53 -41.59 -26.49
CA ASP D 129 10.75 -42.12 -25.86
C ASP D 129 11.95 -41.24 -26.16
N MET D 130 11.73 -39.93 -26.27
CA MET D 130 12.79 -39.01 -26.60
C MET D 130 12.87 -37.90 -25.56
N PRO D 131 14.05 -37.33 -25.35
CA PRO D 131 14.15 -36.17 -24.47
C PRO D 131 13.51 -34.94 -25.09
N LEU D 132 13.13 -34.00 -24.23
CA LEU D 132 12.43 -32.81 -24.69
C LEU D 132 13.29 -31.97 -25.62
N ARG D 133 14.60 -31.92 -25.37
CA ARG D 133 15.49 -31.10 -26.19
C ARG D 133 15.51 -31.61 -27.63
N ASP D 134 15.55 -32.93 -27.82
CA ASP D 134 15.60 -33.48 -29.18
C ASP D 134 14.32 -33.19 -29.96
N VAL D 135 13.17 -33.36 -29.32
CA VAL D 135 11.89 -33.08 -29.97
C VAL D 135 11.80 -31.60 -30.31
N GLU D 136 12.21 -30.74 -29.37
CA GLU D 136 12.17 -29.30 -29.60
C GLU D 136 13.15 -28.89 -30.71
N GLN D 137 14.22 -29.63 -30.90
CA GLN D 137 15.16 -29.32 -31.98
C GLN D 137 14.60 -29.77 -33.33
N ILE D 138 13.94 -30.93 -33.37
CA ILE D 138 13.32 -31.38 -34.61
C ILE D 138 12.23 -30.40 -35.04
N VAL D 139 11.34 -30.04 -34.12
CA VAL D 139 10.49 -28.88 -34.37
C VAL D 139 11.36 -27.64 -34.41
N TYR D 140 10.81 -26.57 -35.01
CA TYR D 140 11.51 -25.30 -35.18
C TYR D 140 12.70 -25.39 -36.13
N PHE D 141 12.86 -26.51 -36.82
CA PHE D 141 13.78 -26.63 -37.97
C PHE D 141 15.23 -26.40 -37.56
N ASN D 142 15.65 -27.04 -36.47
CA ASN D 142 17.04 -26.99 -36.03
C ASN D 142 17.83 -28.25 -36.35
N SER D 143 17.16 -29.37 -36.62
CA SER D 143 17.85 -30.62 -36.91
C SER D 143 16.94 -31.48 -37.78
N TYR D 144 17.47 -32.63 -38.18
CA TYR D 144 16.74 -33.62 -38.96
C TYR D 144 16.42 -34.82 -38.08
N VAL D 145 15.65 -35.74 -38.64
CA VAL D 145 15.33 -37.00 -37.99
C VAL D 145 15.20 -38.07 -39.05
N VAL D 146 15.65 -39.27 -38.74
CA VAL D 146 15.63 -40.40 -39.67
C VAL D 146 14.33 -41.17 -39.46
N LEU D 147 13.57 -41.34 -40.54
CA LEU D 147 12.31 -42.08 -40.48
C LEU D 147 12.45 -43.53 -40.93
N ASN D 148 13.45 -43.84 -41.74
CA ASN D 148 13.71 -45.20 -42.21
C ASN D 148 15.19 -45.38 -42.46
N PRO D 149 15.90 -46.12 -41.61
CA PRO D 149 17.35 -46.23 -41.77
C PRO D 149 17.76 -47.38 -42.68
N GLY D 150 16.81 -47.91 -43.45
CA GLY D 150 17.00 -49.13 -44.20
C GLY D 150 18.24 -49.19 -45.06
N ASN D 151 18.92 -50.34 -45.04
CA ASN D 151 20.10 -50.60 -45.84
C ASN D 151 21.22 -49.60 -45.53
N HIS D 152 21.66 -49.63 -44.27
CA HIS D 152 22.77 -48.78 -43.83
C HIS D 152 23.32 -49.38 -42.54
N SER D 153 24.46 -48.86 -42.12
CA SER D 153 25.17 -49.38 -40.96
C SER D 153 25.25 -48.40 -39.79
N GLU D 154 25.41 -47.10 -40.07
CA GLU D 154 25.62 -46.11 -39.02
C GLU D 154 24.38 -45.24 -38.78
N LEU D 155 23.21 -45.67 -39.23
CA LEU D 155 21.98 -44.91 -39.09
C LEU D 155 20.96 -45.72 -38.31
N GLN D 156 20.32 -45.08 -37.33
CA GLN D 156 19.34 -45.73 -36.49
C GLN D 156 18.03 -44.95 -36.53
N TYR D 157 16.93 -45.66 -36.25
CA TYR D 157 15.62 -45.03 -36.20
C TYR D 157 15.57 -43.96 -35.11
N LYS D 158 14.93 -42.84 -35.43
CA LYS D 158 14.77 -41.72 -34.51
C LYS D 158 16.13 -41.22 -34.01
N GLN D 159 17.06 -41.05 -34.94
CA GLN D 159 18.37 -40.48 -34.63
C GLN D 159 18.47 -39.09 -35.24
N LEU D 160 18.91 -38.13 -34.43
CA LEU D 160 19.01 -36.74 -34.87
C LEU D 160 20.25 -36.56 -35.73
N LEU D 161 20.06 -36.13 -36.96
CA LEU D 161 21.15 -35.81 -37.86
C LEU D 161 21.43 -34.31 -37.81
N ASN D 162 22.26 -33.82 -38.71
CA ASN D 162 22.59 -32.41 -38.80
C ASN D 162 22.72 -32.04 -40.27
N GLU D 163 22.95 -30.75 -40.53
CA GLU D 163 23.05 -30.30 -41.93
C GLU D 163 24.28 -30.90 -42.60
N ASP D 164 25.43 -30.87 -41.93
CA ASP D 164 26.64 -31.46 -42.50
C ASP D 164 26.52 -32.98 -42.58
N GLN D 165 25.93 -33.61 -41.56
CA GLN D 165 25.73 -35.05 -41.62
C GLN D 165 24.81 -35.43 -42.77
N TRP D 166 23.73 -34.67 -42.95
CA TRP D 166 22.83 -34.98 -44.06
C TRP D 166 23.52 -34.76 -45.40
N MET D 167 24.35 -33.72 -45.51
CA MET D 167 25.08 -33.49 -46.75
C MET D 167 26.06 -34.62 -47.05
N GLU D 168 26.79 -35.08 -46.03
CA GLU D 168 27.75 -36.16 -46.27
C GLU D 168 27.06 -37.48 -46.58
N ILE D 169 25.88 -37.73 -45.99
CA ILE D 169 25.12 -38.92 -46.37
C ILE D 169 24.58 -38.78 -47.78
N GLU D 170 24.17 -37.58 -48.17
CA GLU D 170 23.71 -37.34 -49.53
C GLU D 170 24.83 -37.56 -50.55
N ASP D 171 26.07 -37.25 -50.17
CA ASP D 171 27.19 -37.49 -51.06
C ASP D 171 27.35 -38.97 -51.40
N GLN D 172 26.88 -39.86 -50.52
CA GLN D 172 26.97 -41.28 -50.78
C GLN D 172 25.70 -41.86 -51.40
N ILE D 173 24.52 -41.42 -50.94
CA ILE D 173 23.28 -41.98 -51.46
C ILE D 173 23.06 -41.59 -52.92
N TYR D 174 23.47 -40.37 -53.29
CA TYR D 174 23.27 -39.90 -54.66
C TYR D 174 24.28 -40.46 -55.65
N ALA D 175 25.41 -41.01 -55.17
CA ALA D 175 26.33 -41.66 -56.09
C ALA D 175 25.70 -42.90 -56.72
N GLU D 176 24.90 -43.63 -55.95
CA GLU D 176 24.20 -44.83 -56.42
C GLU D 176 25.19 -45.85 -56.99
N GLU D 177 26.33 -46.00 -56.33
CA GLU D 177 27.31 -47.00 -56.75
C GLU D 177 26.83 -48.41 -56.40
N SER D 178 26.63 -48.67 -55.11
CA SER D 178 26.14 -49.96 -54.66
C SER D 178 25.80 -49.85 -53.18
N ASP D 179 25.12 -50.89 -52.67
CA ASP D 179 24.86 -51.08 -51.25
C ASP D 179 24.05 -49.95 -50.63
N LEU D 180 23.29 -49.20 -51.44
CA LEU D 180 22.48 -48.12 -50.89
C LEU D 180 21.09 -48.06 -51.52
N GLU D 181 20.57 -49.18 -51.99
CA GLU D 181 19.19 -49.23 -52.44
C GLU D 181 18.24 -49.06 -51.26
N GLY D 182 17.00 -48.70 -51.57
CA GLY D 182 16.06 -48.39 -50.51
C GLY D 182 16.46 -47.10 -49.81
N ILE D 183 16.33 -45.98 -50.51
CA ILE D 183 16.86 -44.71 -50.03
C ILE D 183 16.27 -44.38 -48.67
N GLU D 184 17.14 -44.10 -47.70
CA GLU D 184 16.70 -43.68 -46.38
C GLU D 184 16.03 -42.31 -46.47
N VAL D 185 15.06 -42.09 -45.59
CA VAL D 185 14.33 -40.82 -45.55
C VAL D 185 14.73 -40.08 -44.28
N GLY D 186 15.17 -38.84 -44.44
CA GLY D 186 15.38 -37.94 -43.33
C GLY D 186 14.54 -36.70 -43.57
N ILE D 187 14.08 -36.08 -42.49
CA ILE D 187 13.17 -34.96 -42.64
C ILE D 187 13.40 -33.89 -41.57
N GLY D 188 13.81 -32.70 -42.01
CA GLY D 188 14.17 -31.62 -41.12
C GLY D 188 13.01 -30.79 -40.64
N ALA D 189 11.80 -31.09 -41.09
CA ALA D 189 10.61 -30.42 -40.60
C ALA D 189 10.23 -31.03 -39.26
N GLU D 190 8.98 -30.85 -38.84
CA GLU D 190 8.49 -31.60 -37.69
C GLU D 190 8.62 -33.10 -37.91
N ALA D 191 7.85 -33.65 -38.85
CA ALA D 191 7.70 -35.09 -39.04
C ALA D 191 7.24 -35.77 -37.75
N LEU D 192 6.74 -34.99 -36.79
CA LEU D 192 6.15 -35.57 -35.60
C LEU D 192 4.88 -36.34 -35.92
N GLN D 193 4.14 -35.91 -36.95
CA GLN D 193 2.96 -36.65 -37.36
C GLN D 193 3.34 -38.07 -37.78
N GLN D 194 4.43 -38.21 -38.53
CA GLN D 194 4.84 -39.54 -38.98
C GLN D 194 5.34 -40.40 -37.83
N LEU D 195 6.06 -39.80 -36.89
CA LEU D 195 6.57 -40.56 -35.76
C LEU D 195 5.44 -40.99 -34.83
N LEU D 196 4.44 -40.13 -34.64
CA LEU D 196 3.30 -40.47 -33.77
C LEU D 196 2.32 -41.40 -34.46
N GLN D 197 2.23 -41.36 -35.79
CA GLN D 197 1.39 -42.31 -36.52
C GLN D 197 1.98 -43.71 -36.50
N ASP D 198 3.31 -43.82 -36.47
CA ASP D 198 3.97 -45.11 -36.45
C ASP D 198 3.77 -45.86 -35.15
N LEU D 199 3.24 -45.21 -34.12
CA LEU D 199 3.01 -45.87 -32.84
C LEU D 199 1.99 -46.99 -33.00
N ASN D 200 2.20 -48.06 -32.25
CA ASN D 200 1.42 -49.29 -32.35
C ASN D 200 0.98 -49.72 -30.95
N LEU D 201 0.29 -48.81 -30.27
CA LEU D 201 0.04 -48.82 -28.82
C LEU D 201 -0.11 -50.20 -28.19
N ASN D 202 -0.83 -51.11 -28.84
CA ASN D 202 -1.09 -52.42 -28.22
C ASN D 202 0.20 -53.19 -27.97
N GLU D 203 1.03 -53.36 -29.01
CA GLU D 203 2.25 -54.13 -28.81
C GLU D 203 3.30 -53.35 -28.02
N GLU D 204 3.27 -52.02 -28.09
CA GLU D 204 4.13 -51.23 -27.21
C GLU D 204 3.78 -51.46 -25.75
N SER D 205 2.48 -51.50 -25.44
CA SER D 205 2.05 -51.78 -24.07
C SER D 205 2.42 -53.19 -23.65
N GLU D 206 2.25 -54.16 -24.54
CA GLU D 206 2.62 -55.54 -24.21
C GLU D 206 4.12 -55.66 -23.94
N LYS D 207 4.94 -55.04 -24.78
CA LYS D 207 6.38 -55.08 -24.58
C LYS D 207 6.76 -54.39 -23.29
N LEU D 208 6.16 -53.23 -23.01
CA LEU D 208 6.48 -52.52 -21.78
C LEU D 208 6.12 -53.32 -20.55
N ARG D 209 4.96 -54.01 -20.57
CA ARG D 209 4.59 -54.87 -19.45
C ARG D 209 5.56 -56.02 -19.31
N GLN D 210 5.94 -56.65 -20.42
CA GLN D 210 6.88 -57.77 -20.37
C GLN D 210 8.22 -57.33 -19.78
N GLU D 211 8.67 -56.12 -20.11
CA GLU D 211 9.94 -55.65 -19.57
C GLU D 211 9.79 -55.27 -18.10
N ILE D 212 8.69 -54.60 -17.73
CA ILE D 212 8.49 -54.16 -16.36
C ILE D 212 8.28 -55.35 -15.41
N ALA D 213 7.87 -56.50 -15.94
CA ALA D 213 7.69 -57.67 -15.07
C ALA D 213 9.01 -58.11 -14.45
N GLU D 214 10.10 -58.05 -15.22
CA GLU D 214 11.40 -58.51 -14.78
C GLU D 214 12.32 -57.33 -14.53
N SER D 215 13.03 -57.38 -13.39
CA SER D 215 14.08 -56.41 -13.04
C SER D 215 13.49 -55.06 -12.67
N LYS D 216 13.96 -54.47 -11.58
CA LYS D 216 13.44 -53.17 -11.18
C LYS D 216 14.53 -52.13 -10.95
N GLY D 217 15.67 -52.52 -10.39
CA GLY D 217 16.69 -51.55 -10.07
C GLY D 217 16.14 -50.48 -9.16
N GLN D 218 16.28 -49.22 -9.57
CA GLN D 218 15.66 -48.10 -8.87
C GLN D 218 15.01 -47.09 -9.82
N LYS D 219 15.08 -47.30 -11.13
CA LYS D 219 14.61 -46.34 -12.12
C LYS D 219 13.71 -47.01 -13.14
N ARG D 220 12.74 -47.77 -12.67
CA ARG D 220 11.66 -48.26 -13.52
C ARG D 220 10.45 -47.34 -13.49
N ALA D 221 10.52 -46.22 -12.76
CA ALA D 221 9.41 -45.27 -12.75
C ALA D 221 9.19 -44.65 -14.12
N LYS D 222 10.24 -44.54 -14.94
CA LYS D 222 10.08 -44.02 -16.29
C LYS D 222 9.20 -44.93 -17.13
N LEU D 223 9.45 -46.24 -17.06
CA LEU D 223 8.60 -47.18 -17.77
C LEU D 223 7.19 -47.19 -17.22
N ILE D 224 7.03 -46.94 -15.91
CA ILE D 224 5.70 -46.86 -15.32
C ILE D 224 4.94 -45.66 -15.89
N LYS D 225 5.61 -44.52 -16.02
CA LYS D 225 4.96 -43.34 -16.60
C LYS D 225 4.58 -43.60 -18.05
N ARG D 226 5.48 -44.21 -18.82
CA ARG D 226 5.17 -44.53 -20.21
C ARG D 226 3.98 -45.46 -20.30
N LEU D 227 3.93 -46.48 -19.45
CA LEU D 227 2.82 -47.42 -19.46
C LEU D 227 1.51 -46.73 -19.09
N ARG D 228 1.56 -45.80 -18.14
CA ARG D 228 0.36 -45.05 -17.76
C ARG D 228 -0.18 -44.25 -18.94
N VAL D 229 0.71 -43.53 -19.64
CA VAL D 229 0.27 -42.71 -20.77
C VAL D 229 -0.29 -43.58 -21.89
N ILE D 230 0.39 -44.69 -22.19
CA ILE D 230 -0.06 -45.58 -23.24
C ILE D 230 -1.43 -46.17 -22.91
N ASP D 231 -1.63 -46.55 -21.64
CA ASP D 231 -2.90 -47.12 -21.23
C ASP D 231 -4.02 -46.07 -21.29
N ASN D 232 -3.71 -44.82 -20.95
CA ASN D 232 -4.69 -43.76 -21.09
C ASN D 232 -5.14 -43.62 -22.53
N PHE D 233 -4.18 -43.60 -23.46
CA PHE D 233 -4.54 -43.45 -24.87
C PHE D 233 -5.28 -44.67 -25.40
N ILE D 234 -4.98 -45.86 -24.90
CA ILE D 234 -5.71 -47.04 -25.33
C ILE D 234 -7.14 -47.00 -24.81
N GLY D 235 -7.32 -46.66 -23.53
CA GLY D 235 -8.65 -46.66 -22.95
C GLY D 235 -9.56 -45.59 -23.53
N THR D 236 -9.02 -44.39 -23.76
CA THR D 236 -9.84 -43.32 -24.30
C THR D 236 -10.16 -43.50 -25.79
N GLU D 237 -9.45 -44.39 -26.47
CA GLU D 237 -9.59 -44.58 -27.93
C GLU D 237 -9.33 -43.29 -28.70
N SER D 238 -8.27 -42.58 -28.30
CA SER D 238 -7.79 -41.40 -29.02
C SER D 238 -6.59 -41.76 -29.87
N ARG D 239 -6.15 -40.79 -30.67
CA ARG D 239 -4.95 -40.94 -31.48
C ARG D 239 -3.91 -39.94 -31.05
N PRO D 240 -2.67 -40.34 -30.79
CA PRO D 240 -1.64 -39.38 -30.37
C PRO D 240 -1.36 -38.29 -31.39
N GLU D 241 -1.45 -38.58 -32.69
CA GLU D 241 -1.16 -37.59 -33.72
C GLU D 241 -2.14 -36.43 -33.74
N TRP D 242 -3.21 -36.49 -32.95
CA TRP D 242 -4.09 -35.34 -32.79
C TRP D 242 -3.44 -34.22 -31.99
N MET D 243 -2.27 -34.46 -31.39
CA MET D 243 -1.56 -33.40 -30.70
C MET D 243 -0.86 -32.44 -31.66
N VAL D 244 -0.87 -32.72 -32.96
CA VAL D 244 -0.31 -31.84 -33.99
C VAL D 244 -1.49 -31.27 -34.78
N LEU D 245 -1.59 -29.94 -34.83
CA LEU D 245 -2.76 -29.28 -35.35
C LEU D 245 -2.74 -29.18 -36.88
N ASN D 246 -3.91 -29.34 -37.49
CA ASN D 246 -4.08 -29.13 -38.91
C ASN D 246 -5.13 -28.08 -39.26
N VAL D 247 -6.12 -27.87 -38.38
CA VAL D 247 -7.06 -26.76 -38.47
C VAL D 247 -7.18 -26.17 -37.08
N ILE D 248 -7.59 -24.90 -37.01
CA ILE D 248 -7.81 -24.28 -35.70
C ILE D 248 -9.17 -23.60 -35.69
N PRO D 249 -9.83 -23.47 -34.53
CA PRO D 249 -11.12 -22.77 -34.48
C PRO D 249 -10.96 -21.28 -34.16
N VAL D 250 -12.03 -20.54 -34.42
CA VAL D 250 -12.09 -19.09 -34.21
C VAL D 250 -13.25 -18.80 -33.28
N ILE D 251 -13.02 -17.95 -32.28
CA ILE D 251 -14.01 -17.62 -31.27
C ILE D 251 -15.08 -16.71 -31.87
N PRO D 252 -16.33 -16.78 -31.41
CA PRO D 252 -17.37 -15.93 -31.99
C PRO D 252 -17.06 -14.46 -31.75
N PRO D 253 -17.55 -13.58 -32.64
CA PRO D 253 -17.06 -12.19 -32.65
C PRO D 253 -17.56 -11.31 -31.52
N ASP D 254 -18.60 -11.71 -30.78
CA ASP D 254 -19.03 -10.89 -29.64
C ASP D 254 -18.19 -11.11 -28.40
N LEU D 255 -17.40 -12.18 -28.36
CA LEU D 255 -16.49 -12.38 -27.25
C LEU D 255 -15.15 -11.69 -27.47
N ARG D 256 -14.94 -11.11 -28.65
CA ARG D 256 -13.80 -10.24 -28.95
C ARG D 256 -14.31 -9.02 -29.71
N PRO D 257 -15.02 -8.12 -29.03
CA PRO D 257 -15.72 -7.04 -29.73
C PRO D 257 -14.82 -5.84 -30.00
N MET D 258 -15.32 -4.96 -30.86
CA MET D 258 -14.70 -3.68 -31.16
C MET D 258 -15.43 -2.57 -30.42
N VAL D 259 -14.70 -1.79 -29.63
CA VAL D 259 -15.28 -0.70 -28.87
C VAL D 259 -14.73 0.62 -29.37
N GLN D 260 -15.55 1.66 -29.28
CA GLN D 260 -15.22 2.99 -29.78
C GLN D 260 -14.96 3.92 -28.60
N LEU D 261 -13.82 4.60 -28.62
CA LEU D 261 -13.44 5.50 -27.55
C LEU D 261 -14.24 6.80 -27.69
N ASP D 262 -13.92 7.80 -26.87
CA ASP D 262 -14.69 9.04 -26.86
C ASP D 262 -14.41 9.89 -28.09
N GLY D 263 -13.14 9.98 -28.49
CA GLY D 263 -12.73 10.81 -29.61
C GLY D 263 -12.91 10.20 -30.98
N GLY D 264 -13.63 9.08 -31.08
CA GLY D 264 -13.82 8.40 -32.34
C GLY D 264 -12.79 7.34 -32.66
N ARG D 265 -11.78 7.16 -31.81
CA ARG D 265 -10.77 6.15 -32.04
C ARG D 265 -11.25 4.78 -31.55
N PHE D 266 -10.72 3.74 -32.18
CA PHE D 266 -11.11 2.36 -31.88
C PHE D 266 -10.11 1.74 -30.90
N ALA D 267 -10.64 0.95 -29.98
CA ALA D 267 -9.83 0.18 -29.04
C ALA D 267 -10.12 -1.30 -29.30
N THR D 268 -9.38 -1.90 -30.22
CA THR D 268 -9.60 -3.30 -30.57
C THR D 268 -8.91 -4.21 -29.55
N SER D 269 -9.36 -5.45 -29.51
CA SER D 269 -8.86 -6.43 -28.55
C SER D 269 -7.46 -6.88 -28.94
N ASP D 270 -6.88 -7.75 -28.12
CA ASP D 270 -5.59 -8.36 -28.41
C ASP D 270 -5.71 -9.66 -29.18
N LEU D 271 -6.89 -10.28 -29.19
CA LEU D 271 -7.07 -11.51 -29.97
C LEU D 271 -7.13 -11.23 -31.45
N ASN D 272 -7.64 -10.05 -31.83
CA ASN D 272 -7.74 -9.73 -33.25
C ASN D 272 -6.37 -9.59 -33.89
N ASP D 273 -5.40 -9.01 -33.18
CA ASP D 273 -4.04 -8.91 -33.70
C ASP D 273 -3.43 -10.28 -33.93
N LEU D 274 -3.58 -11.19 -32.96
CA LEU D 274 -3.00 -12.52 -33.09
C LEU D 274 -3.64 -13.31 -34.22
N TYR D 275 -4.96 -13.21 -34.35
CA TYR D 275 -5.64 -13.86 -35.47
C TYR D 275 -5.19 -13.28 -36.81
N ARG D 276 -5.03 -11.95 -36.87
CA ARG D 276 -4.56 -11.33 -38.11
C ARG D 276 -3.17 -11.81 -38.49
N ARG D 277 -2.26 -11.90 -37.51
CA ARG D 277 -0.92 -12.38 -37.80
C ARG D 277 -0.95 -13.82 -38.32
N VAL D 278 -1.75 -14.68 -37.69
CA VAL D 278 -1.83 -16.07 -38.13
C VAL D 278 -2.35 -16.15 -39.56
N ILE D 279 -3.42 -15.41 -39.85
CA ILE D 279 -4.02 -15.48 -41.19
C ILE D 279 -3.07 -14.94 -42.25
N ASN D 280 -2.39 -13.83 -41.97
CA ASN D 280 -1.47 -13.25 -42.93
C ASN D 280 -0.33 -14.22 -43.24
N ARG D 281 0.28 -14.80 -42.21
CA ARG D 281 1.38 -15.73 -42.46
C ARG D 281 0.89 -16.97 -43.22
N ASN D 282 -0.30 -17.47 -42.89
CA ASN D 282 -0.82 -18.63 -43.59
C ASN D 282 -1.04 -18.33 -45.07
N ASN D 283 -1.63 -17.18 -45.38
CA ASN D 283 -1.87 -16.82 -46.77
C ASN D 283 -0.56 -16.65 -47.53
N ARG D 284 0.43 -16.01 -46.92
CA ARG D 284 1.72 -15.84 -47.58
C ARG D 284 2.39 -17.18 -47.85
N LEU D 285 2.36 -18.09 -46.88
CA LEU D 285 2.97 -19.41 -47.08
C LEU D 285 2.27 -20.18 -48.18
N ALA D 286 0.93 -20.13 -48.22
CA ALA D 286 0.20 -20.82 -49.29
C ALA D 286 0.56 -20.24 -50.65
N ARG D 287 0.66 -18.91 -50.74
CA ARG D 287 1.06 -18.29 -52.01
C ARG D 287 2.45 -18.76 -52.45
N LEU D 288 3.40 -18.79 -51.52
CA LEU D 288 4.74 -19.24 -51.85
C LEU D 288 4.74 -20.69 -52.31
N GLN D 289 3.96 -21.54 -51.63
CA GLN D 289 3.89 -22.94 -52.04
C GLN D 289 3.28 -23.09 -53.42
N GLU D 290 2.40 -22.18 -53.82
CA GLU D 290 1.80 -22.26 -55.15
C GLU D 290 2.83 -22.03 -56.25
N ILE D 291 3.72 -21.05 -56.07
CA ILE D 291 4.69 -20.68 -57.12
C ILE D 291 5.87 -21.63 -57.21
N LEU D 292 5.95 -22.62 -56.33
CA LEU D 292 7.10 -23.52 -56.24
C LEU D 292 8.39 -22.74 -55.97
N ALA D 293 8.40 -22.04 -54.86
CA ALA D 293 9.54 -21.24 -54.45
C ALA D 293 10.67 -22.16 -53.96
N PRO D 294 11.89 -21.63 -53.85
CA PRO D 294 12.97 -22.42 -53.25
C PRO D 294 12.61 -22.85 -51.83
N GLU D 295 13.07 -24.05 -51.47
CA GLU D 295 12.65 -24.67 -50.22
C GLU D 295 13.20 -23.95 -49.00
N ILE D 296 14.37 -23.34 -49.12
CA ILE D 296 15.01 -22.70 -47.97
C ILE D 296 14.23 -21.47 -47.48
N ILE D 297 13.38 -20.89 -48.33
CA ILE D 297 12.47 -19.83 -47.90
C ILE D 297 11.14 -20.40 -47.39
N VAL D 298 10.65 -21.49 -47.97
CA VAL D 298 9.44 -22.12 -47.48
C VAL D 298 9.64 -22.58 -46.04
N ARG D 299 10.83 -23.08 -45.71
CA ARG D 299 11.09 -23.49 -44.32
C ARG D 299 11.05 -22.31 -43.36
N ASN D 300 11.57 -21.15 -43.77
CA ASN D 300 11.47 -19.96 -42.94
C ASN D 300 10.02 -19.58 -42.71
N GLU D 301 9.21 -19.63 -43.76
CA GLU D 301 7.80 -19.30 -43.61
C GLU D 301 7.10 -20.28 -42.66
N LYS D 302 7.44 -21.57 -42.75
CA LYS D 302 6.84 -22.56 -41.87
C LYS D 302 7.22 -22.32 -40.42
N ARG D 303 8.48 -22.00 -40.16
CA ARG D 303 8.90 -21.71 -38.80
C ARG D 303 8.19 -20.47 -38.24
N MET D 304 8.05 -19.44 -39.06
CA MET D 304 7.33 -18.24 -38.61
C MET D 304 5.86 -18.54 -38.32
N LEU D 305 5.23 -19.38 -39.14
CA LEU D 305 3.84 -19.75 -38.90
C LEU D 305 3.69 -20.54 -37.59
N GLN D 306 4.62 -21.45 -37.33
CA GLN D 306 4.62 -22.16 -36.06
C GLN D 306 4.69 -21.19 -34.89
N GLU D 307 5.61 -20.23 -34.97
CA GLU D 307 5.76 -19.27 -33.87
C GLU D 307 4.50 -18.43 -33.70
N ALA D 308 3.85 -18.06 -34.80
CA ALA D 308 2.63 -17.27 -34.71
C ALA D 308 1.50 -18.04 -34.03
N VAL D 309 1.28 -19.28 -34.43
CA VAL D 309 0.21 -20.06 -33.81
C VAL D 309 0.52 -20.31 -32.34
N ASP D 310 1.79 -20.56 -32.03
CA ASP D 310 2.19 -20.75 -30.64
C ASP D 310 1.91 -19.49 -29.82
N ALA D 311 2.21 -18.31 -30.37
CA ALA D 311 1.94 -17.07 -29.65
C ALA D 311 0.45 -16.81 -29.49
N LEU D 312 -0.36 -17.27 -30.44
CA LEU D 312 -1.81 -17.15 -30.27
C LEU D 312 -2.31 -18.04 -29.14
N ILE D 313 -1.85 -19.30 -29.09
CA ILE D 313 -2.33 -20.23 -28.08
C ILE D 313 -1.87 -19.79 -26.68
N ASP D 314 -0.59 -19.50 -26.53
CA ASP D 314 -0.02 -19.10 -25.24
C ASP D 314 1.20 -18.23 -25.50
N ASN D 315 1.20 -17.02 -24.95
CA ASN D 315 2.19 -16.00 -25.27
C ASN D 315 3.31 -16.05 -24.24
N GLY D 316 4.54 -16.22 -24.72
CA GLY D 316 5.69 -16.20 -23.85
C GLY D 316 5.95 -17.46 -23.06
N ARG D 317 5.43 -18.59 -23.51
CA ARG D 317 5.67 -19.86 -22.82
C ARG D 317 6.96 -20.52 -23.28
N ARG D 318 7.15 -20.65 -24.59
CA ARG D 318 8.33 -21.30 -25.14
C ARG D 318 9.41 -20.29 -25.51
N GLY D 319 9.11 -19.39 -26.43
CA GLY D 319 10.12 -18.49 -26.95
C GLY D 319 10.08 -17.10 -26.35
N ARG D 320 9.87 -16.11 -27.20
CA ARG D 320 9.88 -14.71 -26.79
C ARG D 320 8.46 -14.15 -26.82
N THR D 321 8.17 -13.25 -25.88
CA THR D 321 6.86 -12.64 -25.81
C THR D 321 6.65 -11.70 -27.00
N VAL D 322 5.42 -11.66 -27.50
CA VAL D 322 5.05 -10.78 -28.59
C VAL D 322 4.45 -9.51 -28.00
N VAL D 323 5.08 -8.37 -28.27
CA VAL D 323 4.66 -7.09 -27.72
C VAL D 323 3.87 -6.33 -28.80
N GLY D 324 2.96 -5.49 -28.35
CA GLY D 324 2.06 -4.80 -29.26
C GLY D 324 2.41 -3.36 -29.52
N ALA D 325 1.50 -2.45 -29.21
CA ALA D 325 1.74 -1.03 -29.43
C ALA D 325 2.87 -0.53 -28.54
N ASN D 326 2.69 -0.61 -27.22
CA ASN D 326 3.77 -0.32 -26.28
C ASN D 326 4.65 -1.56 -26.17
N ASN D 327 5.55 -1.57 -25.19
CA ASN D 327 6.35 -2.74 -24.91
C ASN D 327 5.67 -3.69 -23.93
N ARG D 328 4.34 -3.65 -23.85
CA ARG D 328 3.58 -4.54 -22.99
C ARG D 328 3.10 -5.75 -23.78
N PRO D 329 3.06 -6.93 -23.15
CA PRO D 329 2.65 -8.14 -23.86
C PRO D 329 1.18 -8.13 -24.24
N LEU D 330 0.86 -8.87 -25.29
CA LEU D 330 -0.52 -9.08 -25.68
C LEU D 330 -1.14 -10.20 -24.85
N LYS D 331 -2.47 -10.17 -24.75
CA LYS D 331 -3.22 -11.13 -23.96
C LYS D 331 -3.67 -12.27 -24.85
N SER D 332 -3.23 -13.48 -24.55
CA SER D 332 -3.51 -14.65 -25.36
C SER D 332 -4.77 -15.36 -24.87
N LEU D 333 -5.01 -16.57 -25.36
CA LEU D 333 -6.20 -17.33 -24.98
C LEU D 333 -6.08 -17.93 -23.59
N SER D 334 -4.86 -18.27 -23.16
CA SER D 334 -4.67 -18.85 -21.84
C SER D 334 -4.73 -17.82 -20.73
N ASP D 335 -4.41 -16.55 -21.02
CA ASP D 335 -4.48 -15.51 -20.02
C ASP D 335 -5.92 -15.19 -19.62
N ILE D 336 -6.89 -15.57 -20.45
CA ILE D 336 -8.30 -15.30 -20.14
C ILE D 336 -8.76 -16.13 -18.94
N ILE D 337 -8.25 -17.35 -18.81
CA ILE D 337 -8.81 -18.30 -17.87
C ILE D 337 -7.91 -18.55 -16.66
N GLU D 338 -6.64 -18.18 -16.71
CA GLU D 338 -5.66 -18.79 -15.82
C GLU D 338 -5.40 -17.99 -14.55
N GLY D 339 -5.56 -16.67 -14.59
CA GLY D 339 -5.06 -15.83 -13.52
C GLY D 339 -6.01 -15.73 -12.33
N LYS D 340 -5.66 -14.80 -11.44
CA LYS D 340 -6.59 -14.39 -10.38
C LYS D 340 -7.68 -13.50 -10.94
N GLN D 341 -7.37 -12.70 -11.95
CA GLN D 341 -8.33 -11.87 -12.66
C GLN D 341 -8.92 -12.58 -13.87
N GLY D 342 -8.74 -13.90 -13.97
CA GLY D 342 -9.31 -14.67 -15.04
C GLY D 342 -10.78 -14.95 -14.83
N ARG D 343 -11.36 -15.68 -15.78
CA ARG D 343 -12.79 -15.93 -15.77
C ARG D 343 -13.23 -16.69 -14.53
N PHE D 344 -12.48 -17.71 -14.13
CA PHE D 344 -12.90 -18.60 -13.05
C PHE D 344 -13.14 -17.83 -11.74
N ARG D 345 -12.16 -17.05 -11.30
CA ARG D 345 -12.22 -16.40 -10.00
C ARG D 345 -12.93 -15.06 -10.03
N GLN D 346 -13.14 -14.46 -11.19
CA GLN D 346 -13.73 -13.14 -11.28
C GLN D 346 -15.18 -13.13 -11.76
N ASN D 347 -15.58 -14.07 -12.60
CA ASN D 347 -16.90 -14.04 -13.19
C ASN D 347 -17.78 -15.21 -12.80
N LEU D 348 -17.22 -16.31 -12.29
CA LEU D 348 -17.98 -17.50 -11.98
C LEU D 348 -18.13 -17.75 -10.49
N LEU D 349 -17.09 -17.49 -9.70
CA LEU D 349 -17.15 -17.69 -8.26
C LEU D 349 -17.55 -16.43 -7.49
N GLY D 350 -17.83 -15.34 -8.19
CA GLY D 350 -18.32 -14.11 -7.59
C GLY D 350 -18.70 -13.10 -8.64
N LYS D 351 -19.85 -12.45 -8.51
CA LYS D 351 -20.36 -11.57 -9.55
C LYS D 351 -20.92 -10.29 -8.94
N ARG D 352 -21.31 -9.37 -9.82
CA ARG D 352 -22.07 -8.18 -9.45
C ARG D 352 -23.56 -8.45 -9.61
N VAL D 353 -24.37 -7.83 -8.75
CA VAL D 353 -25.78 -8.15 -8.64
C VAL D 353 -26.62 -6.88 -8.68
N ASP D 354 -27.92 -7.06 -8.91
CA ASP D 354 -28.90 -5.99 -8.91
C ASP D 354 -29.54 -5.83 -7.53
N TYR D 355 -30.33 -4.77 -7.38
CA TYR D 355 -31.06 -4.46 -6.15
C TYR D 355 -30.12 -4.40 -4.95
N SER D 356 -29.07 -3.60 -5.09
CA SER D 356 -28.04 -3.50 -4.07
C SER D 356 -27.58 -2.06 -3.96
N GLY D 357 -27.13 -1.69 -2.77
CA GLY D 357 -26.63 -0.35 -2.52
C GLY D 357 -25.51 -0.30 -1.50
N ARG D 358 -24.97 0.87 -1.22
CA ARG D 358 -23.87 1.00 -0.26
C ARG D 358 -23.90 2.40 0.33
N SER D 359 -23.55 2.51 1.62
CA SER D 359 -23.50 3.82 2.26
C SER D 359 -22.70 3.73 3.57
N VAL D 360 -22.52 4.89 4.20
CA VAL D 360 -21.83 5.00 5.48
C VAL D 360 -22.78 4.61 6.60
N ILE D 361 -22.21 4.18 7.73
CA ILE D 361 -23.00 3.73 8.88
C ILE D 361 -22.76 4.67 10.06
N VAL D 362 -23.84 4.97 10.77
CA VAL D 362 -23.78 5.70 12.04
C VAL D 362 -24.44 4.83 13.11
N VAL D 363 -24.36 5.28 14.34
CA VAL D 363 -24.91 4.54 15.47
C VAL D 363 -26.37 4.92 15.67
N GLY D 364 -27.21 3.93 15.88
CA GLY D 364 -28.57 4.19 16.28
C GLY D 364 -28.91 3.50 17.59
N PRO D 365 -29.04 4.28 18.66
CA PRO D 365 -29.69 3.78 19.87
C PRO D 365 -31.20 3.90 19.68
N ASN D 366 -31.93 3.41 20.67
CA ASN D 366 -33.39 3.33 20.63
C ASN D 366 -33.89 2.38 19.54
N LEU D 367 -33.00 1.73 18.81
CA LEU D 367 -33.37 0.63 17.93
C LEU D 367 -33.34 -0.66 18.71
N LYS D 368 -34.20 -1.60 18.31
CA LYS D 368 -34.11 -2.95 18.82
C LYS D 368 -33.22 -3.78 17.93
N ILE D 369 -32.51 -4.74 18.52
CA ILE D 369 -31.79 -5.71 17.71
C ILE D 369 -32.82 -6.41 16.83
N HIS D 370 -32.42 -6.71 15.59
CA HIS D 370 -33.25 -7.12 14.43
C HIS D 370 -33.88 -5.95 13.70
N GLN D 371 -33.49 -4.71 14.00
CA GLN D 371 -33.97 -3.54 13.27
C GLN D 371 -32.80 -2.72 12.76
N CYS D 372 -33.00 -2.07 11.62
CA CYS D 372 -31.99 -1.19 11.05
C CYS D 372 -32.68 0.05 10.50
N GLY D 373 -31.90 1.10 10.26
CA GLY D 373 -32.43 2.33 9.70
C GLY D 373 -31.95 2.58 8.29
N LEU D 374 -32.86 2.57 7.33
CA LEU D 374 -32.52 2.72 5.92
C LEU D 374 -32.93 4.09 5.42
N PRO D 375 -32.05 4.82 4.74
CA PRO D 375 -32.44 6.15 4.25
C PRO D 375 -33.54 6.07 3.20
N ARG D 376 -34.35 7.13 3.15
CA ARG D 376 -35.52 7.17 2.28
C ARG D 376 -35.16 7.27 0.81
N GLU D 377 -33.93 7.66 0.48
CA GLU D 377 -33.52 7.82 -0.91
C GLU D 377 -33.04 6.53 -1.55
N MET D 378 -32.59 5.56 -0.75
CA MET D 378 -32.20 4.25 -1.25
C MET D 378 -33.36 3.28 -1.33
N ALA D 379 -34.33 3.39 -0.41
CA ALA D 379 -35.45 2.47 -0.40
C ALA D 379 -36.33 2.64 -1.63
N ILE D 380 -36.55 3.88 -2.07
CA ILE D 380 -37.40 4.11 -3.23
C ILE D 380 -36.78 3.55 -4.50
N GLU D 381 -35.47 3.28 -4.49
CA GLU D 381 -34.80 2.69 -5.64
C GLU D 381 -34.70 1.18 -5.55
N LEU D 382 -34.34 0.65 -4.38
CA LEU D 382 -34.21 -0.80 -4.24
C LEU D 382 -35.54 -1.53 -4.27
N PHE D 383 -36.65 -0.84 -3.97
CA PHE D 383 -37.96 -1.46 -3.83
C PHE D 383 -38.93 -1.02 -4.92
N GLN D 384 -38.41 -0.69 -6.11
CA GLN D 384 -39.27 -0.12 -7.15
C GLN D 384 -40.36 -1.05 -7.65
N PRO D 385 -40.09 -2.31 -8.02
CA PRO D 385 -41.18 -3.16 -8.55
C PRO D 385 -42.32 -3.38 -7.58
N PHE D 386 -42.01 -3.54 -6.29
CA PHE D 386 -43.07 -3.73 -5.29
C PHE D 386 -43.92 -2.48 -5.15
N VAL D 387 -43.29 -1.30 -5.21
CA VAL D 387 -44.03 -0.05 -5.18
C VAL D 387 -44.96 0.06 -6.38
N ILE D 388 -44.46 -0.30 -7.57
CA ILE D 388 -45.27 -0.24 -8.78
C ILE D 388 -46.46 -1.20 -8.68
N HIS D 389 -46.22 -2.42 -8.19
CA HIS D 389 -47.31 -3.37 -8.04
C HIS D 389 -48.37 -2.86 -7.08
N ARG D 390 -47.95 -2.31 -5.93
CA ARG D 390 -48.92 -1.80 -4.97
C ARG D 390 -49.67 -0.59 -5.49
N LEU D 391 -49.01 0.26 -6.28
CA LEU D 391 -49.69 1.40 -6.88
C LEU D 391 -50.72 0.95 -7.91
N ILE D 392 -50.43 -0.09 -8.67
CA ILE D 392 -51.39 -0.57 -9.65
C ILE D 392 -52.58 -1.23 -8.97
N LYS D 393 -52.33 -2.09 -7.98
CA LYS D 393 -53.41 -2.86 -7.37
C LYS D 393 -54.32 -1.97 -6.53
N ASN D 394 -53.78 -1.39 -5.46
CA ASN D 394 -54.51 -0.39 -4.69
C ASN D 394 -54.13 1.00 -5.19
N HIS D 395 -55.01 1.97 -4.93
CA HIS D 395 -54.89 3.31 -5.52
C HIS D 395 -54.75 3.19 -7.04
N SER D 396 -55.78 2.63 -7.67
CA SER D 396 -55.75 2.27 -9.08
C SER D 396 -55.20 3.40 -9.93
N ILE D 397 -54.09 3.13 -10.61
CA ILE D 397 -53.40 4.15 -11.38
C ILE D 397 -53.78 4.04 -12.86
N ASN D 398 -53.38 2.93 -13.49
CA ASN D 398 -53.61 2.61 -14.89
C ASN D 398 -52.57 1.61 -15.39
N ASN D 399 -51.47 2.12 -15.92
CA ASN D 399 -50.39 1.32 -16.51
C ASN D 399 -49.08 1.57 -15.75
N ILE D 400 -48.02 0.94 -16.24
CA ILE D 400 -46.70 1.08 -15.61
C ILE D 400 -46.10 2.45 -15.89
N LYS D 401 -46.32 3.00 -17.09
CA LYS D 401 -45.74 4.30 -17.42
C LYS D 401 -46.25 5.40 -16.50
N GLN D 402 -47.55 5.36 -16.18
CA GLN D 402 -48.10 6.36 -15.27
C GLN D 402 -47.53 6.21 -13.87
N ALA D 403 -47.32 4.97 -13.42
CA ALA D 403 -46.70 4.75 -12.12
C ALA D 403 -45.28 5.29 -12.08
N LYS D 404 -44.51 5.07 -13.16
CA LYS D 404 -43.14 5.58 -13.19
C LYS D 404 -43.12 7.10 -13.25
N LYS D 405 -44.04 7.72 -13.99
CA LYS D 405 -44.12 9.17 -13.99
C LYS D 405 -44.52 9.70 -12.62
N LEU D 406 -45.38 8.97 -11.91
CA LEU D 406 -45.77 9.38 -10.57
C LEU D 406 -44.59 9.32 -9.61
N ILE D 407 -43.78 8.27 -9.72
CA ILE D 407 -42.58 8.17 -8.90
C ILE D 407 -41.60 9.29 -9.24
N GLN D 408 -41.43 9.58 -10.53
CA GLN D 408 -40.50 10.62 -10.95
C GLN D 408 -40.94 12.00 -10.45
N LYS D 409 -42.25 12.27 -10.49
CA LYS D 409 -42.77 13.56 -10.05
C LYS D 409 -42.68 13.76 -8.54
N ASN D 410 -42.43 12.68 -7.78
CA ASN D 410 -42.36 12.73 -6.32
C ASN D 410 -43.69 13.16 -5.71
N ASP D 411 -44.72 12.36 -5.97
CA ASP D 411 -46.02 12.57 -5.37
C ASP D 411 -45.97 12.22 -3.88
N PRO D 412 -46.80 12.87 -3.05
CA PRO D 412 -46.86 12.50 -1.64
C PRO D 412 -47.32 11.07 -1.38
N LEU D 413 -48.11 10.49 -2.29
CA LEU D 413 -48.61 9.13 -2.11
C LEU D 413 -47.50 8.08 -2.19
N ILE D 414 -46.36 8.44 -2.78
CA ILE D 414 -45.28 7.49 -2.99
C ILE D 414 -44.74 6.99 -1.65
N TRP D 415 -44.52 7.89 -0.71
CA TRP D 415 -43.97 7.50 0.58
C TRP D 415 -44.98 6.74 1.42
N ASP D 416 -46.27 7.09 1.31
CA ASP D 416 -47.30 6.34 2.01
C ASP D 416 -47.37 4.91 1.50
N VAL D 417 -47.20 4.71 0.19
CA VAL D 417 -47.16 3.35 -0.35
C VAL D 417 -45.90 2.62 0.10
N LEU D 418 -44.75 3.30 0.05
CA LEU D 418 -43.49 2.65 0.36
C LEU D 418 -43.43 2.17 1.81
N GLU D 419 -43.95 2.99 2.74
CA GLU D 419 -43.90 2.62 4.16
C GLU D 419 -44.60 1.30 4.42
N GLU D 420 -45.71 1.03 3.74
CA GLU D 420 -46.42 -0.23 3.90
C GLU D 420 -45.90 -1.31 2.97
N VAL D 421 -45.14 -0.95 1.94
CA VAL D 421 -44.48 -1.96 1.12
C VAL D 421 -43.35 -2.63 1.90
N ILE D 422 -42.56 -1.84 2.63
CA ILE D 422 -41.33 -2.40 3.21
C ILE D 422 -41.51 -3.07 4.56
N GLU D 423 -42.68 -2.98 5.18
CA GLU D 423 -42.86 -3.60 6.48
C GLU D 423 -43.03 -5.11 6.35
N GLY D 424 -42.31 -5.87 7.16
CA GLY D 424 -42.30 -7.31 7.05
C GLY D 424 -41.39 -7.86 5.98
N HIS D 425 -40.50 -7.05 5.41
CA HIS D 425 -39.59 -7.46 4.35
C HIS D 425 -38.16 -7.35 4.86
N PRO D 426 -37.46 -8.46 5.10
CA PRO D 426 -36.10 -8.37 5.62
C PRO D 426 -35.11 -7.91 4.56
N VAL D 427 -33.95 -7.45 5.04
CA VAL D 427 -32.90 -6.92 4.17
C VAL D 427 -31.56 -7.38 4.72
N MET D 428 -30.62 -7.68 3.83
CA MET D 428 -29.33 -8.23 4.22
C MET D 428 -28.25 -7.17 4.18
N LEU D 429 -27.47 -7.08 5.27
CA LEU D 429 -26.41 -6.10 5.44
C LEU D 429 -25.07 -6.82 5.54
N ASN D 430 -24.05 -6.21 4.92
CA ASN D 430 -22.74 -6.84 4.74
C ASN D 430 -21.63 -5.81 4.88
N ARG D 431 -20.48 -6.26 5.39
CA ARG D 431 -19.28 -5.44 5.56
C ARG D 431 -18.11 -6.08 4.82
N ALA D 432 -17.08 -5.26 4.53
CA ALA D 432 -16.17 -5.57 3.43
C ALA D 432 -15.36 -6.84 3.64
N PRO D 433 -14.47 -6.96 4.66
CA PRO D 433 -13.75 -8.22 4.82
C PRO D 433 -14.56 -9.25 5.59
N THR D 434 -15.34 -10.06 4.89
CA THR D 434 -16.19 -11.08 5.50
C THR D 434 -15.33 -12.25 5.96
N LEU D 435 -14.99 -12.28 7.25
CA LEU D 435 -14.07 -13.27 7.76
C LEU D 435 -14.76 -14.51 8.30
N HIS D 436 -16.02 -14.38 8.72
CA HIS D 436 -16.82 -15.52 9.15
C HIS D 436 -18.27 -15.24 8.79
N ARG D 437 -19.15 -16.19 9.14
CA ARG D 437 -20.53 -16.13 8.66
C ARG D 437 -21.36 -15.06 9.33
N LEU D 438 -20.87 -14.43 10.39
CA LEU D 438 -21.59 -13.35 11.04
C LEU D 438 -21.28 -11.99 10.43
N GLY D 439 -20.59 -11.95 9.30
CA GLY D 439 -20.39 -10.73 8.55
C GLY D 439 -21.51 -10.37 7.60
N ILE D 440 -22.49 -11.25 7.42
CA ILE D 440 -23.72 -10.96 6.69
C ILE D 440 -24.87 -11.28 7.61
N GLN D 441 -25.78 -10.31 7.81
CA GLN D 441 -26.93 -10.57 8.67
C GLN D 441 -28.18 -9.86 8.14
N ALA D 442 -29.34 -10.37 8.55
CA ALA D 442 -30.62 -9.85 8.08
C ALA D 442 -31.29 -9.02 9.17
N PHE D 443 -31.87 -7.90 8.77
CA PHE D 443 -32.55 -6.96 9.65
C PHE D 443 -33.90 -6.59 9.05
N GLU D 444 -34.74 -5.94 9.86
CA GLU D 444 -35.97 -5.33 9.36
C GLU D 444 -35.78 -3.84 9.23
N PRO D 445 -36.11 -3.24 8.09
CA PRO D 445 -35.78 -1.84 7.87
C PRO D 445 -36.83 -0.88 8.39
N ILE D 446 -36.36 0.30 8.79
CA ILE D 446 -37.19 1.42 9.20
C ILE D 446 -36.73 2.64 8.43
N LEU D 447 -37.66 3.36 7.83
CA LEU D 447 -37.28 4.50 6.99
C LEU D 447 -36.80 5.66 7.85
N VAL D 448 -35.58 6.13 7.59
CA VAL D 448 -35.02 7.26 8.31
C VAL D 448 -34.74 8.39 7.33
N GLU D 449 -34.53 9.57 7.87
CA GLU D 449 -34.24 10.78 7.10
C GLU D 449 -32.76 11.11 7.24
N GLY D 450 -32.09 11.29 6.11
CA GLY D 450 -30.67 11.47 6.04
C GLY D 450 -30.08 10.59 4.97
N ARG D 451 -28.76 10.39 5.02
CA ARG D 451 -28.06 9.61 4.01
C ARG D 451 -27.08 8.64 4.64
N ALA D 452 -27.34 8.20 5.86
CA ALA D 452 -26.48 7.24 6.54
C ALA D 452 -27.33 6.11 7.11
N ILE D 453 -26.74 4.93 7.17
CA ILE D 453 -27.40 3.75 7.72
C ILE D 453 -27.17 3.71 9.22
N GLN D 454 -28.22 3.44 9.99
CA GLN D 454 -28.13 3.34 11.43
C GLN D 454 -28.01 1.88 11.84
N LEU D 455 -27.02 1.59 12.67
CA LEU D 455 -26.69 0.23 13.09
C LEU D 455 -26.78 0.11 14.60
N HIS D 456 -27.37 -0.98 15.07
CA HIS D 456 -27.52 -1.21 16.50
C HIS D 456 -26.16 -1.38 17.16
N PRO D 457 -25.93 -0.78 18.33
CA PRO D 457 -24.61 -0.91 18.97
C PRO D 457 -24.24 -2.32 19.41
N LEU D 458 -25.20 -3.23 19.56
CA LEU D 458 -24.92 -4.55 20.09
C LEU D 458 -24.43 -5.54 19.03
N VAL D 459 -24.40 -5.15 17.76
CA VAL D 459 -23.93 -6.02 16.70
C VAL D 459 -22.59 -5.60 16.13
N CYS D 460 -21.97 -4.56 16.69
CA CYS D 460 -20.70 -4.08 16.16
C CYS D 460 -19.56 -5.09 16.29
N PRO D 461 -19.33 -5.74 17.44
CA PRO D 461 -18.24 -6.72 17.50
C PRO D 461 -18.37 -7.89 16.54
N ALA D 462 -19.59 -8.30 16.20
CA ALA D 462 -19.76 -9.37 15.23
C ALA D 462 -19.30 -8.93 13.83
N PHE D 463 -19.73 -7.75 13.40
CA PHE D 463 -19.29 -7.17 12.13
C PHE D 463 -17.87 -6.63 12.19
N ASN D 464 -17.32 -6.44 13.39
CA ASN D 464 -16.08 -5.70 13.61
C ASN D 464 -16.20 -4.25 13.13
N ALA D 465 -17.38 -3.68 13.26
CA ALA D 465 -17.66 -2.34 12.77
C ALA D 465 -17.23 -1.28 13.78
N ASP D 466 -17.29 -0.03 13.34
CA ASP D 466 -16.81 1.12 14.08
C ASP D 466 -17.23 2.36 13.32
N PHE D 467 -17.54 3.43 14.04
CA PHE D 467 -18.12 4.62 13.43
C PHE D 467 -17.06 5.71 13.25
N ASP D 468 -16.07 5.41 12.40
CA ASP D 468 -15.09 6.42 12.01
C ASP D 468 -14.82 6.42 10.51
N GLY D 469 -15.73 5.90 9.70
CA GLY D 469 -15.55 5.91 8.26
C GLY D 469 -15.96 4.63 7.55
N ASP D 470 -16.44 3.65 8.31
CA ASP D 470 -16.79 2.36 7.74
C ASP D 470 -18.01 2.47 6.83
N GLN D 471 -18.14 1.52 5.92
CA GLN D 471 -19.21 1.50 4.94
C GLN D 471 -19.81 0.11 4.86
N MET D 472 -21.08 0.06 4.43
CA MET D 472 -21.81 -1.20 4.40
C MET D 472 -22.59 -1.32 3.10
N ALA D 473 -22.84 -2.57 2.70
CA ALA D 473 -23.59 -2.90 1.50
C ALA D 473 -24.91 -3.57 1.86
N VAL D 474 -25.93 -3.29 1.05
CA VAL D 474 -27.31 -3.68 1.30
C VAL D 474 -27.82 -4.47 0.11
N HIS D 475 -28.39 -5.65 0.37
CA HIS D 475 -29.03 -6.48 -0.65
C HIS D 475 -30.44 -6.84 -0.20
N VAL D 476 -31.34 -7.05 -1.15
CA VAL D 476 -32.72 -7.41 -0.81
C VAL D 476 -33.09 -8.74 -1.47
N PRO D 477 -33.84 -9.60 -0.76
CA PRO D 477 -34.35 -10.83 -1.38
C PRO D 477 -35.70 -10.63 -2.06
N LEU D 478 -35.91 -11.41 -3.12
CA LEU D 478 -37.03 -11.19 -4.03
C LEU D 478 -38.15 -12.21 -3.87
N SER D 479 -37.84 -13.49 -3.81
CA SER D 479 -38.87 -14.53 -3.83
C SER D 479 -39.31 -14.89 -2.42
N ILE D 480 -40.37 -15.70 -2.34
CA ILE D 480 -40.92 -16.10 -1.06
C ILE D 480 -39.94 -16.98 -0.30
N GLU D 481 -39.27 -17.90 -1.00
CA GLU D 481 -38.31 -18.79 -0.34
C GLU D 481 -37.15 -18.01 0.27
N ALA D 482 -36.63 -17.03 -0.48
CA ALA D 482 -35.54 -16.22 0.05
C ALA D 482 -35.97 -15.42 1.26
N GLN D 483 -37.19 -14.88 1.24
CA GLN D 483 -37.68 -14.09 2.38
C GLN D 483 -37.87 -14.96 3.61
N ALA D 484 -38.56 -16.10 3.46
CA ALA D 484 -38.78 -16.99 4.59
C ALA D 484 -37.46 -17.47 5.15
N GLU D 485 -36.51 -17.75 4.28
CA GLU D 485 -35.23 -18.30 4.71
C GLU D 485 -34.36 -17.26 5.40
N ALA D 486 -34.40 -16.01 4.92
CA ALA D 486 -33.68 -14.94 5.60
C ALA D 486 -34.30 -14.65 6.96
N ARG D 487 -35.63 -14.72 7.07
CA ARG D 487 -36.26 -14.49 8.37
C ARG D 487 -35.97 -15.62 9.35
N MET D 488 -35.89 -16.86 8.86
CA MET D 488 -35.81 -18.01 9.76
C MET D 488 -34.40 -18.50 10.03
N LEU D 489 -33.40 -18.09 9.24
CA LEU D 489 -32.04 -18.58 9.41
C LEU D 489 -30.99 -17.51 9.66
N MET D 490 -31.24 -16.25 9.29
CA MET D 490 -30.20 -15.24 9.33
C MET D 490 -30.53 -14.02 10.17
N LEU D 491 -31.72 -13.92 10.76
CA LEU D 491 -32.11 -12.70 11.46
C LEU D 491 -31.18 -12.45 12.65
N ALA D 492 -30.87 -11.18 12.88
CA ALA D 492 -29.83 -10.79 13.83
C ALA D 492 -30.21 -11.07 15.27
N SER D 493 -31.46 -11.38 15.55
CA SER D 493 -31.92 -11.64 16.91
C SER D 493 -31.87 -13.11 17.29
N GLY D 494 -31.27 -13.96 16.46
CA GLY D 494 -31.10 -15.36 16.77
C GLY D 494 -29.68 -15.83 16.59
N ASN D 495 -28.72 -14.94 16.86
CA ASN D 495 -27.30 -15.20 16.66
C ASN D 495 -26.54 -15.02 17.96
N ILE D 496 -27.00 -15.67 19.03
CA ILE D 496 -26.48 -15.39 20.36
C ILE D 496 -25.05 -15.92 20.52
N LEU D 497 -24.81 -17.16 20.14
CA LEU D 497 -23.52 -17.82 20.38
C LEU D 497 -22.65 -17.78 19.14
N SER D 498 -21.37 -18.08 19.34
CA SER D 498 -20.49 -18.09 18.17
C SER D 498 -20.23 -19.51 17.70
N PRO D 499 -20.05 -19.72 16.40
CA PRO D 499 -19.81 -21.09 15.92
C PRO D 499 -18.41 -21.62 16.21
N ALA D 500 -17.41 -20.75 16.40
CA ALA D 500 -16.06 -21.23 16.71
C ALA D 500 -15.99 -21.80 18.12
N THR D 501 -16.66 -21.14 19.08
CA THR D 501 -16.81 -21.66 20.43
C THR D 501 -18.14 -21.16 20.97
N GLY D 502 -18.74 -21.94 21.85
CA GLY D 502 -20.09 -21.65 22.29
C GLY D 502 -20.25 -20.48 23.24
N GLN D 503 -19.30 -19.54 23.22
CA GLN D 503 -19.38 -18.36 24.08
C GLN D 503 -20.35 -17.34 23.52
N PRO D 504 -21.02 -16.57 24.38
CA PRO D 504 -21.97 -15.56 23.90
C PRO D 504 -21.28 -14.47 23.10
N ILE D 505 -22.03 -13.89 22.16
CA ILE D 505 -21.48 -12.89 21.25
C ILE D 505 -22.19 -11.55 21.33
N VAL D 506 -23.37 -11.45 21.93
CA VAL D 506 -24.06 -10.17 22.06
C VAL D 506 -24.11 -9.75 23.52
N THR D 507 -23.09 -9.02 23.97
CA THR D 507 -23.01 -8.56 25.34
C THR D 507 -22.72 -7.07 25.37
N PRO D 508 -23.21 -6.35 26.37
CA PRO D 508 -22.80 -4.95 26.54
C PRO D 508 -21.28 -4.84 26.64
N SER D 509 -20.71 -3.89 25.90
CA SER D 509 -19.29 -3.93 25.60
C SER D 509 -18.49 -2.77 26.20
N GLN D 510 -18.86 -1.52 25.93
CA GLN D 510 -17.93 -0.42 26.17
C GLN D 510 -18.47 0.63 27.14
N ASP D 511 -19.61 1.22 26.84
CA ASP D 511 -20.19 2.29 27.65
C ASP D 511 -21.34 1.81 28.52
N MET D 512 -21.86 0.61 28.24
CA MET D 512 -22.88 0.02 29.09
C MET D 512 -22.28 -0.70 30.29
N VAL D 513 -21.11 -1.32 30.11
CA VAL D 513 -20.44 -1.96 31.24
C VAL D 513 -19.95 -0.92 32.23
N LEU D 514 -19.49 0.23 31.74
CA LEU D 514 -19.09 1.32 32.63
C LEU D 514 -20.28 1.84 33.43
N GLY D 515 -21.43 1.98 32.79
CA GLY D 515 -22.62 2.43 33.50
C GLY D 515 -23.10 1.44 34.54
N CYS D 516 -23.08 0.14 34.20
CA CYS D 516 -23.46 -0.87 35.18
C CYS D 516 -22.48 -0.93 36.34
N TYR D 517 -21.19 -0.79 36.06
CA TYR D 517 -20.19 -0.78 37.13
C TYR D 517 -20.38 0.40 38.05
N TYR D 518 -20.62 1.60 37.51
CA TYR D 518 -20.86 2.75 38.36
C TYR D 518 -22.13 2.58 39.18
N LEU D 519 -23.20 2.10 38.56
CA LEU D 519 -24.48 1.99 39.26
C LEU D 519 -24.40 1.00 40.40
N THR D 520 -23.70 -0.11 40.20
CA THR D 520 -23.70 -1.20 41.16
C THR D 520 -22.49 -1.22 42.10
N ALA D 521 -21.62 -0.21 42.04
CA ALA D 521 -20.44 -0.15 42.89
C ALA D 521 -20.82 0.37 44.28
N GLU D 522 -19.82 0.69 45.09
CA GLU D 522 -20.04 1.19 46.45
C GLU D 522 -19.20 2.44 46.68
N ASN D 523 -19.69 3.29 47.58
CA ASN D 523 -19.07 4.60 47.84
C ASN D 523 -19.05 4.90 49.33
N PRO D 524 -17.87 4.94 49.96
CA PRO D 524 -17.82 5.28 51.39
C PRO D 524 -18.37 6.65 51.72
N GLY D 525 -18.17 7.63 50.83
CA GLY D 525 -18.82 8.92 50.98
C GLY D 525 -20.15 8.96 50.25
N ALA D 526 -20.91 10.03 50.50
CA ALA D 526 -22.22 10.23 49.89
C ALA D 526 -23.14 9.05 50.21
N GLN D 527 -23.49 8.97 51.50
CA GLN D 527 -24.30 7.88 52.04
C GLN D 527 -25.46 8.42 52.86
N LYS D 528 -26.23 9.33 52.28
CA LYS D 528 -27.41 9.85 52.94
C LYS D 528 -28.52 8.80 52.96
N GLY D 529 -29.14 8.61 54.12
CA GLY D 529 -30.23 7.67 54.25
C GLY D 529 -29.84 6.24 54.55
N ALA D 530 -28.62 6.00 55.04
CA ALA D 530 -28.17 4.65 55.29
C ALA D 530 -28.88 4.06 56.50
N GLY D 531 -29.15 2.75 56.43
CA GLY D 531 -29.77 2.06 57.55
C GLY D 531 -31.28 2.16 57.61
N ARG D 532 -31.94 2.32 56.47
CA ARG D 532 -33.39 2.46 56.41
C ARG D 532 -34.02 1.16 55.95
N TYR D 533 -35.15 0.81 56.54
CA TYR D 533 -35.84 -0.44 56.25
C TYR D 533 -36.94 -0.21 55.21
N PHE D 534 -36.97 -1.06 54.20
CA PHE D 534 -37.98 -1.00 53.15
C PHE D 534 -38.69 -2.34 53.04
N ALA D 535 -39.93 -2.29 52.57
CA ALA D 535 -40.67 -3.49 52.22
C ALA D 535 -40.67 -3.60 50.70
N ASN D 536 -40.16 -4.72 50.19
CA ASN D 536 -39.97 -5.11 48.79
C ASN D 536 -39.09 -4.12 48.03
N LEU D 537 -38.71 -4.45 46.79
CA LEU D 537 -37.75 -3.65 46.05
C LEU D 537 -38.37 -2.41 45.41
N GLU D 538 -39.66 -2.48 45.05
CA GLU D 538 -40.30 -1.35 44.40
C GLU D 538 -40.39 -0.16 45.33
N ASP D 539 -40.59 -0.39 46.62
CA ASP D 539 -40.58 0.71 47.58
C ASP D 539 -39.22 1.39 47.63
N ALA D 540 -38.14 0.62 47.61
CA ALA D 540 -36.81 1.20 47.63
C ALA D 540 -36.55 2.01 46.37
N ILE D 541 -36.97 1.50 45.21
CA ILE D 541 -36.78 2.24 43.97
C ILE D 541 -37.59 3.52 43.99
N ARG D 542 -38.82 3.47 44.51
CA ARG D 542 -39.66 4.67 44.57
C ARG D 542 -39.09 5.70 45.54
N ALA D 543 -38.48 5.24 46.63
CA ALA D 543 -37.84 6.17 47.57
C ALA D 543 -36.59 6.80 46.98
N PHE D 544 -35.86 6.06 46.13
CA PHE D 544 -34.68 6.66 45.51
C PHE D 544 -35.05 7.61 44.39
N GLU D 545 -36.10 7.30 43.62
CA GLU D 545 -36.43 8.08 42.43
C GLU D 545 -36.74 9.53 42.81
N GLN D 546 -37.52 9.73 43.86
CA GLN D 546 -37.71 11.06 44.45
C GLN D 546 -36.69 11.20 45.57
N GLY D 547 -35.74 12.12 45.41
CA GLY D 547 -34.51 12.06 46.16
C GLY D 547 -34.64 12.05 47.67
N SER D 548 -34.46 10.88 48.26
CA SER D 548 -34.39 10.74 49.71
C SER D 548 -33.31 9.77 50.19
N VAL D 549 -32.75 8.94 49.32
CA VAL D 549 -31.61 8.09 49.64
C VAL D 549 -30.62 8.19 48.49
N ASP D 550 -29.35 7.93 48.81
CA ASP D 550 -28.30 7.97 47.81
C ASP D 550 -28.30 6.70 46.97
N LEU D 551 -27.61 6.76 45.83
CA LEU D 551 -27.49 5.61 44.96
C LEU D 551 -26.54 4.56 45.51
N HIS D 552 -25.71 4.91 46.50
CA HIS D 552 -24.70 4.01 47.02
C HIS D 552 -24.84 3.73 48.51
N ALA D 553 -25.93 4.17 49.13
CA ALA D 553 -26.14 3.94 50.56
C ALA D 553 -26.45 2.47 50.83
N TRP D 554 -26.29 2.09 52.10
CA TRP D 554 -26.57 0.73 52.55
C TRP D 554 -27.92 0.70 53.24
N VAL D 555 -28.86 -0.06 52.68
CA VAL D 555 -30.22 -0.13 53.20
C VAL D 555 -30.63 -1.60 53.36
N TRP D 556 -31.55 -1.83 54.28
CA TRP D 556 -32.13 -3.14 54.52
C TRP D 556 -33.44 -3.25 53.77
N VAL D 557 -33.60 -4.33 52.99
CA VAL D 557 -34.82 -4.57 52.25
C VAL D 557 -35.33 -5.96 52.59
N ARG D 558 -36.63 -6.17 52.41
CA ARG D 558 -37.26 -7.46 52.68
C ARG D 558 -37.38 -8.22 51.37
N PHE D 559 -36.71 -9.37 51.28
CA PHE D 559 -36.63 -10.11 50.03
C PHE D 559 -36.61 -11.59 50.34
N ASP D 560 -37.65 -12.30 49.94
CA ASP D 560 -37.73 -13.76 50.10
C ASP D 560 -37.33 -14.41 48.79
N GLY D 561 -36.10 -14.91 48.73
CA GLY D 561 -35.57 -15.52 47.52
C GLY D 561 -34.19 -16.09 47.72
N GLU D 562 -33.36 -16.09 46.68
CA GLU D 562 -32.00 -16.59 46.75
C GLU D 562 -31.04 -15.43 46.55
N VAL D 563 -30.01 -15.35 47.40
CA VAL D 563 -29.07 -14.25 47.38
C VAL D 563 -27.67 -14.79 47.17
N GLU D 564 -26.80 -13.95 46.62
CA GLU D 564 -25.41 -14.31 46.28
C GLU D 564 -24.53 -13.09 46.55
N SER D 565 -23.96 -13.03 47.76
CA SER D 565 -23.12 -11.92 48.17
C SER D 565 -21.65 -12.27 48.01
N GLU D 566 -20.82 -11.24 47.83
CA GLU D 566 -19.38 -11.39 47.73
C GLU D 566 -18.74 -10.97 49.04
N GLY D 567 -17.68 -11.68 49.43
CA GLY D 567 -17.10 -11.50 50.74
C GLY D 567 -18.03 -11.95 51.85
N GLU D 568 -18.71 -13.07 51.64
CA GLU D 568 -19.72 -13.55 52.56
C GLU D 568 -19.13 -14.49 53.61
N SER D 569 -19.79 -14.56 54.76
CA SER D 569 -19.43 -15.49 55.84
C SER D 569 -20.45 -16.62 55.84
N ASP D 570 -20.05 -17.77 55.29
CA ASP D 570 -20.96 -18.91 55.17
C ASP D 570 -21.35 -19.51 56.52
N GLU D 571 -20.64 -19.18 57.59
CA GLU D 571 -20.96 -19.72 58.91
C GLU D 571 -21.92 -18.78 59.63
N PRO D 572 -23.02 -19.29 60.19
CA PRO D 572 -23.98 -18.42 60.86
C PRO D 572 -23.34 -17.68 62.04
N GLU D 573 -23.86 -16.48 62.30
CA GLU D 573 -23.30 -15.57 63.28
C GLU D 573 -24.41 -15.03 64.17
N SER D 574 -24.03 -14.62 65.38
CA SER D 574 -24.90 -13.88 66.30
C SER D 574 -26.25 -14.57 66.48
N VAL D 575 -26.21 -15.88 66.70
CA VAL D 575 -27.43 -16.65 66.91
C VAL D 575 -28.02 -16.29 68.26
N VAL D 576 -29.21 -15.71 68.26
CA VAL D 576 -29.90 -15.30 69.48
C VAL D 576 -31.10 -16.22 69.65
N ALA D 577 -31.01 -17.15 70.58
CA ALA D 577 -32.13 -18.02 70.93
C ALA D 577 -33.12 -17.21 71.75
N ALA D 578 -34.16 -16.70 71.10
CA ALA D 578 -35.14 -15.86 71.76
C ALA D 578 -36.21 -16.72 72.41
N ASP D 579 -37.27 -16.08 72.91
CA ASP D 579 -38.35 -16.80 73.56
C ASP D 579 -39.18 -17.56 72.53
N ASP D 580 -40.01 -18.48 73.03
CA ASP D 580 -40.92 -19.29 72.23
C ASP D 580 -40.20 -20.15 71.20
N GLY D 581 -38.90 -20.38 71.38
CA GLY D 581 -38.16 -21.20 70.45
C GLY D 581 -37.85 -20.54 69.12
N THR D 582 -38.13 -19.24 68.98
CA THR D 582 -37.82 -18.55 67.74
C THR D 582 -36.36 -18.10 67.74
N VAL D 583 -35.66 -18.39 66.66
CA VAL D 583 -34.23 -18.11 66.53
C VAL D 583 -34.04 -17.11 65.41
N THR D 584 -33.31 -16.03 65.69
CA THR D 584 -33.02 -15.00 64.69
C THR D 584 -31.50 -14.96 64.50
N LYS D 585 -31.02 -15.60 63.45
CA LYS D 585 -29.61 -15.61 63.12
C LYS D 585 -29.28 -14.38 62.29
N THR D 586 -28.25 -13.64 62.72
CA THR D 586 -27.84 -12.41 62.06
C THR D 586 -26.48 -12.63 61.41
N TYR D 587 -26.45 -12.60 60.08
CA TYR D 587 -25.21 -12.73 59.34
C TYR D 587 -24.64 -11.34 59.07
N ARG D 588 -23.66 -11.26 58.18
CA ARG D 588 -23.10 -9.96 57.79
C ARG D 588 -24.02 -9.22 56.81
N PHE D 589 -24.76 -9.95 55.99
CA PHE D 589 -25.60 -9.35 54.95
C PHE D 589 -27.02 -9.89 54.94
N ARG D 590 -27.42 -10.68 55.93
CA ARG D 590 -28.77 -11.24 56.00
C ARG D 590 -29.21 -11.28 57.45
N ARG D 591 -30.53 -11.35 57.65
CA ARG D 591 -31.12 -11.39 58.98
C ARG D 591 -32.24 -12.43 59.02
N ILE D 592 -31.92 -13.66 58.60
CA ILE D 592 -32.91 -14.73 58.62
C ILE D 592 -33.43 -14.96 60.02
N ARG D 593 -34.75 -15.18 60.12
CA ARG D 593 -35.42 -15.49 61.38
C ARG D 593 -36.20 -16.78 61.19
N GLU D 594 -35.83 -17.82 61.94
CA GLU D 594 -36.35 -19.16 61.75
C GLU D 594 -37.14 -19.60 62.97
N THR D 595 -38.14 -20.45 62.74
CA THR D 595 -38.94 -20.99 63.83
C THR D 595 -38.24 -22.20 64.45
N GLU D 596 -38.84 -22.72 65.52
CA GLU D 596 -38.23 -23.81 66.27
C GLU D 596 -38.29 -25.10 65.46
N ASP D 597 -37.12 -25.63 65.10
CA ASP D 597 -36.97 -26.84 64.29
C ASP D 597 -37.99 -26.90 63.15
N GLY D 598 -38.07 -25.80 62.42
CA GLY D 598 -39.05 -25.68 61.34
C GLY D 598 -38.52 -24.86 60.18
N GLN D 599 -39.43 -24.21 59.47
CA GLN D 599 -39.11 -23.52 58.24
C GLN D 599 -38.70 -22.07 58.53
N ARG D 600 -38.58 -21.27 57.48
CA ARG D 600 -38.13 -19.89 57.58
C ARG D 600 -39.34 -18.97 57.68
N LEU D 601 -39.24 -17.98 58.57
CA LEU D 601 -40.32 -17.03 58.78
C LEU D 601 -40.15 -15.75 57.97
N SER D 602 -38.93 -15.22 57.89
CA SER D 602 -38.69 -13.98 57.16
C SER D 602 -37.21 -13.90 56.79
N GLN D 603 -36.91 -13.01 55.86
CA GLN D 603 -35.53 -12.75 55.46
C GLN D 603 -35.38 -11.29 55.07
N TYR D 604 -34.21 -10.72 55.40
CA TYR D 604 -33.86 -9.36 55.03
C TYR D 604 -32.46 -9.36 54.43
N VAL D 605 -32.23 -8.47 53.47
CA VAL D 605 -30.95 -8.37 52.79
C VAL D 605 -30.46 -6.93 52.90
N LYS D 606 -29.18 -6.77 53.24
CA LYS D 606 -28.54 -5.46 53.28
C LYS D 606 -27.83 -5.22 51.96
N THR D 607 -28.25 -4.19 51.25
CA THR D 607 -27.79 -3.97 49.87
C THR D 607 -27.78 -2.48 49.59
N THR D 608 -27.74 -2.13 48.30
CA THR D 608 -27.61 -0.77 47.79
C THR D 608 -28.72 -0.51 46.77
N PRO D 609 -29.25 0.72 46.70
CA PRO D 609 -30.34 0.98 45.73
C PRO D 609 -29.96 0.71 44.28
N GLY D 610 -28.71 0.91 43.89
CA GLY D 610 -28.31 0.58 42.53
C GLY D 610 -28.39 -0.91 42.23
N ARG D 611 -28.01 -1.74 43.20
CA ARG D 611 -28.14 -3.18 43.03
C ARG D 611 -29.59 -3.60 42.92
N ILE D 612 -30.47 -2.99 43.71
CA ILE D 612 -31.89 -3.24 43.61
C ILE D 612 -32.40 -2.87 42.22
N LEU D 613 -31.96 -1.73 41.69
CA LEU D 613 -32.34 -1.33 40.34
C LEU D 613 -31.91 -2.37 39.31
N PHE D 614 -30.64 -2.78 39.35
CA PHE D 614 -30.11 -3.75 38.40
C PHE D 614 -30.92 -5.05 38.43
N ASN D 615 -31.12 -5.60 39.62
CA ASN D 615 -31.76 -6.90 39.74
C ASN D 615 -33.25 -6.83 39.40
N ASN D 616 -33.92 -5.73 39.79
CA ASN D 616 -35.31 -5.56 39.41
C ASN D 616 -35.47 -5.45 37.91
N THR D 617 -34.54 -4.75 37.24
CA THR D 617 -34.60 -4.67 35.79
C THR D 617 -34.49 -6.05 35.14
N VAL D 618 -33.53 -6.86 35.62
CA VAL D 618 -33.36 -8.19 35.03
C VAL D 618 -34.60 -9.05 35.27
N GLN D 619 -35.12 -9.05 36.50
CA GLN D 619 -36.28 -9.88 36.82
C GLN D 619 -37.50 -9.44 36.03
N THR D 620 -37.71 -8.13 35.88
CA THR D 620 -38.85 -7.64 35.11
C THR D 620 -38.74 -8.02 33.65
N ALA D 621 -37.52 -7.94 33.08
CA ALA D 621 -37.35 -8.36 31.69
C ALA D 621 -37.63 -9.84 31.52
N LEU D 622 -37.24 -10.66 32.49
CA LEU D 622 -37.44 -12.12 32.34
C LEU D 622 -38.89 -12.50 32.54
N ILE D 623 -39.60 -11.88 33.49
CA ILE D 623 -40.95 -12.31 33.81
C ILE D 623 -41.99 -11.76 32.84
N HIS D 624 -41.65 -10.76 32.04
CA HIS D 624 -42.62 -10.13 31.15
C HIS D 624 -42.40 -10.54 29.70
N GLU E 3 -38.18 -23.81 29.04
CA GLU E 3 -37.66 -22.46 28.86
C GLU E 3 -38.34 -21.45 29.77
N ALA E 4 -38.48 -21.81 31.05
CA ALA E 4 -39.08 -20.93 32.06
C ALA E 4 -38.81 -21.55 33.43
N LYS E 5 -39.48 -21.01 34.45
CA LYS E 5 -39.59 -21.52 35.81
C LYS E 5 -38.32 -21.35 36.64
N SER E 6 -37.23 -20.85 36.08
CA SER E 6 -35.98 -20.69 36.82
C SER E 6 -35.86 -19.24 37.26
N ALA E 7 -36.05 -19.01 38.56
CA ALA E 7 -35.99 -17.66 39.12
C ALA E 7 -34.55 -17.18 39.20
N PRO E 8 -34.29 -15.92 38.83
CA PRO E 8 -32.92 -15.40 38.90
C PRO E 8 -32.48 -15.21 40.34
N ILE E 9 -31.17 -15.30 40.54
CA ILE E 9 -30.56 -15.09 41.85
C ILE E 9 -30.27 -13.59 42.02
N PHE E 10 -30.43 -13.10 43.25
CA PHE E 10 -30.16 -11.69 43.56
C PHE E 10 -28.66 -11.51 43.70
N ARG E 11 -28.03 -10.98 42.67
CA ARG E 11 -26.58 -10.77 42.65
C ARG E 11 -26.24 -9.53 43.47
N ASN E 12 -25.78 -9.74 44.70
CA ASN E 12 -25.43 -8.64 45.60
C ASN E 12 -23.92 -8.41 45.55
N ARG E 13 -23.47 -7.90 44.41
CA ARG E 13 -22.05 -7.71 44.15
C ARG E 13 -21.87 -6.72 43.02
N VAL E 14 -20.61 -6.33 42.78
CA VAL E 14 -20.28 -5.46 41.66
C VAL E 14 -20.38 -6.23 40.35
N ILE E 15 -20.66 -5.52 39.26
CA ILE E 15 -20.96 -6.13 37.98
C ILE E 15 -19.97 -5.59 36.95
N ASP E 16 -18.94 -6.37 36.64
CA ASP E 16 -18.01 -6.08 35.55
C ASP E 16 -18.42 -6.85 34.30
N LYS E 17 -17.52 -6.93 33.32
CA LYS E 17 -17.83 -7.58 32.05
C LYS E 17 -18.02 -9.09 32.21
N LYS E 18 -17.24 -9.72 33.09
CA LYS E 18 -17.35 -11.16 33.28
C LYS E 18 -18.72 -11.55 33.83
N GLN E 19 -19.24 -10.77 34.78
CA GLN E 19 -20.56 -11.05 35.31
C GLN E 19 -21.64 -10.90 34.25
N LEU E 20 -21.50 -9.90 33.38
CA LEU E 20 -22.48 -9.73 32.30
C LEU E 20 -22.44 -10.91 31.33
N LYS E 21 -21.25 -11.38 30.99
CA LYS E 21 -21.15 -12.54 30.10
C LYS E 21 -21.76 -13.78 30.76
N LYS E 22 -21.51 -13.97 32.05
CA LYS E 22 -22.09 -15.08 32.79
C LYS E 22 -23.61 -15.01 32.80
N LEU E 23 -24.16 -13.82 33.02
CA LEU E 23 -25.62 -13.65 33.05
C LEU E 23 -26.23 -13.94 31.69
N ILE E 24 -25.60 -13.49 30.62
CA ILE E 24 -26.12 -13.75 29.27
C ILE E 24 -26.10 -15.25 28.99
N GLY E 25 -25.01 -15.92 29.35
CA GLY E 25 -24.94 -17.37 29.15
C GLY E 25 -26.01 -18.11 29.93
N TRP E 26 -26.22 -17.73 31.19
CA TRP E 26 -27.25 -18.37 32.01
C TRP E 26 -28.64 -18.17 31.40
N THR E 27 -28.93 -16.95 30.94
CA THR E 27 -30.23 -16.68 30.35
C THR E 27 -30.44 -17.51 29.09
N PHE E 28 -29.42 -17.63 28.23
CA PHE E 28 -29.58 -18.47 27.05
C PHE E 28 -29.80 -19.92 27.42
N ALA E 29 -29.05 -20.42 28.40
CA ALA E 29 -29.16 -21.83 28.76
C ALA E 29 -30.52 -22.16 29.35
N HIS E 30 -31.15 -21.22 30.05
CA HIS E 30 -32.38 -21.55 30.77
C HIS E 30 -33.67 -21.05 30.12
N TYR E 31 -33.63 -20.00 29.31
CA TYR E 31 -34.86 -19.36 28.85
C TYR E 31 -35.06 -19.35 27.34
N GLY E 32 -34.01 -19.48 26.55
CA GLY E 32 -34.15 -19.56 25.11
C GLY E 32 -33.42 -18.43 24.42
N THR E 33 -33.66 -18.32 23.11
CA THR E 33 -32.93 -17.39 22.26
C THR E 33 -33.65 -16.07 22.03
N ALA E 34 -34.93 -15.96 22.38
CA ALA E 34 -35.65 -14.71 22.21
C ALA E 34 -35.73 -13.89 23.49
N LYS E 35 -35.53 -14.51 24.65
CA LYS E 35 -35.45 -13.77 25.90
C LYS E 35 -34.08 -13.15 26.13
N THR E 36 -33.02 -13.77 25.62
CA THR E 36 -31.68 -13.22 25.76
C THR E 36 -31.57 -11.86 25.06
N ALA E 37 -32.20 -11.73 23.89
CA ALA E 37 -32.19 -10.45 23.18
C ALA E 37 -32.86 -9.35 24.00
N VAL E 38 -34.01 -9.67 24.61
CA VAL E 38 -34.72 -8.69 25.44
C VAL E 38 -33.88 -8.29 26.64
N VAL E 39 -33.27 -9.27 27.31
CA VAL E 39 -32.46 -8.96 28.49
C VAL E 39 -31.27 -8.09 28.10
N ALA E 40 -30.61 -8.41 26.98
CA ALA E 40 -29.46 -7.63 26.54
C ALA E 40 -29.87 -6.19 26.19
N ASP E 41 -31.03 -6.02 25.55
CA ASP E 41 -31.49 -4.68 25.23
C ASP E 41 -31.78 -3.87 26.49
N ASP E 42 -32.41 -4.50 27.48
CA ASP E 42 -32.68 -3.80 28.74
C ASP E 42 -31.39 -3.38 29.43
N LEU E 43 -30.39 -4.28 29.46
CA LEU E 43 -29.11 -3.93 30.08
C LEU E 43 -28.43 -2.80 29.33
N LYS E 44 -28.50 -2.80 28.00
CA LYS E 44 -27.92 -1.73 27.21
C LYS E 44 -28.57 -0.39 27.54
N ALA E 45 -29.90 -0.37 27.63
CA ALA E 45 -30.60 0.87 27.96
C ALA E 45 -30.19 1.38 29.35
N LEU E 46 -30.14 0.48 30.33
CA LEU E 46 -29.80 0.88 31.69
C LEU E 46 -28.37 1.44 31.76
N GLY E 47 -27.42 0.76 31.11
CA GLY E 47 -26.04 1.24 31.14
C GLY E 47 -25.87 2.57 30.44
N PHE E 48 -26.50 2.74 29.27
CA PHE E 48 -26.43 4.02 28.57
C PHE E 48 -27.04 5.14 29.40
N ARG E 49 -28.12 4.84 30.14
CA ARG E 49 -28.75 5.87 30.94
C ARG E 49 -27.89 6.29 32.12
N TYR E 50 -27.29 5.33 32.82
CA TYR E 50 -26.59 5.68 34.05
C TYR E 50 -25.10 5.92 33.87
N ALA E 51 -24.56 5.77 32.66
CA ALA E 51 -23.21 6.26 32.42
C ALA E 51 -23.18 7.76 32.10
N THR E 52 -24.33 8.35 31.80
CA THR E 52 -24.46 9.77 31.52
C THR E 52 -24.73 10.58 32.79
N ARG E 53 -25.48 10.03 33.73
CA ARG E 53 -25.72 10.72 34.99
C ARG E 53 -24.46 10.81 35.84
N ALA E 54 -23.52 9.90 35.65
CA ALA E 54 -22.30 9.91 36.44
C ALA E 54 -21.39 11.07 36.09
N GLY E 55 -21.33 11.46 34.82
CA GLY E 55 -20.40 12.47 34.38
C GLY E 55 -18.96 12.01 34.39
N VAL E 56 -18.71 10.81 33.86
CA VAL E 56 -17.35 10.31 33.77
C VAL E 56 -16.58 11.13 32.74
N SER E 57 -15.39 11.58 33.13
CA SER E 57 -14.56 12.39 32.25
C SER E 57 -13.09 12.03 32.49
N ILE E 58 -12.20 12.75 31.81
CA ILE E 58 -10.77 12.51 31.92
C ILE E 58 -10.06 13.86 31.98
N SER E 59 -9.06 13.97 32.86
CA SER E 59 -8.33 15.21 33.05
C SER E 59 -6.85 14.87 33.17
N ILE E 60 -6.03 15.88 33.47
CA ILE E 60 -4.60 15.69 33.66
C ILE E 60 -4.27 15.30 35.10
N ASP E 61 -5.04 15.81 36.06
CA ASP E 61 -4.85 15.41 37.45
C ASP E 61 -5.43 14.04 37.75
N ASP E 62 -6.28 13.51 36.87
CA ASP E 62 -6.73 12.12 37.00
C ASP E 62 -5.60 11.13 36.75
N LEU E 63 -4.53 11.57 36.10
CA LEU E 63 -3.38 10.72 35.81
C LEU E 63 -2.42 10.84 36.98
N LYS E 64 -2.59 9.98 37.98
CA LYS E 64 -1.86 10.09 39.23
C LYS E 64 -0.58 9.26 39.17
N VAL E 65 0.55 9.92 39.37
CA VAL E 65 1.87 9.28 39.41
C VAL E 65 2.25 9.07 40.88
N PRO E 66 2.72 7.89 41.26
CA PRO E 66 3.14 7.69 42.66
C PRO E 66 4.28 8.61 43.03
N GLY E 67 4.33 8.98 44.30
CA GLY E 67 5.31 9.93 44.79
C GLY E 67 6.68 9.38 45.08
N SER E 68 6.90 8.08 44.91
CA SER E 68 8.17 7.45 45.21
C SER E 68 8.99 7.15 43.96
N LYS E 69 8.61 7.70 42.81
CA LYS E 69 9.32 7.40 41.56
C LYS E 69 10.74 7.95 41.59
N ALA E 70 10.92 9.16 42.13
CA ALA E 70 12.22 9.82 42.09
C ALA E 70 13.28 9.06 42.88
N GLU E 71 12.92 8.59 44.07
CA GLU E 71 13.90 7.87 44.90
C GLU E 71 14.24 6.51 44.29
N LEU E 72 13.26 5.86 43.67
CA LEU E 72 13.52 4.60 42.99
C LEU E 72 14.49 4.79 41.83
N LEU E 73 14.27 5.84 41.03
CA LEU E 73 15.18 6.11 39.93
C LEU E 73 16.57 6.48 40.43
N GLU E 74 16.65 7.21 41.54
CA GLU E 74 17.96 7.55 42.11
C GLU E 74 18.72 6.30 42.55
N SER E 75 18.05 5.38 43.23
CA SER E 75 18.71 4.15 43.64
C SER E 75 19.17 3.33 42.44
N ALA E 76 18.32 3.22 41.42
CA ALA E 76 18.71 2.47 40.23
C ALA E 76 19.93 3.10 39.56
N GLU E 77 19.97 4.43 39.47
CA GLU E 77 21.11 5.08 38.85
C GLU E 77 22.38 4.92 39.68
N LYS E 78 22.27 4.91 41.01
CA LYS E 78 23.46 4.62 41.81
C LYS E 78 24.00 3.22 41.54
N ARG E 79 23.11 2.22 41.44
CA ARG E 79 23.57 0.88 41.11
C ARG E 79 24.25 0.84 39.74
N ILE E 80 23.68 1.54 38.76
CA ILE E 80 24.27 1.58 37.42
C ILE E 80 25.65 2.20 37.46
N GLN E 81 25.82 3.27 38.24
CA GLN E 81 27.12 3.90 38.36
C GLN E 81 28.14 2.96 38.98
N GLU E 82 27.74 2.20 40.01
CA GLU E 82 28.66 1.21 40.58
C GLU E 82 29.08 0.20 39.53
N THR E 83 28.13 -0.30 38.74
CA THR E 83 28.46 -1.29 37.72
C THR E 83 29.44 -0.73 36.70
N GLU E 84 29.20 0.48 36.21
CA GLU E 84 30.10 1.03 35.19
C GLU E 84 31.47 1.36 35.75
N ASP E 85 31.55 1.80 37.02
CA ASP E 85 32.86 1.99 37.64
C ASP E 85 33.62 0.68 37.82
N ARG E 86 32.93 -0.41 38.15
CA ARG E 86 33.59 -1.71 38.16
C ARG E 86 34.09 -2.09 36.77
N TYR E 87 33.29 -1.82 35.74
CA TYR E 87 33.69 -2.16 34.38
C TYR E 87 34.91 -1.38 33.94
N THR E 88 35.00 -0.09 34.28
CA THR E 88 36.12 0.73 33.83
C THR E 88 37.45 0.26 34.38
N ARG E 89 37.47 -0.37 35.55
CA ARG E 89 38.72 -0.82 36.17
C ARG E 89 39.12 -2.22 35.74
N GLY E 90 38.39 -2.85 34.84
CA GLY E 90 38.75 -4.17 34.35
C GLY E 90 38.26 -5.33 35.17
N GLU E 91 37.44 -5.10 36.20
CA GLU E 91 36.99 -6.20 37.05
C GLU E 91 35.98 -7.10 36.34
N ILE E 92 35.21 -6.57 35.41
CA ILE E 92 34.21 -7.35 34.68
C ILE E 92 34.40 -7.11 33.19
N THR E 93 33.90 -8.06 32.40
CA THR E 93 33.99 -8.00 30.96
C THR E 93 32.78 -7.25 30.40
N GLU E 94 32.73 -7.08 29.08
CA GLU E 94 31.69 -6.27 28.46
C GLU E 94 30.34 -6.99 28.40
N VAL E 95 30.34 -8.32 28.29
CA VAL E 95 29.07 -9.04 28.19
C VAL E 95 28.37 -9.16 29.52
N GLU E 96 29.01 -8.76 30.61
CA GLU E 96 28.42 -8.78 31.95
C GLU E 96 27.85 -7.44 32.37
N ARG E 97 28.50 -6.35 31.94
CA ARG E 97 27.97 -5.01 32.20
C ARG E 97 26.61 -4.83 31.56
N PHE E 98 26.45 -5.29 30.32
CA PHE E 98 25.17 -5.20 29.63
C PHE E 98 24.09 -5.95 30.38
N GLN E 99 24.39 -7.16 30.83
CA GLN E 99 23.41 -7.95 31.58
C GLN E 99 23.01 -7.26 32.87
N LYS E 100 23.99 -6.72 33.60
CA LYS E 100 23.69 -6.07 34.87
C LYS E 100 22.79 -4.85 34.66
N VAL E 101 23.13 -4.00 33.67
CA VAL E 101 22.35 -2.79 33.48
C VAL E 101 20.97 -3.12 32.90
N ILE E 102 20.84 -4.23 32.16
CA ILE E 102 19.52 -4.61 31.68
C ILE E 102 18.66 -5.13 32.83
N ASP E 103 19.25 -5.93 33.73
CA ASP E 103 18.47 -6.51 34.81
C ASP E 103 18.01 -5.46 35.81
N THR E 104 18.86 -4.46 36.10
CA THR E 104 18.45 -3.40 37.03
C THR E 104 17.19 -2.68 36.54
N TRP E 105 17.19 -2.28 35.27
CA TRP E 105 16.05 -1.56 34.72
C TRP E 105 14.87 -2.47 34.45
N ALA E 106 15.08 -3.78 34.33
CA ALA E 106 13.95 -4.69 34.23
C ALA E 106 13.26 -4.90 35.57
N ASN E 107 14.00 -4.83 36.68
CA ASN E 107 13.38 -5.00 37.99
C ASN E 107 12.72 -3.71 38.49
N THR E 108 13.34 -2.56 38.19
CA THR E 108 12.78 -1.29 38.62
C THR E 108 11.39 -1.06 38.04
N ASN E 109 11.19 -1.47 36.79
CA ASN E 109 9.89 -1.29 36.14
C ASN E 109 8.81 -2.12 36.81
N ASP E 110 9.13 -3.36 37.20
CA ASP E 110 8.16 -4.19 37.91
C ASP E 110 7.80 -3.57 39.25
N GLU E 111 8.80 -3.08 39.99
CA GLU E 111 8.49 -2.43 41.27
C GLU E 111 7.59 -1.22 41.08
N LEU E 112 7.89 -0.40 40.06
CA LEU E 112 7.07 0.79 39.81
C LEU E 112 5.65 0.42 39.41
N THR E 113 5.48 -0.63 38.61
CA THR E 113 4.14 -1.06 38.23
C THR E 113 3.34 -1.52 39.45
N ASP E 114 3.97 -2.28 40.34
CA ASP E 114 3.30 -2.70 41.56
C ASP E 114 2.87 -1.49 42.38
N ARG E 115 3.75 -0.50 42.52
CA ARG E 115 3.40 0.68 43.30
C ARG E 115 2.27 1.46 42.66
N VAL E 116 2.25 1.56 41.34
CA VAL E 116 1.18 2.27 40.65
C VAL E 116 -0.16 1.60 40.92
N VAL E 117 -0.22 0.28 40.73
CA VAL E 117 -1.48 -0.44 40.91
C VAL E 117 -1.95 -0.35 42.35
N LYS E 118 -1.02 -0.46 43.32
CA LYS E 118 -1.41 -0.34 44.72
C LYS E 118 -1.91 1.07 45.04
N ASN E 119 -1.30 2.10 44.44
CA ASN E 119 -1.72 3.47 44.72
C ASN E 119 -3.11 3.75 44.17
N PHE E 120 -3.44 3.18 43.01
CA PHE E 120 -4.77 3.45 42.43
C PHE E 120 -5.89 2.91 43.32
N ARG E 121 -5.71 1.71 43.86
CA ARG E 121 -6.77 1.03 44.61
C ARG E 121 -6.95 1.51 46.03
N GLU E 122 -6.10 2.42 46.51
CA GLU E 122 -6.16 2.87 47.90
C GLU E 122 -6.60 4.31 48.03
N SER E 123 -5.99 5.23 47.28
CA SER E 123 -6.34 6.64 47.40
C SER E 123 -7.67 6.94 46.72
N ASP E 124 -7.75 6.69 45.42
CA ASP E 124 -8.94 7.00 44.62
C ASP E 124 -9.43 5.75 43.90
N PRO E 125 -10.29 4.95 44.53
CA PRO E 125 -10.84 3.76 43.86
C PRO E 125 -11.96 4.07 42.89
N LEU E 126 -12.46 5.30 42.85
CA LEU E 126 -13.43 5.74 41.85
C LEU E 126 -12.81 6.67 40.82
N ASN E 127 -11.49 6.63 40.68
CA ASN E 127 -10.82 7.38 39.64
C ASN E 127 -11.34 6.95 38.27
N SER E 128 -11.47 7.90 37.36
CA SER E 128 -12.05 7.60 36.05
C SER E 128 -11.20 6.61 35.28
N VAL E 129 -9.88 6.81 35.28
CA VAL E 129 -8.98 5.90 34.57
C VAL E 129 -9.02 4.51 35.21
N TYR E 130 -8.92 4.47 36.54
CA TYR E 130 -8.99 3.21 37.25
C TYR E 130 -10.33 2.52 37.07
N MET E 131 -11.42 3.29 37.15
CA MET E 131 -12.75 2.70 37.02
C MET E 131 -12.97 2.15 35.62
N MET E 132 -12.49 2.84 34.59
CA MET E 132 -12.71 2.37 33.23
C MET E 132 -11.69 1.35 32.75
N ALA E 133 -10.58 1.16 33.47
CA ALA E 133 -9.66 0.09 33.14
C ALA E 133 -9.92 -1.18 33.94
N PHE E 134 -10.32 -1.06 35.19
CA PHE E 134 -10.57 -2.21 36.05
C PHE E 134 -11.91 -2.88 35.72
N SER E 135 -12.90 -2.11 35.28
CA SER E 135 -14.21 -2.67 34.96
C SER E 135 -14.20 -3.49 33.68
N GLY E 136 -13.13 -3.44 32.89
CA GLY E 136 -13.10 -4.17 31.64
C GLY E 136 -13.76 -3.49 30.47
N ALA E 137 -13.86 -2.16 30.51
CA ALA E 137 -14.51 -1.43 29.41
C ALA E 137 -13.57 -1.28 28.21
N ARG E 138 -12.47 -0.55 28.38
CA ARG E 138 -11.54 -0.45 27.26
C ARG E 138 -10.07 -0.66 27.63
N GLY E 139 -9.65 -0.21 28.80
CA GLY E 139 -8.24 -0.09 29.11
C GLY E 139 -7.53 -1.42 29.30
N ASN E 140 -6.24 -1.31 29.66
CA ASN E 140 -5.36 -2.45 29.85
C ASN E 140 -4.44 -2.14 31.02
N ILE E 141 -3.39 -2.95 31.17
CA ILE E 141 -2.32 -2.67 32.12
C ILE E 141 -1.03 -2.24 31.44
N SER E 142 -0.79 -2.67 30.19
CA SER E 142 0.36 -2.19 29.45
C SER E 142 0.15 -0.78 28.91
N GLN E 143 -1.07 -0.24 29.02
CA GLN E 143 -1.38 1.12 28.60
C GLN E 143 -1.49 2.09 29.76
N VAL E 144 -2.01 1.63 30.91
CA VAL E 144 -1.96 2.43 32.12
C VAL E 144 -0.52 2.61 32.58
N ARG E 145 0.34 1.62 32.30
CA ARG E 145 1.74 1.69 32.68
C ARG E 145 2.44 2.86 31.99
N GLN E 146 2.14 3.10 30.72
CA GLN E 146 2.85 4.11 29.94
C GLN E 146 2.29 5.51 30.12
N LEU E 147 1.17 5.66 30.83
CA LEU E 147 0.58 6.97 31.09
C LEU E 147 1.01 7.55 32.42
N VAL E 148 1.19 6.72 33.44
CA VAL E 148 1.52 7.17 34.79
C VAL E 148 2.72 6.45 35.39
N GLY E 149 3.35 5.55 34.64
CA GLY E 149 4.48 4.80 35.16
C GLY E 149 5.80 5.09 34.48
N MET E 150 6.20 4.22 33.56
CA MET E 150 7.51 4.29 32.95
C MET E 150 7.50 3.40 31.70
N ARG E 151 8.07 3.91 30.61
CA ARG E 151 7.95 3.21 29.33
C ARG E 151 8.84 1.98 29.27
N GLY E 152 10.07 2.07 29.77
CA GLY E 152 10.93 0.91 29.91
C GLY E 152 11.96 0.78 28.80
N LEU E 153 12.48 -0.44 28.69
CA LEU E 153 13.53 -0.75 27.72
C LEU E 153 12.91 -1.08 26.37
N MET E 154 13.46 -0.50 25.31
CA MET E 154 13.00 -0.70 23.95
C MET E 154 14.07 -1.43 23.15
N ALA E 155 13.80 -1.63 21.87
CA ALA E 155 14.64 -2.44 21.01
C ALA E 155 15.03 -1.69 19.74
N ASN E 156 16.14 -2.12 19.14
CA ASN E 156 16.66 -1.53 17.92
C ASN E 156 15.74 -1.81 16.75
N PRO E 157 16.01 -1.23 15.57
CA PRO E 157 15.31 -1.69 14.37
C PRO E 157 15.54 -3.16 14.09
N GLN E 158 16.69 -3.70 14.50
CA GLN E 158 16.91 -5.14 14.56
C GLN E 158 16.29 -5.68 15.85
N GLY E 159 16.71 -6.87 16.26
CA GLY E 159 16.21 -7.41 17.51
C GLY E 159 16.97 -7.04 18.77
N GLU E 160 18.00 -6.20 18.65
CA GLU E 160 18.85 -5.90 19.79
C GLU E 160 18.10 -5.04 20.81
N ILE E 161 18.78 -4.73 21.92
CA ILE E 161 18.21 -3.95 23.01
C ILE E 161 19.09 -2.72 23.24
N ILE E 162 18.46 -1.56 23.36
CA ILE E 162 19.16 -0.32 23.69
C ILE E 162 19.24 -0.20 25.19
N ASP E 163 20.45 -0.06 25.72
CA ASP E 163 20.64 0.00 27.17
C ASP E 163 20.14 1.30 27.78
N LEU E 164 19.78 2.29 26.97
CA LEU E 164 19.16 3.51 27.47
C LEU E 164 17.65 3.30 27.58
N PRO E 165 17.07 3.37 28.76
CA PRO E 165 15.62 3.20 28.90
C PRO E 165 14.90 4.55 28.83
N ILE E 166 13.59 4.46 28.62
CA ILE E 166 12.70 5.61 28.69
C ILE E 166 12.16 5.69 30.11
N LYS E 167 12.49 6.77 30.81
CA LYS E 167 12.11 6.94 32.21
C LYS E 167 11.01 7.96 32.41
N THR E 168 10.25 8.28 31.37
CA THR E 168 9.14 9.21 31.47
C THR E 168 7.88 8.56 30.92
N ASN E 169 6.73 9.12 31.28
CA ASN E 169 5.44 8.69 30.79
C ASN E 169 4.97 9.66 29.71
N PHE E 170 3.72 9.50 29.27
CA PHE E 170 3.11 10.47 28.39
C PHE E 170 2.55 11.67 29.15
N ARG E 171 2.42 11.58 30.46
CA ARG E 171 2.02 12.74 31.25
C ARG E 171 3.15 13.73 31.41
N GLU E 172 4.37 13.25 31.62
CA GLU E 172 5.52 14.14 31.81
C GLU E 172 6.11 14.60 30.50
N GLY E 173 6.11 13.74 29.48
CA GLY E 173 6.60 14.13 28.17
C GLY E 173 7.98 13.58 27.86
N LEU E 174 8.12 12.94 26.71
CA LEU E 174 9.38 12.36 26.30
C LEU E 174 10.34 13.45 25.82
N THR E 175 11.61 13.07 25.64
CA THR E 175 12.62 13.96 25.11
C THR E 175 12.81 13.68 23.63
N VAL E 176 13.74 14.42 23.00
CA VAL E 176 14.00 14.19 21.58
C VAL E 176 14.60 12.82 21.36
N THR E 177 15.43 12.35 22.31
CA THR E 177 16.10 11.07 22.15
C THR E 177 15.14 9.89 22.31
N GLU E 178 14.17 10.01 23.22
CA GLU E 178 13.24 8.92 23.46
C GLU E 178 12.18 8.80 22.38
N TYR E 179 11.84 9.91 21.72
CA TYR E 179 10.85 9.88 20.64
C TYR E 179 11.32 9.00 19.48
N ILE E 180 12.61 9.07 19.14
CA ILE E 180 13.16 8.26 18.06
C ILE E 180 13.10 6.77 18.42
N ILE E 181 13.49 6.45 19.65
CA ILE E 181 13.50 5.06 20.10
C ILE E 181 12.09 4.49 20.09
N SER E 182 11.09 5.32 20.40
CA SER E 182 9.70 4.85 20.31
C SER E 182 9.26 4.69 18.86
N SER E 183 9.70 5.60 17.98
CA SER E 183 9.31 5.52 16.58
C SER E 183 9.82 4.27 15.90
N TYR E 184 10.97 3.76 16.34
CA TYR E 184 11.44 2.46 15.85
C TYR E 184 10.35 1.40 15.93
N GLY E 185 9.88 1.12 17.15
CA GLY E 185 8.86 0.11 17.34
C GLY E 185 7.54 0.45 16.71
N ALA E 186 7.18 1.74 16.67
CA ALA E 186 5.95 2.13 15.98
C ALA E 186 5.99 1.71 14.51
N ARG E 187 7.09 2.01 13.82
CA ARG E 187 7.19 1.63 12.41
C ARG E 187 7.22 0.12 12.23
N LYS E 188 7.91 -0.58 13.13
CA LYS E 188 7.94 -2.04 13.04
C LYS E 188 6.54 -2.63 13.11
N GLY E 189 5.73 -2.15 14.07
CA GLY E 189 4.37 -2.63 14.17
C GLY E 189 3.53 -2.28 12.96
N LEU E 190 3.70 -1.08 12.42
CA LEU E 190 2.93 -0.68 11.24
C LEU E 190 3.21 -1.61 10.06
N VAL E 191 4.49 -1.89 9.79
CA VAL E 191 4.82 -2.74 8.65
C VAL E 191 4.39 -4.19 8.90
N ASP E 192 4.52 -4.68 10.13
CA ASP E 192 4.01 -6.00 10.47
C ASP E 192 2.52 -6.13 10.14
N THR E 193 1.74 -5.16 10.61
CA THR E 193 0.30 -5.18 10.36
C THR E 193 0.00 -5.13 8.86
N ALA E 194 0.75 -4.31 8.13
CA ALA E 194 0.54 -4.22 6.69
C ALA E 194 0.79 -5.56 6.00
N LEU E 195 1.83 -6.28 6.41
CA LEU E 195 2.25 -7.47 5.68
C LEU E 195 1.58 -8.76 6.16
N ARG E 196 0.91 -8.77 7.30
CA ARG E 196 0.31 -10.02 7.79
C ARG E 196 -0.98 -10.42 7.03
N THR E 197 -1.69 -9.44 6.47
CA THR E 197 -3.02 -9.70 5.92
C THR E 197 -2.96 -10.65 4.71
N ALA E 198 -1.96 -10.48 3.85
CA ALA E 198 -1.86 -11.33 2.67
C ALA E 198 -1.61 -12.79 3.04
N ASP E 199 -0.73 -13.02 4.01
CA ASP E 199 -0.47 -14.38 4.47
C ASP E 199 -1.72 -15.00 5.08
N SER E 200 -2.43 -14.25 5.91
CA SER E 200 -3.65 -14.80 6.51
C SER E 200 -4.70 -15.13 5.45
N GLY E 201 -4.88 -14.24 4.46
CA GLY E 201 -5.87 -14.50 3.43
C GLY E 201 -5.53 -15.71 2.58
N TYR E 202 -4.27 -15.84 2.19
CA TYR E 202 -3.86 -17.00 1.41
C TYR E 202 -4.07 -18.30 2.19
N LEU E 203 -3.72 -18.31 3.48
CA LEU E 203 -3.93 -19.50 4.29
C LEU E 203 -5.41 -19.87 4.37
N THR E 204 -6.28 -18.87 4.57
CA THR E 204 -7.70 -19.17 4.67
C THR E 204 -8.26 -19.73 3.36
N ARG E 205 -7.82 -19.18 2.23
CA ARG E 205 -8.30 -19.71 0.95
C ARG E 205 -7.87 -21.16 0.76
N ARG E 206 -6.61 -21.48 1.09
CA ARG E 206 -6.16 -22.87 0.96
C ARG E 206 -6.96 -23.79 1.87
N LEU E 207 -7.24 -23.35 3.09
CA LEU E 207 -8.03 -24.17 4.02
C LEU E 207 -9.43 -24.42 3.47
N VAL E 208 -10.06 -23.38 2.91
CA VAL E 208 -11.42 -23.54 2.39
C VAL E 208 -11.44 -24.54 1.24
N ASP E 209 -10.47 -24.44 0.33
CA ASP E 209 -10.50 -25.36 -0.81
C ASP E 209 -10.12 -26.79 -0.44
N VAL E 210 -9.32 -27.00 0.61
CA VAL E 210 -8.97 -28.38 0.95
C VAL E 210 -10.16 -29.16 1.49
N SER E 211 -11.10 -28.50 2.16
CA SER E 211 -12.10 -29.16 2.98
C SER E 211 -13.49 -28.62 2.71
N GLN E 212 -13.86 -28.49 1.44
CA GLN E 212 -15.16 -27.94 1.09
C GLN E 212 -16.25 -29.00 1.00
N ASP E 213 -15.89 -30.26 0.78
CA ASP E 213 -16.85 -31.32 0.47
C ASP E 213 -17.30 -32.09 1.70
N VAL E 214 -16.92 -31.64 2.90
CA VAL E 214 -17.29 -32.32 4.14
C VAL E 214 -18.66 -31.82 4.55
N ILE E 215 -19.69 -32.59 4.18
CA ILE E 215 -21.08 -32.30 4.52
C ILE E 215 -21.61 -33.52 5.25
N ILE E 216 -22.55 -33.31 6.17
CA ILE E 216 -23.09 -34.40 6.97
C ILE E 216 -24.19 -35.10 6.21
N HIS E 217 -24.00 -36.38 5.92
CA HIS E 217 -24.94 -37.19 5.15
C HIS E 217 -25.49 -38.37 5.92
N GLU E 218 -24.78 -38.89 6.91
CA GLU E 218 -25.14 -40.10 7.62
C GLU E 218 -25.52 -39.81 9.06
N VAL E 219 -26.15 -40.79 9.69
CA VAL E 219 -26.56 -40.70 11.09
C VAL E 219 -25.59 -41.43 12.00
N ASP E 220 -25.06 -42.57 11.56
CA ASP E 220 -24.19 -43.38 12.41
C ASP E 220 -23.42 -44.36 11.53
N CYS E 221 -22.11 -44.47 11.79
CA CYS E 221 -21.27 -45.45 11.11
C CYS E 221 -21.09 -46.73 11.92
N GLY E 222 -21.52 -46.74 13.19
CA GLY E 222 -21.45 -47.94 14.00
C GLY E 222 -20.03 -48.43 14.26
N THR E 223 -19.25 -47.66 15.00
CA THR E 223 -17.86 -48.01 15.30
C THR E 223 -17.67 -48.16 16.79
N SER E 224 -16.41 -48.41 17.17
CA SER E 224 -16.03 -48.47 18.58
C SER E 224 -14.69 -47.80 18.83
N ARG E 225 -14.26 -46.90 17.95
CA ARG E 225 -12.97 -46.24 18.06
C ARG E 225 -13.15 -44.76 18.39
N GLY E 226 -12.13 -44.21 19.04
CA GLY E 226 -12.12 -42.80 19.40
C GLY E 226 -10.79 -42.47 20.03
N LEU E 227 -10.66 -41.24 20.47
CA LEU E 227 -9.42 -40.86 21.15
C LEU E 227 -9.67 -40.62 22.63
N PHE E 228 -8.58 -40.38 23.34
CA PHE E 228 -8.59 -40.12 24.78
C PHE E 228 -8.41 -38.63 24.99
N VAL E 229 -9.39 -38.01 25.64
CA VAL E 229 -9.36 -36.59 25.95
C VAL E 229 -8.87 -36.43 27.39
N GLU E 230 -7.89 -35.55 27.56
CA GLU E 230 -7.32 -35.22 28.86
C GLU E 230 -7.03 -33.72 28.88
N ALA E 231 -6.85 -33.18 30.08
CA ALA E 231 -6.59 -31.76 30.23
C ALA E 231 -5.23 -31.40 29.62
N MET E 232 -5.11 -30.14 29.20
CA MET E 232 -3.86 -29.64 28.65
C MET E 232 -3.10 -28.92 29.76
N THR E 233 -1.96 -29.49 30.17
CA THR E 233 -1.21 -29.02 31.32
C THR E 233 0.24 -28.77 30.94
N ASP E 234 0.83 -27.72 31.51
CA ASP E 234 2.25 -27.44 31.35
C ASP E 234 3.04 -27.93 32.57
N GLY E 235 3.02 -29.25 32.77
CA GLY E 235 3.74 -29.84 33.87
C GLY E 235 2.99 -29.69 35.18
N ASP E 236 3.45 -28.78 36.04
CA ASP E 236 2.77 -28.55 37.31
C ASP E 236 1.44 -27.85 37.11
N ARG E 237 1.38 -26.89 36.19
CA ARG E 237 0.18 -26.09 35.96
C ARG E 237 -0.63 -26.68 34.82
N ILE E 238 -1.95 -26.50 34.89
CA ILE E 238 -2.84 -26.89 33.81
C ILE E 238 -3.23 -25.63 33.04
N LEU E 239 -3.38 -25.79 31.74
CA LEU E 239 -3.71 -24.69 30.85
C LEU E 239 -5.17 -24.71 30.41
N ILE E 240 -5.69 -25.88 30.06
CA ILE E 240 -7.08 -26.05 29.67
C ILE E 240 -7.64 -27.23 30.46
N PRO E 241 -8.67 -27.03 31.28
CA PRO E 241 -9.21 -28.15 32.07
C PRO E 241 -9.96 -29.13 31.19
N ILE E 242 -10.19 -30.32 31.74
CA ILE E 242 -10.83 -31.38 30.97
C ILE E 242 -12.30 -31.07 30.71
N SER E 243 -12.95 -30.31 31.60
CA SER E 243 -14.37 -30.02 31.41
C SER E 243 -14.61 -29.11 30.23
N GLN E 244 -13.69 -28.17 29.98
CA GLN E 244 -13.83 -27.29 28.84
C GLN E 244 -13.60 -28.01 27.52
N ARG E 245 -12.87 -29.13 27.56
CA ARG E 245 -12.54 -29.90 26.36
C ARG E 245 -13.52 -31.03 26.09
N LEU E 246 -14.50 -31.25 26.96
CA LEU E 246 -15.37 -32.41 26.89
C LEU E 246 -16.83 -32.05 26.63
N LEU E 247 -17.10 -30.86 26.11
CA LEU E 247 -18.45 -30.35 25.97
C LEU E 247 -18.90 -30.52 24.52
N GLY E 248 -20.02 -31.24 24.33
CA GLY E 248 -20.53 -31.51 23.02
C GLY E 248 -20.04 -32.79 22.38
N ARG E 249 -19.08 -33.47 23.00
CA ARG E 249 -18.55 -34.72 22.48
C ARG E 249 -19.52 -35.87 22.77
N VAL E 250 -19.25 -37.02 22.14
CA VAL E 250 -20.06 -38.22 22.32
C VAL E 250 -19.14 -39.33 22.83
N THR E 251 -19.52 -39.97 23.93
CA THR E 251 -18.69 -40.98 24.55
C THR E 251 -18.73 -42.29 23.76
N ALA E 252 -17.56 -42.87 23.53
CA ALA E 252 -17.46 -44.16 22.85
C ALA E 252 -17.41 -45.35 23.81
N GLU E 253 -17.38 -45.09 25.12
CA GLU E 253 -17.40 -46.15 26.12
C GLU E 253 -17.93 -45.58 27.42
N ALA E 254 -18.60 -46.42 28.19
CA ALA E 254 -19.22 -45.99 29.43
C ALA E 254 -18.15 -45.61 30.47
N VAL E 255 -18.27 -44.42 31.04
CA VAL E 255 -17.32 -43.93 32.02
C VAL E 255 -17.79 -44.36 33.40
N LEU E 256 -16.84 -44.50 34.33
CA LEU E 256 -17.14 -44.94 35.68
C LEU E 256 -16.37 -44.10 36.69
N ASP E 257 -17.05 -43.79 37.79
CA ASP E 257 -16.40 -43.07 38.89
C ASP E 257 -15.29 -43.93 39.47
N PRO E 258 -14.11 -43.36 39.73
CA PRO E 258 -12.99 -44.17 40.23
C PRO E 258 -13.04 -44.48 41.73
N SER E 259 -14.15 -44.22 42.39
CA SER E 259 -14.31 -44.54 43.81
C SER E 259 -15.16 -45.78 44.04
N THR E 260 -16.16 -46.02 43.19
CA THR E 260 -17.03 -47.17 43.32
C THR E 260 -17.50 -47.56 41.91
N ASP E 261 -18.58 -48.33 41.84
CA ASP E 261 -19.11 -48.84 40.57
C ASP E 261 -20.30 -48.04 40.08
N GLU E 262 -20.37 -46.74 40.39
CA GLU E 262 -21.46 -45.89 39.93
C GLU E 262 -21.15 -45.38 38.54
N VAL E 263 -22.07 -45.64 37.59
CA VAL E 263 -21.88 -45.21 36.22
C VAL E 263 -22.32 -43.76 36.08
N LEU E 264 -21.60 -43.00 35.25
CA LEU E 264 -21.90 -41.59 35.02
C LEU E 264 -22.36 -41.32 33.60
N ALA E 265 -22.12 -42.22 32.66
CA ALA E 265 -22.56 -42.06 31.28
C ALA E 265 -22.48 -43.41 30.59
N GLU E 266 -23.42 -43.68 29.69
CA GLU E 266 -23.42 -44.91 28.92
C GLU E 266 -22.70 -44.69 27.60
N ALA E 267 -22.77 -45.68 26.71
CA ALA E 267 -22.12 -45.56 25.41
C ALA E 267 -22.99 -44.76 24.45
N GLY E 268 -22.37 -43.84 23.72
CA GLY E 268 -23.10 -42.99 22.80
C GLY E 268 -23.99 -42.00 23.50
N GLN E 269 -23.39 -41.05 24.23
CA GLN E 269 -24.12 -40.06 24.98
C GLN E 269 -23.40 -38.73 24.91
N ASP E 270 -24.07 -37.69 24.43
CA ASP E 270 -23.48 -36.36 24.37
C ASP E 270 -23.38 -35.76 25.77
N ILE E 271 -22.35 -34.95 25.97
CA ILE E 271 -22.02 -34.40 27.28
C ILE E 271 -22.40 -32.92 27.32
N ASN E 272 -23.20 -32.53 28.30
CA ASN E 272 -23.55 -31.14 28.53
C ASN E 272 -22.64 -30.56 29.60
N GLU E 273 -22.91 -29.30 29.98
CA GLU E 273 -22.07 -28.62 30.95
C GLU E 273 -22.17 -29.27 32.32
N ASP E 274 -23.38 -29.66 32.73
CA ASP E 274 -23.54 -30.29 34.04
C ASP E 274 -22.78 -31.60 34.12
N LEU E 275 -22.89 -32.43 33.09
CA LEU E 275 -22.17 -33.70 33.09
C LEU E 275 -20.66 -33.49 32.97
N ALA E 276 -20.24 -32.47 32.23
CA ALA E 276 -18.81 -32.18 32.16
C ALA E 276 -18.26 -31.80 33.53
N ASN E 277 -18.99 -30.97 34.27
CA ASN E 277 -18.57 -30.62 35.63
C ASN E 277 -18.60 -31.84 36.55
N ARG E 278 -19.61 -32.70 36.41
CA ARG E 278 -19.67 -33.90 37.24
C ARG E 278 -18.49 -34.82 36.98
N ILE E 279 -18.11 -34.97 35.70
CA ILE E 279 -16.94 -35.79 35.38
C ILE E 279 -15.67 -35.17 35.92
N GLU E 280 -15.51 -33.85 35.77
CA GLU E 280 -14.28 -33.21 36.24
C GLU E 280 -14.13 -33.32 37.74
N LYS E 281 -15.21 -33.07 38.49
CA LYS E 281 -15.12 -33.01 39.95
C LYS E 281 -14.73 -34.36 40.53
N ALA E 282 -15.28 -35.45 40.00
CA ALA E 282 -15.06 -36.78 40.57
C ALA E 282 -13.83 -37.47 39.96
N GLY E 283 -12.69 -36.79 40.00
CA GLY E 283 -11.46 -37.38 39.48
C GLY E 283 -11.51 -37.54 37.98
N ILE E 284 -10.95 -38.67 37.51
CA ILE E 284 -10.94 -39.06 36.10
C ILE E 284 -10.07 -38.13 35.27
N LYS E 285 -9.04 -38.68 34.64
CA LYS E 285 -8.10 -37.89 33.86
C LYS E 285 -8.18 -38.11 32.35
N LYS E 286 -8.89 -39.14 31.90
CA LYS E 286 -9.01 -39.42 30.47
C LYS E 286 -10.39 -39.97 30.18
N VAL E 287 -11.01 -39.49 29.09
CA VAL E 287 -12.29 -40.00 28.64
C VAL E 287 -12.20 -40.31 27.15
N LYS E 288 -12.68 -41.48 26.75
CA LYS E 288 -12.62 -41.91 25.36
C LYS E 288 -13.87 -41.44 24.63
N VAL E 289 -13.67 -40.69 23.54
CA VAL E 289 -14.76 -40.08 22.80
C VAL E 289 -14.62 -40.36 21.32
N ARG E 290 -15.74 -40.23 20.61
CA ARG E 290 -15.78 -40.29 19.15
C ARG E 290 -15.17 -39.01 18.56
N SER E 291 -14.87 -39.07 17.26
CA SER E 291 -14.18 -37.95 16.64
C SER E 291 -14.24 -38.09 15.13
N PRO E 292 -14.16 -36.97 14.40
CA PRO E 292 -14.02 -37.08 12.93
C PRO E 292 -12.69 -37.68 12.50
N LEU E 293 -11.71 -37.76 13.38
CA LEU E 293 -10.43 -38.36 13.02
C LEU E 293 -10.55 -39.86 12.79
N THR E 294 -11.46 -40.52 13.49
CA THR E 294 -11.53 -41.97 13.51
C THR E 294 -12.85 -42.56 13.02
N CYS E 295 -13.72 -41.77 12.41
CA CYS E 295 -15.00 -42.30 11.95
C CYS E 295 -14.87 -42.83 10.53
N GLU E 296 -15.42 -44.01 10.30
CA GLU E 296 -15.34 -44.67 9.00
C GLU E 296 -16.70 -44.56 8.31
N ALA E 297 -16.90 -43.46 7.60
CA ALA E 297 -18.09 -43.21 6.81
C ALA E 297 -17.66 -43.05 5.35
N ALA E 298 -18.62 -42.69 4.50
CA ALA E 298 -18.37 -42.51 3.07
C ALA E 298 -17.93 -41.08 2.81
N ARG E 299 -16.61 -40.87 2.71
CA ARG E 299 -15.99 -39.59 2.34
C ARG E 299 -16.57 -38.39 3.08
N SER E 300 -16.99 -38.57 4.33
CA SER E 300 -17.50 -37.47 5.14
C SER E 300 -17.49 -37.90 6.59
N VAL E 301 -18.14 -37.10 7.44
CA VAL E 301 -18.37 -37.45 8.84
C VAL E 301 -19.83 -37.79 9.01
N CYS E 302 -20.17 -38.42 10.13
CA CYS E 302 -21.55 -38.71 10.46
C CYS E 302 -21.99 -37.84 11.64
N GLN E 303 -23.28 -37.91 11.95
CA GLN E 303 -23.84 -37.03 12.97
C GLN E 303 -23.38 -37.42 14.37
N LYS E 304 -23.16 -38.70 14.63
CA LYS E 304 -22.74 -39.13 15.95
C LYS E 304 -21.26 -38.86 16.21
N CYS E 305 -20.42 -38.97 15.19
CA CYS E 305 -18.99 -38.72 15.39
C CYS E 305 -18.68 -37.24 15.53
N TYR E 306 -19.44 -36.37 14.88
CA TYR E 306 -19.23 -34.93 15.05
C TYR E 306 -19.68 -34.47 16.43
N GLY E 307 -20.97 -34.62 16.72
CA GLY E 307 -21.48 -34.23 18.02
C GLY E 307 -22.34 -32.99 17.99
N TRP E 308 -22.04 -32.03 18.85
CA TRP E 308 -22.81 -30.81 18.93
C TRP E 308 -22.38 -29.80 17.86
N SER E 309 -23.31 -28.94 17.48
CA SER E 309 -22.99 -27.72 16.76
C SER E 309 -22.97 -26.59 17.77
N LEU E 310 -21.83 -25.91 17.88
CA LEU E 310 -21.60 -25.04 19.02
C LEU E 310 -22.42 -23.75 18.99
N ALA E 311 -22.90 -23.35 17.81
CA ALA E 311 -23.71 -22.14 17.73
C ALA E 311 -25.12 -22.34 18.25
N HIS E 312 -25.59 -23.58 18.34
CA HIS E 312 -26.95 -23.86 18.75
C HIS E 312 -27.06 -24.72 20.01
N ALA E 313 -25.97 -25.35 20.45
CA ALA E 313 -25.97 -26.25 21.60
C ALA E 313 -26.90 -27.44 21.39
N GLN E 314 -26.73 -28.10 20.25
CA GLN E 314 -27.55 -29.25 19.86
C GLN E 314 -26.75 -30.13 18.93
N MET E 315 -27.25 -31.34 18.70
CA MET E 315 -26.65 -32.22 17.71
C MET E 315 -26.81 -31.60 16.32
N VAL E 316 -25.80 -31.82 15.47
CA VAL E 316 -25.79 -31.22 14.15
C VAL E 316 -26.98 -31.71 13.33
N ASP E 317 -27.47 -30.85 12.45
CA ASP E 317 -28.54 -31.22 11.53
C ASP E 317 -27.99 -31.98 10.33
N MET E 318 -28.90 -32.48 9.52
CA MET E 318 -28.53 -33.19 8.30
C MET E 318 -28.21 -32.20 7.19
N GLY E 319 -27.19 -32.51 6.41
CA GLY E 319 -26.80 -31.63 5.33
C GLY E 319 -26.25 -30.31 5.79
N GLU E 320 -25.37 -30.31 6.78
CA GLU E 320 -24.70 -29.12 7.27
C GLU E 320 -23.26 -29.11 6.80
N ALA E 321 -22.82 -27.99 6.25
CA ALA E 321 -21.48 -27.85 5.70
C ALA E 321 -20.51 -27.51 6.82
N VAL E 322 -19.91 -28.55 7.41
CA VAL E 322 -19.00 -28.38 8.53
C VAL E 322 -17.58 -28.01 8.11
N GLY E 323 -17.21 -28.30 6.86
CA GLY E 323 -15.89 -27.93 6.36
C GLY E 323 -15.68 -26.44 6.21
N ILE E 324 -16.68 -25.74 5.68
CA ILE E 324 -16.61 -24.29 5.55
C ILE E 324 -16.52 -23.64 6.93
N ILE E 325 -17.31 -24.14 7.88
CA ILE E 325 -17.30 -23.59 9.24
C ILE E 325 -15.95 -23.82 9.89
N ALA E 326 -15.37 -25.02 9.73
CA ALA E 326 -14.07 -25.29 10.31
C ALA E 326 -13.00 -24.38 9.72
N ALA E 327 -13.01 -24.21 8.40
CA ALA E 327 -12.02 -23.34 7.76
C ALA E 327 -12.15 -21.90 8.22
N GLN E 328 -13.39 -21.39 8.29
CA GLN E 328 -13.60 -20.02 8.73
C GLN E 328 -13.20 -19.82 10.18
N SER E 329 -13.51 -20.80 11.04
CA SER E 329 -13.15 -20.68 12.45
C SER E 329 -11.65 -20.69 12.66
N ILE E 330 -10.92 -21.52 11.90
CA ILE E 330 -9.47 -21.51 12.04
C ILE E 330 -8.87 -20.23 11.46
N GLY E 331 -9.43 -19.73 10.36
CA GLY E 331 -8.83 -18.59 9.69
C GLY E 331 -9.17 -17.21 10.21
N GLU E 332 -10.28 -17.07 10.94
CA GLU E 332 -10.69 -15.74 11.41
C GLU E 332 -9.68 -15.09 12.36
N PRO E 333 -9.15 -15.77 13.39
CA PRO E 333 -8.23 -15.08 14.31
C PRO E 333 -6.80 -14.98 13.81
N GLY E 334 -6.59 -15.17 12.51
CA GLY E 334 -5.24 -15.17 11.97
C GLY E 334 -4.55 -13.83 12.08
N THR E 335 -5.29 -12.74 11.91
CA THR E 335 -4.69 -11.40 11.93
C THR E 335 -4.46 -10.88 13.35
N GLN E 336 -4.94 -11.59 14.37
CA GLN E 336 -4.69 -11.22 15.76
C GLN E 336 -3.42 -11.84 16.31
N LEU E 337 -2.72 -12.64 15.50
CA LEU E 337 -1.45 -13.24 15.91
C LEU E 337 -0.33 -12.20 15.83
N THR E 338 -0.39 -11.22 16.73
CA THR E 338 0.64 -10.19 16.83
C THR E 338 1.77 -10.73 17.71
N MET E 339 2.81 -11.26 17.07
CA MET E 339 3.97 -11.74 17.81
C MET E 339 5.14 -10.80 17.61
N VAL E 347 15.04 -6.75 28.37
CA VAL E 347 14.40 -7.40 29.51
C VAL E 347 14.83 -8.87 29.58
N PHE E 348 15.15 -9.32 30.78
CA PHE E 348 15.68 -10.66 31.01
C PHE E 348 15.18 -11.14 32.37
N THR E 349 15.87 -12.12 32.95
CA THR E 349 15.43 -12.77 34.18
C THR E 349 15.11 -11.77 35.29
N GLY E 350 13.83 -11.66 35.63
CA GLY E 350 13.38 -10.77 36.68
C GLY E 350 12.83 -11.55 37.85
N GLU E 351 11.50 -11.64 37.94
CA GLU E 351 10.84 -12.44 38.96
C GLU E 351 10.59 -13.87 38.51
N THR E 352 11.08 -14.25 37.32
CA THR E 352 11.04 -15.65 36.91
C THR E 352 12.01 -16.49 37.74
N ALA E 353 12.99 -15.88 38.38
CA ALA E 353 13.78 -16.48 39.43
C ALA E 353 13.23 -15.96 40.76
N ARG E 354 13.93 -16.23 41.86
CA ARG E 354 13.51 -15.69 43.14
C ARG E 354 14.74 -15.45 44.01
N LEU E 355 15.03 -14.17 44.28
CA LEU E 355 16.04 -13.85 45.27
C LEU E 355 15.52 -14.15 46.67
N LEU E 356 16.40 -14.70 47.50
CA LEU E 356 16.10 -15.00 48.90
C LEU E 356 16.87 -14.02 49.76
N ARG E 357 16.14 -13.17 50.48
CA ARG E 357 16.68 -12.15 51.37
C ARG E 357 16.23 -12.49 52.79
N ALA E 358 17.18 -12.54 53.70
CA ALA E 358 16.86 -12.86 55.09
C ALA E 358 16.60 -11.57 55.87
N PRO E 359 15.42 -11.40 56.47
CA PRO E 359 15.13 -10.20 57.27
C PRO E 359 15.61 -10.31 58.72
N VAL E 360 16.84 -10.80 58.89
CA VAL E 360 17.43 -10.99 60.21
C VAL E 360 18.93 -10.70 60.11
N ALA E 361 19.54 -10.44 61.26
CA ALA E 361 20.96 -10.14 61.35
C ALA E 361 21.61 -11.21 62.22
N GLY E 362 22.41 -12.09 61.59
CA GLY E 362 23.06 -13.15 62.33
C GLY E 362 24.24 -13.71 61.57
N THR E 363 25.07 -14.46 62.29
CA THR E 363 26.27 -15.05 61.72
C THR E 363 25.91 -16.20 60.79
N ILE E 364 26.90 -16.63 60.01
CA ILE E 364 26.72 -17.65 58.98
C ILE E 364 27.15 -19.00 59.55
N LYS E 365 26.28 -20.00 59.39
CA LYS E 365 26.55 -21.35 59.87
C LYS E 365 26.51 -22.36 58.73
N LEU E 366 26.90 -21.93 57.53
CA LEU E 366 26.86 -22.82 56.37
C LEU E 366 27.84 -23.98 56.52
N GLY E 367 29.06 -23.71 56.99
CA GLY E 367 30.04 -24.76 57.15
C GLY E 367 30.40 -25.40 55.82
N LYS E 368 30.41 -26.73 55.80
CA LYS E 368 30.74 -27.51 54.61
C LYS E 368 29.73 -28.64 54.42
N LYS E 369 28.45 -28.32 54.56
CA LYS E 369 27.41 -29.34 54.42
C LYS E 369 26.96 -29.47 52.97
N ALA E 370 26.45 -28.39 52.40
CA ALA E 370 26.03 -28.41 51.00
C ALA E 370 27.25 -28.39 50.09
N ARG E 371 27.04 -28.81 48.84
CA ARG E 371 28.11 -28.84 47.85
C ARG E 371 28.27 -27.45 47.27
N THR E 372 29.25 -26.71 47.78
CA THR E 372 29.52 -25.34 47.35
C THR E 372 30.71 -25.38 46.38
N ARG E 373 30.42 -25.26 45.08
CA ARG E 373 31.49 -25.12 44.11
C ARG E 373 31.58 -23.67 43.65
N PRO E 374 32.77 -23.09 43.61
CA PRO E 374 32.90 -21.70 43.13
C PRO E 374 32.38 -21.56 41.71
N TYR E 375 31.74 -20.42 41.43
CA TYR E 375 31.07 -20.20 40.18
C TYR E 375 31.04 -18.70 39.89
N ARG E 376 31.06 -18.35 38.60
CA ARG E 376 30.96 -16.97 38.15
C ARG E 376 29.60 -16.79 37.48
N THR E 377 28.73 -16.00 38.10
CA THR E 377 27.35 -15.89 37.66
C THR E 377 27.25 -15.04 36.39
N ARG E 378 26.01 -14.82 35.94
CA ARG E 378 25.77 -14.07 34.72
C ARG E 378 26.22 -12.61 34.82
N HIS E 379 26.25 -12.06 36.03
CA HIS E 379 26.87 -10.76 36.26
C HIS E 379 28.35 -10.97 36.56
N GLY E 380 29.02 -9.94 37.07
CA GLY E 380 30.43 -10.10 37.36
C GLY E 380 30.78 -10.73 38.69
N GLU E 381 29.79 -11.04 39.52
CA GLU E 381 30.05 -11.54 40.86
C GLU E 381 30.40 -13.02 40.83
N GLU E 382 31.05 -13.47 41.91
CA GLU E 382 31.35 -14.89 42.10
C GLU E 382 30.59 -15.40 43.32
N ALA E 383 30.00 -16.59 43.18
CA ALA E 383 29.17 -17.17 44.22
C ALA E 383 29.45 -18.67 44.25
N LEU E 384 28.57 -19.43 44.91
CA LEU E 384 28.71 -20.89 44.99
C LEU E 384 27.48 -21.54 44.36
N LEU E 385 27.72 -22.42 43.38
CA LEU E 385 26.64 -23.13 42.73
C LEU E 385 26.34 -24.43 43.46
N ALA E 386 25.05 -24.69 43.68
CA ALA E 386 24.62 -25.86 44.43
C ALA E 386 23.65 -26.69 43.61
N GLU E 387 23.87 -28.01 43.61
CA GLU E 387 22.96 -28.96 43.00
C GLU E 387 22.34 -29.93 43.99
N ALA E 388 22.91 -30.09 45.17
CA ALA E 388 22.38 -30.98 46.19
C ALA E 388 21.35 -30.24 47.03
N ASN E 389 20.10 -30.67 46.95
CA ASN E 389 19.02 -30.04 47.71
C ASN E 389 19.30 -30.20 49.21
N PHE E 390 19.59 -29.10 49.89
CA PHE E 390 19.94 -29.15 51.30
C PHE E 390 19.31 -27.97 52.01
N ASP E 391 18.88 -28.20 53.24
CA ASP E 391 18.22 -27.19 54.05
C ASP E 391 19.27 -26.29 54.69
N LEU E 392 19.21 -25.00 54.39
CA LEU E 392 20.21 -24.05 54.89
C LEU E 392 20.17 -23.97 56.41
N VAL E 393 21.35 -23.99 57.02
CA VAL E 393 21.51 -23.82 58.46
C VAL E 393 22.36 -22.58 58.69
N LEU E 394 21.77 -21.57 59.34
CA LEU E 394 22.48 -20.34 59.62
C LEU E 394 22.01 -19.78 60.95
N GLU E 395 22.96 -19.23 61.72
CA GLU E 395 22.65 -18.62 63.01
C GLU E 395 21.95 -17.28 62.81
N GLY E 396 20.62 -17.29 62.80
CA GLY E 396 19.85 -16.08 62.58
C GLY E 396 19.45 -15.35 63.85
N LYS E 397 20.43 -14.88 64.61
CA LYS E 397 20.20 -14.10 65.83
C LYS E 397 19.36 -14.87 66.84
N GLY E 398 18.05 -14.64 66.84
CA GLY E 398 17.19 -15.28 67.82
C GLY E 398 17.11 -16.78 67.66
N ARG E 399 16.95 -17.25 66.43
CA ARG E 399 16.81 -18.68 66.17
C ARG E 399 17.48 -19.02 64.84
N LYS E 400 17.68 -20.30 64.60
CA LYS E 400 18.45 -20.79 63.47
C LYS E 400 17.62 -20.69 62.19
N GLU E 401 18.18 -21.19 61.08
CA GLU E 401 17.56 -21.07 59.77
C GLU E 401 17.06 -22.43 59.29
N THR E 402 15.88 -22.44 58.68
CA THR E 402 15.28 -23.65 58.12
C THR E 402 15.06 -23.51 56.61
N PHE E 403 15.86 -22.67 55.96
CA PHE E 403 15.68 -22.37 54.55
C PHE E 403 16.07 -23.57 53.69
N ALA E 404 15.34 -23.79 52.61
CA ALA E 404 15.56 -24.92 51.72
C ALA E 404 15.99 -24.44 50.35
N ILE E 405 17.13 -24.95 49.88
CA ILE E 405 17.65 -24.64 48.55
C ILE E 405 17.07 -25.61 47.53
N LEU E 406 17.26 -25.31 46.25
CA LEU E 406 16.83 -26.16 45.15
C LEU E 406 18.04 -26.56 44.31
N GLN E 407 17.85 -27.58 43.47
CA GLN E 407 18.90 -28.01 42.55
C GLN E 407 19.23 -26.89 41.57
N GLY E 408 20.53 -26.64 41.39
CA GLY E 408 20.97 -25.60 40.48
C GLY E 408 20.94 -24.20 41.05
N SER E 409 20.80 -24.04 42.35
CA SER E 409 20.71 -22.72 42.96
C SER E 409 22.08 -22.06 43.03
N THR E 410 22.08 -20.77 43.31
CA THR E 410 23.30 -19.97 43.41
C THR E 410 23.27 -19.21 44.74
N ILE E 411 24.17 -19.56 45.64
CA ILE E 411 24.21 -18.93 46.96
C ILE E 411 25.35 -17.91 46.99
N PHE E 412 25.04 -16.72 47.50
CA PHE E 412 26.02 -15.64 47.55
C PHE E 412 26.76 -15.59 48.89
N VAL E 413 26.10 -15.99 49.97
CA VAL E 413 26.66 -15.84 51.31
C VAL E 413 27.43 -17.10 51.67
N GLN E 414 28.69 -16.92 52.05
CA GLN E 414 29.55 -17.98 52.54
C GLN E 414 29.79 -17.79 54.04
N ASP E 415 30.51 -18.72 54.63
CA ASP E 415 30.73 -18.70 56.07
C ASP E 415 31.62 -17.51 56.46
N GLY E 416 31.54 -17.14 57.73
CA GLY E 416 32.31 -16.01 58.24
C GLY E 416 31.89 -14.67 57.67
N ASP E 417 30.59 -14.41 57.58
CA ASP E 417 30.06 -13.15 57.10
C ASP E 417 29.02 -12.63 58.10
N LYS E 418 28.70 -11.35 57.98
CA LYS E 418 27.71 -10.71 58.84
C LYS E 418 26.52 -10.29 57.97
N VAL E 419 25.40 -10.98 58.14
CA VAL E 419 24.19 -10.66 57.39
C VAL E 419 23.41 -9.58 58.13
N ALA E 420 22.84 -8.65 57.36
CA ALA E 420 22.05 -7.56 57.94
C ALA E 420 20.59 -7.67 57.50
N ALA E 421 19.79 -6.67 57.85
CA ALA E 421 18.36 -6.70 57.55
C ALA E 421 18.13 -6.65 56.04
N GLU E 422 17.38 -7.63 55.53
CA GLU E 422 17.02 -7.71 54.12
C GLU E 422 18.24 -7.67 53.21
N ALA E 423 19.31 -8.35 53.63
CA ALA E 423 20.49 -8.50 52.79
C ALA E 423 20.32 -9.69 51.87
N ILE E 424 20.89 -9.59 50.67
CA ILE E 424 20.75 -10.64 49.68
C ILE E 424 21.45 -11.89 50.18
N LEU E 425 20.73 -13.00 50.19
CA LEU E 425 21.25 -14.26 50.73
C LEU E 425 21.44 -15.33 49.68
N ALA E 426 20.47 -15.53 48.79
CA ALA E 426 20.60 -16.62 47.82
C ALA E 426 19.73 -16.32 46.61
N GLU E 427 19.76 -17.22 45.62
CA GLU E 427 18.92 -17.12 44.44
C GLU E 427 18.42 -18.52 44.10
N VAL E 428 17.12 -18.66 43.87
CA VAL E 428 16.50 -19.96 43.60
C VAL E 428 15.81 -19.88 42.23
N PRO E 429 16.09 -20.81 41.32
CA PRO E 429 15.35 -20.84 40.06
C PRO E 429 13.97 -21.44 40.25
N VAL E 430 12.97 -20.76 39.70
CA VAL E 430 11.60 -21.25 39.78
C VAL E 430 11.33 -22.17 38.61
N SER E 431 10.45 -23.15 38.83
CA SER E 431 10.08 -24.10 37.79
C SER E 431 8.87 -23.62 37.01
N ARG E 436 15.79 -24.13 28.56
CA ARG E 436 17.00 -24.89 28.84
C ARG E 436 18.01 -24.72 27.72
N THR E 437 17.60 -24.02 26.67
CA THR E 437 18.42 -23.88 25.47
C THR E 437 19.62 -22.99 25.71
N VAL E 438 20.81 -23.59 25.78
CA VAL E 438 22.06 -22.86 25.97
C VAL E 438 22.58 -22.50 24.58
N GLU E 439 22.35 -21.26 24.16
CA GLU E 439 22.78 -20.82 22.85
C GLU E 439 24.25 -20.38 22.87
N LYS E 440 24.77 -20.10 21.69
CA LYS E 440 26.10 -19.53 21.52
C LYS E 440 25.96 -18.12 20.96
N ALA E 441 26.78 -17.20 21.45
CA ALA E 441 26.69 -15.82 21.02
C ALA E 441 28.06 -15.16 21.09
N THR E 442 28.19 -14.07 20.34
CA THR E 442 29.43 -13.32 20.24
C THR E 442 29.14 -11.84 20.43
N LYS E 443 30.16 -11.11 20.88
CA LYS E 443 30.03 -9.66 21.04
C LYS E 443 31.41 -9.03 20.89
N ASP E 444 31.51 -8.00 20.06
CA ASP E 444 32.78 -7.36 19.79
C ASP E 444 32.92 -6.07 20.59
N VAL E 445 34.09 -5.89 21.19
CA VAL E 445 34.38 -4.70 21.97
C VAL E 445 35.19 -3.74 21.11
N ALA E 446 35.16 -2.46 21.48
CA ALA E 446 35.88 -1.42 20.76
C ALA E 446 36.59 -0.52 21.75
N THR E 447 37.71 0.04 21.32
CA THR E 447 38.51 0.90 22.18
C THR E 447 37.93 2.30 22.26
N ASP E 448 37.94 2.88 23.45
CA ASP E 448 37.50 4.25 23.66
C ASP E 448 38.63 5.27 23.57
N LEU E 449 39.86 4.82 23.35
CA LEU E 449 40.99 5.72 23.20
C LEU E 449 41.95 5.13 22.19
N ALA E 450 42.96 5.92 21.82
CA ALA E 450 43.95 5.54 20.82
C ALA E 450 45.32 5.37 21.46
N GLY E 451 46.07 4.40 20.98
CA GLY E 451 47.42 4.17 21.50
C GLY E 451 47.92 2.78 21.14
N GLU E 452 48.88 2.32 21.93
CA GLU E 452 49.54 1.03 21.73
C GLU E 452 48.89 -0.05 22.58
N ILE E 453 49.10 -1.31 22.19
CA ILE E 453 48.47 -2.45 22.84
C ILE E 453 49.53 -3.20 23.63
N ARG E 454 49.20 -3.53 24.89
CA ARG E 454 50.09 -4.30 25.76
C ARG E 454 49.32 -5.50 26.31
N PHE E 455 49.90 -6.69 26.16
CA PHE E 455 49.30 -7.88 26.74
C PHE E 455 49.79 -8.10 28.17
N GLN E 456 48.98 -8.78 28.96
CA GLN E 456 49.33 -9.12 30.33
C GLN E 456 49.43 -10.63 30.55
N ASP E 457 48.39 -11.39 30.16
CA ASP E 457 48.43 -12.83 30.36
C ASP E 457 47.82 -13.60 29.19
N ILE E 458 47.61 -12.96 28.05
CA ILE E 458 46.96 -13.59 26.91
C ILE E 458 48.03 -14.24 26.03
N VAL E 459 47.90 -15.54 25.80
CA VAL E 459 48.78 -16.28 24.91
C VAL E 459 47.96 -16.68 23.68
N PRO E 460 48.22 -16.11 22.51
CA PRO E 460 47.44 -16.46 21.33
C PRO E 460 47.74 -17.87 20.86
N GLU E 461 46.77 -18.47 20.17
CA GLU E 461 46.93 -19.80 19.58
C GLU E 461 46.10 -19.85 18.32
N GLU E 462 46.75 -20.11 17.19
CA GLU E 462 46.05 -20.19 15.91
C GLU E 462 45.26 -21.49 15.86
N LYS E 463 43.94 -21.39 16.03
CA LYS E 463 43.04 -22.54 15.98
C LYS E 463 42.41 -22.62 14.60
N THR E 464 42.90 -23.53 13.77
CA THR E 464 42.35 -23.72 12.43
C THR E 464 41.15 -24.67 12.47
N ASP E 465 40.27 -24.51 11.49
CA ASP E 465 39.08 -25.33 11.37
C ASP E 465 38.63 -25.28 9.92
N ARG E 466 37.41 -25.75 9.66
CA ARG E 466 36.89 -25.72 8.29
C ARG E 466 36.62 -24.31 7.82
N GLN E 467 36.32 -23.39 8.74
CA GLN E 467 35.97 -22.02 8.39
C GLN E 467 37.09 -21.03 8.72
N GLY E 468 37.52 -20.98 9.98
CA GLY E 468 38.49 -20.00 10.41
C GLY E 468 39.94 -20.42 10.26
N ASN E 469 40.43 -20.44 9.02
CA ASN E 469 41.83 -20.81 8.78
C ASN E 469 42.80 -19.79 9.35
N THR E 470 42.36 -18.56 9.62
CA THR E 470 43.21 -17.53 10.20
C THR E 470 42.66 -17.02 11.54
N THR E 471 41.85 -17.83 12.22
CA THR E 471 41.28 -17.43 13.50
C THR E 471 42.23 -17.81 14.63
N ARG E 472 42.88 -16.80 15.22
CA ARG E 472 43.84 -17.03 16.31
C ARG E 472 43.15 -16.65 17.63
N ILE E 473 42.74 -17.67 18.38
CA ILE E 473 41.96 -17.46 19.59
C ILE E 473 42.87 -17.28 20.79
N ALA E 474 42.30 -16.84 21.91
CA ALA E 474 43.03 -16.78 23.16
C ALA E 474 43.07 -18.16 23.82
N GLN E 475 44.04 -18.33 24.70
CA GLN E 475 44.21 -19.60 25.42
C GLN E 475 44.10 -19.46 26.93
N ARG E 476 44.68 -18.40 27.50
CA ARG E 476 44.66 -18.21 28.95
C ARG E 476 43.57 -17.23 29.38
N GLY E 477 43.60 -16.02 28.84
CA GLY E 477 42.65 -15.00 29.25
C GLY E 477 43.19 -14.13 30.36
N GLY E 478 43.45 -12.86 30.05
CA GLY E 478 44.02 -11.95 31.02
C GLY E 478 43.51 -10.53 30.87
N LEU E 479 44.42 -9.57 30.84
CA LEU E 479 44.08 -8.15 30.73
C LEU E 479 44.79 -7.55 29.54
N LEU E 480 44.08 -6.71 28.78
CA LEU E 480 44.61 -6.03 27.61
C LEU E 480 44.65 -4.54 27.89
N TRP E 481 45.81 -3.92 27.73
CA TRP E 481 45.98 -2.52 28.05
C TRP E 481 46.20 -1.70 26.78
N VAL E 482 45.70 -0.47 26.82
CA VAL E 482 45.89 0.47 25.70
C VAL E 482 46.61 1.71 26.21
N LEU E 483 47.90 1.81 25.94
CA LEU E 483 48.66 3.00 26.28
C LEU E 483 48.28 4.15 25.35
N ALA E 484 48.27 5.36 25.91
CA ALA E 484 47.77 6.52 25.20
C ALA E 484 48.79 7.01 24.17
N GLY E 485 48.42 8.07 23.44
CA GLY E 485 49.27 8.63 22.41
C GLY E 485 48.57 8.72 21.07
N ASP E 486 48.72 9.85 20.38
CA ASP E 486 48.05 10.02 19.10
C ASP E 486 48.72 9.15 18.03
N VAL E 487 47.91 8.70 17.08
CA VAL E 487 48.33 7.76 16.04
C VAL E 487 48.11 8.41 14.68
N TYR E 488 49.18 8.46 13.88
CA TYR E 488 49.16 9.03 12.55
C TYR E 488 48.97 7.92 11.52
N ASN E 489 48.06 8.15 10.57
CA ASN E 489 47.83 7.25 9.46
C ASN E 489 48.65 7.73 8.27
N LEU E 490 49.54 6.87 7.77
CA LEU E 490 50.46 7.25 6.71
C LEU E 490 49.85 6.99 5.33
N LEU E 491 50.44 7.63 4.32
CA LEU E 491 50.00 7.46 2.95
C LEU E 491 50.32 6.04 2.47
N PRO E 492 49.59 5.55 1.46
CA PRO E 492 49.90 4.21 0.94
C PRO E 492 51.32 4.05 0.42
N GLY E 493 51.91 5.11 -0.13
CA GLY E 493 53.24 5.01 -0.68
C GLY E 493 54.27 5.86 0.02
N ALA E 494 53.98 6.29 1.24
CA ALA E 494 54.89 7.12 2.00
C ALA E 494 56.01 6.29 2.60
N GLU E 495 56.92 6.95 3.33
CA GLU E 495 58.06 6.29 3.93
C GLU E 495 58.47 7.06 5.17
N PRO E 496 58.60 6.38 6.32
CA PRO E 496 59.06 7.08 7.52
C PRO E 496 60.49 7.58 7.36
N THR E 497 60.78 8.71 8.00
CA THR E 497 62.10 9.30 7.98
C THR E 497 62.75 9.42 9.35
N VAL E 498 61.98 9.30 10.42
CA VAL E 498 62.51 9.42 11.77
C VAL E 498 62.80 8.03 12.34
N LYS E 499 63.65 8.00 13.36
CA LYS E 499 64.02 6.77 14.05
C LYS E 499 63.20 6.63 15.33
N ASN E 500 63.20 5.41 15.87
CA ASN E 500 62.41 5.09 17.05
C ASN E 500 62.97 5.75 18.29
N GLY E 501 62.47 6.93 18.65
CA GLY E 501 62.85 7.56 19.89
C GLY E 501 63.27 9.02 19.79
N ASP E 502 63.43 9.52 18.57
CA ASP E 502 63.89 10.89 18.38
C ASP E 502 62.81 11.89 18.79
N ARG E 503 63.24 12.99 19.39
CA ARG E 503 62.33 14.10 19.67
C ARG E 503 61.83 14.72 18.38
N VAL E 504 60.55 15.05 18.33
CA VAL E 504 59.91 15.63 17.15
C VAL E 504 59.26 16.94 17.57
N GLU E 505 59.50 17.99 16.78
CA GLU E 505 58.96 19.31 17.05
C GLU E 505 57.78 19.60 16.13
N VAL E 506 57.13 20.74 16.40
CA VAL E 506 55.97 21.15 15.59
C VAL E 506 56.45 21.58 14.21
N GLY E 507 55.78 21.06 13.17
CA GLY E 507 56.16 21.34 11.81
C GLY E 507 57.21 20.42 11.23
N ASP E 508 57.77 19.53 12.03
CA ASP E 508 58.78 18.59 11.54
C ASP E 508 58.16 17.60 10.56
N VAL E 509 58.92 17.26 9.53
CA VAL E 509 58.47 16.33 8.51
C VAL E 509 58.79 14.91 8.96
N LEU E 510 57.78 14.05 8.98
CA LEU E 510 57.94 12.66 9.37
C LEU E 510 57.82 11.69 8.19
N ALA E 511 56.98 11.99 7.21
CA ALA E 511 56.82 11.09 6.06
C ALA E 511 57.04 11.87 4.78
N GLU E 512 57.39 11.15 3.71
CA GLU E 512 57.51 11.78 2.40
C GLU E 512 57.33 10.74 1.31
N THR E 513 56.63 11.15 0.26
CA THR E 513 56.39 10.35 -0.93
C THR E 513 57.09 11.01 -2.11
N LYS E 514 57.88 10.23 -2.85
CA LYS E 514 58.66 10.74 -3.97
C LYS E 514 57.95 10.40 -5.27
N LEU E 515 57.58 11.43 -6.03
CA LEU E 515 56.97 11.26 -7.35
C LEU E 515 58.00 11.56 -8.42
N THR E 516 58.20 10.59 -9.32
CA THR E 516 59.21 10.68 -10.37
C THR E 516 58.58 10.40 -11.72
N THR E 517 59.19 10.95 -12.77
CA THR E 517 58.71 10.80 -14.13
C THR E 517 59.79 10.11 -14.96
N GLU E 518 59.42 9.02 -15.63
CA GLU E 518 60.35 8.30 -16.50
C GLU E 518 60.51 9.05 -17.82
N ARG E 519 61.48 8.59 -18.61
CA ARG E 519 61.83 9.16 -19.92
C ARG E 519 61.88 10.69 -19.89
N GLY E 520 62.34 11.24 -18.76
CA GLY E 520 62.34 12.68 -18.56
C GLY E 520 63.26 13.44 -19.49
N GLY E 521 62.67 14.16 -20.44
CA GLY E 521 63.44 14.92 -21.40
C GLY E 521 63.93 16.28 -20.94
N THR E 522 63.01 17.20 -20.66
CA THR E 522 63.39 18.59 -20.43
C THR E 522 62.85 19.15 -19.12
N VAL E 523 61.64 18.78 -18.72
CA VAL E 523 60.97 19.26 -17.50
C VAL E 523 60.60 20.73 -17.65
N ARG E 524 59.31 21.05 -17.52
CA ARG E 524 58.84 22.43 -17.54
C ARG E 524 58.80 22.98 -16.12
N MET E 525 58.39 24.25 -16.00
CA MET E 525 58.37 24.89 -14.69
C MET E 525 57.23 24.37 -13.84
N GLY E 526 55.98 24.55 -14.29
CA GLY E 526 54.80 24.08 -13.59
C GLY E 526 54.78 24.37 -12.11
N GLU E 527 54.83 25.66 -11.75
CA GLU E 527 54.92 26.04 -10.35
C GLU E 527 53.67 25.62 -9.58
N ASP E 528 53.88 25.01 -8.41
CA ASP E 528 52.81 24.54 -7.56
C ASP E 528 52.55 25.46 -6.36
N ASN E 529 53.09 26.67 -6.38
CA ASN E 529 52.95 27.60 -5.26
C ASN E 529 51.49 28.04 -5.18
N GLY E 530 50.76 27.51 -4.21
CA GLY E 530 49.36 27.84 -4.04
C GLY E 530 48.48 27.31 -5.14
N SER E 531 47.88 28.21 -5.91
CA SER E 531 46.98 27.88 -7.02
C SER E 531 47.36 28.66 -8.26
N SER E 532 48.65 28.61 -8.62
CA SER E 532 49.13 29.34 -9.78
C SER E 532 48.48 28.81 -11.05
N THR E 533 48.40 29.69 -12.06
CA THR E 533 47.77 29.32 -13.33
C THR E 533 48.52 28.18 -14.01
N HIS E 534 49.85 28.22 -13.98
CA HIS E 534 50.68 27.19 -14.59
C HIS E 534 51.19 26.27 -13.48
N ARG E 535 50.49 25.17 -13.26
CA ARG E 535 50.90 24.17 -12.29
C ARG E 535 51.12 22.78 -12.90
N GLU E 536 50.54 22.49 -14.04
CA GLU E 536 50.66 21.16 -14.65
C GLU E 536 52.06 21.03 -15.26
N VAL E 537 52.96 20.37 -14.54
CA VAL E 537 54.32 20.21 -15.02
C VAL E 537 54.33 19.36 -16.28
N GLU E 538 55.08 19.82 -17.28
CA GLU E 538 55.20 19.14 -18.57
C GLU E 538 56.64 18.71 -18.76
N ILE E 539 56.83 17.55 -19.39
CA ILE E 539 58.17 17.00 -19.55
C ILE E 539 58.81 17.45 -20.87
N ILE E 540 58.10 17.28 -21.98
CA ILE E 540 58.57 17.61 -23.33
C ILE E 540 59.81 16.79 -23.69
N THR E 541 59.75 16.11 -24.84
CA THR E 541 60.89 15.36 -25.35
C THR E 541 61.16 15.60 -26.83
N ALA E 542 60.35 16.41 -27.49
CA ALA E 542 60.42 16.57 -28.94
C ALA E 542 60.32 18.04 -29.33
N SER E 543 61.13 18.88 -28.69
CA SER E 543 61.13 20.31 -29.00
C SER E 543 61.43 20.56 -30.47
N VAL E 544 60.63 21.41 -31.11
CA VAL E 544 60.71 21.66 -32.54
C VAL E 544 61.04 23.14 -32.76
N VAL E 545 62.04 23.39 -33.62
CA VAL E 545 62.37 24.74 -34.09
C VAL E 545 62.48 24.64 -35.61
N LEU E 546 61.41 24.99 -36.30
CA LEU E 546 61.39 24.87 -37.75
C LEU E 546 62.28 25.92 -38.41
N ASP E 547 62.70 25.64 -39.64
CA ASP E 547 63.38 26.60 -40.48
C ASP E 547 62.33 27.55 -41.09
N THR E 548 62.69 28.28 -42.15
CA THR E 548 61.81 29.30 -42.67
C THR E 548 60.49 28.69 -43.14
N ALA E 549 59.46 28.87 -42.32
CA ALA E 549 58.09 28.41 -42.56
C ALA E 549 57.18 29.10 -41.57
N THR E 550 56.29 29.96 -42.06
CA THR E 550 55.59 30.92 -41.21
C THR E 550 54.09 30.66 -41.20
N VAL E 551 53.53 30.53 -39.99
CA VAL E 551 52.10 30.66 -39.77
C VAL E 551 51.81 32.10 -39.37
N LYS E 552 50.59 32.53 -39.70
CA LYS E 552 50.12 33.87 -39.39
C LYS E 552 48.61 33.81 -39.28
N ALA E 553 47.95 34.96 -39.24
CA ALA E 553 46.50 35.05 -39.09
C ALA E 553 45.89 35.37 -40.44
N GLU E 554 45.20 34.40 -41.04
CA GLU E 554 44.48 34.61 -42.28
C GLU E 554 43.04 34.15 -42.11
N ALA E 555 42.11 34.99 -42.58
CA ALA E 555 40.69 34.65 -42.61
C ALA E 555 40.16 34.52 -44.03
N SER E 556 41.03 34.47 -45.02
CA SER E 556 40.61 34.43 -46.42
C SER E 556 40.00 33.07 -46.75
N GLN E 557 39.40 33.00 -47.94
CA GLN E 557 38.72 31.80 -48.44
C GLN E 557 37.61 31.36 -47.48
N GLY E 558 36.61 32.22 -47.37
CA GLY E 558 35.40 31.96 -46.62
C GLY E 558 35.41 32.34 -45.16
N ARG E 559 36.03 31.55 -44.28
CA ARG E 559 36.02 31.89 -42.85
C ARG E 559 37.41 32.09 -42.29
N GLU E 560 38.27 31.07 -42.25
CA GLU E 560 39.58 31.16 -41.61
C GLU E 560 40.41 29.89 -41.79
N HIS E 561 41.69 30.04 -42.11
CA HIS E 561 42.65 28.94 -42.08
C HIS E 561 44.06 29.51 -42.26
N TYR E 562 45.06 28.67 -42.04
CA TYR E 562 46.46 29.05 -42.12
C TYR E 562 47.19 28.21 -43.16
N VAL E 563 48.20 28.80 -43.79
CA VAL E 563 48.97 28.17 -44.86
C VAL E 563 50.45 28.32 -44.56
N ILE E 564 51.22 27.27 -44.87
CA ILE E 564 52.65 27.23 -44.62
C ILE E 564 53.38 27.59 -45.91
N GLU E 565 54.62 28.05 -45.77
CA GLU E 565 55.51 28.22 -46.91
C GLU E 565 56.83 27.51 -46.63
N THR E 566 57.49 27.07 -47.71
CA THR E 566 58.79 26.41 -47.60
C THR E 566 59.78 27.11 -48.52
N LYS E 567 61.04 27.17 -48.07
CA LYS E 567 62.14 27.87 -48.72
C LYS E 567 61.72 29.15 -49.41
N GLY E 568 61.62 29.11 -50.75
CA GLY E 568 61.27 30.29 -51.50
C GLY E 568 59.82 30.70 -51.39
N GLY E 569 58.99 29.85 -50.80
CA GLY E 569 57.59 30.19 -50.61
C GLY E 569 56.64 29.14 -51.14
N GLN E 570 57.17 27.96 -51.45
CA GLN E 570 56.33 26.88 -51.95
C GLN E 570 55.30 26.52 -50.90
N ARG E 571 54.02 26.51 -51.29
CA ARG E 571 52.94 26.53 -50.31
C ARG E 571 52.69 25.13 -49.75
N PHE E 572 52.93 24.97 -48.45
CA PHE E 572 52.52 23.78 -47.71
C PHE E 572 51.19 24.12 -47.03
N ASN E 573 50.11 23.88 -47.76
CA ASN E 573 48.77 24.21 -47.26
C ASN E 573 48.45 23.33 -46.07
N LEU E 574 48.15 23.94 -44.93
CA LEU E 574 47.78 23.24 -43.70
C LEU E 574 46.31 22.89 -43.73
N LEU E 575 45.98 21.63 -44.03
CA LEU E 575 44.57 21.24 -44.14
C LEU E 575 43.90 21.13 -42.78
N ALA E 576 44.68 20.93 -41.72
CA ALA E 576 44.14 20.74 -40.38
C ALA E 576 44.65 21.84 -39.45
N ALA E 577 43.78 22.24 -38.52
CA ALA E 577 44.09 23.25 -37.51
C ALA E 577 45.21 22.75 -36.61
N PRO E 578 45.83 23.61 -35.79
CA PRO E 578 46.89 23.13 -34.90
C PRO E 578 46.38 22.27 -33.74
N GLY E 579 45.12 21.88 -33.79
CA GLY E 579 44.56 21.02 -32.76
C GLY E 579 44.09 19.67 -33.28
N THR E 580 44.87 19.05 -34.16
CA THR E 580 44.45 17.81 -34.80
C THR E 580 44.24 16.69 -33.78
N LYS E 581 45.16 16.56 -32.83
CA LYS E 581 45.21 15.41 -31.92
C LYS E 581 45.32 14.11 -32.71
N VAL E 582 46.19 14.10 -33.71
CA VAL E 582 46.50 12.90 -34.46
C VAL E 582 47.94 12.48 -34.13
N THR E 583 48.29 11.27 -34.54
CA THR E 583 49.60 10.72 -34.19
C THR E 583 50.44 10.34 -35.41
N THR E 584 49.86 9.72 -36.42
CA THR E 584 50.60 9.28 -37.60
C THR E 584 49.60 8.83 -38.66
N GLY E 585 50.11 8.65 -39.87
CA GLY E 585 49.30 8.14 -40.96
C GLY E 585 48.27 9.11 -41.52
N HIS E 586 48.22 10.33 -41.01
CA HIS E 586 47.27 11.33 -41.47
C HIS E 586 48.02 12.53 -42.03
N VAL E 587 47.44 13.14 -43.05
CA VAL E 587 48.08 14.26 -43.74
C VAL E 587 48.08 15.49 -42.86
N VAL E 588 49.18 16.21 -42.88
CA VAL E 588 49.29 17.48 -42.15
C VAL E 588 49.60 18.66 -43.05
N ALA E 589 50.06 18.43 -44.29
CA ALA E 589 50.27 19.51 -45.24
C ALA E 589 50.07 18.97 -46.65
N GLU E 590 49.74 19.88 -47.57
CA GLU E 590 49.52 19.54 -48.97
C GLU E 590 50.29 20.49 -49.87
N LEU E 591 50.59 20.02 -51.07
CA LEU E 591 51.32 20.79 -52.06
C LEU E 591 50.36 21.38 -53.09
N ILE E 592 50.78 22.47 -53.73
CA ILE E 592 50.01 23.07 -54.81
C ILE E 592 50.16 22.22 -56.06
N ASP E 593 49.32 22.48 -57.06
CA ASP E 593 49.21 21.65 -58.25
C ASP E 593 49.23 22.52 -59.52
N SER E 594 50.22 23.40 -59.61
CA SER E 594 50.31 24.32 -60.75
C SER E 594 50.34 23.55 -62.07
N ARG E 595 51.21 22.55 -62.18
CA ARG E 595 51.20 21.66 -63.33
C ARG E 595 50.28 20.47 -63.13
N TYR E 596 50.09 20.04 -61.89
CA TYR E 596 49.22 18.91 -61.60
C TYR E 596 47.74 19.26 -61.68
N ARG E 597 47.40 20.51 -62.01
CA ARG E 597 46.04 20.88 -62.37
C ARG E 597 45.83 20.47 -63.82
N THR E 598 45.27 19.27 -64.01
CA THR E 598 45.30 18.57 -65.28
C THR E 598 44.01 18.80 -66.06
N GLN E 599 43.89 18.11 -67.21
CA GLN E 599 42.77 18.30 -68.12
C GLN E 599 41.65 17.32 -67.77
N THR E 600 40.67 17.20 -68.67
CA THR E 600 39.48 16.39 -68.37
C THR E 600 39.80 14.91 -68.38
N GLY E 601 40.22 14.38 -69.52
CA GLY E 601 40.54 12.98 -69.67
C GLY E 601 42.00 12.68 -69.44
N GLY E 602 42.46 11.56 -69.96
CA GLY E 602 43.86 11.21 -69.82
C GLY E 602 44.13 9.78 -70.23
N LEU E 603 45.39 9.54 -70.60
CA LEU E 603 45.92 8.22 -70.93
C LEU E 603 47.27 8.13 -70.22
N LEU E 604 47.25 7.71 -68.96
CA LEU E 604 48.44 7.69 -68.13
C LEU E 604 49.35 6.54 -68.56
N LYS E 605 50.65 6.83 -68.76
CA LYS E 605 51.63 5.79 -69.07
C LYS E 605 52.61 5.74 -67.91
N TYR E 606 52.37 4.82 -66.98
CA TYR E 606 53.27 4.64 -65.84
C TYR E 606 54.58 4.08 -66.36
N SER E 607 55.59 4.93 -66.48
CA SER E 607 56.85 4.59 -67.14
C SER E 607 58.02 4.94 -66.23
N GLY E 608 58.69 3.91 -65.71
CA GLY E 608 59.95 4.10 -65.01
C GLY E 608 59.88 4.99 -63.80
N VAL E 609 58.71 5.13 -63.19
CA VAL E 609 58.55 5.94 -61.98
C VAL E 609 58.74 5.04 -60.77
N GLU E 610 59.69 5.39 -59.91
CA GLU E 610 60.00 4.61 -58.71
C GLU E 610 58.93 4.89 -57.64
N ILE E 611 57.72 4.45 -57.95
CA ILE E 611 56.61 4.62 -57.02
C ILE E 611 56.65 3.52 -55.96
N SER E 612 55.93 3.72 -54.88
CA SER E 612 55.93 2.77 -53.78
C SER E 612 55.15 1.51 -54.16
N LYS E 613 55.14 0.54 -53.24
CA LYS E 613 54.40 -0.71 -53.42
C LYS E 613 53.58 -0.93 -52.16
N LYS E 614 52.36 -0.38 -52.15
CA LYS E 614 51.46 -0.52 -51.02
C LYS E 614 50.04 -0.44 -51.58
N GLY E 615 49.38 -1.60 -51.67
CA GLY E 615 48.04 -1.70 -52.20
C GLY E 615 47.11 -0.60 -51.72
N ARG E 616 46.31 -0.05 -52.64
CA ARG E 616 45.52 1.15 -52.32
C ARG E 616 44.60 0.90 -51.14
N ALA E 617 43.80 -0.17 -51.20
CA ALA E 617 42.86 -0.52 -50.13
C ALA E 617 42.02 0.68 -49.73
N LYS E 618 41.21 1.13 -50.69
CA LYS E 618 40.38 2.33 -50.59
C LYS E 618 41.23 3.58 -50.35
N ALA E 619 41.39 3.97 -49.09
CA ALA E 619 41.93 5.29 -48.74
C ALA E 619 43.46 5.32 -48.87
N LYS E 620 43.92 5.31 -50.12
CA LYS E 620 45.31 5.58 -50.43
C LYS E 620 45.52 6.49 -51.63
N GLN E 621 44.53 6.65 -52.51
CA GLN E 621 44.62 7.42 -53.76
C GLN E 621 45.98 7.21 -54.45
N GLY E 622 46.28 5.96 -54.76
CA GLY E 622 47.50 5.62 -55.44
C GLY E 622 48.67 5.44 -54.50
N TYR E 623 49.83 5.15 -55.10
CA TYR E 623 51.03 4.86 -54.31
C TYR E 623 51.92 6.10 -54.26
N GLU E 624 52.90 6.06 -53.35
CA GLU E 624 53.80 7.19 -53.14
C GLU E 624 54.99 7.09 -54.09
N VAL E 625 55.22 8.16 -54.86
CA VAL E 625 56.34 8.24 -55.79
C VAL E 625 57.56 8.64 -54.98
N THR E 626 58.52 7.71 -54.83
CA THR E 626 59.64 7.97 -53.92
C THR E 626 60.72 8.82 -54.58
N LYS E 627 61.42 8.27 -55.58
CA LYS E 627 62.51 9.03 -56.18
C LYS E 627 62.38 9.22 -57.69
N GLY E 628 62.21 8.12 -58.42
CA GLY E 628 62.34 8.16 -59.86
C GLY E 628 61.14 8.69 -60.61
N GLY E 629 61.39 9.44 -61.69
CA GLY E 629 60.33 9.88 -62.55
C GLY E 629 60.70 9.98 -64.02
N THR E 630 59.97 9.26 -64.87
CA THR E 630 59.98 9.45 -66.31
C THR E 630 58.56 9.28 -66.86
N LEU E 631 57.60 9.87 -66.16
CA LEU E 631 56.19 9.62 -66.45
C LEU E 631 55.79 10.25 -67.78
N LEU E 632 54.88 9.58 -68.49
CA LEU E 632 54.34 10.07 -69.75
C LEU E 632 52.82 10.20 -69.63
N TRP E 633 52.28 11.27 -70.19
CA TRP E 633 50.83 11.44 -70.14
C TRP E 633 50.34 12.20 -71.36
N ILE E 634 49.38 11.61 -72.07
CA ILE E 634 48.58 12.33 -73.05
C ILE E 634 47.27 12.72 -72.37
N PRO E 635 46.97 14.00 -72.25
CA PRO E 635 45.84 14.43 -71.41
C PRO E 635 44.50 14.33 -72.11
N GLU E 636 44.42 13.50 -73.16
CA GLU E 636 43.35 13.51 -74.15
C GLU E 636 41.99 13.82 -73.53
N GLU E 637 41.36 14.88 -74.03
CA GLU E 637 40.18 15.46 -73.39
C GLU E 637 38.91 14.78 -73.89
N THR E 638 38.72 13.55 -73.41
CA THR E 638 37.51 12.82 -73.72
C THR E 638 36.33 13.41 -72.97
N HIS E 639 35.20 13.60 -73.66
CA HIS E 639 33.99 14.14 -73.08
C HIS E 639 32.90 13.09 -73.15
N GLU E 640 32.31 12.75 -72.00
CA GLU E 640 31.36 11.65 -71.91
C GLU E 640 29.94 12.21 -71.90
N VAL E 641 29.16 11.83 -72.90
CA VAL E 641 27.76 12.23 -73.00
C VAL E 641 27.09 11.28 -74.00
N ASN E 642 25.87 10.87 -73.68
CA ASN E 642 25.14 9.87 -74.46
C ASN E 642 23.96 10.51 -75.16
N LYS E 643 23.92 10.40 -76.49
CA LYS E 643 22.77 10.79 -77.29
C LYS E 643 22.73 9.88 -78.52
N ASP E 644 21.95 10.27 -79.53
CA ASP E 644 21.77 9.47 -80.73
C ASP E 644 22.29 10.23 -81.95
N ILE E 645 22.30 9.53 -83.09
CA ILE E 645 22.85 10.10 -84.31
C ILE E 645 22.01 11.28 -84.81
N SER E 646 20.68 11.15 -84.72
CA SER E 646 19.81 12.23 -85.18
C SER E 646 20.02 13.50 -84.36
N LEU E 647 20.16 13.34 -83.04
CA LEU E 647 20.41 14.49 -82.17
C LEU E 647 21.81 15.06 -82.34
N LEU E 648 22.69 14.37 -83.08
CA LEU E 648 24.06 14.83 -83.30
C LEU E 648 24.08 15.83 -84.45
N ASN E 649 23.58 17.04 -84.14
CA ASN E 649 23.70 18.14 -85.09
C ASN E 649 25.14 18.55 -85.30
N VAL E 650 26.03 18.20 -84.36
CA VAL E 650 27.46 18.38 -84.54
C VAL E 650 28.05 17.37 -85.50
N GLU E 651 27.27 16.36 -85.90
CA GLU E 651 27.68 15.29 -86.81
C GLU E 651 28.79 14.48 -86.14
N ASP E 652 29.69 13.89 -86.93
CA ASP E 652 30.78 13.09 -86.39
C ASP E 652 31.94 13.13 -87.37
N GLY E 653 33.14 12.91 -86.84
CA GLY E 653 34.34 12.92 -87.66
C GLY E 653 34.61 14.27 -88.32
N GLN E 654 34.40 15.35 -87.57
CA GLN E 654 34.54 16.70 -88.13
C GLN E 654 35.02 17.63 -87.03
N LEU E 655 35.60 18.76 -87.45
CA LEU E 655 36.05 19.79 -86.53
C LEU E 655 35.11 20.98 -86.60
N VAL E 656 34.73 21.51 -85.44
CA VAL E 656 33.88 22.69 -85.36
C VAL E 656 34.10 23.33 -84.01
N GLU E 657 33.92 24.65 -83.95
CA GLU E 657 34.15 25.39 -82.72
C GLU E 657 33.08 25.05 -81.69
N ALA E 658 33.13 25.75 -80.55
CA ALA E 658 32.25 25.46 -79.42
C ALA E 658 30.79 25.77 -79.71
N GLY E 659 30.49 26.46 -80.82
CA GLY E 659 29.13 26.80 -81.19
C GLY E 659 28.15 25.64 -81.11
N THR E 660 28.34 24.63 -81.95
CA THR E 660 27.58 23.39 -81.87
C THR E 660 28.41 22.36 -81.11
N GLU E 661 27.73 21.51 -80.35
CA GLU E 661 28.40 20.61 -79.42
C GLU E 661 27.93 19.17 -79.64
N VAL E 662 28.73 18.24 -79.12
CA VAL E 662 28.45 16.82 -79.18
C VAL E 662 27.60 16.38 -77.98
N VAL E 663 27.00 17.33 -77.29
CA VAL E 663 26.52 17.13 -75.93
C VAL E 663 25.00 17.25 -75.89
N LYS E 664 24.41 16.76 -74.78
CA LYS E 664 22.99 16.89 -74.51
C LYS E 664 22.68 17.28 -73.07
N ASP E 665 23.66 17.24 -72.17
CA ASP E 665 23.44 17.58 -70.76
C ASP E 665 24.48 18.56 -70.21
N ILE E 666 25.60 18.76 -70.90
CA ILE E 666 26.71 19.60 -70.45
C ILE E 666 26.98 20.57 -71.59
N PHE E 667 28.08 21.33 -71.53
CA PHE E 667 28.46 22.20 -72.62
C PHE E 667 29.91 21.95 -73.03
N CYS E 668 30.21 22.25 -74.29
CA CYS E 668 31.53 22.01 -74.85
C CYS E 668 32.49 23.14 -74.44
N GLN E 669 33.77 22.93 -74.73
CA GLN E 669 34.83 23.82 -74.24
C GLN E 669 35.62 24.49 -75.35
N THR E 670 36.10 23.75 -76.34
CA THR E 670 36.87 24.33 -77.45
C THR E 670 36.43 23.62 -78.73
N THR E 671 37.27 23.76 -79.78
CA THR E 671 36.98 23.17 -81.09
C THR E 671 36.68 21.69 -80.96
N GLY E 672 35.44 21.31 -81.28
CA GLY E 672 34.95 19.97 -81.02
C GLY E 672 35.15 18.96 -82.13
N ILE E 673 36.37 18.45 -82.29
CA ILE E 673 36.59 17.34 -83.21
C ILE E 673 35.73 16.17 -82.74
N VAL E 674 34.81 15.73 -83.60
CA VAL E 674 33.86 14.70 -83.22
C VAL E 674 34.40 13.34 -83.63
N SER E 675 33.89 12.31 -82.95
CA SER E 675 34.35 10.94 -83.21
C SER E 675 33.25 9.98 -82.77
N VAL E 676 32.57 9.36 -83.73
CA VAL E 676 31.54 8.37 -83.46
C VAL E 676 31.86 7.12 -84.28
N THR E 677 31.92 5.97 -83.62
CA THR E 677 32.25 4.71 -84.29
C THR E 677 30.98 3.97 -84.75
N GLN E 678 30.13 4.67 -85.49
CA GLN E 678 28.88 4.13 -86.04
C GLN E 678 28.07 3.42 -84.94
N ASN E 679 27.85 4.15 -83.86
CA ASN E 679 27.18 3.62 -82.68
C ASN E 679 25.68 3.86 -82.76
N ASN E 680 24.91 2.85 -82.39
CA ASN E 680 23.45 2.91 -82.41
C ASN E 680 22.93 2.80 -80.98
N ASP E 681 22.05 3.74 -80.61
CA ASP E 681 21.25 3.86 -79.38
C ASP E 681 22.11 4.05 -78.12
N ILE E 682 23.44 3.97 -78.23
CA ILE E 682 24.33 4.20 -77.10
C ILE E 682 25.72 4.45 -77.65
N LEU E 683 26.57 5.09 -76.85
CA LEU E 683 27.92 5.42 -77.29
C LEU E 683 28.80 5.47 -76.04
N ARG E 684 30.05 5.83 -76.23
CA ARG E 684 31.04 5.94 -75.16
C ARG E 684 31.50 7.40 -75.06
N GLU E 685 32.55 7.63 -74.28
CA GLU E 685 33.13 8.96 -74.17
C GLU E 685 33.71 9.39 -75.50
N ILE E 686 33.16 10.46 -76.08
CA ILE E 686 33.66 10.99 -77.34
C ILE E 686 35.10 11.44 -77.16
N VAL E 687 35.99 10.99 -78.04
CA VAL E 687 37.41 11.29 -77.95
C VAL E 687 37.66 12.48 -78.86
N ILE E 688 37.63 13.67 -78.28
CA ILE E 688 37.87 14.91 -79.02
C ILE E 688 39.38 15.12 -79.12
N LYS E 689 39.87 15.24 -80.35
CA LYS E 689 41.30 15.34 -80.63
C LYS E 689 41.57 16.56 -81.51
N PRO E 690 41.59 17.75 -80.92
CA PRO E 690 41.79 18.97 -81.71
C PRO E 690 43.23 19.44 -81.86
N GLY E 691 44.15 18.93 -81.03
CA GLY E 691 45.50 19.47 -81.04
C GLY E 691 46.28 19.17 -82.30
N ASP E 692 46.14 17.95 -82.82
CA ASP E 692 46.97 17.46 -83.92
C ASP E 692 46.10 16.75 -84.96
N VAL E 693 45.04 17.43 -85.39
CA VAL E 693 44.09 16.84 -86.33
C VAL E 693 44.81 16.42 -87.61
N HIS E 694 44.40 15.27 -88.16
CA HIS E 694 44.91 14.81 -89.44
C HIS E 694 43.89 13.84 -90.04
N VAL E 695 44.20 13.36 -91.25
CA VAL E 695 43.23 12.62 -92.05
C VAL E 695 43.84 11.34 -92.62
N LEU E 696 44.96 10.89 -92.05
CA LEU E 696 45.66 9.73 -92.57
C LEU E 696 44.75 8.51 -92.62
N ASP E 697 44.91 7.70 -93.66
CA ASP E 697 44.00 6.60 -93.97
C ASP E 697 44.65 5.26 -93.65
N ASP E 698 43.80 4.24 -93.56
CA ASP E 698 44.21 2.86 -93.30
C ASP E 698 45.11 2.76 -92.08
N PRO E 699 44.65 3.21 -90.91
CA PRO E 699 45.57 3.37 -89.77
C PRO E 699 45.98 2.08 -89.08
N ASP E 700 45.05 1.14 -88.89
CA ASP E 700 45.31 0.01 -88.00
C ASP E 700 46.11 -1.09 -88.69
N THR E 701 47.21 -0.70 -89.33
CA THR E 701 48.19 -1.65 -89.83
C THR E 701 49.62 -1.16 -89.68
N ALA E 702 49.84 -0.01 -89.06
CA ALA E 702 51.15 0.61 -89.01
C ALA E 702 52.05 -0.11 -88.01
N ALA E 703 53.35 0.24 -88.06
CA ALA E 703 54.34 -0.32 -87.16
C ALA E 703 54.49 0.47 -85.86
N LYS E 704 53.85 1.64 -85.76
CA LYS E 704 53.93 2.47 -84.57
C LYS E 704 52.61 2.56 -83.83
N TYR E 705 51.51 2.84 -84.54
CA TYR E 705 50.19 2.87 -83.94
C TYR E 705 49.68 1.44 -83.85
N ASP E 706 49.86 0.82 -82.69
CA ASP E 706 49.44 -0.56 -82.48
C ASP E 706 48.83 -0.73 -81.09
N GLU E 707 47.99 0.22 -80.68
CA GLU E 707 47.31 0.18 -79.40
C GLU E 707 48.33 0.11 -78.25
N GLY E 708 49.04 1.22 -78.09
CA GLY E 708 50.14 1.30 -77.15
C GLY E 708 51.23 2.25 -77.62
N ARG E 709 51.21 2.58 -78.92
CA ARG E 709 51.96 3.70 -79.45
C ARG E 709 53.47 3.52 -79.30
N LEU E 710 54.02 3.89 -78.13
CA LEU E 710 55.46 3.89 -77.89
C LEU E 710 56.18 4.74 -78.95
N VAL E 711 55.63 5.92 -79.22
CA VAL E 711 56.07 6.76 -80.33
C VAL E 711 57.03 7.82 -79.82
N ASN E 712 58.16 7.96 -80.49
CA ASN E 712 59.17 8.96 -80.16
C ASN E 712 58.92 10.23 -80.97
N ALA E 713 59.91 11.13 -80.99
CA ALA E 713 59.74 12.41 -81.68
C ALA E 713 59.49 12.23 -83.16
N GLY E 714 60.23 11.34 -83.82
CA GLY E 714 60.11 11.19 -85.25
C GLY E 714 59.80 9.78 -85.71
N GLU E 715 59.00 9.05 -84.93
CA GLU E 715 58.64 7.69 -85.30
C GLU E 715 57.63 7.73 -86.44
N GLU E 716 58.01 7.19 -87.60
CA GLU E 716 57.20 7.27 -88.80
C GLU E 716 56.09 6.23 -88.74
N VAL E 717 54.84 6.68 -88.57
CA VAL E 717 53.72 5.75 -88.56
C VAL E 717 53.48 5.18 -89.95
N PHE E 718 53.61 6.01 -90.98
CA PHE E 718 53.40 5.62 -92.37
C PHE E 718 54.39 6.35 -93.26
N PRO E 719 54.75 5.76 -94.40
CA PRO E 719 55.74 6.41 -95.27
C PRO E 719 55.26 7.76 -95.77
N GLY E 720 56.23 8.64 -96.03
CA GLY E 720 55.93 9.99 -96.48
C GLY E 720 55.89 11.02 -95.38
N LEU E 721 54.97 10.87 -94.43
CA LEU E 721 54.77 11.85 -93.36
C LEU E 721 55.51 11.37 -92.12
N THR E 722 56.64 12.02 -91.82
CA THR E 722 57.38 11.76 -90.61
C THR E 722 56.98 12.77 -89.53
N ALA E 723 56.70 12.27 -88.34
CA ALA E 723 56.26 13.13 -87.25
C ALA E 723 57.41 14.00 -86.75
N GLU E 724 57.04 15.14 -86.17
CA GLU E 724 58.00 16.10 -85.64
C GLU E 724 57.93 16.25 -84.13
N GLN E 725 56.73 16.28 -83.56
CA GLN E 725 56.56 16.41 -82.12
C GLN E 725 56.77 15.07 -81.43
N LEU E 726 57.19 15.13 -80.17
CA LEU E 726 57.39 13.94 -79.36
C LEU E 726 56.08 13.29 -78.94
N VAL E 727 54.94 13.76 -79.46
CA VAL E 727 53.64 13.24 -79.04
C VAL E 727 53.46 11.82 -79.56
N TRP E 728 52.47 11.13 -79.00
CA TRP E 728 52.19 9.75 -79.34
C TRP E 728 51.36 9.67 -80.61
N ALA E 729 51.74 8.79 -81.54
CA ALA E 729 50.99 8.62 -82.76
C ALA E 729 49.75 7.78 -82.50
N GLU E 730 48.57 8.39 -82.65
CA GLU E 730 47.31 7.75 -82.35
C GLU E 730 46.38 7.91 -83.54
N ALA E 731 45.39 7.02 -83.61
CA ALA E 731 44.41 7.05 -84.69
C ALA E 731 43.02 6.81 -84.12
N VAL E 732 42.01 7.41 -84.76
CA VAL E 732 40.62 7.24 -84.39
C VAL E 732 39.83 6.91 -85.65
N ASP E 733 39.10 5.79 -85.61
CA ASP E 733 38.32 5.32 -86.75
C ASP E 733 37.08 6.21 -86.88
N GLY E 734 37.26 7.37 -87.50
CA GLY E 734 36.19 8.32 -87.67
C GLY E 734 35.77 8.53 -89.11
N THR E 735 36.23 9.63 -89.70
CA THR E 735 35.83 10.00 -91.05
C THR E 735 36.36 8.99 -92.06
N ASP E 736 35.50 8.62 -93.02
CA ASP E 736 35.86 7.71 -94.11
C ASP E 736 36.40 6.39 -93.56
N GLY E 737 35.54 5.67 -92.84
CA GLY E 737 35.94 4.45 -92.20
C GLY E 737 36.93 4.70 -91.08
N PRO E 738 38.08 4.04 -91.14
CA PRO E 738 39.11 4.26 -90.12
C PRO E 738 40.05 5.41 -90.48
N LEU E 739 40.22 6.36 -89.57
CA LEU E 739 41.05 7.53 -89.78
C LEU E 739 42.16 7.59 -88.73
N LEU E 740 43.01 8.60 -88.84
CA LEU E 740 44.12 8.81 -87.91
C LEU E 740 44.09 10.23 -87.40
N LEU E 741 44.11 10.38 -86.08
CA LEU E 741 44.14 11.70 -85.44
C LEU E 741 45.13 11.65 -84.27
N LEU E 742 46.14 12.50 -84.33
CA LEU E 742 47.18 12.57 -83.33
C LEU E 742 46.69 13.35 -82.10
N ARG E 743 47.44 13.26 -81.00
CA ARG E 743 47.09 13.98 -79.78
C ARG E 743 48.36 14.43 -79.06
N PRO E 744 48.44 15.70 -78.64
CA PRO E 744 49.64 16.17 -77.92
C PRO E 744 49.85 15.41 -76.62
N VAL E 745 51.12 15.17 -76.29
CA VAL E 745 51.53 14.39 -75.14
C VAL E 745 52.61 15.16 -74.39
N GLN E 746 52.58 15.11 -73.06
CA GLN E 746 53.56 15.77 -72.22
C GLN E 746 54.23 14.77 -71.29
N GLU E 747 55.28 15.25 -70.62
CA GLU E 747 56.05 14.45 -69.69
C GLU E 747 55.78 14.93 -68.26
N LEU E 748 55.57 13.97 -67.35
CA LEU E 748 55.32 14.26 -65.94
C LEU E 748 56.44 13.71 -65.06
N VAL E 749 57.69 13.93 -65.48
CA VAL E 749 58.84 13.45 -64.74
C VAL E 749 58.77 13.94 -63.30
N ILE E 750 58.96 13.03 -62.36
CA ILE E 750 58.82 13.29 -60.93
C ILE E 750 60.23 13.40 -60.33
N PRO E 751 60.61 14.55 -59.78
CA PRO E 751 61.91 14.65 -59.12
C PRO E 751 61.93 13.96 -57.76
N ASP E 752 63.00 14.16 -57.00
CA ASP E 752 63.11 13.58 -55.67
C ASP E 752 61.94 14.02 -54.78
N GLU E 753 61.83 13.38 -53.62
CA GLU E 753 60.70 13.60 -52.74
C GLU E 753 60.57 15.08 -52.39
N PRO E 754 59.35 15.60 -52.28
CA PRO E 754 59.15 17.03 -52.01
C PRO E 754 59.92 17.45 -50.76
N PRO E 755 60.60 18.58 -50.82
CA PRO E 755 61.60 18.89 -49.78
C PRO E 755 61.06 19.67 -48.59
N VAL E 756 61.33 19.17 -47.40
CA VAL E 756 61.25 19.94 -46.16
C VAL E 756 62.66 20.40 -45.82
N PRO E 757 62.93 21.70 -45.75
CA PRO E 757 64.33 22.17 -45.68
C PRO E 757 65.09 21.66 -44.47
N SER E 758 64.60 22.01 -43.27
CA SER E 758 65.27 21.61 -42.04
C SER E 758 64.36 21.80 -40.83
N GLN E 759 64.11 20.74 -40.08
CA GLN E 759 63.39 20.82 -38.82
C GLN E 759 64.35 20.48 -37.68
N ASP E 760 64.46 21.39 -36.72
CA ASP E 760 65.32 21.20 -35.56
C ASP E 760 64.65 20.37 -34.47
N SER E 761 63.62 19.62 -34.83
CA SER E 761 62.92 18.78 -33.87
C SER E 761 63.89 17.78 -33.24
N SER E 762 63.82 17.66 -31.91
CA SER E 762 64.71 16.78 -31.19
C SER E 762 64.47 15.33 -31.58
N GLN E 763 65.54 14.63 -31.94
CA GLN E 763 65.46 13.23 -32.35
C GLN E 763 66.14 12.29 -31.37
N GLU E 764 67.37 12.60 -30.97
CA GLU E 764 68.11 11.78 -30.03
C GLU E 764 67.86 12.20 -28.58
N SER E 765 66.99 13.17 -28.34
CA SER E 765 66.64 13.59 -26.99
C SER E 765 65.60 12.64 -26.43
N SER E 766 66.01 11.81 -25.47
CA SER E 766 65.13 10.83 -24.82
C SER E 766 64.55 9.84 -25.83
N SER E 767 65.30 9.55 -26.90
CA SER E 767 64.98 8.54 -27.91
C SER E 767 63.69 8.84 -28.66
N ARG E 768 63.10 10.02 -28.50
CA ARG E 768 61.90 10.41 -29.24
C ARG E 768 62.34 11.15 -30.49
N SER E 769 62.26 10.48 -31.64
CA SER E 769 62.81 10.98 -32.89
C SER E 769 61.68 11.22 -33.89
N ILE E 770 61.13 12.43 -33.88
CA ILE E 770 60.05 12.79 -34.81
C ILE E 770 60.66 13.32 -36.09
N ARG E 771 60.05 12.95 -37.22
CA ARG E 771 60.51 13.38 -38.54
C ARG E 771 59.30 13.62 -39.44
N LEU E 772 59.45 14.56 -40.37
CA LEU E 772 58.44 14.86 -41.37
C LEU E 772 59.04 14.71 -42.76
N ARG E 773 58.40 13.89 -43.60
CA ARG E 773 58.84 13.64 -44.96
C ARG E 773 57.72 14.00 -45.93
N ALA E 774 57.93 15.04 -46.72
CA ALA E 774 56.97 15.36 -47.78
C ALA E 774 57.20 14.39 -48.93
N VAL E 775 56.23 13.52 -49.19
CA VAL E 775 56.33 12.51 -50.24
C VAL E 775 55.09 12.59 -51.11
N GLN E 776 55.29 12.73 -52.41
CA GLN E 776 54.19 12.86 -53.36
C GLN E 776 53.53 11.51 -53.61
N ARG E 777 52.24 11.56 -54.00
CA ARG E 777 51.45 10.37 -54.25
C ARG E 777 51.00 10.35 -55.71
N LEU E 778 50.34 9.28 -56.11
CA LEU E 778 49.87 9.15 -57.49
C LEU E 778 48.66 8.22 -57.53
N GLN E 779 47.68 8.59 -58.34
CA GLN E 779 46.40 7.89 -58.48
C GLN E 779 46.46 6.72 -59.45
N PHE E 780 45.29 6.29 -59.93
CA PHE E 780 45.06 5.06 -60.68
C PHE E 780 46.19 4.66 -61.64
N GLN E 781 46.49 3.37 -61.68
CA GLN E 781 47.65 2.81 -62.38
C GLN E 781 47.42 2.71 -63.88
N ASP E 782 48.28 1.93 -64.55
CA ASP E 782 48.34 1.90 -66.01
C ASP E 782 46.97 1.75 -66.66
N GLY E 783 46.25 0.67 -66.34
CA GLY E 783 45.04 0.33 -67.07
C GLY E 783 43.77 1.01 -66.59
N GLU E 784 43.87 2.24 -66.11
CA GLU E 784 42.71 3.01 -65.67
C GLU E 784 42.76 4.43 -66.24
N ARG E 785 42.97 4.51 -67.55
CA ARG E 785 43.09 5.80 -68.23
C ARG E 785 41.88 6.68 -67.96
N ILE E 786 42.13 7.97 -67.79
CA ILE E 786 41.07 8.90 -67.40
C ILE E 786 40.14 9.15 -68.57
N LYS E 787 38.84 8.96 -68.33
CA LYS E 787 37.81 9.19 -69.35
C LYS E 787 36.74 10.16 -68.89
N SER E 788 36.92 10.83 -67.76
CA SER E 788 35.92 11.73 -67.21
C SER E 788 36.18 13.17 -67.64
N VAL E 789 35.38 14.09 -67.12
CA VAL E 789 35.47 15.51 -67.45
C VAL E 789 35.54 16.28 -66.14
N GLU E 790 36.72 16.76 -65.78
CA GLU E 790 36.95 17.54 -64.56
C GLU E 790 38.35 18.11 -64.64
N GLY E 791 38.80 18.73 -63.55
CA GLY E 791 40.19 19.06 -63.39
C GLY E 791 41.04 17.93 -62.85
N VAL E 792 40.41 16.78 -62.56
CA VAL E 792 40.95 15.59 -61.91
C VAL E 792 42.24 15.85 -61.13
N ASP E 793 42.12 15.91 -59.81
CA ASP E 793 43.25 16.17 -58.94
C ASP E 793 44.36 15.15 -59.16
N LEU E 794 45.47 15.59 -59.72
CA LEU E 794 46.63 14.74 -60.00
C LEU E 794 47.46 14.61 -58.72
N LEU E 795 48.72 14.20 -58.86
CA LEU E 795 49.65 13.89 -57.78
C LEU E 795 49.47 14.78 -56.55
N ARG E 796 49.32 14.15 -55.39
CA ARG E 796 49.01 14.84 -54.14
C ARG E 796 50.14 14.55 -53.15
N THR E 797 50.92 15.58 -52.83
CA THR E 797 51.99 15.42 -51.86
C THR E 797 51.41 15.31 -50.45
N GLN E 798 51.86 14.32 -49.70
CA GLN E 798 51.44 14.08 -48.33
C GLN E 798 52.65 14.23 -47.42
N LEU E 799 52.48 14.96 -46.33
CA LEU E 799 53.57 15.19 -45.37
C LEU E 799 53.51 14.08 -44.33
N VAL E 800 54.18 12.96 -44.63
CA VAL E 800 54.30 11.87 -43.68
C VAL E 800 54.98 12.37 -42.43
N LEU E 801 54.65 11.77 -41.29
CA LEU E 801 55.21 12.12 -40.00
C LEU E 801 55.82 10.92 -39.32
N GLU E 802 56.61 10.14 -40.08
CA GLU E 802 57.25 8.94 -39.55
C GLU E 802 58.20 9.32 -38.42
N SER E 803 57.84 8.96 -37.20
CA SER E 803 58.55 9.39 -36.00
C SER E 803 59.13 8.17 -35.28
N GLU E 804 60.43 8.25 -34.97
CA GLU E 804 61.12 7.24 -34.18
C GLU E 804 61.07 5.86 -34.85
N GLU E 805 61.21 4.81 -34.04
CA GLU E 805 61.14 3.44 -34.50
C GLU E 805 59.83 2.77 -34.09
N GLY E 806 59.49 2.80 -32.81
CA GLY E 806 58.23 2.27 -32.33
C GLY E 806 57.81 2.83 -30.99
N SER E 807 56.59 3.33 -30.90
CA SER E 807 56.06 3.90 -29.66
C SER E 807 54.56 3.68 -29.61
N SER E 808 53.94 4.14 -28.53
CA SER E 808 52.49 4.09 -28.40
C SER E 808 51.86 4.96 -29.49
N GLN E 809 51.12 4.31 -30.40
CA GLN E 809 50.58 4.91 -31.62
C GLN E 809 51.63 5.74 -32.38
N LEU E 810 52.89 5.43 -32.11
CA LEU E 810 54.08 5.88 -32.84
C LEU E 810 54.43 7.34 -32.62
N SER E 811 53.53 8.14 -32.04
CA SER E 811 53.93 9.50 -31.70
C SER E 811 53.49 9.93 -30.30
N ALA E 812 52.25 9.61 -29.94
CA ALA E 812 51.62 10.12 -28.71
C ALA E 812 51.93 11.59 -28.49
N ASP E 813 51.55 12.41 -29.47
CA ASP E 813 52.07 13.77 -29.61
C ASP E 813 50.93 14.79 -29.60
N ILE E 814 51.33 16.07 -29.61
CA ILE E 814 50.44 17.20 -29.79
C ILE E 814 51.03 18.08 -30.89
N GLU E 815 50.23 19.05 -31.34
CA GLU E 815 50.63 19.89 -32.48
C GLU E 815 50.30 21.35 -32.22
N LEU E 816 50.49 21.81 -30.98
CA LEU E 816 50.26 23.21 -30.64
C LEU E 816 51.51 24.04 -30.92
N LEU E 817 51.30 25.31 -31.27
CA LEU E 817 52.39 26.17 -31.72
C LEU E 817 52.70 27.26 -30.70
N PRO E 818 53.90 27.27 -30.12
CA PRO E 818 54.36 28.45 -29.39
C PRO E 818 55.08 29.41 -30.31
N ASP E 819 55.64 30.49 -29.76
CA ASP E 819 56.42 31.43 -30.55
C ASP E 819 57.68 30.75 -31.09
N SER E 820 58.23 31.35 -32.15
CA SER E 820 59.40 30.76 -32.80
C SER E 820 60.69 31.11 -32.06
N LYS E 821 61.02 32.40 -32.00
CA LYS E 821 62.25 32.88 -31.39
C LYS E 821 61.97 34.24 -30.75
N ASP E 822 63.02 34.98 -30.44
CA ASP E 822 62.85 36.34 -29.94
C ASP E 822 62.01 37.21 -30.88
N PRO E 823 62.20 37.19 -32.20
CA PRO E 823 61.20 37.84 -33.07
C PRO E 823 59.86 37.17 -32.93
N GLU E 824 58.82 37.97 -32.69
CA GLU E 824 57.49 37.43 -32.38
C GLU E 824 56.81 36.93 -33.65
N THR E 825 57.48 35.98 -34.30
CA THR E 825 56.90 35.26 -35.42
C THR E 825 56.13 34.05 -34.90
N LEU E 826 55.59 33.25 -35.81
CA LEU E 826 54.80 32.10 -35.44
C LEU E 826 55.34 30.88 -36.17
N ARG E 827 55.49 29.77 -35.44
CA ARG E 827 55.99 28.52 -36.00
C ARG E 827 55.30 27.36 -35.32
N LEU E 828 54.87 26.38 -36.12
CA LEU E 828 54.21 25.19 -35.59
C LEU E 828 55.22 24.27 -34.92
N GLN E 829 54.81 23.66 -33.81
CA GLN E 829 55.67 22.80 -33.02
C GLN E 829 54.90 21.54 -32.65
N LEU E 830 55.61 20.42 -32.53
CA LEU E 830 55.01 19.12 -32.30
C LEU E 830 55.88 18.34 -31.31
N VAL E 831 55.44 18.26 -30.05
CA VAL E 831 56.20 17.60 -29.01
C VAL E 831 55.36 16.49 -28.39
N ILE E 832 56.00 15.69 -27.54
CA ILE E 832 55.34 14.63 -26.78
C ILE E 832 55.17 15.12 -25.36
N ILE E 833 53.93 15.14 -24.88
CA ILE E 833 53.63 15.59 -23.52
C ILE E 833 52.93 14.46 -22.77
N GLU E 834 53.05 14.51 -21.44
CA GLU E 834 52.34 13.61 -20.56
C GLU E 834 51.85 14.42 -19.35
N PRO E 835 50.67 14.08 -18.83
CA PRO E 835 50.16 14.82 -17.66
C PRO E 835 50.67 14.23 -16.36
N VAL E 836 51.21 15.09 -15.50
CA VAL E 836 51.59 14.73 -14.14
C VAL E 836 50.73 15.58 -13.20
N VAL E 837 50.05 14.91 -12.27
CA VAL E 837 49.11 15.56 -11.36
C VAL E 837 49.76 15.67 -9.98
N ILE E 838 49.60 16.84 -9.36
CA ILE E 838 50.02 17.06 -7.99
C ILE E 838 48.77 17.35 -7.16
N ARG E 839 48.59 16.59 -6.08
CA ARG E 839 47.39 16.74 -5.27
C ARG E 839 47.42 18.04 -4.48
N ARG E 840 46.23 18.56 -4.21
CA ARG E 840 46.10 19.77 -3.41
C ARG E 840 46.45 19.49 -1.95
N ASP E 841 46.96 20.51 -1.28
CA ASP E 841 47.34 20.35 0.12
C ASP E 841 46.11 20.21 1.00
N VAL E 842 46.23 19.37 2.02
CA VAL E 842 45.15 19.11 2.98
C VAL E 842 45.64 19.52 4.36
N ALA E 843 44.81 20.26 5.08
CA ALA E 843 45.18 20.79 6.39
C ALA E 843 45.10 19.68 7.44
N SER E 844 45.22 20.05 8.71
CA SER E 844 45.22 19.09 9.80
C SER E 844 43.85 18.44 9.94
N ASP E 845 43.84 17.24 10.51
CA ASP E 845 42.61 16.50 10.78
C ASP E 845 42.84 15.58 11.98
N THR E 846 41.80 14.84 12.34
CA THR E 846 41.88 13.98 13.53
C THR E 846 42.80 12.80 13.29
N THR E 847 42.62 12.10 12.17
CA THR E 847 43.38 10.89 11.89
C THR E 847 44.44 11.07 10.81
N HIS E 848 44.63 12.28 10.30
CA HIS E 848 45.65 12.56 9.30
C HIS E 848 46.47 13.77 9.72
N GLY E 849 47.51 14.07 8.93
CA GLY E 849 48.40 15.18 9.21
C GLY E 849 48.47 16.15 8.04
N SER E 850 49.17 17.26 8.29
CA SER E 850 49.36 18.27 7.26
C SER E 850 50.25 17.74 6.15
N THR E 851 49.87 18.05 4.90
CA THR E 851 50.60 17.60 3.72
C THR E 851 51.02 18.81 2.91
N HIS E 852 52.32 18.88 2.60
CA HIS E 852 52.86 19.94 1.73
C HIS E 852 53.71 19.28 0.65
N THR E 853 53.38 19.54 -0.62
CA THR E 853 54.21 19.05 -1.70
C THR E 853 55.23 20.10 -2.10
N GLU E 854 56.41 19.65 -2.48
CA GLU E 854 57.51 20.54 -2.86
C GLU E 854 58.12 20.06 -4.18
N LEU E 855 58.54 21.03 -4.98
CA LEU E 855 59.11 20.78 -6.29
C LEU E 855 60.62 20.96 -6.24
N ARG E 856 61.35 20.05 -6.89
CA ARG E 856 62.80 20.10 -6.94
C ARG E 856 63.33 20.35 -8.35
N VAL E 857 62.49 20.87 -9.24
CA VAL E 857 62.88 21.10 -10.63
C VAL E 857 62.73 22.57 -10.96
N LYS E 858 63.05 22.93 -12.21
CA LYS E 858 63.04 24.33 -12.64
C LYS E 858 62.36 24.47 -14.00
N ASP E 859 62.54 25.63 -14.64
CA ASP E 859 61.92 25.87 -15.93
C ASP E 859 62.39 24.87 -16.98
N GLY E 860 63.68 24.57 -16.99
CA GLY E 860 64.20 23.59 -17.93
C GLY E 860 65.56 23.03 -17.53
N GLN E 861 65.68 21.71 -17.54
CA GLN E 861 66.94 21.05 -17.19
C GLN E 861 66.93 19.64 -17.75
N LYS E 862 68.02 19.26 -18.42
CA LYS E 862 68.16 17.91 -18.95
C LYS E 862 68.22 16.92 -17.79
N VAL E 863 67.28 15.97 -17.77
CA VAL E 863 67.17 15.00 -16.70
C VAL E 863 67.19 13.60 -17.30
N LYS E 864 67.29 12.60 -16.42
CA LYS E 864 67.32 11.21 -16.81
C LYS E 864 66.02 10.51 -16.41
N PRO E 865 65.65 9.44 -17.10
CA PRO E 865 64.48 8.65 -16.66
C PRO E 865 64.68 8.13 -15.25
N GLY E 866 63.64 8.28 -14.43
CA GLY E 866 63.71 7.87 -13.04
C GLY E 866 64.19 8.96 -12.11
N ALA E 867 63.90 10.22 -12.47
CA ALA E 867 64.32 11.38 -11.69
C ALA E 867 63.13 11.89 -10.89
N VAL E 868 63.37 12.12 -9.60
CA VAL E 868 62.29 12.54 -8.71
C VAL E 868 61.87 13.97 -9.06
N ILE E 869 60.56 14.17 -9.20
CA ILE E 869 60.02 15.47 -9.57
C ILE E 869 59.45 16.16 -8.34
N ALA E 870 58.59 15.46 -7.61
CA ALA E 870 57.87 16.06 -6.48
C ALA E 870 58.12 15.27 -5.21
N CYS E 871 58.01 15.96 -4.07
CA CYS E 871 58.14 15.34 -2.76
C CYS E 871 56.98 15.80 -1.89
N THR E 872 56.06 14.88 -1.57
CA THR E 872 54.92 15.18 -0.72
C THR E 872 55.29 14.83 0.72
N GLN E 873 55.41 15.85 1.57
CA GLN E 873 55.88 15.70 2.93
C GLN E 873 54.71 15.79 3.91
N ILE E 874 54.62 14.80 4.79
CA ILE E 874 53.60 14.74 5.83
C ILE E 874 54.27 15.07 7.16
N GLN E 875 53.82 16.15 7.79
CA GLN E 875 54.34 16.68 9.04
C GLN E 875 53.40 16.34 10.19
N CYS E 876 53.70 16.91 11.35
CA CYS E 876 52.94 16.69 12.57
C CYS E 876 52.20 17.97 12.97
N LYS E 877 51.34 17.83 13.97
CA LYS E 877 50.63 18.97 14.55
C LYS E 877 50.84 19.10 16.06
N GLU E 878 51.62 18.22 16.68
CA GLU E 878 51.90 18.30 18.10
C GLU E 878 53.28 17.70 18.35
N ALA E 879 54.01 18.30 19.29
CA ALA E 879 55.37 17.88 19.58
C ALA E 879 55.35 16.62 20.45
N GLY E 880 56.52 16.23 20.95
CA GLY E 880 56.65 15.08 21.82
C GLY E 880 57.71 14.12 21.30
N VAL E 881 57.46 12.83 21.52
CA VAL E 881 58.37 11.77 21.10
C VAL E 881 57.67 10.94 20.03
N VAL E 882 58.44 10.40 19.11
CA VAL E 882 57.93 9.45 18.13
C VAL E 882 58.35 8.05 18.58
N ARG E 883 57.41 7.11 18.54
CA ARG E 883 57.68 5.75 18.98
C ARG E 883 56.74 4.80 18.25
N GLY E 884 56.89 3.51 18.54
CA GLY E 884 56.07 2.50 17.91
C GLY E 884 56.25 2.42 16.40
N ILE E 885 57.48 2.57 15.93
CA ILE E 885 57.75 2.43 14.50
C ILE E 885 57.59 0.96 14.14
N GLN E 886 56.55 0.65 13.37
CA GLN E 886 56.27 -0.72 12.97
C GLN E 886 57.32 -1.18 11.97
N GLU E 887 58.20 -2.09 12.38
CA GLU E 887 59.27 -2.53 11.50
C GLU E 887 58.71 -3.22 10.26
N GLY E 888 57.84 -4.21 10.47
CA GLY E 888 57.18 -4.92 9.38
C GLY E 888 58.10 -5.40 8.28
N SER E 889 57.54 -5.60 7.09
CA SER E 889 58.34 -5.88 5.90
C SER E 889 58.23 -4.77 4.86
N GLU E 890 57.01 -4.48 4.40
CA GLU E 890 56.79 -3.38 3.46
C GLU E 890 55.49 -2.63 3.75
N ALA E 891 54.96 -2.72 4.96
CA ALA E 891 53.63 -2.21 5.27
C ALA E 891 53.67 -1.27 6.48
N VAL E 892 54.61 -0.32 6.45
CA VAL E 892 54.63 0.73 7.47
C VAL E 892 53.47 1.66 7.18
N ARG E 893 52.42 1.59 8.00
CA ARG E 893 51.19 2.32 7.71
C ARG E 893 50.79 3.24 8.86
N ARG E 894 51.15 2.88 10.08
CA ARG E 894 50.71 3.62 11.27
C ARG E 894 51.93 4.04 12.09
N LEU E 895 51.86 5.26 12.62
CA LEU E 895 52.93 5.80 13.46
C LEU E 895 52.31 6.28 14.77
N LEU E 896 53.11 6.34 15.83
CA LEU E 896 52.64 6.77 17.14
C LEU E 896 53.50 7.90 17.65
N VAL E 897 52.87 8.95 18.16
CA VAL E 897 53.58 10.08 18.75
C VAL E 897 53.07 10.29 20.17
N GLU E 898 53.95 10.08 21.14
CA GLU E 898 53.64 10.31 22.55
C GLU E 898 53.77 11.81 22.83
N ARG E 899 52.64 12.44 23.10
CA ARG E 899 52.60 13.87 23.36
C ARG E 899 52.74 14.14 24.86
N GLU E 900 52.74 15.42 25.23
CA GLU E 900 52.88 15.78 26.63
C GLU E 900 51.59 15.56 27.42
N ARG E 901 50.43 15.63 26.76
CA ARG E 901 49.18 15.44 27.46
C ARG E 901 49.01 14.00 27.94
N ASP E 902 49.57 13.04 27.21
CA ASP E 902 49.47 11.63 27.59
C ASP E 902 50.01 11.42 29.00
N CYS E 903 51.22 11.89 29.26
CA CYS E 903 51.81 11.75 30.59
C CYS E 903 51.21 12.78 31.54
N VAL E 904 50.87 12.33 32.75
CA VAL E 904 50.24 13.19 33.74
C VAL E 904 50.99 13.03 35.06
N THR E 905 51.37 14.17 35.65
CA THR E 905 52.03 14.17 36.95
C THR E 905 50.99 14.00 38.04
N LEU E 906 51.12 12.93 38.82
CA LEU E 906 50.16 12.59 39.88
C LEU E 906 50.89 12.52 41.21
N ASP E 907 50.48 13.36 42.16
CA ASP E 907 51.10 13.36 43.46
C ASP E 907 50.60 12.19 44.31
N LEU E 908 51.54 11.50 44.96
CA LEU E 908 51.22 10.30 45.71
C LEU E 908 52.21 10.17 46.87
N ASP E 909 52.36 8.94 47.38
CA ASP E 909 53.05 8.69 48.64
C ASP E 909 54.55 8.89 48.48
N VAL E 910 55.29 8.48 49.52
CA VAL E 910 56.74 8.60 49.56
C VAL E 910 57.43 7.76 48.50
N THR E 911 56.71 6.82 47.88
CA THR E 911 57.26 5.87 46.90
C THR E 911 58.34 5.00 47.54
N ALA E 912 57.87 4.12 48.42
CA ALA E 912 58.73 3.22 49.17
C ALA E 912 59.26 2.11 48.24
N ALA E 913 59.92 1.12 48.83
CA ALA E 913 60.69 0.13 48.09
C ALA E 913 59.86 -1.08 47.67
N THR E 914 58.59 -0.89 47.36
CA THR E 914 57.74 -1.97 46.88
C THR E 914 58.13 -2.31 45.44
N GLN E 915 57.35 -3.18 44.79
CA GLN E 915 57.69 -3.58 43.39
C GLN E 915 57.68 -2.33 42.51
N LEU E 916 56.95 -1.29 42.92
CA LEU E 916 56.80 -0.05 42.09
C LEU E 916 58.11 0.37 41.42
N GLN E 917 58.33 -0.07 40.19
CA GLN E 917 59.55 0.28 39.41
C GLN E 917 59.14 0.48 37.94
N PRO E 918 59.90 1.22 37.10
CA PRO E 918 59.46 1.49 35.73
C PRO E 918 59.05 0.24 34.95
N GLY E 919 57.77 0.15 34.54
CA GLY E 919 57.24 -1.02 33.80
C GLY E 919 55.95 -1.53 34.42
N SER E 920 55.93 -1.71 35.75
CA SER E 920 54.73 -2.21 36.47
C SER E 920 53.45 -1.46 36.09
N LEU E 921 52.38 -2.19 35.74
CA LEU E 921 51.08 -1.57 35.45
C LEU E 921 50.27 -1.52 36.74
N ILE E 922 49.77 -0.33 37.07
CA ILE E 922 49.02 -0.09 38.30
C ILE E 922 47.64 0.42 37.92
N VAL E 923 46.61 -0.18 38.51
CA VAL E 923 45.24 0.18 38.23
C VAL E 923 44.72 1.11 39.30
N ALA E 924 43.67 1.86 38.97
CA ALA E 924 43.04 2.73 39.95
C ALA E 924 42.29 1.91 40.98
N GLY E 925 42.36 2.35 42.24
CA GLY E 925 41.75 1.63 43.34
C GLY E 925 42.59 0.52 43.93
N THR E 926 43.77 0.24 43.35
CA THR E 926 44.64 -0.79 43.90
C THR E 926 45.25 -0.31 45.22
N GLN E 927 45.76 -1.27 45.98
CA GLN E 927 46.39 -0.94 47.25
C GLN E 927 47.86 -0.56 47.05
N LEU E 928 48.37 0.20 48.00
CA LEU E 928 49.72 0.75 48.00
C LEU E 928 50.21 0.77 49.44
N VAL E 929 51.25 1.58 49.71
CA VAL E 929 52.02 1.58 50.96
C VAL E 929 51.13 1.45 52.19
N ASP E 930 49.97 2.12 52.19
CA ASP E 930 49.04 1.98 53.30
C ASP E 930 47.59 1.89 52.81
N GLY E 931 47.40 1.40 51.58
CA GLY E 931 46.07 1.30 51.02
C GLY E 931 45.55 2.56 50.37
N ILE E 932 46.39 3.59 50.23
CA ILE E 932 45.95 4.83 49.59
C ILE E 932 45.57 4.54 48.15
N ILE E 933 44.44 5.12 47.73
CA ILE E 933 43.89 4.84 46.41
C ILE E 933 44.62 5.68 45.38
N ALA E 934 45.09 5.03 44.32
CA ALA E 934 45.65 5.75 43.18
C ALA E 934 44.52 6.29 42.32
N PRO E 935 44.42 7.60 42.11
CA PRO E 935 43.28 8.17 41.37
C PRO E 935 43.40 8.07 39.85
N GLU E 936 44.39 7.35 39.34
CA GLU E 936 44.58 7.23 37.90
C GLU E 936 45.06 5.82 37.59
N SER E 937 45.11 5.49 36.30
CA SER E 937 45.56 4.21 35.82
C SER E 937 46.56 4.40 34.68
N GLY E 938 47.47 3.44 34.54
CA GLY E 938 48.42 3.47 33.45
C GLY E 938 49.73 2.81 33.85
N GLU E 939 50.73 3.06 33.02
CA GLU E 939 52.06 2.46 33.18
C GLU E 939 53.02 3.49 33.75
N VAL E 940 53.70 3.12 34.84
CA VAL E 940 54.62 4.03 35.50
C VAL E 940 55.95 4.03 34.75
N ARG E 941 56.51 5.22 34.52
CA ARG E 941 57.77 5.37 33.83
C ARG E 941 58.86 5.94 34.74
N ALA E 942 58.63 7.11 35.32
CA ALA E 942 59.61 7.77 36.18
C ALA E 942 58.99 8.00 37.55
N ILE E 943 59.63 7.45 38.58
CA ILE E 943 59.15 7.61 39.95
C ILE E 943 59.83 8.83 40.58
N ALA E 944 59.03 9.77 41.05
CA ALA E 944 59.50 10.98 41.69
C ALA E 944 59.57 10.79 43.20
N PRO E 945 60.28 11.67 43.91
CA PRO E 945 60.29 11.58 45.38
C PRO E 945 58.89 11.66 45.99
N GLY E 946 57.96 12.34 45.34
CA GLY E 946 56.60 12.41 45.84
C GLY E 946 55.57 11.98 44.82
N GLN E 947 55.97 11.86 43.55
CA GLN E 947 55.06 11.54 42.47
C GLN E 947 55.47 10.24 41.79
N LEU E 948 54.55 9.72 40.99
CA LEU E 948 54.79 8.55 40.13
C LEU E 948 54.25 8.83 38.73
N GLN E 949 54.67 9.97 38.17
CA GLN E 949 54.30 10.39 36.83
C GLN E 949 54.32 9.21 35.85
N LEU E 950 53.19 9.00 35.18
CA LEU E 950 52.96 7.77 34.44
C LEU E 950 52.12 8.09 33.21
N ARG E 951 52.17 7.19 32.24
CA ARG E 951 51.36 7.36 31.04
C ARG E 951 50.02 6.65 31.23
N ILE E 952 48.94 7.34 30.87
CA ILE E 952 47.60 6.85 31.14
C ILE E 952 47.23 5.71 30.21
N ALA E 953 46.37 4.82 30.69
CA ALA E 953 45.96 3.64 29.94
C ALA E 953 44.56 3.24 30.38
N ARG E 954 44.09 2.10 29.89
CA ARG E 954 42.81 1.55 30.29
C ARG E 954 42.77 0.04 30.12
N PRO E 955 42.65 -0.72 31.20
CA PRO E 955 42.58 -2.18 31.07
C PRO E 955 41.30 -2.64 30.38
N TYR E 956 41.42 -3.74 29.65
CA TYR E 956 40.30 -4.37 28.94
C TYR E 956 40.36 -5.87 29.24
N ARG E 957 39.46 -6.34 30.10
CA ARG E 957 39.47 -7.76 30.46
C ARG E 957 39.02 -8.61 29.28
N VAL E 958 39.78 -9.66 28.99
CA VAL E 958 39.51 -10.56 27.88
C VAL E 958 39.25 -11.96 28.44
N SER E 959 38.08 -12.51 28.16
CA SER E 959 37.71 -13.84 28.61
C SER E 959 38.40 -14.90 27.75
N GLN E 960 38.46 -16.12 28.27
CA GLN E 960 39.11 -17.20 27.56
C GLN E 960 38.35 -17.56 26.29
N GLY E 961 39.09 -17.80 25.21
CA GLY E 961 38.49 -18.17 23.95
C GLY E 961 38.05 -17.03 23.06
N ALA E 962 38.51 -15.82 23.32
CA ALA E 962 38.12 -14.67 22.52
C ALA E 962 38.89 -14.64 21.21
N VAL E 963 38.16 -14.42 20.11
CA VAL E 963 38.78 -14.33 18.79
C VAL E 963 39.51 -13.00 18.66
N LEU E 964 40.83 -13.03 18.76
CA LEU E 964 41.61 -11.79 18.73
C LEU E 964 41.56 -11.15 17.35
N HIS E 965 41.47 -9.83 17.33
CA HIS E 965 41.46 -9.05 16.09
C HIS E 965 42.71 -8.20 15.92
N VAL E 966 43.61 -8.17 16.91
CA VAL E 966 44.84 -7.40 16.84
C VAL E 966 45.98 -8.27 17.35
N GLU E 967 47.20 -7.83 17.06
CA GLU E 967 48.40 -8.49 17.53
C GLU E 967 49.07 -7.65 18.61
N ASP E 968 50.16 -8.17 19.16
CA ASP E 968 50.86 -7.47 20.23
C ASP E 968 51.61 -6.27 19.69
N LYS E 969 51.81 -5.28 20.56
CA LYS E 969 52.57 -4.06 20.26
C LYS E 969 51.98 -3.27 19.10
N GLY E 970 50.73 -3.55 18.73
CA GLY E 970 50.11 -2.88 17.60
C GLY E 970 49.63 -1.48 17.94
N LEU E 971 49.08 -0.82 16.93
CA LEU E 971 48.52 0.51 17.05
C LEU E 971 47.05 0.47 16.66
N VAL E 972 46.21 1.16 17.43
CA VAL E 972 44.77 1.17 17.18
C VAL E 972 44.27 2.62 17.16
N GLN E 973 43.18 2.83 16.44
CA GLN E 973 42.49 4.10 16.38
C GLN E 973 41.24 4.06 17.24
N ARG E 974 40.64 5.22 17.45
CA ARG E 974 39.41 5.30 18.24
C ARG E 974 38.27 4.60 17.51
N GLY E 975 37.48 3.85 18.27
CA GLY E 975 36.40 3.08 17.69
C GLY E 975 36.84 1.95 16.80
N ASP E 976 37.89 1.24 17.18
CA ASP E 976 38.42 0.11 16.43
C ASP E 976 38.19 -1.18 17.20
N ASN E 977 37.92 -2.26 16.49
CA ASN E 977 37.66 -3.53 17.14
C ASN E 977 38.92 -4.09 17.78
N LEU E 978 38.77 -4.72 18.94
CA LEU E 978 39.87 -5.33 19.66
C LEU E 978 39.77 -6.85 19.72
N VAL E 979 38.68 -7.37 20.27
CA VAL E 979 38.44 -8.81 20.39
C VAL E 979 36.98 -9.09 20.08
N LEU E 980 36.63 -10.37 20.16
CA LEU E 980 35.26 -10.83 19.91
C LEU E 980 34.95 -11.89 20.95
N LEU E 981 34.35 -11.48 22.07
CA LEU E 981 34.07 -12.42 23.15
C LEU E 981 32.96 -13.39 22.76
N VAL E 982 33.08 -14.63 23.24
CA VAL E 982 32.08 -15.66 23.07
C VAL E 982 31.44 -15.93 24.42
N PHE E 983 30.13 -16.16 24.43
CA PHE E 983 29.41 -16.43 25.65
C PHE E 983 28.17 -17.25 25.33
N GLU E 984 27.49 -17.72 26.38
CA GLU E 984 26.27 -18.50 26.24
C GLU E 984 25.16 -17.80 27.00
N ARG E 985 24.08 -17.45 26.28
CA ARG E 985 22.93 -16.80 26.88
C ARG E 985 21.79 -17.80 27.02
N ALA E 986 20.90 -17.52 27.97
CA ALA E 986 19.81 -18.43 28.32
C ALA E 986 18.50 -17.88 27.76
N LYS E 987 18.10 -18.39 26.59
CA LYS E 987 16.83 -18.03 25.97
C LYS E 987 16.49 -19.02 24.88
N ILE E 991 10.05 -18.02 24.13
CA ILE E 991 9.82 -18.28 22.72
C ILE E 991 8.32 -18.33 22.42
N ILE E 992 7.90 -17.56 21.42
CA ILE E 992 6.52 -17.52 20.99
C ILE E 992 6.48 -17.80 19.49
N GLN E 993 5.38 -18.42 19.05
CA GLN E 993 5.22 -18.84 17.66
C GLN E 993 3.93 -18.28 17.11
N GLY E 994 3.91 -18.02 15.80
CA GLY E 994 2.76 -17.41 15.18
C GLY E 994 2.35 -18.04 13.87
N LEU E 995 1.99 -17.21 12.90
CA LEU E 995 1.49 -17.71 11.63
C LEU E 995 2.48 -18.59 10.87
N PRO E 996 3.78 -18.26 10.78
CA PRO E 996 4.69 -19.17 10.06
C PRO E 996 4.69 -20.59 10.60
N ARG E 997 4.61 -20.76 11.92
CA ARG E 997 4.57 -22.11 12.48
C ARG E 997 3.31 -22.85 12.06
N ILE E 998 2.17 -22.18 12.06
CA ILE E 998 0.92 -22.83 11.68
C ILE E 998 0.94 -23.21 10.20
N GLU E 999 1.43 -22.30 9.36
CA GLU E 999 1.53 -22.61 7.93
C GLU E 999 2.49 -23.76 7.67
N GLU E 1000 3.59 -23.82 8.42
CA GLU E 1000 4.54 -24.92 8.26
C GLU E 1000 3.93 -26.24 8.73
N LEU E 1001 3.15 -26.22 9.81
CA LEU E 1001 2.54 -27.44 10.31
C LEU E 1001 1.46 -27.96 9.37
N LEU E 1002 0.62 -27.06 8.84
CA LEU E 1002 -0.49 -27.48 8.01
C LEU E 1002 -0.07 -27.89 6.61
N GLU E 1003 1.05 -27.38 6.11
CA GLU E 1003 1.56 -27.76 4.80
C GLU E 1003 2.51 -28.94 4.86
N ALA E 1004 2.81 -29.45 6.05
CA ALA E 1004 3.64 -30.63 6.25
C ALA E 1004 5.00 -30.48 5.57
N ARG E 1005 5.76 -29.50 6.04
CA ARG E 1005 7.08 -29.21 5.50
C ARG E 1005 8.14 -29.87 6.39
N LYS E 1006 9.40 -29.69 5.99
CA LYS E 1006 10.52 -30.31 6.70
C LYS E 1006 11.25 -29.26 7.50
N PRO E 1007 11.12 -29.24 8.83
CA PRO E 1007 11.94 -28.34 9.65
C PRO E 1007 13.33 -28.94 9.84
N LYS E 1008 14.21 -28.15 10.46
CA LYS E 1008 15.60 -28.55 10.65
C LYS E 1008 15.89 -28.67 12.14
N GLU E 1009 15.52 -29.81 12.74
CA GLU E 1009 15.84 -30.12 14.13
C GLU E 1009 15.39 -31.52 14.51
N ALA E 1010 15.53 -31.86 15.80
CA ALA E 1010 14.85 -33.00 16.43
C ALA E 1010 15.24 -34.34 15.80
N CYS E 1011 16.50 -34.70 16.02
CA CYS E 1011 16.93 -36.07 15.73
C CYS E 1011 16.05 -37.06 16.50
N ILE E 1012 15.52 -38.05 15.78
CA ILE E 1012 14.47 -38.91 16.29
C ILE E 1012 15.01 -40.34 16.36
N LEU E 1013 14.77 -41.00 17.50
CA LEU E 1013 15.17 -42.39 17.66
C LEU E 1013 14.28 -43.31 16.83
N ALA E 1014 14.86 -44.40 16.33
CA ALA E 1014 14.19 -45.27 15.38
C ALA E 1014 13.79 -46.63 15.93
N ARG E 1015 14.49 -47.14 16.94
CA ARG E 1015 14.21 -48.45 17.51
C ARG E 1015 14.13 -48.36 19.03
N ARG E 1016 13.26 -49.19 19.62
CA ARG E 1016 12.90 -49.15 21.03
C ARG E 1016 14.11 -49.06 21.97
N PRO E 1017 14.95 -50.11 22.07
CA PRO E 1017 15.90 -50.23 23.19
C PRO E 1017 15.59 -49.56 24.53
N GLY E 1018 16.58 -49.54 25.42
CA GLY E 1018 16.36 -49.01 26.75
C GLY E 1018 17.55 -48.32 27.39
N VAL E 1019 18.56 -47.95 26.61
CA VAL E 1019 19.76 -47.30 27.14
C VAL E 1019 20.22 -46.25 26.13
N ALA E 1020 20.59 -45.07 26.62
CA ALA E 1020 21.07 -43.98 25.78
C ALA E 1020 22.45 -43.53 26.30
N HIS E 1021 23.51 -44.11 25.73
CA HIS E 1021 24.87 -43.72 26.08
C HIS E 1021 25.23 -42.43 25.34
N ILE E 1022 25.52 -41.37 26.10
CA ILE E 1022 25.89 -40.10 25.47
C ILE E 1022 27.24 -40.20 24.80
N ASN E 1023 28.19 -40.91 25.43
CA ASN E 1023 29.50 -41.19 24.86
C ASN E 1023 30.26 -39.91 24.53
N TYR E 1024 30.62 -39.19 25.60
CA TYR E 1024 31.46 -38.00 25.46
C TYR E 1024 32.87 -38.43 25.09
N SER E 1025 33.16 -38.47 23.79
CA SER E 1025 34.44 -38.99 23.30
C SER E 1025 35.54 -37.94 23.45
N ASP E 1026 36.77 -38.36 23.15
CA ASP E 1026 37.91 -37.45 23.20
C ASP E 1026 37.71 -36.29 22.22
N ASP E 1027 37.23 -36.59 21.02
CA ASP E 1027 36.87 -35.56 20.06
C ASP E 1027 35.45 -35.06 20.25
N ASP E 1028 34.72 -35.61 21.22
CA ASP E 1028 33.34 -35.23 21.52
C ASP E 1028 32.43 -35.50 20.32
N ALA E 1029 32.42 -36.77 19.88
CA ALA E 1029 31.50 -37.16 18.83
C ALA E 1029 30.05 -37.10 19.29
N ILE E 1030 29.80 -37.34 20.58
CA ILE E 1030 28.47 -37.34 21.16
C ILE E 1030 27.53 -38.20 20.34
N ASP E 1031 27.73 -39.52 20.38
CA ASP E 1031 26.86 -40.45 19.68
C ASP E 1031 25.96 -41.14 20.69
N ILE E 1032 24.67 -41.23 20.36
CA ILE E 1032 23.69 -41.89 21.22
C ILE E 1032 23.59 -43.33 20.74
N GLN E 1033 24.28 -44.23 21.45
CA GLN E 1033 24.26 -45.64 21.13
C GLN E 1033 23.26 -46.33 22.05
N VAL E 1034 22.29 -47.03 21.47
CA VAL E 1034 21.24 -47.71 22.21
C VAL E 1034 21.39 -49.21 22.00
N ILE E 1035 21.20 -49.97 23.08
CA ILE E 1035 21.34 -51.42 23.04
C ILE E 1035 19.96 -52.04 22.91
N GLU E 1036 19.75 -52.82 21.86
CA GLU E 1036 18.43 -53.37 21.57
C GLU E 1036 18.06 -54.44 22.59
N ALA E 1037 16.90 -55.07 22.37
CA ALA E 1037 16.49 -56.19 23.22
C ALA E 1037 17.45 -57.36 23.10
N ASP E 1038 18.13 -57.48 21.96
CA ASP E 1038 19.15 -58.52 21.77
C ASP E 1038 20.57 -58.01 22.00
N GLY E 1039 20.80 -56.71 21.89
CA GLY E 1039 22.13 -56.17 22.05
C GLY E 1039 22.69 -55.54 20.80
N THR E 1040 21.82 -54.94 19.99
CA THR E 1040 22.22 -54.29 18.75
C THR E 1040 22.34 -52.79 18.95
N GLN E 1041 23.47 -52.23 18.55
CA GLN E 1041 23.70 -50.79 18.68
C GLN E 1041 23.04 -50.03 17.53
N ALA E 1042 22.89 -48.72 17.71
CA ALA E 1042 22.27 -47.87 16.71
C ALA E 1042 23.19 -46.77 16.19
N ASP E 1043 24.02 -46.18 17.05
CA ASP E 1043 24.99 -45.15 16.67
C ASP E 1043 24.29 -43.93 16.07
N TYR E 1044 23.50 -43.26 16.92
CA TYR E 1044 22.88 -42.00 16.56
C TYR E 1044 23.86 -40.87 16.81
N PRO E 1045 24.32 -40.15 15.78
CA PRO E 1045 25.22 -39.01 16.02
C PRO E 1045 24.42 -37.75 16.33
N VAL E 1046 24.77 -37.10 17.44
CA VAL E 1046 24.14 -35.83 17.77
C VAL E 1046 24.57 -34.76 16.77
N GLY E 1047 25.86 -34.68 16.47
CA GLY E 1047 26.35 -33.78 15.46
C GLY E 1047 26.79 -32.45 16.00
N PRO E 1048 26.28 -31.37 15.42
CA PRO E 1048 26.70 -30.02 15.80
C PRO E 1048 26.20 -29.66 17.20
N GLY E 1049 26.50 -28.43 17.61
CA GLY E 1049 26.13 -27.99 18.95
C GLY E 1049 24.71 -27.52 19.08
N GLN E 1050 24.08 -27.08 17.99
CA GLN E 1050 22.71 -26.59 18.01
C GLN E 1050 21.72 -27.65 18.48
N PRO E 1051 21.82 -28.92 18.04
CA PRO E 1051 20.92 -29.94 18.61
C PRO E 1051 21.30 -30.31 20.03
N LEU E 1052 20.85 -29.49 20.98
CA LEU E 1052 21.12 -29.72 22.39
C LEU E 1052 20.49 -31.02 22.87
N ILE E 1053 21.22 -31.74 23.72
CA ILE E 1053 20.74 -33.04 24.19
C ILE E 1053 19.84 -32.86 25.41
N ILE E 1054 18.77 -33.65 25.45
CA ILE E 1054 17.85 -33.64 26.59
C ILE E 1054 17.53 -35.07 27.01
N SER E 1055 18.20 -36.04 26.39
CA SER E 1055 17.82 -37.45 26.51
C SER E 1055 18.74 -38.16 27.49
N ASP E 1056 18.20 -38.54 28.65
CA ASP E 1056 18.86 -39.47 29.56
C ASP E 1056 17.83 -40.39 30.21
N GLY E 1057 16.71 -40.63 29.53
CA GLY E 1057 15.61 -41.36 30.15
C GLY E 1057 15.92 -42.82 30.44
N GLU E 1058 16.71 -43.45 29.58
CA GLU E 1058 16.99 -44.89 29.65
C GLU E 1058 15.71 -45.73 29.58
N THR E 1059 14.66 -45.18 28.99
CA THR E 1059 13.41 -45.92 28.75
C THR E 1059 12.84 -45.57 27.38
N VAL E 1060 13.72 -45.29 26.41
CA VAL E 1060 13.28 -44.74 25.13
C VAL E 1060 12.43 -45.75 24.37
N ASP E 1061 11.53 -45.22 23.55
CA ASP E 1061 10.69 -46.03 22.68
C ASP E 1061 10.66 -45.38 21.31
N ALA E 1062 10.23 -46.15 20.30
CA ALA E 1062 10.29 -45.70 18.91
C ALA E 1062 9.56 -44.38 18.73
N GLY E 1063 10.21 -43.44 18.04
CA GLY E 1063 9.67 -42.13 17.80
C GLY E 1063 10.10 -41.07 18.78
N GLN E 1064 10.59 -41.46 19.95
CA GLN E 1064 10.98 -40.49 20.97
C GLN E 1064 12.13 -39.62 20.48
N ALA E 1065 11.99 -38.31 20.67
CA ALA E 1065 13.03 -37.38 20.31
C ALA E 1065 14.16 -37.41 21.32
N LEU E 1066 15.34 -36.95 20.91
CA LEU E 1066 16.49 -36.98 21.79
C LEU E 1066 17.18 -35.61 21.88
N THR E 1067 17.23 -34.87 20.77
CA THR E 1067 18.08 -33.68 20.69
C THR E 1067 17.28 -32.41 20.45
N ASP E 1068 16.02 -32.38 20.88
CA ASP E 1068 15.22 -31.15 20.97
C ASP E 1068 14.87 -30.56 19.61
N GLY E 1069 13.71 -29.89 19.53
CA GLY E 1069 13.29 -29.25 18.31
C GLY E 1069 12.01 -29.81 17.73
N PRO E 1070 11.52 -29.22 16.65
CA PRO E 1070 10.31 -29.74 16.00
C PRO E 1070 10.63 -31.00 15.19
N ALA E 1071 9.82 -32.04 15.39
CA ALA E 1071 10.04 -33.30 14.72
C ALA E 1071 9.59 -33.24 13.27
N ASN E 1072 10.23 -34.05 12.43
CA ASN E 1072 9.83 -34.18 11.04
C ASN E 1072 8.72 -35.21 10.93
N PRO E 1073 7.51 -34.83 10.50
CA PRO E 1073 6.39 -35.79 10.48
C PRO E 1073 6.45 -36.80 9.35
N HIS E 1074 7.25 -36.57 8.30
CA HIS E 1074 7.27 -37.50 7.18
C HIS E 1074 8.07 -38.76 7.50
N ASP E 1075 9.11 -38.64 8.32
CA ASP E 1075 9.92 -39.80 8.70
C ASP E 1075 9.43 -40.47 9.98
N LEU E 1076 8.75 -39.71 10.85
CA LEU E 1076 8.10 -40.32 12.00
C LEU E 1076 7.05 -41.33 11.57
N LEU E 1077 6.32 -41.02 10.50
CA LEU E 1077 5.35 -41.96 9.94
C LEU E 1077 6.04 -43.24 9.48
N GLU E 1078 7.19 -43.11 8.81
CA GLU E 1078 7.92 -44.29 8.34
C GLU E 1078 8.42 -45.11 9.52
N ILE E 1079 8.92 -44.45 10.57
CA ILE E 1079 9.41 -45.16 11.75
C ILE E 1079 8.28 -45.97 12.38
N TYR E 1080 7.12 -45.34 12.58
CA TYR E 1080 5.99 -46.04 13.18
C TYR E 1080 5.52 -47.20 12.31
N TYR E 1081 5.42 -46.97 11.00
CA TYR E 1081 4.96 -48.03 10.12
C TYR E 1081 5.92 -49.22 10.12
N ASP E 1082 7.22 -48.96 10.09
CA ASP E 1082 8.19 -50.04 10.10
C ASP E 1082 8.13 -50.82 11.41
N TYR E 1083 8.03 -50.12 12.54
CA TYR E 1083 7.94 -50.82 13.82
C TYR E 1083 6.70 -51.70 13.87
N PHE E 1084 5.54 -51.14 13.51
CA PHE E 1084 4.30 -51.89 13.63
C PHE E 1084 4.21 -53.01 12.60
N ARG E 1085 4.90 -52.87 11.46
CA ARG E 1085 4.94 -53.97 10.50
C ARG E 1085 5.87 -55.07 10.95
N GLU E 1086 6.95 -54.73 11.64
CA GLU E 1086 7.84 -55.75 12.20
C GLU E 1086 7.16 -56.49 13.35
N GLN E 1087 6.34 -55.78 14.12
CA GLN E 1087 5.70 -56.41 15.27
C GLN E 1087 4.39 -57.10 14.87
N LEU E 1088 3.44 -56.34 14.33
CA LEU E 1088 2.16 -56.89 13.94
C LEU E 1088 2.28 -57.62 12.60
N GLY E 1089 1.30 -58.48 12.33
CA GLY E 1089 1.27 -59.21 11.07
C GLY E 1089 0.71 -58.42 9.90
N GLU E 1090 -0.56 -58.06 9.97
CA GLU E 1090 -1.23 -57.39 8.86
C GLU E 1090 -0.87 -55.91 8.82
N ASP E 1091 -0.69 -55.39 7.60
CA ASP E 1091 -0.27 -54.00 7.43
C ASP E 1091 -1.40 -53.00 7.58
N TYR E 1092 -2.66 -53.45 7.51
CA TYR E 1092 -3.78 -52.53 7.67
C TYR E 1092 -3.79 -51.90 9.05
N GLU E 1093 -3.61 -52.72 10.09
CA GLU E 1093 -3.57 -52.19 11.45
C GLU E 1093 -2.35 -51.32 11.69
N ALA E 1094 -1.22 -51.67 11.07
CA ALA E 1094 -0.04 -50.83 11.19
C ALA E 1094 -0.28 -49.45 10.59
N ALA E 1095 -0.91 -49.41 9.41
CA ALA E 1095 -1.23 -48.12 8.79
C ALA E 1095 -2.18 -47.32 9.67
N LEU E 1096 -3.21 -47.97 10.21
CA LEU E 1096 -4.17 -47.27 11.05
C LEU E 1096 -3.49 -46.68 12.29
N GLU E 1097 -2.65 -47.47 12.97
CA GLU E 1097 -2.02 -47.00 14.18
C GLU E 1097 -1.04 -45.87 13.91
N SER E 1098 -0.25 -45.99 12.83
CA SER E 1098 0.69 -44.93 12.48
C SER E 1098 -0.03 -43.63 12.19
N LEU E 1099 -1.10 -43.71 11.40
CA LEU E 1099 -1.86 -42.51 11.07
C LEU E 1099 -2.49 -41.91 12.32
N ARG E 1100 -2.98 -42.76 13.23
CA ARG E 1100 -3.57 -42.25 14.47
C ARG E 1100 -2.55 -41.46 15.29
N ARG E 1101 -1.35 -42.00 15.45
CA ARG E 1101 -0.35 -41.31 16.25
C ARG E 1101 0.07 -39.98 15.61
N VAL E 1102 0.28 -39.97 14.29
CA VAL E 1102 0.67 -38.73 13.63
C VAL E 1102 -0.46 -37.70 13.73
N GLN E 1103 -1.71 -38.15 13.59
CA GLN E 1103 -2.85 -37.24 13.69
C GLN E 1103 -2.90 -36.58 15.05
N ALA E 1104 -2.74 -37.37 16.12
CA ALA E 1104 -2.77 -36.80 17.47
C ALA E 1104 -1.64 -35.79 17.66
N LEU E 1105 -0.43 -36.11 17.18
CA LEU E 1105 0.68 -35.17 17.31
C LEU E 1105 0.37 -33.85 16.62
N LEU E 1106 -0.14 -33.91 15.38
CA LEU E 1106 -0.41 -32.70 14.62
C LEU E 1106 -1.48 -31.84 15.29
N VAL E 1107 -2.56 -32.47 15.74
CA VAL E 1107 -3.64 -31.72 16.38
C VAL E 1107 -3.14 -31.02 17.63
N ASN E 1108 -2.39 -31.74 18.47
CA ASN E 1108 -1.89 -31.15 19.71
C ASN E 1108 -0.94 -29.99 19.42
N GLU E 1109 -0.07 -30.15 18.43
CA GLU E 1109 0.88 -29.07 18.11
C GLU E 1109 0.15 -27.81 17.66
N VAL E 1110 -0.82 -27.95 16.77
CA VAL E 1110 -1.54 -26.77 16.28
C VAL E 1110 -2.28 -26.09 17.43
N GLN E 1111 -2.96 -26.88 18.26
CA GLN E 1111 -3.72 -26.29 19.36
C GLN E 1111 -2.81 -25.60 20.36
N SER E 1112 -1.63 -26.17 20.62
CA SER E 1112 -0.68 -25.52 21.52
C SER E 1112 -0.20 -24.19 20.96
N VAL E 1113 0.10 -24.15 19.66
CA VAL E 1113 0.54 -22.90 19.05
C VAL E 1113 -0.54 -21.84 19.19
N TYR E 1114 -1.81 -22.21 18.96
CA TYR E 1114 -2.88 -21.23 19.09
C TYR E 1114 -3.06 -20.78 20.53
N GLN E 1115 -3.02 -21.70 21.49
CA GLN E 1115 -3.22 -21.39 22.89
C GLN E 1115 -2.05 -20.66 23.53
N SER E 1116 -0.89 -20.61 22.86
CA SER E 1116 0.21 -19.80 23.37
C SER E 1116 -0.20 -18.33 23.48
N GLN E 1117 -0.95 -17.83 22.51
CA GLN E 1117 -1.58 -16.52 22.60
C GLN E 1117 -2.89 -16.65 23.38
N GLY E 1118 -3.76 -15.65 23.30
CA GLY E 1118 -5.00 -15.69 24.03
C GLY E 1118 -6.20 -16.09 23.20
N ILE E 1119 -6.02 -17.06 22.31
CA ILE E 1119 -7.04 -17.46 21.34
C ILE E 1119 -7.45 -18.89 21.64
N ASP E 1120 -8.77 -19.14 21.64
CA ASP E 1120 -9.30 -20.48 21.87
C ASP E 1120 -10.24 -20.86 20.74
N ILE E 1121 -10.03 -22.05 20.18
CA ILE E 1121 -10.89 -22.63 19.16
C ILE E 1121 -11.22 -24.04 19.60
N SER E 1122 -12.38 -24.55 19.16
CA SER E 1122 -12.75 -25.91 19.47
C SER E 1122 -11.86 -26.90 18.70
N ASP E 1123 -11.82 -28.13 19.19
CA ASP E 1123 -10.90 -29.12 18.63
C ASP E 1123 -11.51 -29.89 17.46
N LYS E 1124 -12.83 -29.82 17.28
CA LYS E 1124 -13.46 -30.47 16.13
C LYS E 1124 -13.05 -29.78 14.83
N HIS E 1125 -12.91 -28.46 14.86
CA HIS E 1125 -12.57 -27.71 13.67
C HIS E 1125 -11.19 -28.09 13.13
N ILE E 1126 -10.24 -28.37 14.02
CA ILE E 1126 -8.91 -28.79 13.59
C ILE E 1126 -8.90 -30.27 13.21
N GLU E 1127 -9.71 -31.10 13.88
CA GLU E 1127 -9.78 -32.50 13.53
C GLU E 1127 -10.34 -32.71 12.13
N VAL E 1128 -11.33 -31.90 11.75
CA VAL E 1128 -11.91 -32.00 10.41
C VAL E 1128 -10.87 -31.72 9.35
N ILE E 1129 -10.03 -30.70 9.58
CA ILE E 1129 -8.99 -30.35 8.60
C ILE E 1129 -7.88 -31.38 8.58
N VAL E 1130 -7.46 -31.88 9.75
CA VAL E 1130 -6.36 -32.83 9.81
C VAL E 1130 -6.75 -34.15 9.18
N ARG E 1131 -7.99 -34.60 9.23
CA ARG E 1131 -8.32 -35.89 8.62
C ARG E 1131 -8.30 -35.78 7.11
N GLN E 1132 -8.29 -34.57 6.57
CA GLN E 1132 -8.16 -34.43 5.13
C GLN E 1132 -6.74 -34.65 4.64
N MET E 1133 -5.77 -34.67 5.55
CA MET E 1133 -4.36 -34.82 5.19
C MET E 1133 -3.83 -36.23 5.40
N THR E 1134 -4.50 -37.05 6.20
CA THR E 1134 -4.01 -38.38 6.55
C THR E 1134 -5.05 -39.45 6.25
N SER E 1135 -5.59 -39.46 5.03
CA SER E 1135 -6.59 -40.45 4.65
C SER E 1135 -6.27 -41.15 3.34
N LYS E 1136 -5.00 -41.15 2.93
CA LYS E 1136 -4.61 -41.74 1.65
C LYS E 1136 -3.44 -42.68 1.84
N VAL E 1137 -3.11 -43.40 0.77
CA VAL E 1137 -2.10 -44.44 0.79
C VAL E 1137 -1.51 -44.53 -0.62
N ARG E 1138 -0.24 -44.90 -0.69
CA ARG E 1138 0.46 -45.07 -1.95
C ARG E 1138 0.55 -46.55 -2.28
N ILE E 1139 0.11 -46.90 -3.48
CA ILE E 1139 -0.04 -48.30 -3.87
C ILE E 1139 1.30 -48.84 -4.37
N ASP E 1140 1.67 -50.04 -3.91
CA ASP E 1140 2.90 -50.69 -4.30
C ASP E 1140 2.58 -52.16 -4.61
N ASP E 1141 2.95 -52.60 -5.81
CA ASP E 1141 2.82 -53.98 -6.25
C ASP E 1141 1.38 -54.49 -6.11
N GLY E 1142 0.50 -53.87 -6.89
CA GLY E 1142 -0.86 -54.38 -6.96
C GLY E 1142 -0.90 -55.82 -7.47
N GLY E 1143 -1.63 -56.67 -6.76
CA GLY E 1143 -1.67 -58.08 -7.08
C GLY E 1143 -2.26 -58.38 -8.44
N ASP E 1144 -3.55 -58.12 -8.61
CA ASP E 1144 -4.19 -58.26 -9.92
C ASP E 1144 -5.23 -57.20 -10.20
N THR E 1145 -5.51 -56.28 -9.29
CA THR E 1145 -6.45 -55.21 -9.55
C THR E 1145 -5.84 -54.19 -10.49
N ILE E 1146 -6.68 -53.27 -10.98
CA ILE E 1146 -6.24 -52.24 -11.94
C ILE E 1146 -5.69 -51.10 -11.09
N MET E 1147 -4.45 -51.26 -10.63
CA MET E 1147 -3.80 -50.29 -9.75
C MET E 1147 -2.30 -50.39 -10.00
N LEU E 1148 -1.77 -49.45 -10.79
CA LEU E 1148 -0.34 -49.43 -11.00
C LEU E 1148 0.36 -48.81 -9.79
N PRO E 1149 1.62 -49.16 -9.55
CA PRO E 1149 2.38 -48.50 -8.49
C PRO E 1149 2.51 -47.01 -8.73
N GLY E 1150 2.53 -46.24 -7.64
CA GLY E 1150 2.63 -44.80 -7.71
C GLY E 1150 1.32 -44.06 -7.57
N GLU E 1151 0.19 -44.76 -7.47
CA GLU E 1151 -1.11 -44.13 -7.36
C GLU E 1151 -1.48 -43.90 -5.90
N LEU E 1152 -2.13 -42.77 -5.65
CA LEU E 1152 -2.65 -42.45 -4.32
C LEU E 1152 -4.12 -42.82 -4.27
N HIS E 1153 -4.49 -43.66 -3.31
CA HIS E 1153 -5.86 -44.11 -3.15
C HIS E 1153 -6.27 -44.06 -1.70
N GLU E 1154 -7.57 -43.94 -1.47
CA GLU E 1154 -8.09 -43.94 -0.11
C GLU E 1154 -7.82 -45.29 0.56
N LEU E 1155 -7.57 -45.24 1.87
CA LEU E 1155 -7.31 -46.46 2.62
C LEU E 1155 -8.52 -47.38 2.61
N ARG E 1156 -9.72 -46.82 2.78
CA ARG E 1156 -10.93 -47.64 2.81
C ARG E 1156 -11.18 -48.35 1.49
N GLU E 1157 -11.02 -47.63 0.37
CA GLU E 1157 -11.23 -48.24 -0.94
C GLU E 1157 -10.24 -49.37 -1.18
N VAL E 1158 -8.97 -49.14 -0.86
CA VAL E 1158 -7.95 -50.17 -1.03
C VAL E 1158 -8.29 -51.38 -0.18
N TYR E 1159 -8.68 -51.16 1.07
CA TYR E 1159 -9.01 -52.27 1.95
C TYR E 1159 -10.18 -53.08 1.43
N ASN E 1160 -11.24 -52.39 0.99
CA ASN E 1160 -12.43 -53.10 0.50
C ASN E 1160 -12.12 -53.88 -0.78
N SER E 1161 -11.38 -53.27 -1.70
CA SER E 1161 -11.03 -53.98 -2.93
C SER E 1161 -10.16 -55.18 -2.63
N ASN E 1162 -9.16 -55.03 -1.77
CA ASN E 1162 -8.29 -56.15 -1.42
C ASN E 1162 -9.08 -57.27 -0.77
N ASN E 1163 -10.01 -56.93 0.12
CA ASN E 1163 -10.81 -57.95 0.77
C ASN E 1163 -11.68 -58.70 -0.23
N THR E 1164 -12.40 -57.97 -1.10
CA THR E 1164 -13.30 -58.62 -2.04
C THR E 1164 -12.52 -59.44 -3.07
N MET E 1165 -11.27 -59.06 -3.32
CA MET E 1165 -10.46 -59.82 -4.28
C MET E 1165 -9.86 -61.06 -3.64
N ALA E 1166 -9.38 -60.94 -2.40
CA ALA E 1166 -8.71 -62.04 -1.72
C ALA E 1166 -9.67 -62.98 -1.01
N LEU E 1167 -10.97 -62.66 -0.99
CA LEU E 1167 -11.94 -63.60 -0.43
C LEU E 1167 -11.89 -64.94 -1.14
N THR E 1168 -11.71 -64.91 -2.47
CA THR E 1168 -11.56 -66.15 -3.24
C THR E 1168 -10.16 -66.72 -3.17
N GLY E 1169 -9.17 -65.96 -2.72
CA GLY E 1169 -7.82 -66.47 -2.57
C GLY E 1169 -6.83 -65.96 -3.59
N MET E 1170 -6.95 -64.69 -3.97
CA MET E 1170 -6.04 -64.08 -4.92
C MET E 1170 -4.85 -63.45 -4.19
N ALA E 1171 -4.04 -62.66 -4.91
CA ALA E 1171 -2.84 -62.05 -4.35
C ALA E 1171 -3.11 -60.60 -4.01
N PRO E 1172 -3.03 -60.19 -2.74
CA PRO E 1172 -3.34 -58.80 -2.38
C PRO E 1172 -2.32 -57.78 -2.86
N ALA E 1173 -2.57 -56.51 -2.57
CA ALA E 1173 -1.70 -55.41 -2.94
C ALA E 1173 -1.02 -54.85 -1.70
N GLN E 1174 0.15 -54.22 -1.91
CA GLN E 1174 0.87 -53.58 -0.83
C GLN E 1174 0.63 -52.07 -0.91
N PHE E 1175 0.87 -51.39 0.21
CA PHE E 1175 0.68 -49.95 0.24
C PHE E 1175 1.47 -49.35 1.40
N THR E 1176 1.66 -48.04 1.33
CA THR E 1176 2.37 -47.29 2.36
C THR E 1176 1.60 -46.01 2.67
N PRO E 1177 1.31 -45.71 3.93
CA PRO E 1177 0.64 -44.45 4.25
C PRO E 1177 1.52 -43.25 3.91
N VAL E 1178 0.87 -42.14 3.55
CA VAL E 1178 1.58 -40.91 3.23
C VAL E 1178 0.88 -39.73 3.91
N LEU E 1179 1.64 -38.65 4.07
CA LEU E 1179 1.17 -37.38 4.58
C LEU E 1179 1.23 -36.37 3.44
N LEU E 1180 0.10 -35.71 3.17
CA LEU E 1180 0.01 -34.92 1.94
C LEU E 1180 0.34 -33.44 2.15
N GLY E 1181 -0.46 -32.74 2.94
CA GLY E 1181 -0.39 -31.31 3.02
C GLY E 1181 -1.67 -30.65 2.52
N ILE E 1182 -1.73 -29.34 2.72
CA ILE E 1182 -2.98 -28.62 2.49
C ILE E 1182 -3.16 -28.18 1.03
N THR E 1183 -2.08 -28.06 0.27
CA THR E 1183 -2.17 -27.72 -1.14
C THR E 1183 -2.07 -28.93 -2.06
N LYS E 1184 -1.25 -29.92 -1.69
CA LYS E 1184 -1.14 -31.13 -2.49
C LYS E 1184 -2.38 -31.99 -2.41
N ALA E 1185 -3.18 -31.85 -1.35
CA ALA E 1185 -4.40 -32.64 -1.22
C ALA E 1185 -5.58 -32.02 -1.95
N SER E 1186 -5.58 -30.69 -2.12
CA SER E 1186 -6.66 -30.03 -2.84
C SER E 1186 -6.56 -30.25 -4.35
N LEU E 1187 -5.40 -30.62 -4.85
CA LEU E 1187 -5.21 -30.88 -6.27
C LEU E 1187 -5.38 -32.35 -6.63
N ASN E 1188 -5.67 -33.21 -5.66
CA ASN E 1188 -5.86 -34.64 -5.90
C ASN E 1188 -7.31 -35.05 -5.81
N THR E 1189 -8.24 -34.11 -5.94
CA THR E 1189 -9.65 -34.43 -5.91
C THR E 1189 -10.07 -35.13 -7.19
N ASN E 1190 -11.28 -35.68 -7.18
CA ASN E 1190 -11.79 -36.45 -8.30
C ASN E 1190 -12.53 -35.60 -9.34
N SER E 1191 -12.68 -34.31 -9.10
CA SER E 1191 -13.34 -33.41 -10.04
C SER E 1191 -12.31 -32.41 -10.57
N PHE E 1192 -12.17 -32.34 -11.89
CA PHE E 1192 -11.21 -31.42 -12.48
C PHE E 1192 -11.70 -29.98 -12.49
N ILE E 1193 -13.01 -29.76 -12.36
CA ILE E 1193 -13.53 -28.41 -12.34
C ILE E 1193 -13.14 -27.70 -11.04
N SER E 1194 -13.22 -28.40 -9.92
CA SER E 1194 -12.81 -27.80 -8.65
C SER E 1194 -11.32 -27.51 -8.63
N ALA E 1195 -10.50 -28.41 -9.17
CA ALA E 1195 -9.06 -28.25 -9.12
C ALA E 1195 -8.59 -27.17 -10.08
N ALA E 1196 -9.22 -27.07 -11.26
CA ALA E 1196 -8.81 -26.06 -12.23
C ALA E 1196 -9.14 -24.65 -11.75
N SER E 1197 -10.15 -24.51 -10.92
CA SER E 1197 -10.54 -23.20 -10.40
C SER E 1197 -9.74 -22.77 -9.17
N PHE E 1198 -8.87 -23.64 -8.66
CA PHE E 1198 -8.03 -23.33 -7.50
C PHE E 1198 -6.65 -22.84 -7.91
N GLN E 1199 -5.89 -23.67 -8.62
CA GLN E 1199 -4.52 -23.33 -8.99
C GLN E 1199 -4.13 -24.15 -10.21
N GLU E 1200 -3.14 -23.64 -10.94
CA GLU E 1200 -2.49 -24.35 -12.05
C GLU E 1200 -3.51 -24.88 -13.05
N THR E 1201 -4.22 -23.95 -13.69
CA THR E 1201 -5.33 -24.33 -14.55
C THR E 1201 -4.88 -25.13 -15.76
N THR E 1202 -3.78 -24.73 -16.40
CA THR E 1202 -3.39 -25.37 -17.66
C THR E 1202 -2.88 -26.78 -17.43
N ARG E 1203 -2.11 -27.00 -16.36
CA ARG E 1203 -1.61 -28.35 -16.06
C ARG E 1203 -2.77 -29.31 -15.78
N VAL E 1204 -3.73 -28.87 -14.96
CA VAL E 1204 -4.89 -29.70 -14.64
C VAL E 1204 -5.71 -29.98 -15.88
N LEU E 1205 -5.93 -28.96 -16.71
CA LEU E 1205 -6.76 -29.13 -17.91
C LEU E 1205 -6.08 -30.05 -18.92
N THR E 1206 -4.76 -29.94 -19.07
CA THR E 1206 -4.05 -30.85 -19.97
C THR E 1206 -4.10 -32.29 -19.49
N GLU E 1207 -3.89 -32.51 -18.20
CA GLU E 1207 -3.97 -33.87 -17.67
C GLU E 1207 -5.38 -34.44 -17.82
N ALA E 1208 -6.41 -33.64 -17.56
CA ALA E 1208 -7.78 -34.10 -17.70
C ALA E 1208 -8.11 -34.41 -19.16
N ALA E 1209 -7.62 -33.58 -20.10
CA ALA E 1209 -7.86 -33.83 -21.51
C ALA E 1209 -7.20 -35.12 -21.95
N ILE E 1210 -5.99 -35.41 -21.46
CA ILE E 1210 -5.32 -36.63 -21.86
C ILE E 1210 -6.01 -37.86 -21.27
N GLU E 1211 -6.43 -37.79 -20.00
CA GLU E 1211 -7.07 -38.95 -19.39
C GLU E 1211 -8.53 -39.11 -19.81
N GLY E 1212 -9.14 -38.10 -20.43
CA GLY E 1212 -10.56 -38.17 -20.78
C GLY E 1212 -11.49 -38.20 -19.59
N LYS E 1213 -11.23 -37.36 -18.59
CA LYS E 1213 -11.94 -37.40 -17.33
C LYS E 1213 -13.33 -36.77 -17.44
N SER E 1214 -14.23 -37.22 -16.58
CA SER E 1214 -15.59 -36.69 -16.50
C SER E 1214 -15.90 -36.29 -15.07
N ASP E 1215 -16.65 -35.19 -14.93
CA ASP E 1215 -16.98 -34.61 -13.64
C ASP E 1215 -18.49 -34.72 -13.41
N TRP E 1216 -18.88 -35.34 -12.29
CA TRP E 1216 -20.28 -35.65 -12.02
C TRP E 1216 -20.94 -34.61 -11.11
N LEU E 1217 -20.28 -33.48 -10.86
CA LEU E 1217 -20.89 -32.32 -10.21
C LEU E 1217 -21.42 -32.66 -8.81
N ARG E 1218 -20.49 -33.02 -7.93
CA ARG E 1218 -20.81 -33.31 -6.54
C ARG E 1218 -20.04 -32.37 -5.63
N GLY E 1219 -20.72 -31.85 -4.61
CA GLY E 1219 -20.11 -30.91 -3.71
C GLY E 1219 -20.25 -29.47 -4.16
N LEU E 1220 -19.94 -28.55 -3.25
CA LEU E 1220 -20.03 -27.14 -3.54
C LEU E 1220 -18.96 -26.74 -4.56
N LYS E 1221 -19.00 -25.49 -4.98
CA LYS E 1221 -18.03 -24.89 -5.89
C LYS E 1221 -18.16 -25.40 -7.31
N GLU E 1222 -19.02 -26.39 -7.52
CA GLU E 1222 -19.33 -26.87 -8.86
C GLU E 1222 -20.78 -26.69 -9.23
N ASN E 1223 -21.69 -26.74 -8.26
CA ASN E 1223 -23.06 -26.32 -8.49
C ASN E 1223 -23.17 -24.80 -8.49
N VAL E 1224 -22.26 -24.12 -7.80
CA VAL E 1224 -22.21 -22.66 -7.83
C VAL E 1224 -21.82 -22.17 -9.23
N ILE E 1225 -20.88 -22.85 -9.87
CA ILE E 1225 -20.42 -22.43 -11.19
C ILE E 1225 -21.53 -22.58 -12.22
N ILE E 1226 -22.24 -23.71 -12.19
CA ILE E 1226 -23.33 -23.93 -13.13
C ILE E 1226 -24.55 -23.10 -12.76
N GLY E 1227 -24.82 -22.96 -11.47
CA GLY E 1227 -26.00 -22.24 -11.03
C GLY E 1227 -27.11 -23.14 -10.54
N ARG E 1228 -26.76 -24.17 -9.79
CA ARG E 1228 -27.71 -25.12 -9.22
C ARG E 1228 -27.80 -24.95 -7.72
N LEU E 1229 -28.77 -25.64 -7.12
CA LEU E 1229 -28.90 -25.67 -5.67
C LEU E 1229 -27.77 -26.49 -5.07
N ILE E 1230 -27.08 -25.90 -4.08
CA ILE E 1230 -25.97 -26.59 -3.43
C ILE E 1230 -26.51 -27.77 -2.64
N PRO E 1231 -25.77 -28.86 -2.50
CA PRO E 1231 -26.30 -30.04 -1.80
C PRO E 1231 -26.23 -29.97 -0.29
N ALA E 1232 -26.12 -28.76 0.27
CA ALA E 1232 -26.05 -28.57 1.71
C ALA E 1232 -27.11 -27.56 2.14
N GLY E 1233 -27.70 -27.80 3.31
CA GLY E 1233 -28.63 -26.85 3.88
C GLY E 1233 -30.06 -27.13 3.46
N THR E 1234 -30.75 -26.08 3.02
CA THR E 1234 -32.12 -26.22 2.54
C THR E 1234 -32.20 -26.88 1.17
N GLY E 1235 -31.09 -27.02 0.46
CA GLY E 1235 -31.06 -27.71 -0.81
C GLY E 1235 -30.58 -29.14 -0.69
N PHE E 1236 -30.61 -29.69 0.51
CA PHE E 1236 -30.09 -31.03 0.76
C PHE E 1236 -30.90 -32.08 -0.01
N LYS E 1237 -32.23 -31.97 0.04
CA LYS E 1237 -33.09 -32.88 -0.69
C LYS E 1237 -34.16 -32.13 -1.47
N LEU F 7 -50.88 -7.44 17.20
CA LEU F 7 -49.78 -7.99 16.41
C LEU F 7 -48.51 -7.16 16.58
N ASP F 8 -47.47 -7.79 17.13
CA ASP F 8 -46.20 -7.13 17.36
C ASP F 8 -45.09 -7.96 16.74
N SER F 9 -43.95 -7.30 16.48
CA SER F 9 -42.79 -8.02 15.96
C SER F 9 -42.20 -8.96 17.01
N GLN F 10 -42.25 -8.57 18.28
CA GLN F 10 -41.76 -9.46 19.34
C GLN F 10 -42.57 -10.75 19.40
N ASP F 11 -43.89 -10.65 19.25
CA ASP F 11 -44.72 -11.84 19.25
C ASP F 11 -44.36 -12.76 18.09
N LEU F 12 -44.09 -12.18 16.91
CA LEU F 12 -43.66 -12.97 15.78
C LEU F 12 -42.33 -13.65 16.05
N LEU F 13 -41.41 -12.94 16.71
CA LEU F 13 -40.11 -13.53 17.04
C LEU F 13 -40.28 -14.73 17.97
N PHE F 14 -41.11 -14.58 19.00
CA PHE F 14 -41.35 -15.69 19.92
C PHE F 14 -42.03 -16.86 19.23
N LYS F 15 -42.99 -16.57 18.34
CA LYS F 15 -43.67 -17.64 17.62
C LYS F 15 -42.73 -18.39 16.70
N ALA F 16 -41.84 -17.66 16.01
CA ALA F 16 -40.87 -18.32 15.14
C ALA F 16 -39.90 -19.19 15.95
N GLU F 17 -39.47 -18.70 17.11
CA GLU F 17 -38.62 -19.53 17.97
C GLU F 17 -39.34 -20.80 18.40
N SER F 18 -40.63 -20.68 18.76
CA SER F 18 -41.39 -21.87 19.16
C SER F 18 -41.56 -22.84 17.99
N LEU F 19 -41.68 -22.31 16.77
CA LEU F 19 -41.77 -23.18 15.60
C LEU F 19 -40.46 -23.92 15.36
N ILE F 20 -39.33 -23.26 15.61
CA ILE F 20 -38.03 -23.90 15.40
C ILE F 20 -37.87 -25.11 16.31
N VAL F 21 -38.26 -24.99 17.57
CA VAL F 21 -38.32 -26.11 18.49
C VAL F 21 -39.50 -26.97 18.06
N ASN F 22 -39.61 -28.19 18.58
CA ASN F 22 -40.63 -29.15 18.15
C ASN F 22 -40.51 -29.46 16.66
N SER F 23 -39.28 -29.55 16.18
CA SER F 23 -39.10 -29.71 14.74
C SER F 23 -38.21 -30.88 14.35
N THR F 24 -37.15 -31.14 15.10
CA THR F 24 -36.13 -32.16 14.84
C THR F 24 -35.20 -31.82 13.67
N ASN F 25 -35.48 -30.75 12.92
CA ASN F 25 -34.59 -30.31 11.85
C ASN F 25 -34.85 -28.85 11.55
N ARG F 26 -33.78 -28.07 11.52
CA ARG F 26 -33.88 -26.62 11.31
C ARG F 26 -34.15 -26.27 9.85
N TYR F 27 -33.60 -27.05 8.92
CA TYR F 27 -33.73 -26.78 7.49
C TYR F 27 -35.02 -27.33 6.88
N HIS F 28 -35.79 -28.11 7.63
CA HIS F 28 -37.01 -28.70 7.13
C HIS F 28 -38.24 -27.86 7.44
N VAL F 29 -38.16 -26.96 8.42
CA VAL F 29 -39.30 -26.12 8.77
C VAL F 29 -39.38 -24.91 7.84
N THR F 30 -38.24 -24.40 7.39
CA THR F 30 -38.25 -23.27 6.47
C THR F 30 -38.95 -23.64 5.16
N LEU F 31 -38.69 -24.85 4.65
CA LEU F 31 -39.34 -25.30 3.43
C LEU F 31 -40.85 -25.42 3.62
N GLN F 32 -41.29 -25.96 4.75
CA GLN F 32 -42.73 -26.08 5.01
C GLN F 32 -43.38 -24.70 5.09
N ILE F 33 -42.73 -23.76 5.76
CA ILE F 33 -43.26 -22.40 5.86
C ILE F 33 -43.36 -21.76 4.48
N ALA F 34 -42.33 -21.95 3.65
CA ALA F 34 -42.36 -21.37 2.30
C ALA F 34 -43.48 -21.98 1.47
N ARG F 35 -43.66 -23.29 1.54
CA ARG F 35 -44.75 -23.94 0.80
C ARG F 35 -46.10 -23.42 1.24
N ARG F 36 -46.32 -23.31 2.56
CA ARG F 36 -47.58 -22.82 3.06
C ARG F 36 -47.83 -21.38 2.63
N ALA F 37 -46.79 -20.54 2.66
CA ALA F 37 -46.94 -19.15 2.26
C ALA F 37 -47.28 -19.02 0.78
N LYS F 38 -46.60 -19.79 -0.08
CA LYS F 38 -46.90 -19.74 -1.49
C LYS F 38 -48.33 -20.21 -1.76
N GLN F 39 -48.75 -21.27 -1.09
CA GLN F 39 -50.12 -21.77 -1.28
C GLN F 39 -51.15 -20.73 -0.85
N ALA F 40 -50.92 -20.06 0.28
CA ALA F 40 -51.85 -19.06 0.76
C ALA F 40 -51.95 -17.89 -0.23
N ARG F 41 -50.80 -17.39 -0.69
CA ARG F 41 -50.84 -16.27 -1.62
C ARG F 41 -51.52 -16.65 -2.92
N TYR F 42 -51.28 -17.86 -3.42
CA TYR F 42 -51.93 -18.29 -4.65
C TYR F 42 -53.42 -18.43 -4.48
N GLU F 43 -53.87 -19.06 -3.39
CA GLU F 43 -55.29 -19.22 -3.13
C GLU F 43 -55.98 -17.90 -2.86
N GLU F 44 -55.24 -16.87 -2.50
CA GLU F 44 -55.84 -15.54 -2.34
C GLU F 44 -56.35 -14.95 -3.69
N MET F 45 -56.12 -15.60 -4.84
CA MET F 45 -56.43 -15.00 -6.14
C MET F 45 -57.90 -14.63 -6.28
N GLU F 46 -58.78 -15.25 -5.48
CA GLU F 46 -60.17 -14.85 -5.46
C GLU F 46 -60.29 -13.39 -5.05
N ASN F 47 -60.98 -12.58 -5.86
CA ASN F 47 -61.02 -11.14 -5.66
C ASN F 47 -61.98 -10.79 -4.50
N LEU F 48 -61.63 -11.31 -3.32
CA LEU F 48 -62.30 -10.96 -2.08
C LEU F 48 -61.37 -10.27 -1.08
N SER F 49 -60.05 -10.44 -1.23
CA SER F 49 -59.05 -9.78 -0.38
C SER F 49 -59.23 -10.17 1.09
N GLU F 50 -59.20 -11.47 1.35
CA GLU F 50 -59.31 -11.97 2.72
C GLU F 50 -58.05 -11.60 3.49
N GLU F 51 -58.19 -10.66 4.43
CA GLU F 51 -57.11 -10.16 5.28
C GLU F 51 -55.79 -10.03 4.51
N THR F 52 -55.85 -9.24 3.43
CA THR F 52 -54.67 -9.00 2.62
C THR F 52 -53.63 -8.14 3.34
N GLY F 53 -53.97 -7.58 4.50
CA GLY F 53 -53.03 -6.73 5.21
C GLY F 53 -51.76 -7.48 5.61
N ILE F 54 -51.91 -8.71 6.10
CA ILE F 54 -50.77 -9.49 6.56
C ILE F 54 -50.03 -10.06 5.35
N LYS F 55 -48.71 -10.14 5.47
CA LYS F 55 -47.89 -10.72 4.42
C LYS F 55 -47.95 -12.25 4.49
N PRO F 56 -47.74 -12.93 3.36
CA PRO F 56 -47.94 -14.40 3.36
C PRO F 56 -47.05 -15.16 4.33
N VAL F 57 -45.79 -14.75 4.51
CA VAL F 57 -44.90 -15.52 5.39
C VAL F 57 -45.32 -15.39 6.84
N LEU F 58 -45.67 -14.18 7.28
CA LEU F 58 -46.15 -13.99 8.64
C LEU F 58 -47.46 -14.73 8.86
N ARG F 59 -48.33 -14.74 7.85
CA ARG F 59 -49.58 -15.50 7.96
C ARG F 59 -49.32 -16.98 8.12
N ALA F 60 -48.38 -17.53 7.34
CA ALA F 60 -48.03 -18.95 7.49
C ALA F 60 -47.46 -19.24 8.87
N ILE F 61 -46.62 -18.35 9.39
CA ILE F 61 -46.05 -18.55 10.72
C ILE F 61 -47.16 -18.55 11.77
N LEU F 62 -48.09 -17.59 11.68
CA LEU F 62 -49.19 -17.53 12.64
C LEU F 62 -50.06 -18.78 12.58
N GLU F 63 -50.40 -19.23 11.37
CA GLU F 63 -51.25 -20.41 11.24
C GLU F 63 -50.56 -21.66 11.77
N MET F 64 -49.28 -21.85 11.45
CA MET F 64 -48.58 -23.03 11.93
C MET F 64 -48.38 -22.99 13.45
N SER F 65 -48.20 -21.80 14.02
CA SER F 65 -48.13 -21.68 15.48
C SER F 65 -49.46 -22.02 16.12
N ASP F 66 -50.56 -21.56 15.52
CA ASP F 66 -51.88 -21.89 16.07
C ASP F 66 -52.15 -23.39 16.00
N GLU F 67 -51.72 -24.04 14.91
CA GLU F 67 -51.91 -25.49 14.79
C GLU F 67 -51.11 -26.24 15.84
N LEU F 68 -50.05 -25.63 16.38
CA LEU F 68 -49.21 -26.29 17.37
C LEU F 68 -49.93 -26.50 18.69
N ASN F 69 -51.03 -25.77 18.93
CA ASN F 69 -51.83 -25.90 20.14
C ASN F 69 -50.99 -25.64 21.40
N GLU G 19 33.77 -17.44 -60.82
CA GLU G 19 33.93 -18.85 -60.47
C GLU G 19 32.98 -19.25 -59.35
N LYS G 20 33.14 -18.61 -58.19
CA LYS G 20 32.34 -18.91 -57.01
C LYS G 20 31.16 -17.96 -56.87
N ALA G 21 30.61 -17.48 -57.99
CA ALA G 21 29.47 -16.59 -57.94
C ALA G 21 28.21 -17.34 -57.51
N ARG G 22 27.92 -17.31 -56.21
CA ARG G 22 26.76 -17.98 -55.66
C ARG G 22 25.66 -16.98 -55.33
N TRP G 23 24.43 -17.42 -55.49
CA TRP G 23 23.25 -16.64 -55.16
C TRP G 23 22.83 -16.91 -53.73
N TYR G 24 22.55 -15.84 -52.99
CA TYR G 24 22.06 -15.93 -51.63
C TYR G 24 20.78 -15.09 -51.52
N ALA G 25 19.93 -15.47 -50.57
CA ALA G 25 18.70 -14.74 -50.27
C ALA G 25 18.84 -14.10 -48.90
N VAL G 26 18.51 -12.81 -48.82
CA VAL G 26 18.63 -12.04 -47.59
C VAL G 26 17.22 -11.65 -47.14
N GLN G 27 16.94 -11.87 -45.86
CA GLN G 27 15.66 -11.54 -45.26
C GLN G 27 15.64 -10.08 -44.86
N VAL G 28 14.58 -9.37 -45.28
CA VAL G 28 14.53 -7.93 -45.16
C VAL G 28 13.30 -7.52 -44.35
N ALA G 29 13.38 -6.34 -43.76
CA ALA G 29 12.28 -5.83 -42.95
C ALA G 29 11.09 -5.48 -43.83
N SER G 30 9.92 -5.43 -43.20
CA SER G 30 8.69 -5.19 -43.95
C SER G 30 8.67 -3.77 -44.50
N GLY G 31 8.37 -3.64 -45.79
CA GLY G 31 8.28 -2.35 -46.43
C GLY G 31 9.59 -1.75 -46.89
N CYS G 32 10.70 -2.48 -46.77
CA CYS G 32 12.02 -1.98 -47.18
C CYS G 32 12.62 -2.98 -48.16
N GLU G 33 12.26 -2.84 -49.44
CA GLU G 33 12.84 -3.68 -50.48
C GLU G 33 13.62 -2.86 -51.50
N LYS G 34 13.04 -1.80 -52.06
CA LYS G 34 13.78 -0.95 -52.98
C LYS G 34 14.80 -0.11 -52.23
N ARG G 35 14.46 0.36 -51.03
CA ARG G 35 15.38 1.18 -50.26
C ARG G 35 16.65 0.43 -49.92
N VAL G 36 16.51 -0.83 -49.47
CA VAL G 36 17.69 -1.60 -49.08
C VAL G 36 18.54 -1.92 -50.31
N LYS G 37 17.90 -2.23 -51.43
CA LYS G 37 18.65 -2.49 -52.65
C LYS G 37 19.44 -1.27 -53.10
N ALA G 38 18.79 -0.10 -53.08
CA ALA G 38 19.48 1.14 -53.48
C ALA G 38 20.64 1.44 -52.54
N THR G 39 20.41 1.33 -51.23
CA THR G 39 21.47 1.62 -50.28
C THR G 39 22.62 0.63 -50.43
N LEU G 40 22.31 -0.63 -50.71
CA LEU G 40 23.34 -1.65 -50.87
C LEU G 40 24.16 -1.42 -52.14
N GLU G 41 23.50 -1.02 -53.23
CA GLU G 41 24.24 -0.71 -54.44
C GLU G 41 25.14 0.51 -54.23
N GLN G 42 24.65 1.52 -53.52
CA GLN G 42 25.50 2.66 -53.18
C GLN G 42 26.69 2.21 -52.32
N ARG G 43 26.43 1.33 -51.35
CA ARG G 43 27.50 0.86 -50.48
C ARG G 43 28.58 0.11 -51.26
N VAL G 44 28.17 -0.77 -52.16
CA VAL G 44 29.18 -1.54 -52.90
C VAL G 44 29.92 -0.64 -53.88
N GLN G 45 29.23 0.32 -54.51
CA GLN G 45 29.92 1.19 -55.46
C GLN G 45 30.88 2.15 -54.76
N THR G 46 30.57 2.56 -53.52
CA THR G 46 31.47 3.46 -52.81
C THR G 46 32.59 2.71 -52.09
N LEU G 47 32.35 1.47 -51.70
CA LEU G 47 33.38 0.66 -51.08
C LEU G 47 34.32 0.03 -52.09
N ASP G 48 33.97 0.06 -53.38
CA ASP G 48 34.79 -0.50 -54.45
C ASP G 48 35.12 -1.97 -54.19
N ALA G 49 34.15 -2.68 -53.60
CA ALA G 49 34.29 -4.09 -53.25
C ALA G 49 33.51 -4.96 -54.23
N ALA G 50 33.50 -4.58 -55.50
CA ALA G 50 32.80 -5.37 -56.51
C ALA G 50 33.43 -6.74 -56.70
N ASN G 51 34.67 -6.94 -56.23
CA ASN G 51 35.31 -8.24 -56.36
C ASN G 51 34.58 -9.29 -55.53
N ARG G 52 34.12 -8.93 -54.34
CA ARG G 52 33.40 -9.87 -53.48
C ARG G 52 31.90 -9.79 -53.69
N ILE G 53 31.30 -8.63 -53.45
CA ILE G 53 29.88 -8.40 -53.70
C ILE G 53 29.71 -8.08 -55.17
N LEU G 54 28.97 -8.93 -55.89
CA LEU G 54 28.85 -8.80 -57.34
C LEU G 54 27.57 -8.09 -57.75
N GLN G 55 26.41 -8.61 -57.34
CA GLN G 55 25.16 -8.09 -57.86
C GLN G 55 24.08 -8.17 -56.78
N VAL G 56 23.14 -7.23 -56.83
CA VAL G 56 21.98 -7.22 -55.95
C VAL G 56 20.74 -7.02 -56.81
N GLU G 57 19.69 -7.77 -56.54
CA GLU G 57 18.50 -7.79 -57.37
C GLU G 57 17.27 -8.10 -56.51
N ILE G 58 16.11 -7.66 -56.98
CA ILE G 58 14.83 -8.12 -56.45
C ILE G 58 14.01 -8.59 -57.66
N PRO G 59 13.27 -9.69 -57.56
CA PRO G 59 12.44 -10.13 -58.69
C PRO G 59 11.02 -9.60 -58.58
N GLU G 60 10.48 -9.20 -59.73
CA GLU G 60 9.13 -8.67 -59.81
C GLU G 60 8.40 -9.32 -60.98
N THR G 61 7.09 -9.08 -61.03
CA THR G 61 6.31 -9.41 -62.22
C THR G 61 5.14 -8.43 -62.31
N PRO G 62 4.99 -7.76 -63.45
CA PRO G 62 3.89 -6.79 -63.64
C PRO G 62 2.59 -7.43 -64.13
N ILE G 63 1.82 -7.98 -63.18
CA ILE G 63 0.53 -8.56 -63.53
C ILE G 63 -0.49 -7.45 -63.75
N VAL G 64 -1.65 -7.83 -64.30
CA VAL G 64 -2.69 -6.88 -64.64
C VAL G 64 -3.96 -7.25 -63.86
N LYS G 65 -4.60 -6.24 -63.27
CA LYS G 65 -5.78 -6.47 -62.44
C LYS G 65 -6.80 -5.36 -62.66
N LEU G 66 -8.08 -5.74 -62.61
CA LEU G 66 -9.16 -4.76 -62.57
C LEU G 66 -9.26 -4.16 -61.18
N LYS G 67 -9.41 -2.84 -61.12
CA LYS G 67 -9.51 -2.13 -59.86
C LYS G 67 -10.98 -1.83 -59.54
N LYS G 68 -11.20 -1.06 -58.46
CA LYS G 68 -12.56 -0.71 -58.06
C LYS G 68 -13.16 0.37 -58.95
N ASP G 69 -12.34 1.27 -59.49
CA ASP G 69 -12.83 2.34 -60.35
C ASP G 69 -12.81 1.96 -61.82
N GLY G 70 -12.51 0.70 -62.15
CA GLY G 70 -12.52 0.24 -63.52
C GLY G 70 -11.20 0.38 -64.26
N SER G 71 -10.19 0.99 -63.64
CA SER G 71 -8.90 1.14 -64.30
C SER G 71 -8.19 -0.21 -64.39
N ARG G 72 -7.71 -0.54 -65.58
CA ARG G 72 -6.95 -1.77 -65.80
C ARG G 72 -5.52 -1.50 -65.34
N GLN G 73 -5.24 -1.83 -64.07
CA GLN G 73 -4.02 -1.41 -63.41
C GLN G 73 -2.95 -2.49 -63.49
N SER G 74 -1.74 -2.08 -63.87
CA SER G 74 -0.59 -2.97 -63.94
C SER G 74 0.10 -2.98 -62.59
N ALA G 75 -0.23 -3.97 -61.77
CA ALA G 75 0.36 -4.11 -60.45
C ALA G 75 1.67 -4.89 -60.55
N GLU G 76 2.77 -4.27 -60.13
CA GLU G 76 4.07 -4.91 -60.14
C GLU G 76 4.24 -5.64 -58.82
N GLU G 77 3.87 -6.92 -58.80
CA GLU G 77 3.90 -7.73 -57.59
C GLU G 77 5.23 -8.46 -57.48
N LYS G 78 5.81 -8.44 -56.29
CA LYS G 78 7.02 -9.21 -56.07
C LYS G 78 6.68 -10.67 -55.84
N VAL G 79 7.48 -11.57 -56.43
CA VAL G 79 7.27 -12.98 -56.22
C VAL G 79 7.62 -13.38 -54.79
N PHE G 80 8.66 -12.76 -54.23
CA PHE G 80 9.14 -13.07 -52.88
C PHE G 80 9.12 -11.78 -52.05
N PRO G 81 7.97 -11.42 -51.48
CA PRO G 81 7.93 -10.27 -50.59
C PRO G 81 8.83 -10.48 -49.38
N GLY G 82 9.51 -9.41 -48.97
CA GLY G 82 10.34 -9.46 -47.79
C GLY G 82 11.72 -10.06 -47.97
N TYR G 83 12.10 -10.42 -49.19
CA TYR G 83 13.39 -11.04 -49.45
C TYR G 83 14.07 -10.34 -50.63
N VAL G 84 15.41 -10.35 -50.61
CA VAL G 84 16.21 -9.80 -51.69
C VAL G 84 17.21 -10.86 -52.13
N LEU G 85 17.62 -10.82 -53.40
CA LEU G 85 18.54 -11.79 -53.95
C LEU G 85 19.87 -11.11 -54.24
N VAL G 86 20.97 -11.77 -53.91
CA VAL G 86 22.29 -11.24 -54.22
C VAL G 86 23.12 -12.34 -54.87
N ARG G 87 24.09 -11.92 -55.68
CA ARG G 87 25.14 -12.79 -56.16
C ARG G 87 26.46 -12.28 -55.60
N MET G 88 27.17 -13.15 -54.89
CA MET G 88 28.36 -12.72 -54.16
C MET G 88 29.23 -13.93 -53.86
N ILE G 89 30.44 -13.64 -53.37
CA ILE G 89 31.39 -14.67 -52.94
C ILE G 89 31.50 -14.61 -51.43
N LEU G 90 31.32 -15.75 -50.78
CA LEU G 90 31.29 -15.81 -49.32
C LEU G 90 32.66 -15.46 -48.75
N ASP G 91 32.70 -14.43 -47.91
CA ASP G 91 33.91 -14.05 -47.19
C ASP G 91 33.50 -13.34 -45.91
N ASP G 92 34.33 -13.48 -44.88
CA ASP G 92 33.99 -12.91 -43.57
C ASP G 92 33.80 -11.40 -43.66
N ASP G 93 34.68 -10.71 -44.39
CA ASP G 93 34.50 -9.27 -44.57
C ASP G 93 33.22 -8.97 -45.33
N ALA G 94 32.96 -9.70 -46.41
CA ALA G 94 31.74 -9.47 -47.18
C ALA G 94 30.50 -9.76 -46.34
N TRP G 95 30.52 -10.86 -45.58
CA TRP G 95 29.40 -11.19 -44.70
C TRP G 95 29.17 -10.10 -43.66
N GLN G 96 30.24 -9.61 -43.05
CA GLN G 96 30.11 -8.57 -42.04
C GLN G 96 29.59 -7.28 -42.63
N ILE G 97 29.98 -6.95 -43.87
CA ILE G 97 29.54 -5.70 -44.46
C ILE G 97 28.18 -5.80 -45.15
N VAL G 98 27.64 -7.00 -45.34
CA VAL G 98 26.24 -7.09 -45.76
C VAL G 98 25.32 -7.17 -44.54
N ARG G 99 25.75 -7.83 -43.47
CA ARG G 99 24.94 -7.88 -42.27
C ARG G 99 24.77 -6.50 -41.65
N ASN G 100 25.81 -5.67 -41.70
CA ASN G 100 25.75 -4.35 -41.09
C ASN G 100 24.83 -3.37 -41.82
N THR G 101 24.35 -3.73 -43.01
CA THR G 101 23.40 -2.88 -43.72
C THR G 101 22.16 -2.67 -42.86
N PRO G 102 21.64 -1.45 -42.76
CA PRO G 102 20.41 -1.25 -41.99
C PRO G 102 19.21 -1.89 -42.67
N HIS G 103 18.25 -2.28 -41.85
CA HIS G 103 16.97 -2.85 -42.32
C HIS G 103 17.16 -4.19 -43.02
N VAL G 104 18.08 -5.01 -42.50
CA VAL G 104 18.20 -6.41 -42.92
C VAL G 104 18.27 -7.27 -41.66
N ILE G 105 17.62 -8.43 -41.71
CA ILE G 105 17.50 -9.26 -40.53
C ILE G 105 18.65 -10.27 -40.45
N ASN G 106 18.76 -11.13 -41.46
CA ASN G 106 19.78 -12.17 -41.47
C ASN G 106 19.80 -12.82 -42.84
N PHE G 107 20.63 -13.84 -42.98
CA PHE G 107 20.67 -14.71 -44.15
C PHE G 107 19.82 -15.93 -43.89
N VAL G 108 19.00 -16.31 -44.86
CA VAL G 108 18.21 -17.53 -44.73
C VAL G 108 19.10 -18.73 -44.99
N GLY G 109 19.03 -19.72 -44.09
CA GLY G 109 19.89 -20.88 -44.19
C GLY G 109 19.70 -21.77 -42.97
N ALA G 110 20.72 -22.59 -42.71
CA ALA G 110 20.63 -23.51 -41.57
C ALA G 110 20.69 -22.74 -40.26
N GLU G 111 19.84 -23.12 -39.32
CA GLU G 111 19.74 -22.44 -38.04
C GLU G 111 20.35 -23.28 -36.93
N GLN G 112 20.89 -22.61 -35.92
CA GLN G 112 21.49 -23.28 -34.76
C GLN G 112 20.82 -22.79 -33.48
N LYS G 113 20.78 -23.66 -32.48
CA LYS G 113 20.19 -23.31 -31.20
C LYS G 113 21.08 -22.33 -30.46
N ARG G 114 20.45 -21.39 -29.76
CA ARG G 114 21.19 -20.44 -28.94
C ARG G 114 21.51 -21.05 -27.58
N PRO G 115 22.78 -21.19 -27.22
CA PRO G 115 23.10 -21.87 -25.95
C PRO G 115 22.65 -21.09 -24.71
N TYR G 116 22.87 -19.77 -24.70
CA TYR G 116 22.46 -18.93 -23.58
C TYR G 116 21.60 -17.79 -24.09
N GLY G 117 20.37 -17.70 -23.60
CA GLY G 117 19.42 -16.70 -24.05
C GLY G 117 18.28 -17.33 -24.83
N ARG G 118 17.35 -16.47 -25.24
CA ARG G 118 16.18 -16.87 -26.03
C ARG G 118 16.09 -15.97 -27.24
N GLY G 119 16.54 -16.46 -28.39
CA GLY G 119 16.45 -15.70 -29.61
C GLY G 119 17.10 -16.43 -30.75
N ARG G 120 16.99 -15.85 -31.94
CA ARG G 120 17.59 -16.43 -33.13
C ARG G 120 19.11 -16.45 -32.97
N GLY G 121 19.72 -17.58 -33.25
CA GLY G 121 21.15 -17.78 -33.10
C GLY G 121 21.90 -17.63 -34.41
N HIS G 122 23.09 -18.24 -34.45
CA HIS G 122 23.92 -18.21 -35.65
C HIS G 122 23.21 -18.93 -36.79
N VAL G 123 23.22 -18.32 -37.97
CA VAL G 123 22.67 -18.92 -39.17
C VAL G 123 23.80 -19.12 -40.18
N LYS G 124 23.80 -20.28 -40.82
CA LYS G 124 24.77 -20.60 -41.85
C LYS G 124 24.10 -20.42 -43.20
N PRO G 125 24.53 -19.47 -44.02
CA PRO G 125 23.85 -19.23 -45.30
C PRO G 125 23.95 -20.43 -46.23
N MET G 126 22.89 -20.64 -47.00
CA MET G 126 22.83 -21.75 -47.94
C MET G 126 22.72 -21.21 -49.36
N PRO G 127 23.68 -21.51 -50.23
CA PRO G 127 23.58 -21.04 -51.62
C PRO G 127 22.44 -21.72 -52.35
N LEU G 128 21.89 -21.01 -53.32
CA LEU G 128 20.83 -21.55 -54.15
C LEU G 128 21.43 -22.43 -55.25
N SER G 129 20.82 -23.61 -55.46
CA SER G 129 21.26 -24.50 -56.50
C SER G 129 20.93 -23.91 -57.87
N PRO G 130 21.64 -24.35 -58.92
CA PRO G 130 21.42 -23.73 -60.25
C PRO G 130 20.00 -23.88 -60.76
N GLY G 131 19.29 -24.92 -60.35
CA GLY G 131 17.94 -25.18 -60.83
C GLY G 131 16.97 -24.04 -60.59
N GLU G 132 16.77 -23.64 -59.34
CA GLU G 132 15.76 -22.63 -59.06
C GLU G 132 16.19 -21.24 -59.49
N VAL G 133 17.49 -20.93 -59.47
CA VAL G 133 17.91 -19.61 -59.94
C VAL G 133 17.71 -19.51 -61.45
N GLY G 134 17.97 -20.60 -62.19
CA GLY G 134 17.62 -20.61 -63.59
C GLY G 134 16.12 -20.55 -63.81
N ARG G 135 15.36 -21.20 -62.94
CA ARG G 135 13.90 -21.19 -63.05
C ARG G 135 13.33 -19.79 -62.89
N ILE G 136 13.77 -19.08 -61.85
CA ILE G 136 13.20 -17.77 -61.54
C ILE G 136 13.62 -16.74 -62.59
N PHE G 137 14.89 -16.73 -62.95
CA PHE G 137 15.46 -15.70 -63.83
C PHE G 137 15.20 -16.09 -65.28
N LYS G 138 14.05 -15.68 -65.80
CA LYS G 138 13.71 -15.91 -67.19
C LYS G 138 12.60 -14.97 -67.64
#